data_6KF9
#
_entry.id   6KF9
#
_cell.length_a   1.00
_cell.length_b   1.00
_cell.length_c   1.00
_cell.angle_alpha   90.00
_cell.angle_beta   90.00
_cell.angle_gamma   90.00
#
_symmetry.space_group_name_H-M   'P 1'
#
loop_
_entity.id
_entity.type
_entity.pdbx_description
1 polymer 'DNA-directed RNA polymerase subunit'
2 polymer 'DNA-directed RNA polymerase subunit beta'
3 polymer "DNA-directed RNA polymerase subunit A''"
4 polymer 'DNA-directed RNA polymerase subunit D'
5 polymer 'DNA-directed RNA polymerase, subunit E'
6 polymer 'DNA-directed RNA polymerase, subunit F'
7 polymer 'DNA-directed RNA polymerase subunit H'
8 polymer 'DNA-directed RNA polymerase subunit K'
9 polymer 'DNA-directed RNA polymerase subunit L'
10 polymer 'DNA-directed RNA polymerase subunit N'
11 polymer 'DNA-directed RNA polymerase subunit P'
12 polymer 'Transcription factor E'
13 polymer "DNA (5'-D(P*TP*CP*GP*GP*TP*AP*AP*TP*CP*AP*CP*GP*CP*TP*CP*C)-3')"
14 polymer 'DNA (27-MER)'
15 non-polymer 'MAGNESIUM ION'
16 non-polymer 'ZINC ION'
#
loop_
_entity_poly.entity_id
_entity_poly.type
_entity_poly.pdbx_seq_one_letter_code
_entity_poly.pdbx_strand_id
1 'polypeptide(L)'
;MQSMKKVIGSIEFGILSPQEIRKMSAAEITVPDTYDDDGYPIEGGLMDKRLGVIDPGLRCETCGARAGECPGHFGHIELA
RPVIHVGFAKTIHRVLESTCRECGRIKLTDEEIEEYMQKFEVMGDRKGAVDKLIKEIHKKAKERMVCPHCGAPQFPIKFE
RPTIYWELRKDEEGNEYKHRMMPSEVRDRLEKIPDKDLPLLGLHPEKSRPEWMVLTVLPVPPVTMRPSITLESGIRAEDD
LTHKLVDIIRINNRLKSNIEAGAPQLIIEDLWDLLQYHVTTYINNETSGVPPAKHKSGRPLKTLAQRLKGKEGRFRGNLS
GKRVNFSARTVISPDPMISINEVGVPLAVAMELTVPEKVTEFNYEKLKQRVLNGPEKYPGANYVIDPEGRRIRLMESNRE
LIAEKLDIGWTVERHLEDGDVVLFNRQPSLHRMSIMAHRVRVMPYRTFRLNLPVCPPYNADFDGDEMNLHVPQTEEAQAE
AKILMEVQNHIISPRYGGPLIAGIQDHISGGYLLTREGAYFTRYEVEQMLMFAGMDVNELPEPDKYENGEPLWSGKTIFS
LLLPDDLTIWYRNKLCDEPERCEALEKLIEEKLIPDPEEVRKLAYDGFVYIQNGKLLSGAVDKKAYGREDGKLLDIIVRE
YGVERARQFLDQVTKLTIWVITHKGFTTAIDDEDLPQEAIDRIHEIIREAEEKVQRLIEAYKRGELEPLPGKTLEETLES
KIMAVLAEARDNAGKVAERYLGMNNHAVIMAKTGARGKILNITQMAAMLGQQSIRGKRLYRGYRGRVLTHFKPGDLGARA
RGFVTNSYKSGLTPQEYFFHAMGGREGLVDTAVRTAQSGYMQRRLINALQDLKVDYDGTVRDPTGIIVQFKYGEDGVDPM
KSWQGKTVDVDRVIVRTLLKMRGGGE
;
A
2 'polypeptide(L)'
;MSRGVTVTEPTLTPDELWLVMESYWKEKGFVRQHLDSYNAFIDHGLQDVVNEFGEVVPDIPNFKVKFGKIRIGQPEFQEA
QGQRRPLYPMDARIRNLTYSAPLYLEMIPVVNGIEQEPVEVRIGELPIMLKSKACRLYGLSDEELIKLGEDPKDPGGYFI
INGSERVIVSIEDLAPNKTLVERDERQNKVVAKVFSYRHGYRALITVERKKDGILYVTIPNVPKPVKFVYVMRALGLLTD
KEIVEAVSDDPRIQQVLFDNLEDASDISTQEEALDYIGRLALPGQPKEYRLRRAEHIIDNNLLPHMGVDPENRRAKAYYL
GMMALKVLELSLGLRGEDDKDHYANKRLKLAGDLLKDLFRVAFGQLVKDMQYQMTKTYQRKGERYTFENIQRFVRNSIRP
DVLSERIEHALATGSWPGGRTGVSQLLDRTNYMSTLSHLRRVTSPLSRDQPHFEARDLHGTHWGRICPTETPEGPNCGLV
KNLALMSQITTGIPEREVREYLMKMGVVPIEERRPAPGLYRVYLNGVLIGTVEDGRKLVERIRADRRAGKISDVINVALY
EDEEVKEVYINSDDGRVRRPLIVVENGKPKLTREHVEGIKNGTLTWSDLIRMGVIEYLDAEEEENAYVATWPWEVTEEHT
HLELMPAAILGIPASLVPYPEHNAAPRNTYGAGMAKQSLGLGWANFRIRVDTRGHLMHYPQVPLVNSRIMKAVGFEDRPA
GQNFVVAVLSYHGYNMEDAVIINKASIERGLARSTFFRTYEAEEKRYLGGQKDNFEVPSPNIQGYLGEKYYRHLDEDGLI
FPESKVEGKDVLVGRTSPPRFIEEQSSLGSMVLQGRRETSVTVRPSEKGVVDKVIVTETGDGTKLVKVTVRDLRIPELGD
KFASRHGQKGVIGLIVPQEDMPWTESGIVPDLIVNPHGIPSRMTVGQLIEAIGGKVASLTGRRVDGTAFIGEPEEKLRKE
LEELGFKHSGREIMYDGITGRRLEADIFIGVIYYQRLHHMVADKMHARSRGPVQVLTKQPTEGRAREGGLRFGEMERDVL
IGHGAAMLLIERLLEESDKTEVWVCESCGHLALEDKRRGKVYCPVCGEDERISKVEMSYAFKLLLDELKAMVIRPSLRLK
DRV
;
B
3 'polypeptide(L)'
;MVAEKTIKSMVSKAELPDNIKEELYAKLIEYNEKYKLKKDEIQAIIDETVREYQKALIEPGEAVGTVAAQSIGEPSTQMT
LNTFHYAGVAEINVTLGLPRIIEIVDARKNPSTPIMTVYLDEEHRYDRDKALEVARRIEGTTLENLAREETIDILNMEYV
VEIDPERLEKAGLDMEKVVRKLTGSFKSAEFEAEGYTLVVRPKKVTKLSDLRKIAEKVKKHRLKGLSGVGKTIIRKEGDE
YVIYTEGSNFKQVLKVPGVDPTRTRTNNIWEIAEVLGIEAARNAIIDEIVSTMREQGLEVDVRHIMLVADMMTLDGVIRP
IGRHGIVGEKASVLARAAFEITTQHLFAAAERGEVDPLNGVVENVLIGQPVPVGTGIVKLAMSLPLRPKRE
;
C
4 'polypeptide(L)'
;MVEFKILEKRPDSIKFIVSGVDVPFANALRRTILSEVPTFAVDEVEFLENDSALFDEIIAHRLAMIPLTTPHERFSLDAL
ELDDYTVTLSLEAEGPGMVYSGDLKSSDGDVKPANPNIPIVKLAEGQRLTFNAYARLGRGKDHAKWQPGFVYYKYLTKIH
VSKDVPDWEELKELAERRGLPVEESDEEIVITTIKAFYLPRKFEEHMGKGIREEIVPGSFVFTVETNGELPVEEIVSIAL
KILMRKSDRFINELHKLAD
;
D
5 'polypeptide(L)'
;MYKLLKVKDVVRIPPRMFTMDPKEAAKIVLRETYEGIYDRDEGVVLAILDVEEISEGVIVPGDGATYHEAIFNVLVWEPR
NQEVVEGEVVEMMPYGAFIRIGPMDGLVHISQLMDDYVVFDEKNRQFIGKETNRVLKLGDYVRARIIGVSVKSRVIRENK
INMTMRQPGLGKFEWIEKEKKKAKEESKGE
;
E
6 'polypeptide(L)'
;MIGRKKLEEHYITIAEAKELLERRHAEGLAENPEEPMFYEARVSLEHAERFAKLKPEQARELKEKLMGLFDWINERIAAK
LVDILPEDYLDIRVIFAKEEYMPTPEEAEEIIKVIDEYRPLE
;
F
7 'polypeptide(L)'
;MAAKKEFNIFDHVLVPEHRILSEEEKEELLKKYRIRISQLPQIKASDPAVVALGAKPGDVIEIKRKSPTAGYYYYYRLVV
ED
;
H
8 'polypeptide(L)' MFRYTRFEKARIIGARALQIAMGAPVLIDVPEGITPLQAALLEFEKGVIPITVIRPS K
9 'polypeptide(L)'
;MRIEVIRREENLLEFYLEGEDHTFANLLTETLHENEHVTFAGYTIEHPITMARKPRFKVVTDGKITPEKALEEAAQKIFD
RAREVLEAWKAAIE
;
L
10 'polypeptide(L)' MIVPVRCFTCGKVLADKYYEFKKRVEAGEDPGKVLDDLGVERYCCRRTLLSHVELIDQVMVYKVY N
11 'polypeptide(L)' MATAVYRCAKCGKEVELDLATAREVRCPYCGSKILYKPRPRVARRVKAI P
12 'polypeptide(L)'
;MAKRKNKELLEIAQEIGGEEAVEVVKALEKMKEATDEELAEATGIRVNTVRRILYMLNDEGLADFKRIRDPETGWYYYYW
RLETKKLPEIIRSRKMAELKKLKEMLEEETSEIYYWCGTEGHPKLTFDEAMEYEFQCPICGKMLMQYDNTHIIEELKRRI
EELEIELGLKKKPRKTSKKKKSRSE
;
G
13 'polydeoxyribonucleotide' (DT)(DC)(DG)(DG)(DT)(DA)(DA)(DT)(DC)(DA)(DC)(DG)(DC)(DT)(DC)(DC) X
14 'polydeoxyribonucleotide'
;(DG)(DC)(DC)(DT)(DA)(DA)(DG)(DT)(DT)(DA)(DA)(DC)(DC)(DT)(DC)(DG)(DC)(DA)(DG)(DA)
(DT)(DT)(DA)(DC)(DC)(DG)(DA)
;
Y
#
loop_
_chem_comp.id
_chem_comp.type
_chem_comp.name
_chem_comp.formula
DA DNA linking 2'-DEOXYADENOSINE-5'-MONOPHOSPHATE 'C10 H14 N5 O6 P'
DC DNA linking 2'-DEOXYCYTIDINE-5'-MONOPHOSPHATE 'C9 H14 N3 O7 P'
DG DNA linking 2'-DEOXYGUANOSINE-5'-MONOPHOSPHATE 'C10 H14 N5 O7 P'
DT DNA linking THYMIDINE-5'-MONOPHOSPHATE 'C10 H15 N2 O8 P'
MG non-polymer 'MAGNESIUM ION' 'Mg 2'
ZN non-polymer 'ZINC ION' 'Zn 2'
#
# COMPACT_ATOMS: atom_id res chain seq x y z
N LYS A 5 -2.35 -33.84 -18.65
CA LYS A 5 -1.44 -32.85 -18.09
C LYS A 5 -0.81 -31.98 -19.17
N LYS A 6 -1.59 -31.12 -19.82
CA LYS A 6 -1.04 -30.25 -20.85
C LYS A 6 -0.70 -28.89 -20.24
N VAL A 7 -0.20 -27.99 -21.09
CA VAL A 7 0.07 -26.61 -20.72
C VAL A 7 -0.46 -25.70 -21.81
N ILE A 8 -0.64 -24.43 -21.46
CA ILE A 8 -1.18 -23.45 -22.39
C ILE A 8 -0.09 -23.03 -23.36
N GLY A 9 -0.32 -23.25 -24.63
CA GLY A 9 0.60 -22.83 -25.66
C GLY A 9 0.46 -21.39 -26.04
N SER A 10 -0.74 -21.00 -26.49
CA SER A 10 -0.99 -19.66 -26.99
C SER A 10 -2.46 -19.32 -26.81
N ILE A 11 -2.74 -18.04 -26.59
CA ILE A 11 -4.09 -17.53 -26.47
C ILE A 11 -4.37 -16.66 -27.67
N GLU A 12 -5.45 -16.95 -28.39
CA GLU A 12 -5.80 -16.21 -29.60
C GLU A 12 -7.14 -15.52 -29.40
N PHE A 13 -7.17 -14.23 -29.70
CA PHE A 13 -8.33 -13.38 -29.49
C PHE A 13 -9.14 -13.19 -30.76
N GLY A 14 -10.36 -12.69 -30.57
CA GLY A 14 -11.21 -12.36 -31.69
C GLY A 14 -12.51 -11.76 -31.20
N ILE A 15 -13.55 -11.89 -32.02
CA ILE A 15 -14.87 -11.34 -31.73
C ILE A 15 -15.88 -12.48 -31.82
N LEU A 16 -16.81 -12.52 -30.88
CA LEU A 16 -17.86 -13.53 -30.94
C LEU A 16 -18.87 -13.18 -32.02
N SER A 17 -19.10 -14.11 -32.92
CA SER A 17 -20.18 -13.99 -33.87
C SER A 17 -21.52 -14.15 -33.13
N PRO A 18 -22.60 -13.54 -33.63
CA PRO A 18 -23.92 -13.80 -33.02
C PRO A 18 -24.41 -15.21 -33.22
N GLN A 19 -23.94 -15.92 -34.25
CA GLN A 19 -24.18 -17.36 -34.36
C GLN A 19 -23.58 -18.10 -33.18
N GLU A 20 -22.36 -17.73 -32.80
CA GLU A 20 -21.64 -18.46 -31.76
C GLU A 20 -22.17 -18.20 -30.37
N ILE A 21 -22.87 -17.08 -30.16
CA ILE A 21 -23.46 -16.81 -28.86
C ILE A 21 -24.67 -17.71 -28.65
N ARG A 22 -25.39 -18.05 -29.72
CA ARG A 22 -26.58 -18.89 -29.59
C ARG A 22 -26.20 -20.33 -29.20
N LYS A 23 -25.12 -20.85 -29.79
CA LYS A 23 -24.69 -22.20 -29.49
C LYS A 23 -24.09 -22.29 -28.09
N MET A 24 -23.45 -21.21 -27.62
CA MET A 24 -22.91 -21.18 -26.27
C MET A 24 -24.01 -21.10 -25.23
N SER A 25 -25.05 -20.33 -25.53
CA SER A 25 -26.07 -20.05 -24.53
C SER A 25 -27.00 -21.23 -24.31
N ALA A 26 -27.51 -21.32 -23.09
CA ALA A 26 -28.43 -22.38 -22.70
C ALA A 26 -29.87 -21.92 -22.57
N ALA A 27 -30.11 -20.62 -22.49
CA ALA A 27 -31.46 -20.11 -22.27
C ALA A 27 -31.57 -18.70 -22.81
N GLU A 28 -32.79 -18.33 -23.20
CA GLU A 28 -33.12 -16.95 -23.53
C GLU A 28 -33.83 -16.33 -22.33
N ILE A 29 -33.53 -15.07 -22.04
CA ILE A 29 -34.03 -14.37 -20.87
C ILE A 29 -35.01 -13.30 -21.32
N THR A 30 -36.27 -13.36 -20.83
CA THR A 30 -37.26 -12.33 -21.15
C THR A 30 -38.02 -11.80 -19.93
N VAL A 31 -37.64 -12.16 -18.71
CA VAL A 31 -38.41 -11.74 -17.53
C VAL A 31 -37.55 -10.88 -16.61
N PRO A 32 -37.85 -9.60 -16.45
CA PRO A 32 -37.08 -8.76 -15.51
C PRO A 32 -37.42 -9.05 -14.05
N ASP A 33 -36.97 -10.17 -13.51
CA ASP A 33 -37.36 -10.52 -12.15
C ASP A 33 -36.29 -11.37 -11.49
N THR A 34 -36.09 -11.18 -10.19
CA THR A 34 -35.13 -12.00 -9.47
C THR A 34 -35.78 -13.16 -8.71
N TYR A 35 -36.58 -12.89 -7.67
CA TYR A 35 -37.12 -13.97 -6.85
C TYR A 35 -38.65 -14.03 -6.83
N ASP A 36 -39.31 -13.01 -6.29
CA ASP A 36 -40.78 -12.83 -6.26
C ASP A 36 -41.56 -14.08 -5.81
N ASP A 37 -41.52 -14.44 -4.52
CA ASP A 37 -40.94 -13.75 -3.35
C ASP A 37 -40.95 -14.75 -2.19
N ASP A 38 -39.84 -14.84 -1.45
CA ASP A 38 -39.74 -15.48 -0.12
C ASP A 38 -40.20 -16.95 -0.13
N GLY A 39 -39.99 -17.64 -1.24
CA GLY A 39 -40.40 -19.01 -1.38
C GLY A 39 -40.52 -19.32 -2.85
N TYR A 40 -39.99 -20.47 -3.27
CA TYR A 40 -39.79 -20.88 -4.66
C TYR A 40 -39.09 -19.75 -5.42
N PRO A 41 -37.79 -19.49 -5.18
CA PRO A 41 -37.13 -18.38 -5.88
C PRO A 41 -36.67 -18.76 -7.29
N ILE A 42 -37.61 -19.18 -8.10
CA ILE A 42 -37.37 -19.64 -9.46
C ILE A 42 -38.25 -18.85 -10.41
N GLU A 43 -37.63 -18.30 -11.45
CA GLU A 43 -38.38 -17.52 -12.43
C GLU A 43 -38.06 -17.98 -13.84
N GLY A 44 -38.57 -17.25 -14.83
CA GLY A 44 -38.27 -17.54 -16.22
C GLY A 44 -37.26 -16.61 -16.85
N GLY A 45 -36.61 -15.75 -16.06
CA GLY A 45 -35.70 -14.77 -16.64
C GLY A 45 -34.26 -14.83 -16.21
N LEU A 46 -33.85 -13.79 -15.48
CA LEU A 46 -32.45 -13.46 -15.29
C LEU A 46 -31.74 -14.38 -14.28
N MET A 47 -32.48 -14.93 -13.32
CA MET A 47 -31.93 -15.92 -12.39
C MET A 47 -31.95 -17.31 -13.02
N ASP A 48 -31.89 -18.35 -12.18
CA ASP A 48 -31.56 -19.72 -12.60
C ASP A 48 -32.67 -20.29 -13.47
N LYS A 49 -32.67 -19.85 -14.72
CA LYS A 49 -33.39 -20.51 -15.80
C LYS A 49 -32.41 -21.42 -16.54
N ARG A 50 -31.87 -22.38 -15.78
CA ARG A 50 -30.73 -23.23 -16.14
C ARG A 50 -29.53 -22.38 -16.55
N LEU A 51 -29.09 -21.54 -15.66
CA LEU A 51 -28.10 -20.53 -16.00
C LEU A 51 -26.92 -20.52 -15.03
N GLY A 52 -27.15 -20.78 -13.75
CA GLY A 52 -26.08 -20.79 -12.79
C GLY A 52 -26.57 -20.75 -11.36
N VAL A 53 -25.94 -21.52 -10.48
CA VAL A 53 -26.39 -21.68 -9.11
C VAL A 53 -25.40 -20.94 -8.21
N ILE A 54 -25.93 -20.17 -7.25
CA ILE A 54 -25.06 -19.48 -6.31
C ILE A 54 -25.54 -19.76 -4.89
N ASP A 55 -26.72 -20.36 -4.77
CA ASP A 55 -27.34 -20.69 -3.51
C ASP A 55 -27.07 -22.16 -3.17
N PRO A 56 -27.35 -22.60 -1.92
CA PRO A 56 -27.31 -24.05 -1.62
C PRO A 56 -28.59 -24.83 -1.99
N GLY A 57 -29.09 -24.61 -3.19
CA GLY A 57 -30.12 -25.46 -3.77
C GLY A 57 -29.55 -26.16 -5.00
N LEU A 58 -29.79 -27.46 -5.08
CA LEU A 58 -29.05 -28.31 -6.02
C LEU A 58 -29.62 -28.28 -7.43
N ARG A 59 -30.64 -27.49 -7.69
CA ARG A 59 -31.30 -27.47 -8.99
C ARG A 59 -30.43 -26.72 -10.00
N CYS A 60 -29.97 -27.43 -11.03
CA CYS A 60 -29.22 -26.81 -12.12
C CYS A 60 -29.73 -27.44 -13.41
N GLU A 61 -28.97 -27.28 -14.50
CA GLU A 61 -29.37 -27.87 -15.79
C GLU A 61 -29.01 -29.35 -15.82
N THR A 62 -29.73 -30.12 -14.98
CA THR A 62 -29.79 -31.58 -14.93
C THR A 62 -28.46 -32.19 -14.45
N CYS A 63 -27.47 -31.37 -14.11
CA CYS A 63 -26.10 -31.84 -13.90
C CYS A 63 -25.69 -31.81 -12.44
N GLY A 64 -26.63 -31.95 -11.52
CA GLY A 64 -26.31 -31.89 -10.11
C GLY A 64 -25.84 -30.50 -9.74
N ALA A 65 -24.52 -30.38 -9.57
CA ALA A 65 -23.78 -29.12 -9.51
C ALA A 65 -24.26 -28.26 -8.33
N ARG A 66 -23.91 -28.74 -7.14
CA ARG A 66 -23.99 -27.94 -5.92
C ARG A 66 -23.14 -26.68 -6.03
N ALA A 67 -23.41 -25.73 -5.12
CA ALA A 67 -22.84 -24.37 -5.24
C ALA A 67 -21.32 -24.36 -5.17
N GLY A 68 -20.72 -25.30 -4.44
CA GLY A 68 -19.31 -25.57 -4.59
C GLY A 68 -19.06 -26.41 -5.82
N GLU A 69 -18.15 -25.93 -6.68
CA GLU A 69 -17.86 -26.48 -8.01
C GLU A 69 -19.12 -26.54 -8.87
N CYS A 70 -19.60 -25.35 -9.20
CA CYS A 70 -20.59 -25.16 -10.26
C CYS A 70 -20.13 -23.98 -11.09
N PRO A 71 -19.55 -24.20 -12.26
CA PRO A 71 -19.29 -23.10 -13.18
C PRO A 71 -20.60 -22.57 -13.75
N GLY A 72 -20.73 -21.26 -13.77
CA GLY A 72 -21.88 -20.64 -14.40
C GLY A 72 -21.84 -20.79 -15.91
N HIS A 73 -22.98 -20.48 -16.52
CA HIS A 73 -23.17 -20.67 -17.94
C HIS A 73 -23.74 -19.38 -18.52
N PHE A 74 -23.69 -19.24 -19.83
CA PHE A 74 -24.03 -17.97 -20.46
C PHE A 74 -25.44 -17.99 -21.02
N GLY A 75 -26.14 -16.86 -20.89
CA GLY A 75 -27.41 -16.63 -21.52
C GLY A 75 -27.29 -15.59 -22.63
N HIS A 76 -28.37 -15.40 -23.38
CA HIS A 76 -28.36 -14.41 -24.45
C HIS A 76 -29.67 -13.64 -24.46
N ILE A 77 -29.61 -12.46 -25.05
CA ILE A 77 -30.76 -11.56 -25.20
C ILE A 77 -30.98 -11.30 -26.68
N GLU A 78 -32.14 -11.68 -27.17
CA GLU A 78 -32.52 -11.41 -28.55
C GLU A 78 -32.93 -9.95 -28.63
N LEU A 79 -31.97 -9.09 -28.90
CA LEU A 79 -32.28 -7.67 -29.05
C LEU A 79 -33.07 -7.46 -30.32
N ALA A 80 -34.19 -6.75 -30.22
CA ALA A 80 -35.08 -6.63 -31.36
C ALA A 80 -34.55 -5.67 -32.41
N ARG A 81 -33.64 -4.78 -32.04
CA ARG A 81 -33.10 -3.77 -32.93
C ARG A 81 -31.58 -3.77 -32.80
N PRO A 82 -30.85 -3.49 -33.87
CA PRO A 82 -29.39 -3.50 -33.77
C PRO A 82 -28.85 -2.28 -33.04
N VAL A 83 -27.72 -2.48 -32.37
CA VAL A 83 -27.17 -1.54 -31.40
C VAL A 83 -25.65 -1.48 -31.61
N ILE A 84 -25.10 -0.26 -31.64
CA ILE A 84 -23.66 -0.10 -31.85
C ILE A 84 -22.93 -0.41 -30.55
N HIS A 85 -21.90 -1.26 -30.63
CA HIS A 85 -21.05 -1.52 -29.48
C HIS A 85 -20.16 -0.30 -29.25
N VAL A 86 -19.79 -0.06 -28.00
CA VAL A 86 -19.16 1.22 -27.67
C VAL A 86 -17.69 1.23 -28.03
N GLY A 87 -16.96 0.19 -27.65
CA GLY A 87 -15.52 0.19 -27.80
C GLY A 87 -15.06 0.08 -29.25
N PHE A 88 -15.84 -0.59 -30.08
CA PHE A 88 -15.47 -0.70 -31.48
C PHE A 88 -15.84 0.55 -32.27
N ALA A 89 -16.69 1.41 -31.70
CA ALA A 89 -17.33 2.49 -32.45
C ALA A 89 -16.32 3.50 -32.98
N LYS A 90 -15.21 3.68 -32.27
CA LYS A 90 -14.14 4.53 -32.74
C LYS A 90 -13.51 3.98 -34.02
N THR A 91 -13.52 2.66 -34.19
CA THR A 91 -12.87 2.01 -35.31
C THR A 91 -13.86 1.62 -36.40
N ILE A 92 -15.16 1.65 -36.12
CA ILE A 92 -16.15 1.51 -37.18
C ILE A 92 -16.11 2.72 -38.10
N HIS A 93 -15.87 3.92 -37.54
CA HIS A 93 -15.74 5.13 -38.33
C HIS A 93 -14.53 5.08 -39.26
N ARG A 94 -13.47 4.37 -38.86
CA ARG A 94 -12.33 4.18 -39.75
C ARG A 94 -12.69 3.28 -40.93
N VAL A 95 -13.65 2.37 -40.74
CA VAL A 95 -14.03 1.47 -41.82
C VAL A 95 -14.95 2.18 -42.79
N LEU A 96 -15.85 3.02 -42.28
CA LEU A 96 -16.91 3.58 -43.10
C LEU A 96 -16.38 4.66 -44.04
N GLU A 97 -15.41 5.45 -43.58
CA GLU A 97 -14.86 6.50 -44.45
C GLU A 97 -13.73 5.97 -45.33
N SER A 98 -13.54 4.67 -45.39
CA SER A 98 -12.48 4.07 -46.18
C SER A 98 -13.01 2.90 -47.01
N THR A 99 -14.28 2.97 -47.38
CA THR A 99 -14.89 1.96 -48.23
C THR A 99 -15.80 2.69 -49.22
N CYS A 100 -15.87 2.17 -50.43
CA CYS A 100 -16.81 2.68 -51.42
C CYS A 100 -18.18 2.08 -51.19
N ARG A 101 -19.16 2.93 -50.89
CA ARG A 101 -20.49 2.46 -50.54
C ARG A 101 -21.16 1.84 -51.77
N GLU A 102 -22.18 1.01 -51.48
CA GLU A 102 -23.13 0.38 -52.41
C GLU A 102 -22.50 -0.76 -53.22
N CYS A 103 -21.17 -0.92 -53.21
CA CYS A 103 -20.55 -2.04 -53.90
C CYS A 103 -19.70 -2.90 -52.98
N GLY A 104 -18.83 -2.28 -52.18
CA GLY A 104 -18.07 -3.00 -51.17
C GLY A 104 -16.56 -3.01 -51.36
N ARG A 105 -16.03 -2.23 -52.30
CA ARG A 105 -14.60 -2.24 -52.58
C ARG A 105 -13.84 -1.36 -51.58
N ILE A 106 -12.59 -1.06 -51.93
CA ILE A 106 -11.60 -0.53 -51.01
C ILE A 106 -11.15 0.87 -51.41
N LYS A 107 -11.66 1.39 -52.53
CA LYS A 107 -11.32 2.69 -53.11
C LYS A 107 -9.85 2.81 -53.46
N LEU A 108 -9.24 1.71 -53.90
CA LEU A 108 -7.87 1.73 -54.39
C LEU A 108 -7.81 1.13 -55.79
N THR A 109 -6.77 1.50 -56.52
CA THR A 109 -6.45 0.87 -57.79
C THR A 109 -5.76 -0.46 -57.54
N ASP A 110 -5.78 -1.35 -58.54
CA ASP A 110 -5.04 -2.61 -58.45
C ASP A 110 -3.53 -2.41 -58.39
N GLU A 111 -3.02 -1.27 -58.83
CA GLU A 111 -1.59 -0.97 -58.72
C GLU A 111 -1.16 -0.91 -57.26
N GLU A 112 -1.84 -0.09 -56.46
CA GLU A 112 -1.51 0.04 -55.04
C GLU A 112 -1.87 -1.21 -54.24
N ILE A 113 -2.79 -2.03 -54.74
CA ILE A 113 -3.05 -3.32 -54.11
C ILE A 113 -1.83 -4.23 -54.25
N GLU A 114 -1.29 -4.32 -55.48
CA GLU A 114 -0.19 -5.23 -55.74
C GLU A 114 1.12 -4.74 -55.14
N GLU A 115 1.26 -3.44 -54.91
CA GLU A 115 2.45 -2.91 -54.26
C GLU A 115 2.41 -3.15 -52.76
N TYR A 116 1.27 -2.90 -52.13
CA TYR A 116 1.15 -2.95 -50.68
C TYR A 116 0.80 -4.34 -50.15
N MET A 117 0.54 -5.32 -51.01
CA MET A 117 0.60 -6.70 -50.56
C MET A 117 2.00 -7.08 -50.12
N GLN A 118 3.01 -6.65 -50.89
CA GLN A 118 4.38 -7.07 -50.65
C GLN A 118 4.98 -6.40 -49.42
N LYS A 119 4.45 -5.25 -49.00
CA LYS A 119 5.00 -4.53 -47.87
C LYS A 119 4.56 -5.14 -46.54
N PHE A 120 3.57 -6.03 -46.55
CA PHE A 120 3.12 -6.66 -45.32
C PHE A 120 4.15 -7.65 -44.78
N GLU A 121 4.72 -8.47 -45.65
CA GLU A 121 5.66 -9.50 -45.22
C GLU A 121 7.06 -8.96 -44.97
N VAL A 122 7.44 -7.84 -45.60
CA VAL A 122 8.76 -7.26 -45.36
C VAL A 122 8.84 -6.70 -43.94
N MET A 123 7.81 -5.97 -43.52
CA MET A 123 7.73 -5.44 -42.16
C MET A 123 6.86 -6.34 -41.29
N GLY A 124 6.92 -7.64 -41.55
CA GLY A 124 6.15 -8.71 -40.98
C GLY A 124 6.51 -9.13 -39.58
N ASP A 125 7.34 -8.38 -38.87
CA ASP A 125 7.74 -8.77 -37.53
C ASP A 125 7.26 -7.78 -36.47
N ARG A 126 7.63 -6.51 -36.56
CA ARG A 126 7.43 -5.58 -35.47
C ARG A 126 6.04 -4.96 -35.49
N LYS A 127 5.48 -4.73 -34.30
CA LYS A 127 4.11 -4.24 -34.17
C LYS A 127 4.01 -2.76 -34.52
N GLY A 128 4.94 -1.95 -34.00
CA GLY A 128 4.87 -0.51 -34.19
C GLY A 128 5.06 -0.09 -35.63
N ALA A 129 5.77 -0.88 -36.43
CA ALA A 129 6.02 -0.51 -37.80
C ALA A 129 4.86 -0.83 -38.72
N VAL A 130 4.09 -1.88 -38.41
CA VAL A 130 2.91 -2.17 -39.23
C VAL A 130 1.71 -1.34 -38.81
N ASP A 131 1.71 -0.81 -37.59
CA ASP A 131 0.61 0.04 -37.15
C ASP A 131 0.68 1.41 -37.82
N LYS A 132 1.89 1.87 -38.14
CA LYS A 132 2.02 3.11 -38.89
C LYS A 132 1.67 2.91 -40.36
N LEU A 133 1.80 1.68 -40.86
CA LEU A 133 1.49 1.42 -42.26
C LEU A 133 -0.01 1.47 -42.53
N ILE A 134 -0.84 1.24 -41.52
CA ILE A 134 -2.28 1.11 -41.77
C ILE A 134 -2.94 2.48 -41.77
N LYS A 135 -2.24 3.53 -41.32
CA LYS A 135 -2.78 4.86 -41.43
C LYS A 135 -2.71 5.41 -42.84
N GLU A 136 -1.67 5.08 -43.61
CA GLU A 136 -1.54 5.68 -44.93
C GLU A 136 -2.55 5.10 -45.91
N ILE A 137 -3.00 3.87 -45.69
CA ILE A 137 -4.12 3.33 -46.47
C ILE A 137 -5.40 4.06 -46.11
N HIS A 138 -5.59 4.31 -44.81
CA HIS A 138 -6.68 5.17 -44.34
C HIS A 138 -6.55 6.59 -44.86
N LYS A 139 -5.31 7.05 -45.10
CA LYS A 139 -5.10 8.40 -45.60
C LYS A 139 -5.51 8.51 -47.06
N LYS A 140 -5.15 7.53 -47.88
CA LYS A 140 -5.40 7.61 -49.31
C LYS A 140 -6.85 7.34 -49.68
N ALA A 141 -7.56 6.52 -48.91
CA ALA A 141 -8.97 6.30 -49.19
C ALA A 141 -9.84 7.45 -48.71
N LYS A 142 -9.30 8.31 -47.84
CA LYS A 142 -10.07 9.44 -47.35
C LYS A 142 -10.19 10.52 -48.42
N GLU A 143 -9.09 10.82 -49.11
CA GLU A 143 -9.06 11.95 -50.04
C GLU A 143 -9.40 11.48 -51.46
N ARG A 144 -10.57 10.84 -51.57
CA ARG A 144 -11.18 10.48 -52.84
C ARG A 144 -12.69 10.53 -52.68
N MET A 145 -13.38 10.98 -53.74
CA MET A 145 -14.83 10.90 -53.82
C MET A 145 -15.29 10.26 -55.12
N VAL A 146 -14.37 9.87 -55.99
CA VAL A 146 -14.69 9.25 -57.27
C VAL A 146 -14.13 7.84 -57.23
N CYS A 147 -15.02 6.85 -57.24
CA CYS A 147 -14.43 5.52 -57.16
C CYS A 147 -14.18 4.99 -58.58
N PRO A 148 -13.21 4.08 -58.77
CA PRO A 148 -12.96 3.54 -60.11
C PRO A 148 -14.00 2.54 -60.63
N HIS A 149 -15.09 2.28 -59.91
CA HIS A 149 -16.01 1.21 -60.33
C HIS A 149 -17.47 1.59 -60.24
N CYS A 150 -17.82 2.81 -59.78
CA CYS A 150 -19.21 3.20 -59.64
C CYS A 150 -19.51 4.61 -60.12
N GLY A 151 -18.53 5.31 -60.68
CA GLY A 151 -18.77 6.62 -61.29
C GLY A 151 -19.17 7.74 -60.34
N ALA A 152 -18.62 7.75 -59.12
CA ALA A 152 -18.81 8.76 -58.08
C ALA A 152 -20.26 9.04 -57.72
N PRO A 153 -20.96 8.13 -57.01
CA PRO A 153 -22.37 8.33 -56.69
C PRO A 153 -22.62 9.16 -55.44
N GLN A 154 -21.96 10.32 -55.36
CA GLN A 154 -22.14 11.36 -54.33
C GLN A 154 -21.89 10.81 -52.92
N PHE A 155 -20.63 10.51 -52.67
CA PHE A 155 -20.20 9.96 -51.39
C PHE A 155 -20.43 10.94 -50.24
N PRO A 156 -21.14 10.54 -49.20
CA PRO A 156 -21.31 11.42 -48.05
C PRO A 156 -20.12 11.32 -47.11
N ILE A 157 -19.96 12.36 -46.29
CA ILE A 157 -18.90 12.46 -45.31
C ILE A 157 -19.48 12.00 -43.98
N LYS A 158 -18.79 11.08 -43.30
CA LYS A 158 -19.31 10.65 -42.01
C LYS A 158 -18.91 11.63 -40.91
N PHE A 159 -19.45 11.38 -39.72
CA PHE A 159 -19.27 12.26 -38.58
C PHE A 159 -19.49 11.39 -37.34
N GLU A 160 -19.04 11.88 -36.18
CA GLU A 160 -19.02 11.01 -35.01
C GLU A 160 -19.20 11.82 -33.72
N ARG A 161 -18.67 11.30 -32.58
CA ARG A 161 -18.54 11.89 -31.26
C ARG A 161 -19.87 12.09 -30.54
N PRO A 162 -20.31 11.11 -29.72
CA PRO A 162 -19.66 9.82 -29.45
C PRO A 162 -20.10 8.59 -30.26
N THR A 163 -21.40 8.51 -30.53
CA THR A 163 -22.03 7.30 -31.07
C THR A 163 -22.96 7.60 -32.23
N ILE A 164 -23.48 8.81 -32.31
CA ILE A 164 -24.47 9.15 -33.33
C ILE A 164 -23.72 9.53 -34.59
N TYR A 165 -24.14 8.98 -35.72
CA TYR A 165 -23.48 9.24 -37.00
C TYR A 165 -24.37 10.16 -37.84
N TRP A 166 -23.79 10.73 -38.89
CA TRP A 166 -24.56 11.54 -39.82
C TRP A 166 -24.00 11.39 -41.23
N GLU A 167 -24.64 12.08 -42.17
CA GLU A 167 -24.20 12.16 -43.55
C GLU A 167 -24.49 13.55 -44.08
N LEU A 168 -23.65 14.00 -45.01
CA LEU A 168 -23.85 15.27 -45.70
C LEU A 168 -24.35 14.95 -47.11
N ARG A 169 -25.65 14.74 -47.24
CA ARG A 169 -26.24 14.36 -48.51
C ARG A 169 -26.96 15.56 -49.12
N LYS A 170 -27.02 15.57 -50.46
CA LYS A 170 -27.76 16.58 -51.20
C LYS A 170 -29.12 16.03 -51.61
N ASP A 171 -30.14 16.88 -51.55
CA ASP A 171 -31.48 16.46 -51.95
C ASP A 171 -32.02 17.27 -53.12
N GLU A 172 -32.13 18.59 -52.99
CA GLU A 172 -32.77 19.40 -54.05
C GLU A 172 -31.78 19.80 -55.14
N GLU A 173 -30.85 20.71 -54.81
CA GLU A 173 -29.70 21.01 -55.65
C GLU A 173 -28.38 20.86 -54.92
N GLY A 174 -28.23 21.51 -53.77
CA GLY A 174 -26.99 21.56 -53.04
C GLY A 174 -27.21 21.47 -51.55
N ASN A 175 -28.23 20.70 -51.16
CA ASN A 175 -28.70 20.69 -49.78
C ASN A 175 -27.69 19.95 -48.89
N GLU A 176 -27.74 20.27 -47.61
CA GLU A 176 -26.81 19.72 -46.64
C GLU A 176 -27.53 19.16 -45.42
N TYR A 177 -28.63 18.45 -45.64
CA TYR A 177 -29.37 17.93 -44.49
C TYR A 177 -28.61 16.78 -43.86
N LYS A 178 -28.66 16.70 -42.54
CA LYS A 178 -27.91 15.71 -41.78
C LYS A 178 -28.84 14.57 -41.41
N HIS A 179 -28.97 13.60 -42.30
CA HIS A 179 -29.76 12.42 -41.99
C HIS A 179 -29.03 11.57 -40.97
N ARG A 180 -29.63 11.40 -39.80
CA ARG A 180 -29.03 10.61 -38.74
C ARG A 180 -29.02 9.15 -39.17
N MET A 181 -27.89 8.51 -38.95
CA MET A 181 -27.69 7.16 -39.46
C MET A 181 -28.23 6.18 -38.42
N MET A 182 -28.89 5.23 -38.87
CA MET A 182 -29.39 4.24 -37.94
C MET A 182 -28.49 3.01 -37.93
N PRO A 183 -28.44 2.31 -36.79
CA PRO A 183 -27.67 1.06 -36.73
C PRO A 183 -28.13 -0.01 -37.70
N SER A 184 -29.41 -0.02 -38.09
CA SER A 184 -29.81 -0.94 -39.14
C SER A 184 -29.27 -0.50 -40.50
N GLU A 185 -29.11 0.80 -40.70
CA GLU A 185 -28.53 1.30 -41.94
C GLU A 185 -27.02 1.04 -42.02
N VAL A 186 -26.34 0.99 -40.86
CA VAL A 186 -24.91 0.77 -40.86
C VAL A 186 -24.57 -0.68 -41.17
N ARG A 187 -25.26 -1.61 -40.51
CA ARG A 187 -24.89 -3.01 -40.54
C ARG A 187 -25.17 -3.65 -41.90
N ASP A 188 -26.11 -3.07 -42.66
CA ASP A 188 -26.31 -3.49 -44.04
C ASP A 188 -25.12 -3.14 -44.91
N ARG A 189 -24.41 -2.06 -44.59
CA ARG A 189 -23.23 -1.70 -45.37
C ARG A 189 -22.06 -2.62 -45.05
N LEU A 190 -21.93 -3.04 -43.79
CA LEU A 190 -20.75 -3.81 -43.37
C LEU A 190 -20.74 -5.22 -43.93
N GLU A 191 -21.91 -5.82 -44.17
CA GLU A 191 -21.95 -7.16 -44.73
C GLU A 191 -21.53 -7.24 -46.20
N LYS A 192 -21.44 -6.12 -46.91
CA LYS A 192 -21.10 -6.14 -48.32
C LYS A 192 -19.60 -6.13 -48.59
N ILE A 193 -18.77 -6.00 -47.57
CA ILE A 193 -17.32 -6.08 -47.71
C ILE A 193 -16.87 -7.51 -47.96
N PRO A 194 -16.18 -7.79 -49.05
CA PRO A 194 -15.64 -9.14 -49.28
C PRO A 194 -14.45 -9.41 -48.38
N ASP A 195 -14.20 -10.71 -48.15
CA ASP A 195 -13.21 -11.13 -47.16
C ASP A 195 -11.78 -10.84 -47.59
N LYS A 196 -11.54 -10.69 -48.89
CA LYS A 196 -10.19 -10.43 -49.39
C LYS A 196 -9.70 -9.02 -49.09
N ASP A 197 -10.60 -8.07 -48.86
CA ASP A 197 -10.18 -6.70 -48.55
C ASP A 197 -9.72 -6.51 -47.11
N LEU A 198 -9.96 -7.48 -46.26
CA LEU A 198 -9.63 -7.40 -44.83
C LEU A 198 -8.14 -7.33 -44.46
N PRO A 199 -7.19 -7.95 -45.19
CA PRO A 199 -5.78 -7.64 -44.89
C PRO A 199 -5.40 -6.20 -45.18
N LEU A 200 -6.09 -5.53 -46.11
CA LEU A 200 -5.81 -4.11 -46.33
C LEU A 200 -6.31 -3.23 -45.20
N LEU A 201 -7.24 -3.71 -44.39
CA LEU A 201 -7.59 -3.04 -43.15
C LEU A 201 -6.88 -3.77 -42.03
N GLY A 202 -7.16 -3.37 -40.79
CA GLY A 202 -6.62 -4.11 -39.68
C GLY A 202 -7.60 -5.14 -39.19
N LEU A 203 -7.97 -6.09 -40.04
CA LEU A 203 -8.98 -7.08 -39.69
C LEU A 203 -8.55 -8.45 -40.17
N HIS A 204 -9.27 -9.47 -39.72
CA HIS A 204 -8.96 -10.86 -40.03
C HIS A 204 -10.24 -11.60 -40.41
N PRO A 205 -10.24 -12.32 -41.54
CA PRO A 205 -11.51 -12.84 -42.08
C PRO A 205 -12.11 -14.00 -41.32
N GLU A 206 -11.35 -14.67 -40.45
CA GLU A 206 -11.92 -15.77 -39.68
C GLU A 206 -12.16 -15.44 -38.22
N LYS A 207 -11.49 -14.43 -37.68
CA LYS A 207 -11.61 -14.11 -36.26
C LYS A 207 -12.33 -12.80 -36.00
N SER A 208 -12.29 -11.85 -36.95
CA SER A 208 -12.89 -10.54 -36.75
C SER A 208 -13.66 -10.11 -38.00
N ARG A 209 -14.93 -10.53 -38.12
CA ARG A 209 -15.72 -9.93 -39.18
C ARG A 209 -16.23 -8.56 -38.73
N PRO A 210 -16.27 -7.58 -39.63
CA PRO A 210 -16.71 -6.24 -39.21
C PRO A 210 -18.19 -6.14 -38.87
N GLU A 211 -19.06 -6.92 -39.52
CA GLU A 211 -20.48 -6.82 -39.21
C GLU A 211 -20.83 -7.42 -37.85
N TRP A 212 -19.94 -8.19 -37.24
CA TRP A 212 -20.16 -8.71 -35.90
C TRP A 212 -19.93 -7.68 -34.82
N MET A 213 -19.45 -6.48 -35.17
CA MET A 213 -19.27 -5.43 -34.18
C MET A 213 -20.60 -4.83 -33.74
N VAL A 214 -21.62 -4.88 -34.58
CA VAL A 214 -22.94 -4.38 -34.21
C VAL A 214 -23.69 -5.48 -33.48
N LEU A 215 -24.01 -5.23 -32.21
CA LEU A 215 -24.58 -6.25 -31.34
C LEU A 215 -26.04 -6.53 -31.69
N THR A 216 -26.28 -7.63 -32.39
CA THR A 216 -27.66 -8.06 -32.59
C THR A 216 -28.14 -8.92 -31.44
N VAL A 217 -27.24 -9.70 -30.82
CA VAL A 217 -27.56 -10.53 -29.68
C VAL A 217 -26.56 -10.21 -28.58
N LEU A 218 -27.07 -9.76 -27.43
CA LEU A 218 -26.24 -9.41 -26.29
C LEU A 218 -26.13 -10.61 -25.35
N PRO A 219 -24.94 -11.10 -25.03
CA PRO A 219 -24.83 -12.22 -24.10
C PRO A 219 -24.98 -11.79 -22.65
N VAL A 220 -25.48 -12.71 -21.84
CA VAL A 220 -25.71 -12.48 -20.42
C VAL A 220 -24.59 -13.16 -19.65
N PRO A 221 -23.92 -12.48 -18.73
CA PRO A 221 -22.91 -13.13 -17.92
C PRO A 221 -23.53 -14.09 -16.92
N PRO A 222 -22.77 -15.08 -16.44
CA PRO A 222 -23.36 -16.10 -15.56
C PRO A 222 -23.68 -15.60 -14.17
N VAL A 223 -24.28 -16.46 -13.36
CA VAL A 223 -24.61 -16.09 -11.99
C VAL A 223 -23.36 -16.03 -11.13
N THR A 224 -22.39 -16.92 -11.36
CA THR A 224 -21.20 -16.98 -10.52
C THR A 224 -20.29 -15.77 -10.66
N MET A 225 -20.47 -14.97 -11.70
CA MET A 225 -19.74 -13.72 -11.84
C MET A 225 -20.53 -12.54 -11.27
N ARG A 226 -21.80 -12.75 -10.93
CA ARG A 226 -22.66 -11.72 -10.35
C ARG A 226 -23.27 -12.27 -9.07
N PRO A 227 -22.55 -12.20 -7.95
CA PRO A 227 -23.05 -12.80 -6.71
C PRO A 227 -24.13 -11.95 -6.06
N SER A 228 -24.80 -12.55 -5.08
CA SER A 228 -25.87 -11.90 -4.33
C SER A 228 -25.43 -11.73 -2.88
N ILE A 229 -25.02 -10.52 -2.54
CA ILE A 229 -24.55 -10.22 -1.19
C ILE A 229 -25.74 -10.07 -0.25
N THR A 230 -25.69 -10.77 0.89
CA THR A 230 -26.72 -10.65 1.92
C THR A 230 -26.35 -9.56 2.91
N LEU A 231 -27.31 -8.71 3.27
CA LEU A 231 -27.00 -7.52 4.05
C LEU A 231 -26.91 -7.75 5.55
N GLU A 232 -28.03 -8.05 6.20
CA GLU A 232 -28.06 -8.25 7.64
C GLU A 232 -28.19 -9.72 8.00
N SER A 233 -29.34 -10.33 7.72
CA SER A 233 -29.54 -11.76 7.88
C SER A 233 -30.37 -12.39 6.77
N GLY A 234 -31.25 -11.64 6.11
CA GLY A 234 -32.11 -12.20 5.08
C GLY A 234 -32.37 -11.26 3.93
N ILE A 235 -31.83 -10.04 4.00
CA ILE A 235 -32.01 -9.06 2.93
C ILE A 235 -30.80 -9.17 2.02
N ARG A 236 -31.05 -9.23 0.71
CA ARG A 236 -30.02 -9.49 -0.27
C ARG A 236 -29.77 -8.24 -1.10
N ALA A 237 -28.54 -7.72 -1.02
CA ALA A 237 -28.14 -6.60 -1.86
C ALA A 237 -27.86 -7.12 -3.26
N GLU A 238 -28.63 -6.64 -4.23
CA GLU A 238 -28.49 -7.04 -5.61
C GLU A 238 -27.19 -6.49 -6.18
N ASP A 239 -26.52 -7.27 -7.02
CA ASP A 239 -25.25 -6.85 -7.57
C ASP A 239 -25.46 -5.76 -8.61
N ASP A 240 -24.45 -4.90 -8.77
CA ASP A 240 -24.56 -3.75 -9.65
C ASP A 240 -24.76 -4.15 -11.11
N LEU A 241 -24.10 -5.24 -11.56
CA LEU A 241 -24.38 -5.73 -12.90
C LEU A 241 -25.78 -6.32 -12.99
N THR A 242 -26.26 -6.96 -11.92
CA THR A 242 -27.59 -7.56 -11.95
C THR A 242 -28.65 -6.48 -12.01
N HIS A 243 -28.45 -5.38 -11.28
CA HIS A 243 -29.43 -4.32 -11.19
C HIS A 243 -29.62 -3.61 -12.53
N LYS A 244 -28.57 -3.49 -13.34
CA LYS A 244 -28.73 -2.85 -14.64
C LYS A 244 -29.31 -3.79 -15.68
N LEU A 245 -28.99 -5.09 -15.60
CA LEU A 245 -29.56 -6.05 -16.54
C LEU A 245 -31.05 -6.23 -16.36
N VAL A 246 -31.56 -6.07 -15.13
CA VAL A 246 -33.01 -6.12 -14.91
C VAL A 246 -33.69 -4.95 -15.62
N ASP A 247 -33.09 -3.77 -15.53
CA ASP A 247 -33.66 -2.59 -16.17
C ASP A 247 -33.45 -2.59 -17.69
N ILE A 248 -32.55 -3.40 -18.23
CA ILE A 248 -32.42 -3.50 -19.68
C ILE A 248 -33.61 -4.23 -20.28
N ILE A 249 -34.06 -5.31 -19.62
CA ILE A 249 -35.11 -6.15 -20.17
C ILE A 249 -36.46 -5.43 -20.17
N ARG A 250 -36.68 -4.50 -19.23
CA ARG A 250 -37.96 -3.80 -19.23
C ARG A 250 -38.05 -2.73 -20.31
N ILE A 251 -36.92 -2.23 -20.83
CA ILE A 251 -36.98 -1.31 -21.96
C ILE A 251 -37.01 -2.05 -23.28
N ASN A 252 -36.68 -3.34 -23.28
CA ASN A 252 -36.77 -4.16 -24.48
C ASN A 252 -38.20 -4.64 -24.69
N ASN A 253 -38.73 -5.34 -23.68
CA ASN A 253 -40.08 -5.89 -23.61
C ASN A 253 -41.19 -5.03 -24.23
N ARG A 254 -41.33 -3.77 -23.78
CA ARG A 254 -42.31 -2.88 -24.40
C ARG A 254 -42.03 -2.65 -25.89
N LEU A 255 -40.75 -2.44 -26.26
CA LEU A 255 -40.37 -2.20 -27.65
C LEU A 255 -40.82 -3.33 -28.57
N LYS A 256 -40.72 -4.60 -28.13
CA LYS A 256 -41.30 -5.69 -28.90
C LYS A 256 -42.79 -5.50 -29.10
N SER A 257 -43.52 -5.22 -28.01
CA SER A 257 -44.94 -4.93 -28.12
C SER A 257 -45.21 -3.63 -28.89
N ASN A 258 -44.33 -2.63 -28.75
CA ASN A 258 -44.50 -1.34 -29.41
C ASN A 258 -44.53 -1.47 -30.93
N ILE A 259 -43.61 -2.23 -31.53
CA ILE A 259 -43.61 -2.31 -32.99
C ILE A 259 -44.54 -3.43 -33.48
N GLU A 260 -44.99 -4.33 -32.61
CA GLU A 260 -45.96 -5.30 -33.06
C GLU A 260 -47.41 -4.85 -32.96
N ALA A 261 -47.71 -3.82 -32.17
CA ALA A 261 -49.09 -3.34 -32.11
C ALA A 261 -49.19 -1.83 -32.26
N GLY A 262 -48.47 -1.13 -31.38
CA GLY A 262 -48.40 0.33 -31.44
C GLY A 262 -47.91 0.85 -32.78
N ALA A 263 -48.54 1.93 -33.25
CA ALA A 263 -48.06 2.59 -34.46
C ALA A 263 -48.11 4.12 -34.34
N PRO A 264 -47.30 4.76 -33.42
CA PRO A 264 -47.23 6.23 -33.46
C PRO A 264 -46.00 6.74 -34.20
N GLN A 265 -45.04 5.85 -34.46
CA GLN A 265 -43.81 6.04 -35.23
C GLN A 265 -42.78 7.01 -34.64
N LEU A 266 -43.14 7.76 -33.60
CA LEU A 266 -42.24 8.76 -33.05
C LEU A 266 -41.53 8.28 -31.80
N ILE A 267 -42.26 7.68 -30.86
CA ILE A 267 -41.64 7.18 -29.64
C ILE A 267 -40.68 6.04 -29.92
N ILE A 268 -40.95 5.24 -30.97
CA ILE A 268 -40.08 4.16 -31.43
C ILE A 268 -38.62 4.62 -31.55
N GLU A 269 -38.36 5.60 -32.42
CA GLU A 269 -37.02 6.19 -32.51
C GLU A 269 -36.57 6.81 -31.20
N ASP A 270 -37.49 7.38 -30.43
CA ASP A 270 -37.15 7.88 -29.11
C ASP A 270 -36.77 6.71 -28.18
N LEU A 271 -37.55 5.63 -28.21
CA LEU A 271 -37.23 4.43 -27.43
C LEU A 271 -35.92 3.81 -27.88
N TRP A 272 -35.68 3.77 -29.21
CA TRP A 272 -34.44 3.32 -29.86
C TRP A 272 -33.17 3.86 -29.22
N ASP A 273 -33.17 5.15 -28.89
CA ASP A 273 -31.99 5.77 -28.30
C ASP A 273 -31.85 5.44 -26.82
N LEU A 274 -32.96 5.10 -26.15
CA LEU A 274 -32.88 4.66 -24.76
C LEU A 274 -32.13 3.33 -24.66
N LEU A 275 -32.43 2.40 -25.57
CA LEU A 275 -31.69 1.14 -25.68
C LEU A 275 -30.18 1.37 -25.79
N GLN A 276 -29.76 2.25 -26.70
CA GLN A 276 -28.35 2.59 -26.89
C GLN A 276 -27.70 3.08 -25.61
N TYR A 277 -28.17 4.22 -25.09
CA TYR A 277 -27.83 4.75 -23.76
C TYR A 277 -27.78 3.74 -22.64
N HIS A 278 -28.66 2.75 -22.64
CA HIS A 278 -28.75 1.94 -21.45
C HIS A 278 -27.73 0.81 -21.46
N VAL A 279 -27.38 0.30 -22.65
CA VAL A 279 -26.32 -0.69 -22.76
C VAL A 279 -24.94 -0.03 -22.81
N THR A 280 -24.86 1.26 -23.14
CA THR A 280 -23.58 1.95 -23.24
C THR A 280 -22.94 2.12 -21.86
N THR A 281 -23.74 2.40 -20.85
CA THR A 281 -23.23 2.43 -19.49
C THR A 281 -22.83 1.04 -19.03
N TYR A 282 -23.48 0.00 -19.55
CA TYR A 282 -23.21 -1.36 -19.12
C TYR A 282 -21.85 -1.86 -19.58
N ILE A 283 -21.36 -1.39 -20.72
CA ILE A 283 -20.01 -1.75 -21.15
C ILE A 283 -18.97 -0.94 -20.40
N ASN A 284 -19.07 0.39 -20.48
CA ASN A 284 -18.11 1.28 -19.82
C ASN A 284 -18.91 2.44 -19.27
N ASN A 285 -18.98 2.55 -17.94
CA ASN A 285 -19.79 3.59 -17.30
C ASN A 285 -19.19 4.98 -17.43
N GLU A 286 -17.87 5.11 -17.44
CA GLU A 286 -17.21 6.41 -17.35
C GLU A 286 -16.83 6.98 -18.70
N THR A 287 -17.65 6.75 -19.73
CA THR A 287 -17.42 7.39 -21.01
C THR A 287 -17.71 8.89 -20.93
N SER A 288 -17.36 9.60 -21.99
CA SER A 288 -17.60 11.04 -22.04
C SER A 288 -18.86 11.34 -22.85
N GLY A 289 -19.49 12.45 -22.51
CA GLY A 289 -20.75 12.81 -23.13
C GLY A 289 -21.94 11.99 -22.69
N VAL A 290 -21.80 11.18 -21.64
CA VAL A 290 -22.85 10.31 -21.16
C VAL A 290 -23.06 10.57 -19.66
N PRO A 291 -24.26 10.90 -19.21
CA PRO A 291 -24.52 10.99 -17.77
C PRO A 291 -24.44 9.63 -17.10
N PRO A 292 -23.75 9.54 -15.97
CA PRO A 292 -23.60 8.25 -15.28
C PRO A 292 -24.92 7.76 -14.72
N ALA A 293 -25.28 6.53 -15.09
CA ALA A 293 -26.46 5.86 -14.56
C ALA A 293 -26.23 5.48 -13.11
N LYS A 294 -26.90 6.17 -12.19
CA LYS A 294 -26.62 6.01 -10.77
C LYS A 294 -27.49 4.90 -10.17
N HIS A 295 -27.06 4.43 -9.01
CA HIS A 295 -27.87 3.61 -8.14
C HIS A 295 -28.80 4.51 -7.34
N LYS A 296 -29.97 3.99 -6.97
CA LYS A 296 -30.99 4.87 -6.40
C LYS A 296 -30.77 5.14 -4.91
N SER A 297 -29.52 5.48 -4.55
CA SER A 297 -29.12 5.95 -3.23
C SER A 297 -28.05 7.02 -3.30
N GLY A 298 -27.37 7.19 -4.44
CA GLY A 298 -26.31 8.17 -4.58
C GLY A 298 -24.96 7.61 -5.02
N ARG A 299 -24.85 6.31 -5.34
CA ARG A 299 -23.63 5.68 -5.85
C ARG A 299 -23.72 5.49 -7.35
N PRO A 300 -22.71 5.85 -8.14
CA PRO A 300 -22.68 5.37 -9.52
C PRO A 300 -22.43 3.87 -9.58
N LEU A 301 -22.89 3.24 -10.66
CA LEU A 301 -22.70 1.81 -10.87
C LEU A 301 -21.32 1.48 -11.46
N LYS A 302 -20.61 0.56 -10.82
CA LYS A 302 -19.36 0.03 -11.37
C LYS A 302 -19.72 -1.15 -12.26
N THR A 303 -19.77 -0.91 -13.56
CA THR A 303 -20.08 -1.92 -14.57
C THR A 303 -18.81 -2.65 -15.00
N LEU A 304 -18.87 -3.34 -16.15
CA LEU A 304 -17.82 -4.28 -16.58
C LEU A 304 -16.44 -3.63 -16.69
N ALA A 305 -16.35 -2.46 -17.31
CA ALA A 305 -15.07 -1.79 -17.46
C ALA A 305 -14.48 -1.30 -16.15
N GLN A 306 -15.29 -1.07 -15.13
CA GLN A 306 -14.75 -0.77 -13.81
C GLN A 306 -14.48 -2.02 -12.98
N ARG A 307 -15.07 -3.14 -13.33
CA ARG A 307 -14.73 -4.37 -12.64
C ARG A 307 -13.41 -4.93 -13.14
N LEU A 308 -13.14 -4.77 -14.44
CA LEU A 308 -11.88 -5.18 -15.04
C LEU A 308 -10.72 -4.27 -14.61
N LYS A 309 -10.98 -3.01 -14.26
CA LYS A 309 -9.95 -1.98 -14.21
C LYS A 309 -10.17 -1.12 -12.97
N GLY A 310 -9.48 0.02 -12.92
CA GLY A 310 -9.75 1.05 -11.95
C GLY A 310 -8.87 1.11 -10.72
N LYS A 311 -7.58 0.74 -10.85
CA LYS A 311 -6.50 0.82 -9.86
C LYS A 311 -6.65 -0.24 -8.76
N GLU A 312 -7.80 -0.90 -8.71
CA GLU A 312 -8.04 -2.05 -7.87
C GLU A 312 -8.93 -3.02 -8.62
N GLY A 313 -8.64 -3.21 -9.90
CA GLY A 313 -9.49 -4.05 -10.72
C GLY A 313 -9.02 -5.48 -10.69
N ARG A 314 -8.86 -6.11 -11.84
CA ARG A 314 -8.54 -7.52 -11.88
C ARG A 314 -7.40 -7.79 -12.84
N PHE A 315 -6.40 -6.93 -12.80
CA PHE A 315 -5.04 -7.26 -13.19
C PHE A 315 -4.07 -7.04 -12.04
N ARG A 316 -4.14 -5.91 -11.35
CA ARG A 316 -3.30 -5.71 -10.17
C ARG A 316 -4.00 -6.10 -8.88
N GLY A 317 -5.32 -5.95 -8.81
CA GLY A 317 -6.01 -6.17 -7.56
C GLY A 317 -6.11 -7.63 -7.15
N ASN A 318 -6.30 -8.53 -8.11
CA ASN A 318 -6.61 -9.92 -7.80
C ASN A 318 -5.82 -10.95 -8.55
N LEU A 319 -5.18 -10.61 -9.68
CA LEU A 319 -4.52 -11.61 -10.51
C LEU A 319 -3.00 -11.62 -10.31
N SER A 320 -2.34 -10.49 -10.52
CA SER A 320 -0.89 -10.48 -10.45
C SER A 320 -0.39 -10.16 -9.05
N GLY A 321 -1.26 -9.75 -8.15
CA GLY A 321 -0.96 -9.63 -6.74
C GLY A 321 -2.08 -10.30 -5.97
N LYS A 322 -1.81 -11.39 -5.27
CA LYS A 322 -2.89 -12.13 -4.62
C LYS A 322 -2.67 -12.20 -3.13
N ARG A 323 -3.72 -12.52 -2.41
CA ARG A 323 -3.55 -12.77 -0.99
C ARG A 323 -3.14 -14.22 -0.79
N VAL A 324 -2.32 -14.43 0.24
CA VAL A 324 -1.62 -15.70 0.35
C VAL A 324 -2.02 -16.42 1.62
N ASN A 325 -1.43 -17.58 1.83
CA ASN A 325 -1.61 -18.35 3.04
C ASN A 325 -0.25 -18.55 3.70
N PHE A 326 -0.31 -18.98 4.95
CA PHE A 326 0.84 -19.33 5.77
C PHE A 326 1.75 -18.12 5.95
N SER A 327 1.21 -17.11 6.64
CA SER A 327 1.97 -15.89 6.92
C SER A 327 1.65 -15.45 8.34
N ALA A 328 2.19 -14.29 8.73
CA ALA A 328 1.98 -13.66 10.02
C ALA A 328 2.52 -12.25 9.94
N ARG A 329 2.16 -11.42 10.92
CA ARG A 329 2.60 -10.03 10.91
C ARG A 329 2.52 -9.48 12.32
N THR A 330 3.65 -9.04 12.86
CA THR A 330 3.72 -8.48 14.20
C THR A 330 4.84 -7.44 14.24
N VAL A 331 5.29 -7.05 15.43
CA VAL A 331 6.23 -5.95 15.57
C VAL A 331 7.63 -6.51 15.75
N ILE A 332 8.64 -5.63 15.70
CA ILE A 332 10.01 -6.07 15.87
C ILE A 332 10.70 -5.38 17.05
N SER A 333 11.70 -6.06 17.59
CA SER A 333 12.41 -5.68 18.82
C SER A 333 13.76 -6.37 18.88
N PRO A 334 14.84 -5.65 19.16
CA PRO A 334 16.19 -6.18 18.93
C PRO A 334 16.59 -7.28 19.90
N ASP A 335 17.64 -8.04 19.49
CA ASP A 335 18.50 -8.80 20.39
C ASP A 335 19.86 -9.08 19.74
N PRO A 336 20.94 -8.59 20.32
CA PRO A 336 22.28 -8.95 19.80
C PRO A 336 22.89 -10.14 20.52
N MET A 337 22.23 -11.29 20.42
CA MET A 337 22.78 -12.53 20.94
C MET A 337 22.58 -13.70 20.00
N ILE A 338 21.76 -13.57 18.96
CA ILE A 338 21.61 -14.58 17.95
C ILE A 338 22.54 -14.21 16.80
N SER A 339 22.76 -15.17 15.90
CA SER A 339 23.67 -14.96 14.79
C SER A 339 23.05 -14.01 13.76
N ILE A 340 23.83 -13.70 12.73
CA ILE A 340 23.44 -12.72 11.74
C ILE A 340 22.29 -13.24 10.87
N ASN A 341 22.23 -14.55 10.62
CA ASN A 341 21.21 -15.13 9.75
C ASN A 341 20.21 -16.00 10.51
N GLU A 342 19.85 -15.62 11.72
CA GLU A 342 18.73 -16.25 12.39
C GLU A 342 17.65 -15.20 12.64
N VAL A 343 16.54 -15.65 13.21
CA VAL A 343 15.42 -14.77 13.50
C VAL A 343 14.68 -15.36 14.69
N GLY A 344 14.16 -14.50 15.55
CA GLY A 344 13.23 -14.95 16.54
C GLY A 344 11.86 -15.16 15.93
N VAL A 345 11.14 -16.13 16.46
CA VAL A 345 9.75 -16.38 16.09
C VAL A 345 9.00 -16.65 17.40
N PRO A 346 7.90 -15.97 17.66
CA PRO A 346 7.10 -16.27 18.84
C PRO A 346 6.50 -17.65 18.78
N LEU A 347 6.23 -18.21 19.95
CA LEU A 347 5.71 -19.56 20.02
C LEU A 347 4.21 -19.62 19.76
N ALA A 348 3.52 -18.48 19.73
CA ALA A 348 2.14 -18.45 19.29
C ALA A 348 2.04 -18.54 17.76
N VAL A 349 2.91 -17.81 17.04
CA VAL A 349 2.95 -17.91 15.59
C VAL A 349 3.56 -19.24 15.17
N ALA A 350 4.48 -19.79 15.98
CA ALA A 350 5.10 -21.07 15.64
C ALA A 350 4.14 -22.24 15.76
N MET A 351 3.09 -22.15 16.56
CA MET A 351 2.14 -23.25 16.67
C MET A 351 0.93 -23.09 15.77
N GLU A 352 0.91 -22.08 14.89
CA GLU A 352 -0.17 -21.93 13.92
C GLU A 352 0.37 -21.85 12.50
N LEU A 353 1.57 -22.33 12.25
CA LEU A 353 2.14 -22.42 10.91
C LEU A 353 2.83 -23.77 10.79
N THR A 354 2.73 -24.40 9.64
CA THR A 354 3.18 -25.78 9.48
C THR A 354 3.84 -26.00 8.14
N VAL A 355 4.81 -26.92 8.12
CA VAL A 355 5.43 -27.39 6.87
C VAL A 355 5.03 -28.84 6.65
N PRO A 356 4.98 -29.33 5.40
CA PRO A 356 4.80 -30.76 5.15
C PRO A 356 6.12 -31.52 5.09
N GLU A 357 6.09 -32.79 5.51
CA GLU A 357 7.38 -33.42 5.76
C GLU A 357 7.69 -34.73 5.05
N LYS A 358 6.67 -35.54 4.68
CA LYS A 358 6.81 -36.68 3.75
C LYS A 358 7.82 -37.73 4.24
N VAL A 359 7.39 -38.48 5.27
CA VAL A 359 8.26 -39.47 5.93
C VAL A 359 8.74 -40.54 4.95
N THR A 360 10.06 -40.61 4.75
CA THR A 360 10.59 -41.62 3.84
C THR A 360 11.06 -42.91 4.49
N GLU A 361 12.24 -42.92 5.11
CA GLU A 361 12.72 -44.15 5.74
C GLU A 361 13.53 -43.87 7.00
N PHE A 362 14.12 -42.68 7.06
CA PHE A 362 15.10 -42.36 8.10
C PHE A 362 14.64 -41.27 9.05
N ASN A 363 13.49 -40.65 8.81
CA ASN A 363 12.87 -39.78 9.79
C ASN A 363 11.61 -40.40 10.37
N TYR A 364 11.42 -41.71 10.16
CA TYR A 364 10.22 -42.39 10.62
C TYR A 364 10.19 -42.52 12.13
N GLU A 365 11.36 -42.59 12.77
CA GLU A 365 11.39 -42.61 14.22
C GLU A 365 11.07 -41.23 14.78
N LYS A 366 11.33 -40.18 14.01
CA LYS A 366 11.06 -38.83 14.47
C LYS A 366 9.57 -38.48 14.38
N LEU A 367 8.97 -38.70 13.22
CA LEU A 367 7.60 -38.25 12.98
C LEU A 367 6.56 -39.15 13.60
N LYS A 368 6.94 -40.31 14.15
CA LYS A 368 6.00 -41.00 15.02
C LYS A 368 5.79 -40.19 16.29
N GLN A 369 6.84 -39.53 16.78
CA GLN A 369 6.71 -38.76 18.01
C GLN A 369 6.03 -37.42 17.77
N ARG A 370 6.22 -36.82 16.58
CA ARG A 370 5.60 -35.53 16.31
C ARG A 370 4.09 -35.63 16.11
N VAL A 371 3.59 -36.81 15.75
CA VAL A 371 2.16 -36.98 15.56
C VAL A 371 1.51 -37.64 16.77
N LEU A 372 2.29 -38.29 17.63
CA LEU A 372 1.74 -38.89 18.83
C LEU A 372 1.46 -37.83 19.89
N ASN A 373 2.05 -36.65 19.74
CA ASN A 373 2.14 -35.69 20.82
C ASN A 373 0.98 -34.70 20.82
N GLY A 374 0.13 -34.73 19.80
CA GLY A 374 -1.01 -33.85 19.72
C GLY A 374 -0.63 -32.49 19.19
N PRO A 375 -1.62 -31.66 18.91
CA PRO A 375 -1.34 -30.25 18.65
C PRO A 375 -1.39 -29.38 19.91
N GLU A 376 -0.81 -29.84 21.01
CA GLU A 376 -0.67 -29.00 22.21
C GLU A 376 0.78 -28.76 22.59
N LYS A 377 1.54 -29.81 22.87
CA LYS A 377 2.94 -29.65 23.25
C LYS A 377 3.74 -29.30 22.01
N TYR A 378 4.67 -28.33 22.16
CA TYR A 378 5.27 -27.63 21.04
C TYR A 378 5.86 -28.52 19.94
N PRO A 379 6.59 -29.63 20.22
CA PRO A 379 6.81 -30.56 19.11
C PRO A 379 5.54 -31.35 18.89
N GLY A 380 4.79 -30.96 17.86
CA GLY A 380 3.50 -31.58 17.59
C GLY A 380 3.12 -31.40 16.14
N ALA A 381 2.01 -32.04 15.77
CA ALA A 381 1.51 -32.00 14.41
C ALA A 381 0.05 -31.60 14.40
N ASN A 382 -0.42 -31.16 13.23
CA ASN A 382 -1.80 -30.73 13.03
C ASN A 382 -2.55 -31.63 12.06
N TYR A 383 -2.04 -31.79 10.83
CA TYR A 383 -2.75 -32.48 9.75
C TYR A 383 -1.89 -33.58 9.16
N VAL A 384 -2.38 -34.82 9.22
CA VAL A 384 -1.73 -35.94 8.54
C VAL A 384 -2.42 -36.14 7.20
N ILE A 385 -1.71 -36.72 6.24
CA ILE A 385 -2.20 -36.88 4.87
C ILE A 385 -1.83 -38.27 4.35
N ASP A 386 -2.83 -39.03 3.89
CA ASP A 386 -2.65 -40.35 3.29
C ASP A 386 -2.24 -40.17 1.83
N PRO A 387 -1.75 -41.21 1.13
CA PRO A 387 -1.35 -40.99 -0.27
C PRO A 387 -2.53 -40.87 -1.23
N GLU A 388 -3.74 -41.25 -0.80
CA GLU A 388 -4.91 -40.97 -1.61
C GLU A 388 -5.19 -39.47 -1.69
N GLY A 389 -5.21 -38.80 -0.54
CA GLY A 389 -5.60 -37.40 -0.53
C GLY A 389 -6.63 -37.00 0.50
N ARG A 390 -7.13 -37.97 1.26
CA ARG A 390 -8.09 -37.67 2.33
C ARG A 390 -7.28 -37.32 3.58
N ARG A 391 -7.16 -36.04 3.86
CA ARG A 391 -6.50 -35.62 5.10
C ARG A 391 -7.33 -35.94 6.32
N ILE A 392 -6.65 -36.18 7.42
CA ILE A 392 -7.26 -36.60 8.68
C ILE A 392 -6.77 -35.63 9.74
N ARG A 393 -7.63 -34.71 10.17
CA ARG A 393 -7.25 -33.80 11.24
C ARG A 393 -7.16 -34.53 12.57
N LEU A 394 -6.20 -34.10 13.40
CA LEU A 394 -5.70 -34.83 14.55
C LEU A 394 -6.37 -34.45 15.87
N MET A 395 -7.01 -33.29 15.92
CA MET A 395 -7.44 -32.68 17.18
C MET A 395 -8.41 -33.57 17.96
N GLU A 396 -9.25 -34.33 17.26
CA GLU A 396 -10.48 -34.84 17.87
C GLU A 396 -10.27 -36.22 18.46
N SER A 397 -10.21 -36.28 19.79
CA SER A 397 -10.61 -37.40 20.65
C SER A 397 -9.70 -38.63 20.61
N ASN A 398 -8.77 -38.69 19.66
CA ASN A 398 -7.74 -39.72 19.60
C ASN A 398 -6.68 -39.35 18.57
N ARG A 399 -5.44 -39.72 18.89
CA ARG A 399 -4.33 -39.69 17.97
C ARG A 399 -3.61 -41.04 17.93
N GLU A 400 -3.93 -41.95 18.86
CA GLU A 400 -3.30 -43.25 18.95
C GLU A 400 -3.57 -44.09 17.70
N LEU A 401 -4.81 -44.05 17.20
CA LEU A 401 -5.15 -44.80 15.99
C LEU A 401 -4.54 -44.22 14.73
N ILE A 402 -4.03 -42.99 14.78
CA ILE A 402 -3.27 -42.43 13.67
C ILE A 402 -1.77 -42.50 13.96
N ALA A 403 -1.37 -42.64 15.22
CA ALA A 403 0.03 -42.87 15.58
C ALA A 403 0.39 -44.35 15.58
N GLU A 404 -0.33 -45.15 14.78
CA GLU A 404 -0.06 -46.55 14.54
C GLU A 404 1.07 -46.67 13.53
N LYS A 405 1.16 -47.82 12.84
CA LYS A 405 2.01 -47.93 11.66
C LYS A 405 1.70 -46.80 10.69
N LEU A 406 2.67 -45.91 10.49
CA LEU A 406 2.42 -44.67 9.78
C LEU A 406 2.52 -44.85 8.27
N ASP A 407 2.99 -46.02 7.81
CA ASP A 407 2.80 -46.48 6.44
C ASP A 407 3.45 -45.57 5.41
N ILE A 408 4.78 -45.74 5.26
CA ILE A 408 5.72 -44.94 4.48
C ILE A 408 5.15 -44.48 3.15
N GLY A 409 5.23 -43.16 2.92
CA GLY A 409 4.54 -42.50 1.83
C GLY A 409 3.63 -41.38 2.28
N TRP A 410 3.26 -41.35 3.56
CA TRP A 410 2.36 -40.32 4.06
C TRP A 410 3.09 -38.98 4.20
N THR A 411 2.33 -37.95 4.52
CA THR A 411 2.84 -36.59 4.62
C THR A 411 2.26 -35.97 5.87
N VAL A 412 3.09 -35.69 6.86
CA VAL A 412 2.62 -35.12 8.13
C VAL A 412 2.97 -33.64 8.12
N GLU A 413 2.07 -32.82 8.64
CA GLU A 413 2.30 -31.40 8.81
C GLU A 413 2.52 -31.11 10.29
N ARG A 414 3.73 -30.70 10.64
CA ARG A 414 4.15 -30.41 12.00
C ARG A 414 4.53 -28.94 12.09
N HIS A 415 4.79 -28.49 13.30
CA HIS A 415 5.12 -27.10 13.55
C HIS A 415 6.52 -26.77 13.06
N LEU A 416 6.81 -25.46 12.97
CA LEU A 416 8.15 -25.03 12.64
C LEU A 416 9.10 -25.37 13.78
N GLU A 417 10.33 -25.71 13.42
CA GLU A 417 11.35 -26.05 14.40
C GLU A 417 12.58 -25.20 14.13
N ASP A 418 13.61 -25.42 14.93
CA ASP A 418 14.88 -24.72 14.78
C ASP A 418 15.63 -25.29 13.59
N GLY A 419 15.53 -24.61 12.44
CA GLY A 419 16.30 -25.04 11.28
C GLY A 419 15.56 -24.87 9.97
N ASP A 420 14.24 -24.70 10.04
CA ASP A 420 13.44 -24.62 8.82
C ASP A 420 13.44 -23.21 8.27
N VAL A 421 13.76 -23.10 6.99
CA VAL A 421 13.94 -21.81 6.34
C VAL A 421 12.61 -21.10 6.23
N VAL A 422 12.58 -19.84 6.63
CA VAL A 422 11.42 -18.98 6.50
C VAL A 422 11.84 -17.83 5.60
N LEU A 423 10.95 -16.89 5.29
CA LEU A 423 11.38 -15.66 4.65
C LEU A 423 11.03 -14.49 5.56
N PHE A 424 11.19 -13.26 5.05
CA PHE A 424 10.95 -12.08 5.86
C PHE A 424 10.73 -10.92 4.88
N ASN A 425 10.11 -9.85 5.36
CA ASN A 425 9.60 -8.83 4.45
C ASN A 425 9.32 -7.54 5.21
N ARG A 426 9.37 -6.39 4.51
CA ARG A 426 9.26 -5.08 5.16
C ARG A 426 8.07 -4.22 4.72
N GLN A 427 7.66 -4.30 3.46
CA GLN A 427 6.46 -3.78 2.81
C GLN A 427 6.30 -2.26 2.82
N PRO A 428 7.35 -1.47 2.62
CA PRO A 428 7.59 -0.90 1.30
C PRO A 428 8.75 -1.66 0.68
N SER A 429 8.56 -2.31 -0.46
CA SER A 429 9.55 -3.25 -0.96
C SER A 429 10.39 -2.61 -2.07
N LEU A 430 11.19 -1.64 -1.65
CA LEU A 430 11.92 -0.78 -2.57
C LEU A 430 12.92 -1.54 -3.42
N HIS A 431 14.00 -2.02 -2.83
CA HIS A 431 15.05 -2.63 -3.62
C HIS A 431 15.02 -4.15 -3.52
N ARG A 432 16.06 -4.78 -4.08
CA ARG A 432 16.12 -6.23 -4.32
C ARG A 432 16.18 -7.03 -3.03
N MET A 433 16.52 -6.39 -1.91
CA MET A 433 17.11 -7.08 -0.79
C MET A 433 16.20 -7.07 0.43
N SER A 434 15.00 -6.52 0.31
CA SER A 434 14.15 -6.54 1.49
C SER A 434 13.27 -7.76 1.53
N ILE A 435 13.85 -8.92 1.22
CA ILE A 435 13.30 -10.24 1.47
C ILE A 435 14.48 -11.20 1.42
N MET A 436 14.66 -11.98 2.46
CA MET A 436 15.93 -12.67 2.71
C MET A 436 15.65 -13.84 3.62
N ALA A 437 16.02 -15.03 3.19
CA ALA A 437 15.61 -16.24 3.90
C ALA A 437 16.44 -16.44 5.16
N HIS A 438 15.78 -16.45 6.31
CA HIS A 438 16.40 -16.64 7.62
C HIS A 438 16.30 -18.09 8.06
N ARG A 439 16.60 -18.33 9.36
CA ARG A 439 16.76 -19.68 9.89
C ARG A 439 16.21 -19.76 11.33
N VAL A 440 14.89 -19.99 11.44
CA VAL A 440 14.01 -19.86 12.61
C VAL A 440 14.56 -20.32 13.95
N ARG A 441 14.46 -19.48 14.97
CA ARG A 441 14.70 -19.84 16.37
C ARG A 441 13.51 -19.36 17.19
N VAL A 442 13.01 -20.20 18.10
CA VAL A 442 11.70 -19.99 18.72
C VAL A 442 11.86 -19.60 20.19
N MET A 443 11.25 -18.45 20.56
CA MET A 443 11.37 -17.82 21.88
C MET A 443 10.02 -17.28 22.35
N PRO A 444 9.67 -17.46 23.63
CA PRO A 444 8.32 -17.08 24.09
C PRO A 444 8.20 -15.60 24.43
N TYR A 445 7.52 -14.85 23.55
CA TYR A 445 6.88 -13.53 23.74
C TYR A 445 6.08 -13.24 22.48
N ARG A 446 5.69 -12.00 22.23
CA ARG A 446 4.87 -11.69 21.06
C ARG A 446 5.54 -10.79 20.04
N THR A 447 6.86 -10.84 19.88
CA THR A 447 7.53 -9.98 18.90
C THR A 447 8.50 -10.79 18.05
N PHE A 448 8.59 -10.44 16.76
CA PHE A 448 9.69 -10.91 15.93
C PHE A 448 10.97 -10.25 16.40
N ARG A 449 11.99 -11.04 16.67
CA ARG A 449 13.29 -10.49 17.01
C ARG A 449 14.21 -10.52 15.81
N LEU A 450 15.26 -9.70 15.86
CA LEU A 450 16.05 -9.45 14.67
C LEU A 450 17.39 -8.84 15.06
N ASN A 451 18.48 -9.47 14.62
CA ASN A 451 19.84 -9.03 14.96
C ASN A 451 20.12 -7.64 14.39
N LEU A 452 20.68 -6.79 15.25
CA LEU A 452 20.98 -5.40 14.94
C LEU A 452 21.81 -5.11 13.68
N PRO A 453 22.85 -5.88 13.29
CA PRO A 453 23.53 -5.55 12.03
C PRO A 453 22.69 -5.77 10.80
N VAL A 454 21.67 -6.64 10.83
CA VAL A 454 20.79 -6.73 9.67
C VAL A 454 19.65 -5.75 9.92
N CYS A 455 19.95 -4.47 9.82
CA CYS A 455 18.97 -3.42 9.68
C CYS A 455 19.53 -2.17 8.98
N PRO A 456 20.40 -2.28 7.98
CA PRO A 456 20.30 -1.41 6.81
C PRO A 456 19.70 -2.02 5.55
N PRO A 457 19.58 -3.35 5.38
CA PRO A 457 18.79 -3.79 4.21
C PRO A 457 17.31 -3.52 4.32
N TYR A 458 16.73 -3.78 5.48
CA TYR A 458 15.30 -3.60 5.64
C TYR A 458 14.93 -2.13 5.78
N ASN A 459 15.92 -1.27 6.08
CA ASN A 459 15.74 0.17 6.30
C ASN A 459 14.72 0.44 7.41
N ALA A 460 14.85 -0.32 8.49
CA ALA A 460 13.89 -0.27 9.56
C ALA A 460 14.48 0.42 10.78
N ASP A 461 13.63 0.65 11.76
CA ASP A 461 13.99 1.09 13.08
C ASP A 461 12.99 0.42 14.01
N PHE A 462 13.11 0.65 15.30
CA PHE A 462 12.35 -0.15 16.24
C PHE A 462 11.29 0.66 16.97
N ASP A 463 10.70 1.66 16.32
CA ASP A 463 9.62 2.43 16.93
C ASP A 463 8.26 1.90 16.47
N GLY A 464 8.03 0.62 16.73
CA GLY A 464 6.77 -0.03 16.44
C GLY A 464 6.47 -0.19 14.97
N ASP A 465 7.31 -0.94 14.26
CA ASP A 465 7.11 -1.22 12.85
C ASP A 465 6.47 -2.59 12.73
N GLU A 466 6.31 -3.07 11.50
CA GLU A 466 5.64 -4.34 11.23
C GLU A 466 6.36 -5.09 10.12
N MET A 467 6.84 -6.29 10.42
CA MET A 467 7.53 -7.16 9.49
C MET A 467 6.77 -8.47 9.38
N ASN A 468 6.63 -8.98 8.15
CA ASN A 468 5.85 -10.18 7.89
C ASN A 468 6.70 -11.30 7.30
N LEU A 469 6.60 -12.49 7.89
CA LEU A 469 7.23 -13.69 7.35
C LEU A 469 6.20 -14.56 6.66
N HIS A 470 6.66 -15.36 5.70
CA HIS A 470 5.80 -16.36 5.06
C HIS A 470 6.60 -17.59 4.66
N VAL A 471 6.23 -18.71 5.26
CA VAL A 471 6.90 -20.02 5.11
C VAL A 471 6.75 -20.53 3.69
N PRO A 472 7.80 -21.00 3.04
CA PRO A 472 7.65 -21.78 1.81
C PRO A 472 7.53 -23.26 2.12
N GLN A 473 6.79 -23.98 1.29
CA GLN A 473 6.34 -25.32 1.67
C GLN A 473 6.90 -26.47 0.82
N THR A 474 6.70 -26.46 -0.49
CA THR A 474 7.07 -27.63 -1.30
C THR A 474 8.58 -27.77 -1.36
N GLU A 475 9.04 -29.02 -1.51
CA GLU A 475 10.44 -29.35 -1.28
C GLU A 475 11.35 -28.81 -2.38
N GLU A 476 10.79 -28.40 -3.51
CA GLU A 476 11.61 -27.71 -4.50
C GLU A 476 11.73 -26.23 -4.18
N ALA A 477 10.67 -25.61 -3.69
CA ALA A 477 10.70 -24.19 -3.40
C ALA A 477 11.36 -23.87 -2.07
N GLN A 478 11.71 -24.88 -1.29
CA GLN A 478 12.32 -24.70 0.02
C GLN A 478 13.83 -24.86 -0.03
N ALA A 479 14.34 -25.80 -0.82
CA ALA A 479 15.78 -25.90 -1.03
C ALA A 479 16.29 -24.85 -1.99
N GLU A 480 15.39 -24.20 -2.72
CA GLU A 480 15.75 -23.01 -3.46
C GLU A 480 15.90 -21.80 -2.54
N ALA A 481 15.08 -21.72 -1.49
CA ALA A 481 15.16 -20.59 -0.57
C ALA A 481 16.43 -20.61 0.25
N LYS A 482 16.96 -21.80 0.56
CA LYS A 482 18.09 -21.88 1.48
C LYS A 482 19.39 -21.58 0.76
N ILE A 483 19.52 -22.00 -0.49
CA ILE A 483 20.79 -21.85 -1.19
C ILE A 483 20.92 -20.44 -1.77
N LEU A 484 19.84 -19.88 -2.29
CA LEU A 484 19.93 -18.65 -3.05
C LEU A 484 19.61 -17.39 -2.25
N MET A 485 19.01 -17.51 -1.07
CA MET A 485 18.48 -16.32 -0.39
C MET A 485 18.95 -16.12 1.05
N GLU A 486 19.90 -16.88 1.55
CA GLU A 486 20.33 -16.65 2.92
C GLU A 486 21.10 -15.34 3.06
N VAL A 487 21.18 -14.87 4.30
CA VAL A 487 21.65 -13.51 4.61
C VAL A 487 23.10 -13.32 4.22
N GLN A 488 23.94 -14.33 4.46
CA GLN A 488 25.37 -14.12 4.29
C GLN A 488 25.78 -13.98 2.84
N ASN A 489 24.95 -14.40 1.89
CA ASN A 489 25.25 -14.11 0.50
C ASN A 489 25.03 -12.65 0.14
N HIS A 490 24.33 -11.88 0.99
CA HIS A 490 23.97 -10.51 0.70
C HIS A 490 24.71 -9.50 1.56
N ILE A 491 25.99 -9.74 1.84
CA ILE A 491 26.72 -8.83 2.70
C ILE A 491 27.18 -7.60 1.93
N ILE A 492 27.36 -7.71 0.63
CA ILE A 492 27.61 -6.54 -0.20
C ILE A 492 26.43 -6.34 -1.13
N SER A 493 26.30 -5.12 -1.67
CA SER A 493 25.10 -4.70 -2.36
C SER A 493 25.38 -4.43 -3.83
N PRO A 494 24.39 -4.62 -4.71
CA PRO A 494 24.63 -4.44 -6.14
C PRO A 494 24.59 -3.00 -6.62
N ARG A 495 24.38 -2.03 -5.73
CA ARG A 495 24.32 -0.65 -6.19
C ARG A 495 25.68 0.01 -6.19
N TYR A 496 26.56 -0.38 -5.27
CA TYR A 496 27.87 0.27 -5.18
C TYR A 496 29.01 -0.63 -4.75
N GLY A 497 28.82 -1.93 -4.62
CA GLY A 497 29.91 -2.80 -4.21
C GLY A 497 30.19 -2.86 -2.71
N GLY A 498 30.14 -1.74 -2.02
CA GLY A 498 30.40 -1.64 -0.60
C GLY A 498 29.47 -2.47 0.27
N PRO A 499 29.90 -2.77 1.49
CA PRO A 499 29.08 -3.60 2.37
C PRO A 499 27.87 -2.86 2.88
N LEU A 500 26.80 -3.61 3.10
CA LEU A 500 25.52 -3.08 3.52
C LEU A 500 25.12 -3.60 4.89
N ILE A 501 25.13 -4.91 5.07
CA ILE A 501 24.96 -5.50 6.38
C ILE A 501 26.25 -5.31 7.17
N ALA A 502 26.28 -4.32 8.06
CA ALA A 502 27.51 -4.02 8.79
C ALA A 502 27.15 -3.39 10.12
N GLY A 503 28.14 -2.79 10.77
CA GLY A 503 27.94 -2.25 12.10
C GLY A 503 27.19 -0.93 12.12
N ILE A 504 26.54 -0.67 13.25
CA ILE A 504 25.72 0.52 13.46
C ILE A 504 26.15 1.18 14.76
N GLN A 505 25.30 2.07 15.28
CA GLN A 505 25.53 3.05 16.35
C GLN A 505 26.46 2.69 17.51
N ASP A 506 26.23 1.57 18.20
CA ASP A 506 27.14 1.18 19.28
C ASP A 506 28.36 0.44 18.76
N HIS A 507 28.24 -0.23 17.62
CA HIS A 507 29.33 -1.06 17.12
C HIS A 507 30.51 -0.24 16.65
N ILE A 508 30.29 1.04 16.31
CA ILE A 508 31.33 1.95 15.90
C ILE A 508 31.94 2.60 17.12
N SER A 509 31.11 3.26 17.91
CA SER A 509 31.57 4.02 19.06
C SER A 509 32.00 3.17 20.23
N GLY A 510 31.67 1.88 20.24
CA GLY A 510 32.32 0.98 21.16
C GLY A 510 33.73 0.65 20.72
N GLY A 511 33.96 0.57 19.41
CA GLY A 511 35.24 0.19 18.88
C GLY A 511 36.29 1.27 19.01
N TYR A 512 35.87 2.52 19.22
CA TYR A 512 36.84 3.57 19.53
C TYR A 512 37.34 3.47 20.96
N LEU A 513 36.51 3.02 21.90
CA LEU A 513 36.96 2.92 23.28
C LEU A 513 37.85 1.72 23.52
N LEU A 514 37.87 0.77 22.59
CA LEU A 514 38.70 -0.41 22.71
C LEU A 514 40.10 -0.17 22.19
N THR A 515 40.24 0.67 21.16
CA THR A 515 41.52 0.90 20.51
C THR A 515 42.12 2.28 20.78
N ARG A 516 41.65 2.99 21.82
CA ARG A 516 42.33 4.22 22.22
C ARG A 516 43.67 3.90 22.87
N GLU A 517 44.60 4.84 22.74
CA GLU A 517 45.87 4.71 23.45
C GLU A 517 45.60 5.03 24.91
N GLY A 518 45.57 4.00 25.74
CA GLY A 518 45.26 4.14 27.15
C GLY A 518 44.08 3.31 27.57
N ALA A 519 43.80 2.24 26.83
CA ALA A 519 42.62 1.40 27.04
C ALA A 519 42.94 0.12 27.79
N TYR A 520 43.85 0.18 28.76
CA TYR A 520 44.47 -1.00 29.34
C TYR A 520 43.49 -1.78 30.22
N PHE A 521 43.08 -2.95 29.77
CA PHE A 521 42.21 -3.83 30.53
C PHE A 521 43.00 -4.70 31.48
N THR A 522 42.43 -4.95 32.66
CA THR A 522 43.03 -5.82 33.65
C THR A 522 42.79 -7.28 33.30
N ARG A 523 43.19 -8.20 34.20
CA ARG A 523 43.19 -9.63 33.89
C ARG A 523 41.79 -10.21 33.90
N TYR A 524 40.94 -9.77 34.84
CA TYR A 524 39.58 -10.28 34.90
C TYR A 524 38.75 -9.82 33.72
N GLU A 525 38.94 -8.59 33.27
CA GLU A 525 38.13 -8.07 32.19
C GLU A 525 38.54 -8.58 30.81
N VAL A 526 39.79 -9.01 30.62
CA VAL A 526 40.17 -9.63 29.34
C VAL A 526 39.55 -11.00 29.24
N GLU A 527 39.67 -11.76 30.31
CA GLU A 527 39.26 -13.15 30.36
C GLU A 527 37.74 -13.29 30.31
N GLN A 528 37.03 -12.29 30.84
CA GLN A 528 35.58 -12.31 30.82
C GLN A 528 35.02 -12.03 29.44
N MET A 529 35.68 -11.15 28.67
CA MET A 529 35.13 -10.73 27.39
C MET A 529 35.45 -11.70 26.27
N LEU A 530 36.52 -12.49 26.39
CA LEU A 530 36.79 -13.50 25.39
C LEU A 530 35.81 -14.66 25.47
N MET A 531 35.19 -14.86 26.62
CA MET A 531 34.14 -15.87 26.73
C MET A 531 32.84 -15.38 26.15
N PHE A 532 32.60 -14.08 26.18
CA PHE A 532 31.32 -13.52 25.77
C PHE A 532 31.26 -13.30 24.28
N ALA A 533 32.40 -13.05 23.65
CA ALA A 533 32.42 -12.85 22.20
C ALA A 533 32.73 -14.15 21.48
N GLY A 534 32.03 -15.22 21.82
CA GLY A 534 32.03 -16.40 20.97
C GLY A 534 33.27 -17.27 20.96
N MET A 535 34.45 -16.65 20.86
CA MET A 535 35.67 -17.36 20.49
C MET A 535 36.12 -18.34 21.56
N ASP A 536 37.02 -19.23 21.16
CA ASP A 536 37.22 -20.53 21.81
C ASP A 536 38.63 -20.78 22.31
N VAL A 537 39.49 -19.75 22.35
CA VAL A 537 40.94 -19.93 22.49
C VAL A 537 41.31 -20.64 23.80
N ASN A 538 42.45 -21.33 23.79
CA ASN A 538 42.94 -22.02 24.97
C ASN A 538 43.63 -21.03 25.90
N GLU A 539 44.42 -21.53 26.84
CA GLU A 539 45.05 -20.63 27.83
C GLU A 539 46.16 -19.77 27.24
N LEU A 540 45.81 -18.91 26.29
CA LEU A 540 46.75 -17.95 25.72
C LEU A 540 46.15 -16.54 25.64
N PRO A 541 45.87 -15.88 26.76
CA PRO A 541 45.63 -14.43 26.69
C PRO A 541 46.93 -13.64 26.68
N GLU A 542 48.05 -14.34 26.77
CA GLU A 542 49.44 -13.97 27.01
C GLU A 542 49.92 -12.87 26.07
N PRO A 543 51.02 -12.13 26.40
CA PRO A 543 51.93 -12.19 27.55
C PRO A 543 52.02 -11.03 28.56
N ASP A 544 50.92 -10.35 28.93
CA ASP A 544 50.94 -9.28 29.94
C ASP A 544 51.91 -8.16 29.58
N LYS A 545 51.54 -7.40 28.55
CA LYS A 545 52.52 -6.66 27.76
C LYS A 545 53.12 -5.48 28.53
N TYR A 546 52.33 -4.79 29.35
CA TYR A 546 52.81 -3.68 30.16
C TYR A 546 52.56 -3.98 31.64
N GLU A 547 53.54 -4.59 32.29
CA GLU A 547 53.49 -4.86 33.71
C GLU A 547 53.91 -3.70 34.58
N ASN A 548 53.91 -2.47 34.05
CA ASN A 548 54.49 -1.32 34.74
C ASN A 548 53.76 -1.01 36.05
N GLY A 549 52.44 -0.92 36.00
CA GLY A 549 51.66 -0.87 37.23
C GLY A 549 51.40 -2.24 37.80
N GLU A 550 50.70 -3.06 37.04
CA GLU A 550 50.26 -4.39 37.43
C GLU A 550 50.26 -5.25 36.19
N PRO A 551 50.20 -6.60 36.32
CA PRO A 551 50.19 -7.43 35.11
C PRO A 551 48.89 -7.40 34.33
N LEU A 552 48.79 -6.43 33.42
CA LEU A 552 47.58 -6.23 32.63
C LEU A 552 47.93 -5.96 31.17
N TRP A 553 47.02 -6.33 30.28
CA TRP A 553 47.21 -6.35 28.83
C TRP A 553 46.96 -4.99 28.21
N SER A 554 47.04 -4.96 26.88
CA SER A 554 46.74 -3.79 26.09
C SER A 554 45.47 -4.01 25.29
N GLY A 555 45.02 -2.94 24.63
CA GLY A 555 43.76 -2.99 23.92
C GLY A 555 43.87 -3.44 22.48
N LYS A 556 45.06 -3.33 21.90
CA LYS A 556 45.24 -3.72 20.51
C LYS A 556 45.16 -5.23 20.35
N THR A 557 45.78 -5.98 21.27
CA THR A 557 45.91 -7.41 21.08
C THR A 557 44.63 -8.17 21.40
N ILE A 558 43.67 -7.55 22.09
CA ILE A 558 42.38 -8.23 22.26
C ILE A 558 41.59 -8.11 20.97
N PHE A 559 41.81 -7.05 20.21
CA PHE A 559 41.23 -6.95 18.88
C PHE A 559 41.98 -7.81 17.87
N SER A 560 43.24 -8.15 18.13
CA SER A 560 44.05 -8.95 17.22
C SER A 560 43.95 -10.44 17.51
N LEU A 561 42.86 -10.90 18.09
CA LEU A 561 42.53 -12.31 18.13
C LEU A 561 41.42 -12.68 17.16
N LEU A 562 40.78 -11.70 16.53
CA LEU A 562 39.63 -11.98 15.68
C LEU A 562 39.99 -12.08 14.22
N LEU A 563 41.05 -11.60 13.85
CA LEU A 563 41.52 -11.52 12.49
C LEU A 563 42.22 -12.80 12.07
N PRO A 564 42.11 -13.17 10.80
CA PRO A 564 42.88 -14.31 10.28
C PRO A 564 44.37 -14.01 10.25
N ASP A 565 45.16 -15.06 10.10
CA ASP A 565 46.58 -15.01 10.44
C ASP A 565 47.47 -14.36 9.38
N ASP A 566 46.95 -13.94 8.23
CA ASP A 566 47.84 -13.38 7.21
C ASP A 566 47.18 -12.20 6.49
N LEU A 567 46.57 -11.30 7.27
CA LEU A 567 46.10 -10.03 6.73
C LEU A 567 47.26 -9.06 6.57
N THR A 568 47.10 -8.13 5.63
CA THR A 568 48.03 -7.00 5.51
C THR A 568 47.24 -5.85 4.86
N ILE A 569 46.85 -4.89 5.69
CA ILE A 569 46.06 -3.75 5.22
C ILE A 569 46.57 -2.51 5.93
N TRP A 570 46.56 -1.38 5.21
CA TRP A 570 46.94 -0.10 5.78
C TRP A 570 46.22 1.04 5.07
N TYR A 571 45.53 1.85 5.86
CA TYR A 571 44.69 2.94 5.37
C TYR A 571 44.53 3.96 6.49
N ARG A 572 44.08 5.15 6.12
CA ARG A 572 43.90 6.28 7.03
C ARG A 572 42.41 6.56 7.19
N ASN A 573 41.97 6.88 8.41
CA ASN A 573 40.53 6.98 8.66
C ASN A 573 40.16 8.38 9.17
N LYS A 574 38.90 8.51 9.62
CA LYS A 574 38.22 9.79 9.79
C LYS A 574 38.80 10.65 10.90
N LEU A 575 39.52 10.07 11.85
CA LEU A 575 39.97 10.78 13.04
C LEU A 575 41.27 11.54 12.83
N CYS A 576 41.75 11.65 11.60
CA CYS A 576 43.08 12.20 11.35
C CYS A 576 43.05 13.72 11.50
N ASP A 577 43.63 14.21 12.60
CA ASP A 577 43.69 15.64 12.87
C ASP A 577 45.06 16.24 12.64
N GLU A 578 46.08 15.41 12.41
CA GLU A 578 47.44 15.88 12.17
C GLU A 578 48.02 15.09 11.01
N PRO A 579 48.00 15.65 9.79
CA PRO A 579 48.42 14.88 8.62
C PRO A 579 49.92 14.69 8.55
N GLU A 580 50.71 15.47 9.28
CA GLU A 580 52.16 15.37 9.20
C GLU A 580 52.69 14.13 9.92
N ARG A 581 52.07 13.73 11.03
CA ARG A 581 52.59 12.61 11.79
C ARG A 581 52.16 11.25 11.21
N CYS A 582 51.29 11.26 10.19
CA CYS A 582 51.04 10.05 9.41
C CYS A 582 52.15 9.79 8.39
N GLU A 583 52.60 10.86 7.71
CA GLU A 583 53.69 10.86 6.71
C GLU A 583 54.88 9.98 7.07
N ALA A 584 55.49 10.27 8.23
CA ALA A 584 56.60 9.50 8.78
C ALA A 584 56.34 8.00 8.79
N LEU A 585 55.18 7.60 9.31
CA LEU A 585 54.78 6.18 9.31
C LEU A 585 54.68 5.62 7.90
N GLU A 586 54.01 6.35 7.00
CA GLU A 586 53.84 5.91 5.60
C GLU A 586 55.18 5.70 4.89
N LYS A 587 56.09 6.68 5.02
CA LYS A 587 57.39 6.64 4.33
C LYS A 587 58.21 5.41 4.71
N LEU A 588 58.31 5.12 6.01
CA LEU A 588 59.08 3.97 6.47
C LEU A 588 58.50 2.65 5.98
N ILE A 589 57.17 2.51 6.01
CA ILE A 589 56.48 1.28 5.66
C ILE A 589 56.73 0.92 4.19
N GLU A 590 56.65 1.91 3.30
CA GLU A 590 56.76 1.69 1.86
C GLU A 590 58.16 1.26 1.41
N GLU A 591 59.21 1.59 2.17
CA GLU A 591 60.55 1.20 1.76
C GLU A 591 61.04 -0.09 2.38
N LYS A 592 60.62 -0.38 3.62
CA LYS A 592 61.08 -1.54 4.36
C LYS A 592 59.92 -2.49 4.66
N LEU A 593 59.19 -2.94 3.62
CA LEU A 593 58.01 -3.82 3.61
C LEU A 593 57.65 -4.63 4.86
N ILE A 594 58.65 -5.11 5.60
CA ILE A 594 58.45 -5.87 6.83
C ILE A 594 59.53 -5.38 7.80
N PRO A 595 59.21 -4.40 8.65
CA PRO A 595 60.11 -4.05 9.74
C PRO A 595 59.80 -4.87 10.98
N ASP A 596 60.45 -4.58 12.09
CA ASP A 596 60.06 -5.41 13.23
C ASP A 596 58.89 -4.77 13.98
N PRO A 597 57.90 -5.58 14.38
CA PRO A 597 56.71 -5.01 15.03
C PRO A 597 56.96 -4.39 16.40
N GLU A 598 58.13 -4.54 16.98
CA GLU A 598 58.38 -3.99 18.31
C GLU A 598 58.95 -2.57 18.25
N GLU A 599 60.20 -2.47 17.79
CA GLU A 599 60.98 -1.24 17.80
C GLU A 599 60.37 -0.03 17.09
N VAL A 600 60.39 -0.05 15.76
CA VAL A 600 60.00 1.14 14.99
C VAL A 600 58.51 1.43 15.05
N ARG A 601 57.67 0.41 15.16
CA ARG A 601 56.23 0.57 15.13
C ARG A 601 55.64 1.23 16.37
N LYS A 602 56.43 1.43 17.43
CA LYS A 602 55.97 2.21 18.59
C LYS A 602 56.36 3.68 18.44
N LEU A 603 56.24 4.15 17.20
CA LEU A 603 56.28 5.54 16.78
C LEU A 603 54.93 5.89 16.17
N ALA A 604 53.99 4.93 16.24
CA ALA A 604 52.59 4.99 15.82
C ALA A 604 51.78 6.22 16.19
N TYR A 605 50.60 6.30 15.56
CA TYR A 605 49.65 7.40 15.61
C TYR A 605 48.32 6.78 16.04
N ASP A 606 47.25 7.58 16.07
CA ASP A 606 45.93 7.05 16.38
C ASP A 606 44.94 7.27 15.25
N GLY A 607 45.45 7.39 14.03
CA GLY A 607 44.61 7.62 12.88
C GLY A 607 45.13 6.94 11.64
N PHE A 608 46.05 6.00 11.80
CA PHE A 608 46.61 5.24 10.68
C PHE A 608 46.52 3.77 11.06
N VAL A 609 45.50 3.08 10.55
CA VAL A 609 45.32 1.66 10.86
C VAL A 609 46.34 0.85 10.08
N TYR A 610 47.10 0.01 10.78
CA TYR A 610 48.08 -0.86 10.14
C TYR A 610 48.10 -2.22 10.82
N ILE A 611 47.64 -3.25 10.10
CA ILE A 611 47.59 -4.62 10.57
C ILE A 611 48.51 -5.47 9.70
N GLN A 612 49.37 -6.28 10.32
CA GLN A 612 50.03 -7.32 9.54
C GLN A 612 49.97 -8.63 10.32
N ASN A 613 49.79 -9.72 9.56
CA ASN A 613 49.80 -11.10 10.06
C ASN A 613 48.80 -11.35 11.18
N GLY A 614 47.66 -10.66 11.13
CA GLY A 614 46.65 -10.77 12.16
C GLY A 614 47.12 -10.20 13.49
N LYS A 615 47.61 -8.96 13.44
CA LYS A 615 48.19 -8.32 14.61
C LYS A 615 48.13 -6.82 14.35
N LEU A 616 47.26 -6.12 15.07
CA LEU A 616 47.05 -4.68 14.83
C LEU A 616 48.14 -3.92 15.58
N LEU A 617 49.16 -3.48 14.84
CA LEU A 617 50.27 -2.78 15.47
C LEU A 617 49.93 -1.33 15.78
N SER A 618 49.16 -0.68 14.91
CA SER A 618 48.91 0.74 15.03
C SER A 618 47.57 1.09 14.42
N GLY A 619 46.70 1.73 15.18
CA GLY A 619 45.43 2.14 14.60
C GLY A 619 44.42 2.52 15.66
N ALA A 620 43.21 2.79 15.18
CA ALA A 620 42.08 3.14 16.02
C ALA A 620 40.82 2.90 15.20
N VAL A 621 39.98 1.98 15.65
CA VAL A 621 38.84 1.50 14.86
C VAL A 621 37.66 2.46 14.97
N ASP A 622 37.18 2.95 13.83
CA ASP A 622 36.00 3.81 13.74
C ASP A 622 35.21 3.36 12.53
N LYS A 623 34.31 4.22 12.03
CA LYS A 623 33.48 3.90 10.87
C LYS A 623 34.28 4.04 9.57
N LYS A 624 35.30 3.20 9.47
CA LYS A 624 35.99 2.91 8.22
C LYS A 624 36.34 1.43 8.22
N ALA A 625 35.82 0.68 9.19
CA ALA A 625 36.02 -0.76 9.27
C ALA A 625 34.69 -1.50 9.34
N TYR A 626 33.59 -0.77 9.43
CA TYR A 626 32.24 -1.32 9.43
C TYR A 626 31.39 -0.31 8.69
N GLY A 627 30.09 -0.36 8.91
CA GLY A 627 29.32 0.81 8.56
C GLY A 627 28.44 0.57 7.35
N ARG A 628 27.37 1.34 7.28
CA ARG A 628 26.37 1.15 6.25
C ARG A 628 26.90 1.55 4.89
N GLU A 629 27.80 2.52 4.84
CA GLU A 629 28.56 2.84 3.66
C GLU A 629 29.95 2.22 3.87
N ASP A 630 30.84 2.37 2.88
CA ASP A 630 32.13 1.70 2.71
C ASP A 630 32.97 1.59 3.98
N GLY A 631 33.29 0.36 4.35
CA GLY A 631 34.28 0.12 5.38
C GLY A 631 35.22 -0.95 4.86
N LYS A 632 36.49 -0.59 4.68
CA LYS A 632 37.42 -1.49 4.00
C LYS A 632 38.21 -2.36 4.98
N LEU A 633 37.48 -2.98 5.89
CA LEU A 633 37.99 -4.11 6.66
C LEU A 633 36.98 -5.23 6.79
N LEU A 634 35.69 -4.96 6.55
CA LEU A 634 34.72 -5.98 6.23
C LEU A 634 34.67 -6.24 4.72
N ASP A 635 35.09 -5.27 3.93
CA ASP A 635 35.10 -5.41 2.48
C ASP A 635 36.17 -6.40 2.04
N ILE A 636 37.37 -6.33 2.63
CA ILE A 636 38.48 -7.13 2.14
C ILE A 636 38.51 -8.49 2.79
N ILE A 637 37.48 -8.82 3.56
CA ILE A 637 37.39 -10.13 4.19
C ILE A 637 36.35 -11.01 3.52
N VAL A 638 35.51 -10.47 2.64
CA VAL A 638 34.61 -11.30 1.85
C VAL A 638 35.16 -11.66 0.47
N ARG A 639 36.16 -10.93 -0.04
CA ARG A 639 36.73 -11.29 -1.33
C ARG A 639 37.97 -12.15 -1.20
N GLU A 640 38.45 -12.40 0.00
CA GLU A 640 39.66 -13.18 0.17
C GLU A 640 39.45 -14.44 0.98
N TYR A 641 38.54 -14.43 1.96
CA TYR A 641 38.36 -15.58 2.86
C TYR A 641 36.87 -15.93 2.83
N GLY A 642 36.45 -16.57 1.74
CA GLY A 642 35.08 -17.01 1.48
C GLY A 642 33.97 -16.06 1.87
N VAL A 643 32.89 -16.62 2.40
CA VAL A 643 31.75 -15.87 2.91
C VAL A 643 31.52 -16.34 4.32
N GLU A 644 31.50 -17.67 4.51
CA GLU A 644 31.23 -18.28 5.80
C GLU A 644 32.26 -17.93 6.88
N ARG A 645 33.44 -17.44 6.48
CA ARG A 645 34.34 -16.87 7.48
C ARG A 645 33.85 -15.51 7.93
N ALA A 646 33.37 -14.69 7.00
CA ALA A 646 32.96 -13.33 7.33
C ALA A 646 31.58 -13.24 7.97
N ARG A 647 30.88 -14.35 8.19
CA ARG A 647 29.71 -14.27 9.04
C ARG A 647 30.08 -14.48 10.50
N GLN A 648 31.27 -15.02 10.78
CA GLN A 648 31.71 -15.16 12.15
C GLN A 648 32.80 -14.15 12.50
N PHE A 649 33.20 -13.31 11.54
CA PHE A 649 33.93 -12.12 11.93
C PHE A 649 32.96 -11.07 12.44
N LEU A 650 31.82 -10.96 11.80
CA LEU A 650 30.80 -9.98 12.17
C LEU A 650 29.96 -10.45 13.35
N ASP A 651 30.01 -11.73 13.67
CA ASP A 651 29.30 -12.25 14.82
C ASP A 651 30.12 -12.16 16.10
N GLN A 652 31.45 -12.14 15.98
CA GLN A 652 32.32 -11.98 17.13
C GLN A 652 32.72 -10.54 17.40
N VAL A 653 32.83 -9.70 16.36
CA VAL A 653 33.09 -8.27 16.56
C VAL A 653 31.94 -7.63 17.32
N THR A 654 30.71 -7.91 16.92
CA THR A 654 29.52 -7.28 17.47
C THR A 654 29.38 -7.55 18.96
N LYS A 655 29.66 -8.76 19.40
CA LYS A 655 29.47 -9.04 20.81
C LYS A 655 30.67 -8.60 21.64
N LEU A 656 31.86 -8.57 21.05
CA LEU A 656 33.02 -8.01 21.74
C LEU A 656 32.89 -6.51 21.94
N THR A 657 32.35 -5.80 20.94
CA THR A 657 32.36 -4.34 20.96
C THR A 657 31.30 -3.77 21.89
N ILE A 658 30.12 -4.39 21.95
CA ILE A 658 29.09 -3.93 22.86
C ILE A 658 29.45 -4.24 24.31
N TRP A 659 30.38 -5.17 24.55
CA TRP A 659 30.82 -5.43 25.92
C TRP A 659 31.55 -4.24 26.52
N VAL A 660 32.54 -3.71 25.79
CA VAL A 660 33.35 -2.64 26.36
C VAL A 660 32.54 -1.35 26.47
N ILE A 661 31.57 -1.12 25.59
CA ILE A 661 30.72 0.07 25.71
C ILE A 661 29.70 -0.08 26.83
N THR A 662 29.48 -1.29 27.33
CA THR A 662 28.57 -1.50 28.45
C THR A 662 29.26 -1.22 29.78
N HIS A 663 30.42 -1.83 30.02
CA HIS A 663 31.10 -1.75 31.30
C HIS A 663 32.17 -0.66 31.33
N LYS A 664 31.98 0.43 30.56
CA LYS A 664 32.84 1.59 30.64
C LYS A 664 32.05 2.89 30.73
N GLY A 665 30.74 2.86 30.50
CA GLY A 665 29.91 4.04 30.65
C GLY A 665 29.99 4.96 29.46
N PHE A 666 28.85 5.37 28.92
CA PHE A 666 28.85 6.27 27.78
C PHE A 666 27.69 7.27 27.88
N THR A 667 27.50 7.85 29.06
CA THR A 667 26.48 8.88 29.27
C THR A 667 26.78 10.15 28.48
N THR A 668 25.75 11.00 28.33
CA THR A 668 25.93 12.33 27.72
C THR A 668 24.90 13.31 28.32
N ALA A 669 25.35 14.03 29.35
CA ALA A 669 24.52 14.95 30.13
C ALA A 669 24.37 16.32 29.49
N ILE A 670 23.93 17.30 30.29
CA ILE A 670 23.65 18.63 29.78
C ILE A 670 24.90 19.50 29.72
N ASP A 671 25.97 19.15 30.44
CA ASP A 671 27.16 20.00 30.46
C ASP A 671 28.01 19.82 29.21
N ASP A 672 27.66 18.88 28.33
CA ASP A 672 28.42 18.66 27.12
C ASP A 672 28.26 19.80 26.14
N GLU A 673 27.21 20.60 26.27
CA GLU A 673 26.99 21.72 25.38
C GLU A 673 27.47 23.04 25.99
N ASP A 674 28.07 23.01 27.17
CA ASP A 674 28.30 24.23 27.92
C ASP A 674 29.64 24.85 27.58
N LEU A 675 29.65 26.17 27.44
CA LEU A 675 30.79 26.99 27.09
C LEU A 675 31.07 28.00 28.20
N PRO A 676 32.32 28.21 28.57
CA PRO A 676 32.63 29.25 29.56
C PRO A 676 32.47 30.64 28.98
N GLN A 677 32.42 31.62 29.90
CA GLN A 677 31.91 32.96 29.63
C GLN A 677 32.66 33.67 28.51
N GLU A 678 33.99 33.58 28.50
CA GLU A 678 34.76 34.33 27.53
C GLU A 678 34.64 33.74 26.13
N ALA A 679 34.31 32.46 26.02
CA ALA A 679 34.02 31.88 24.71
C ALA A 679 32.67 32.34 24.16
N ILE A 680 31.73 32.68 25.05
CA ILE A 680 30.43 33.16 24.60
C ILE A 680 30.55 34.58 24.06
N ASP A 681 31.42 35.38 24.66
CA ASP A 681 31.61 36.76 24.22
C ASP A 681 32.37 36.83 22.91
N ARG A 682 33.13 35.79 22.57
CA ARG A 682 33.73 35.67 21.24
C ARG A 682 32.66 35.56 20.17
N ILE A 683 31.52 34.93 20.49
CA ILE A 683 30.46 34.74 19.52
C ILE A 683 29.74 36.05 19.23
N HIS A 684 29.51 36.86 20.27
CA HIS A 684 28.70 38.07 20.14
C HIS A 684 29.38 39.16 19.32
N GLU A 685 30.69 39.15 19.20
CA GLU A 685 31.32 40.14 18.32
C GLU A 685 31.18 39.73 16.86
N ILE A 686 30.94 38.44 16.58
CA ILE A 686 30.64 38.03 15.22
C ILE A 686 29.23 38.45 14.84
N ILE A 687 28.27 38.28 15.75
CA ILE A 687 26.87 38.55 15.44
C ILE A 687 26.62 40.05 15.34
N ARG A 688 27.41 40.85 16.06
CA ARG A 688 27.19 42.29 16.01
C ARG A 688 27.67 42.88 14.69
N GLU A 689 28.89 42.58 14.27
CA GLU A 689 29.40 43.22 13.06
C GLU A 689 28.77 42.64 11.80
N ALA A 690 28.31 41.39 11.85
CA ALA A 690 27.57 40.85 10.72
C ALA A 690 26.20 41.50 10.59
N GLU A 691 25.61 41.92 11.71
CA GLU A 691 24.40 42.72 11.64
C GLU A 691 24.70 44.14 11.17
N GLU A 692 25.89 44.67 11.53
CA GLU A 692 26.28 46.01 11.07
C GLU A 692 26.52 46.03 9.57
N LYS A 693 27.01 44.93 9.00
CA LYS A 693 27.22 44.89 7.57
C LYS A 693 25.90 44.84 6.83
N VAL A 694 24.87 44.24 7.45
CA VAL A 694 23.54 44.21 6.86
C VAL A 694 22.90 45.59 6.91
N GLN A 695 23.05 46.29 8.03
CA GLN A 695 22.46 47.62 8.17
C GLN A 695 23.15 48.62 7.25
N ARG A 696 24.42 48.38 6.93
CA ARG A 696 25.10 49.23 5.96
C ARG A 696 24.63 48.92 4.54
N LEU A 697 24.42 47.64 4.22
CA LEU A 697 24.02 47.27 2.86
C LEU A 697 22.58 47.66 2.52
N ILE A 698 21.74 47.90 3.52
CA ILE A 698 20.42 48.45 3.24
C ILE A 698 20.54 49.91 2.82
N GLU A 699 21.44 50.64 3.47
CA GLU A 699 21.64 52.05 3.17
C GLU A 699 22.29 52.27 1.80
N ALA A 700 23.07 51.29 1.34
CA ALA A 700 23.67 51.40 0.01
C ALA A 700 22.63 51.26 -1.08
N TYR A 701 21.65 50.38 -0.89
CA TYR A 701 20.57 50.23 -1.86
C TYR A 701 19.57 51.38 -1.80
N LYS A 702 19.40 52.00 -0.64
CA LYS A 702 18.32 52.96 -0.49
C LYS A 702 18.67 54.34 -1.02
N ARG A 703 19.96 54.70 -1.03
CA ARG A 703 20.36 56.01 -1.53
C ARG A 703 20.95 55.97 -2.93
N GLY A 704 20.96 54.81 -3.59
CA GLY A 704 21.44 54.72 -4.95
C GLY A 704 22.93 54.46 -5.07
N GLU A 705 23.41 53.47 -4.33
CA GLU A 705 24.79 53.02 -4.43
C GLU A 705 24.76 51.53 -4.77
N LEU A 706 23.91 51.21 -5.74
CA LEU A 706 23.38 49.86 -6.01
C LEU A 706 24.47 48.80 -6.13
N GLU A 707 25.54 49.07 -6.91
CA GLU A 707 26.61 48.18 -7.32
C GLU A 707 26.01 46.89 -7.89
N PRO A 708 25.50 46.92 -9.12
CA PRO A 708 24.66 45.81 -9.60
C PRO A 708 25.45 44.71 -10.27
N LEU A 709 24.87 43.52 -10.20
CA LEU A 709 25.38 42.47 -11.07
C LEU A 709 24.70 42.58 -12.43
N PRO A 710 25.35 42.14 -13.52
CA PRO A 710 24.73 42.28 -14.84
C PRO A 710 23.52 41.39 -15.04
N GLY A 711 23.53 40.16 -14.51
CA GLY A 711 22.42 39.26 -14.76
C GLY A 711 21.18 39.63 -13.98
N LYS A 712 21.31 39.80 -12.68
CA LYS A 712 20.15 39.91 -11.79
C LYS A 712 19.70 41.36 -11.63
N THR A 713 18.48 41.51 -11.12
CA THR A 713 17.86 42.79 -10.79
C THR A 713 18.31 43.22 -9.39
N LEU A 714 18.10 44.51 -9.08
CA LEU A 714 18.61 45.13 -7.85
C LEU A 714 18.10 44.43 -6.59
N GLU A 715 16.86 43.96 -6.62
CA GLU A 715 16.35 43.21 -5.48
C GLU A 715 17.02 41.84 -5.38
N GLU A 716 17.35 41.23 -6.51
CA GLU A 716 17.94 39.91 -6.49
C GLU A 716 19.44 39.95 -6.24
N THR A 717 20.11 41.06 -6.56
CA THR A 717 21.50 41.24 -6.14
C THR A 717 21.58 41.46 -4.64
N LEU A 718 20.69 42.30 -4.11
CA LEU A 718 20.63 42.58 -2.67
C LEU A 718 20.47 41.31 -1.86
N GLU A 719 19.50 40.46 -2.22
CA GLU A 719 19.27 39.21 -1.49
C GLU A 719 20.48 38.28 -1.56
N SER A 720 21.17 38.26 -2.70
CA SER A 720 22.39 37.47 -2.86
C SER A 720 23.45 37.86 -1.83
N LYS A 721 23.89 39.12 -1.87
CA LYS A 721 24.91 39.64 -0.96
C LYS A 721 24.54 39.47 0.52
N ILE A 722 23.28 39.74 0.87
CA ILE A 722 22.83 39.64 2.26
C ILE A 722 22.98 38.22 2.79
N MET A 723 22.42 37.23 2.06
CA MET A 723 22.43 35.84 2.50
C MET A 723 23.84 35.29 2.68
N ALA A 724 24.76 35.66 1.80
CA ALA A 724 26.16 35.22 1.93
C ALA A 724 26.77 35.70 3.24
N VAL A 725 26.56 36.97 3.60
CA VAL A 725 27.01 37.51 4.88
C VAL A 725 26.43 36.71 6.05
N LEU A 726 25.12 36.43 6.00
CA LEU A 726 24.47 35.67 7.07
C LEU A 726 24.97 34.24 7.16
N ALA A 727 25.14 33.58 6.01
CA ALA A 727 25.64 32.20 5.96
C ALA A 727 27.02 32.06 6.60
N GLU A 728 28.03 32.72 6.02
CA GLU A 728 29.40 32.84 6.54
C GLU A 728 29.49 33.16 8.03
N ALA A 729 28.63 34.07 8.51
CA ALA A 729 28.57 34.42 9.92
C ALA A 729 28.25 33.20 10.79
N ARG A 730 27.38 32.31 10.33
CA ARG A 730 27.04 31.16 11.15
C ARG A 730 28.12 30.10 11.11
N ASP A 731 28.87 30.00 10.01
CA ASP A 731 29.98 29.06 9.95
C ASP A 731 31.20 29.57 10.71
N ASN A 732 31.40 30.89 10.73
CA ASN A 732 32.51 31.46 11.48
C ASN A 732 32.31 31.29 12.97
N ALA A 733 31.06 31.35 13.44
CA ALA A 733 30.76 31.10 14.83
C ALA A 733 30.70 29.61 15.14
N GLY A 734 30.48 28.79 14.12
CA GLY A 734 30.56 27.35 14.34
C GLY A 734 31.98 26.86 14.54
N LYS A 735 32.95 27.56 13.98
CA LYS A 735 34.35 27.18 14.13
C LYS A 735 34.89 27.57 15.50
N VAL A 736 34.34 28.63 16.11
CA VAL A 736 34.79 29.08 17.42
C VAL A 736 34.43 28.06 18.48
N ALA A 737 33.17 27.61 18.48
CA ALA A 737 32.73 26.61 19.44
C ALA A 737 33.43 25.27 19.22
N GLU A 738 33.53 24.84 17.95
CA GLU A 738 34.17 23.56 17.61
C GLU A 738 35.64 23.52 18.03
N ARG A 739 36.35 24.65 17.91
CA ARG A 739 37.74 24.71 18.32
C ARG A 739 37.88 24.59 19.84
N TYR A 740 36.84 24.99 20.57
CA TYR A 740 37.00 25.21 22.00
C TYR A 740 36.75 23.94 22.80
N LEU A 741 35.55 23.37 22.70
CA LEU A 741 35.19 22.25 23.55
C LEU A 741 35.90 21.00 23.04
N GLY A 742 36.50 20.26 23.96
CA GLY A 742 37.45 19.24 23.60
C GLY A 742 36.81 17.99 23.07
N MET A 743 37.64 17.13 22.50
CA MET A 743 37.22 15.83 22.01
C MET A 743 37.38 14.76 23.08
N ASN A 744 36.83 15.04 24.25
CA ASN A 744 36.93 14.14 25.38
C ASN A 744 35.62 13.98 26.15
N ASN A 745 34.55 14.65 25.72
CA ASN A 745 33.22 14.39 26.23
C ASN A 745 32.52 13.40 25.30
N HIS A 746 31.43 12.82 25.78
CA HIS A 746 30.80 11.77 24.98
C HIS A 746 29.68 12.33 24.10
N ALA A 747 30.00 13.40 23.39
CA ALA A 747 29.09 14.00 22.43
C ALA A 747 29.81 14.38 21.16
N VAL A 748 31.13 14.40 21.18
CA VAL A 748 31.94 14.61 20.00
C VAL A 748 32.61 13.31 19.56
N ILE A 749 32.80 12.36 20.48
CA ILE A 749 33.18 10.99 20.14
C ILE A 749 32.14 10.37 19.20
N MET A 750 30.87 10.65 19.45
CA MET A 750 29.78 10.23 18.60
C MET A 750 29.72 10.99 17.29
N ALA A 751 30.44 12.10 17.16
CA ALA A 751 30.37 12.93 15.95
C ALA A 751 31.59 12.81 15.05
N LYS A 752 32.79 12.67 15.61
CA LYS A 752 33.96 12.47 14.77
C LYS A 752 33.95 11.12 14.08
N THR A 753 33.80 10.05 14.86
CA THR A 753 33.77 8.70 14.32
C THR A 753 32.57 8.50 13.41
N GLY A 754 31.38 8.76 13.93
CA GLY A 754 30.18 8.76 13.12
C GLY A 754 29.25 7.66 13.52
N ALA A 755 28.29 8.03 14.36
CA ALA A 755 27.16 7.18 14.69
C ALA A 755 26.08 8.13 15.20
N ARG A 756 25.14 8.48 14.31
CA ARG A 756 24.08 9.44 14.57
C ARG A 756 24.63 10.78 15.06
N GLY A 757 25.30 11.48 14.16
CA GLY A 757 25.71 12.82 14.51
C GLY A 757 26.29 13.55 13.33
N LYS A 758 26.43 14.86 13.50
CA LYS A 758 27.25 15.68 12.63
C LYS A 758 28.09 16.59 13.52
N ILE A 759 28.83 17.51 12.93
CA ILE A 759 29.46 18.57 13.70
C ILE A 759 28.75 19.90 13.41
N LEU A 760 27.56 19.80 12.83
CA LEU A 760 26.67 20.94 12.63
C LEU A 760 25.70 21.09 13.80
N ASN A 761 24.99 20.02 14.13
CA ASN A 761 23.99 20.08 15.19
C ASN A 761 24.58 19.92 16.59
N ILE A 762 25.89 19.95 16.75
CA ILE A 762 26.48 20.18 18.07
C ILE A 762 27.00 21.61 18.19
N THR A 763 27.16 22.33 17.09
CA THR A 763 27.36 23.78 17.14
C THR A 763 26.12 24.54 16.70
N GLN A 764 24.99 23.85 16.61
CA GLN A 764 23.67 24.47 16.50
C GLN A 764 22.93 24.33 17.82
N MET A 765 23.68 24.15 18.89
CA MET A 765 23.14 23.90 20.22
C MET A 765 23.89 24.68 21.29
N ALA A 766 24.97 25.39 20.95
CA ALA A 766 25.60 26.33 21.85
C ALA A 766 26.05 27.58 21.12
N ALA A 767 25.38 27.91 20.03
CA ALA A 767 25.76 28.99 19.13
C ALA A 767 24.48 29.48 18.46
N MET A 768 24.61 30.09 17.29
CA MET A 768 23.47 30.50 16.47
C MET A 768 22.63 29.31 16.03
N LEU A 769 21.48 29.61 15.41
CA LEU A 769 20.79 28.62 14.61
C LEU A 769 20.76 29.03 13.15
N GLY A 770 21.62 29.96 12.75
CA GLY A 770 21.72 30.43 11.39
C GLY A 770 20.47 31.21 11.01
N GLN A 771 20.26 31.32 9.70
CA GLN A 771 19.05 31.95 9.18
C GLN A 771 17.93 30.90 9.15
N GLN A 772 16.80 31.26 8.55
CA GLN A 772 15.67 30.33 8.52
C GLN A 772 14.93 30.62 7.21
N SER A 773 15.28 29.88 6.17
CA SER A 773 14.86 30.20 4.81
C SER A 773 13.76 29.26 4.38
N ILE A 774 13.20 29.52 3.20
CA ILE A 774 12.18 28.64 2.66
C ILE A 774 12.33 28.58 1.13
N ARG A 775 12.77 27.42 0.62
CA ARG A 775 13.19 27.12 -0.75
C ARG A 775 14.02 28.19 -1.45
N GLY A 776 14.98 28.76 -0.73
CA GLY A 776 15.94 29.72 -1.27
C GLY A 776 15.61 31.16 -1.00
N LYS A 777 14.35 31.48 -0.80
CA LYS A 777 13.98 32.83 -0.39
C LYS A 777 14.03 32.95 1.12
N ARG A 778 14.22 34.18 1.59
CA ARG A 778 14.09 34.52 2.99
C ARG A 778 12.62 34.81 3.25
N LEU A 779 12.21 34.72 4.52
CA LEU A 779 10.79 34.75 4.86
C LEU A 779 10.16 36.10 4.52
N TYR A 780 9.16 36.07 3.64
CA TYR A 780 8.53 37.29 3.16
C TYR A 780 7.01 37.25 3.20
N ARG A 781 6.38 36.08 3.24
CA ARG A 781 4.93 36.02 3.24
C ARG A 781 4.38 36.51 4.58
N GLY A 782 3.28 37.26 4.51
CA GLY A 782 2.71 37.86 5.69
C GLY A 782 1.81 39.04 5.38
N TYR A 783 1.94 40.11 6.16
CA TYR A 783 1.13 41.29 5.99
C TYR A 783 1.68 42.14 4.84
N ARG A 784 1.16 43.36 4.68
CA ARG A 784 1.51 44.23 3.55
C ARG A 784 2.84 44.94 3.83
N GLY A 785 3.91 44.21 3.64
CA GLY A 785 5.25 44.78 3.71
C GLY A 785 5.97 44.56 5.02
N ARG A 786 5.53 43.60 5.82
CA ARG A 786 6.04 43.34 7.16
C ARG A 786 5.57 41.94 7.51
N VAL A 787 6.49 41.09 7.95
CA VAL A 787 6.15 39.67 8.10
C VAL A 787 5.25 39.48 9.30
N LEU A 788 5.73 39.82 10.48
CA LEU A 788 4.93 39.86 11.68
C LEU A 788 4.54 41.30 11.98
N THR A 789 3.51 41.47 12.79
CA THR A 789 3.10 42.83 13.17
C THR A 789 3.80 43.31 14.45
N HIS A 790 5.11 43.10 14.48
CA HIS A 790 5.97 43.58 15.55
C HIS A 790 7.10 44.39 14.95
N PHE A 791 7.11 44.55 13.65
CA PHE A 791 8.18 45.18 12.89
C PHE A 791 7.61 46.34 12.11
N LYS A 792 8.35 47.44 12.08
CA LYS A 792 7.93 48.58 11.27
C LYS A 792 8.09 48.20 9.79
N PRO A 793 7.09 48.49 8.95
CA PRO A 793 7.15 48.02 7.56
C PRO A 793 8.21 48.74 6.74
N GLY A 794 8.48 48.16 5.57
CA GLY A 794 9.55 48.64 4.71
C GLY A 794 10.91 48.43 5.34
N ASP A 795 11.18 47.23 5.81
CA ASP A 795 12.40 46.93 6.54
C ASP A 795 13.01 45.65 5.98
N LEU A 796 14.31 45.68 5.71
CA LEU A 796 15.02 44.53 5.19
C LEU A 796 16.17 44.11 6.12
N GLY A 797 16.07 44.43 7.41
CA GLY A 797 17.12 44.11 8.35
C GLY A 797 17.26 42.62 8.60
N ALA A 798 18.39 42.26 9.21
CA ALA A 798 18.66 40.86 9.52
C ALA A 798 17.73 40.34 10.60
N ARG A 799 17.63 41.07 11.71
CA ARG A 799 16.80 40.68 12.83
C ARG A 799 15.32 40.65 12.49
N ALA A 800 14.91 41.36 11.44
CA ALA A 800 13.51 41.57 11.13
C ALA A 800 12.99 40.71 9.99
N ARG A 801 13.84 40.01 9.27
CA ARG A 801 13.41 39.16 8.16
C ARG A 801 14.04 37.79 8.38
N GLY A 802 13.44 36.97 9.25
CA GLY A 802 13.84 35.59 9.43
C GLY A 802 15.29 35.29 9.75
N PHE A 803 15.79 35.66 10.92
CA PHE A 803 17.15 35.30 11.33
C PHE A 803 17.17 35.20 12.84
N VAL A 804 17.25 34.00 13.34
CA VAL A 804 17.30 33.77 14.77
C VAL A 804 18.73 33.92 15.25
N THR A 805 18.88 34.27 16.53
CA THR A 805 20.21 34.57 17.05
C THR A 805 20.40 34.03 18.47
N ASN A 806 19.61 33.06 18.88
CA ASN A 806 19.74 32.45 20.19
C ASN A 806 19.78 30.96 20.00
N SER A 807 20.39 30.26 20.94
CA SER A 807 20.65 28.84 20.79
C SER A 807 19.41 28.02 21.08
N TYR A 808 19.60 26.70 21.15
CA TYR A 808 18.66 25.79 21.76
C TYR A 808 18.96 25.59 23.22
N LYS A 809 19.69 26.51 23.84
CA LYS A 809 19.98 26.43 25.25
C LYS A 809 19.66 27.77 25.91
N SER A 810 19.88 28.86 25.19
CA SER A 810 19.66 30.20 25.72
C SER A 810 18.30 30.78 25.34
N GLY A 811 17.35 29.96 24.93
CA GLY A 811 15.96 30.37 24.82
C GLY A 811 15.64 31.17 23.57
N LEU A 812 14.59 30.79 22.84
CA LEU A 812 14.12 31.58 21.70
C LEU A 812 12.99 32.52 22.12
N THR A 813 13.14 33.82 21.78
CA THR A 813 12.18 34.90 21.99
C THR A 813 11.08 34.83 20.92
N PRO A 814 9.84 35.32 21.20
CA PRO A 814 8.67 34.87 20.41
C PRO A 814 8.64 35.25 18.93
N GLN A 815 9.45 36.19 18.45
CA GLN A 815 9.54 36.33 17.00
C GLN A 815 10.37 35.21 16.41
N GLU A 816 11.40 34.77 17.11
CA GLU A 816 12.28 33.72 16.60
C GLU A 816 11.61 32.36 16.58
N TYR A 817 10.72 32.08 17.54
CA TYR A 817 10.02 30.81 17.55
C TYR A 817 9.02 30.69 16.41
N PHE A 818 8.29 31.77 16.12
CA PHE A 818 7.32 31.73 15.03
C PHE A 818 8.02 31.79 13.68
N PHE A 819 9.23 32.36 13.64
CA PHE A 819 10.06 32.23 12.44
C PHE A 819 10.55 30.81 12.28
N HIS A 820 10.67 30.07 13.39
CA HIS A 820 11.20 28.73 13.36
C HIS A 820 10.15 27.67 12.99
N ALA A 821 8.87 27.95 13.23
CA ALA A 821 7.84 27.04 12.76
C ALA A 821 7.65 27.16 11.26
N MET A 822 7.92 28.33 10.69
CA MET A 822 7.80 28.52 9.25
C MET A 822 8.82 27.67 8.50
N GLY A 823 10.05 27.59 9.01
CA GLY A 823 11.06 26.77 8.39
C GLY A 823 10.93 25.29 8.67
N GLY A 824 10.16 24.92 9.70
CA GLY A 824 9.99 23.53 10.07
C GLY A 824 8.90 22.83 9.27
N ARG A 825 7.89 23.58 8.86
CA ARG A 825 6.80 23.00 8.07
C ARG A 825 7.18 22.82 6.61
N GLU A 826 8.25 23.48 6.16
CA GLU A 826 8.75 23.23 4.82
C GLU A 826 9.43 21.88 4.73
N GLY A 827 9.98 21.40 5.85
CA GLY A 827 10.58 20.09 5.89
C GLY A 827 9.60 18.93 5.94
N LEU A 828 8.43 19.13 6.54
CA LEU A 828 7.48 18.03 6.68
C LEU A 828 6.61 17.85 5.45
N VAL A 829 6.40 18.91 4.67
CA VAL A 829 5.64 18.78 3.43
C VAL A 829 6.42 17.98 2.41
N ASP A 830 7.73 18.16 2.36
CA ASP A 830 8.55 17.50 1.35
C ASP A 830 8.84 16.04 1.68
N THR A 831 8.29 15.49 2.75
CA THR A 831 8.33 14.04 2.94
C THR A 831 7.18 13.37 2.20
N ALA A 832 5.96 13.85 2.41
CA ALA A 832 4.78 13.22 1.81
C ALA A 832 4.55 13.60 0.36
N VAL A 833 5.10 14.71 -0.11
CA VAL A 833 4.97 15.05 -1.52
C VAL A 833 5.94 14.24 -2.36
N ARG A 834 7.22 14.20 -1.95
CA ARG A 834 8.25 13.55 -2.73
C ARG A 834 8.13 12.03 -2.74
N THR A 835 7.46 11.43 -1.74
CA THR A 835 7.38 9.98 -1.67
C THR A 835 6.44 9.42 -2.73
N ALA A 836 5.37 10.15 -3.04
CA ALA A 836 4.38 9.68 -4.01
C ALA A 836 4.85 9.84 -5.44
N GLN A 837 5.78 10.75 -5.71
CA GLN A 837 6.31 10.87 -7.07
C GLN A 837 7.39 9.85 -7.33
N SER A 838 8.17 9.49 -6.32
CA SER A 838 9.19 8.46 -6.49
C SER A 838 8.57 7.07 -6.55
N GLY A 839 7.44 6.86 -5.86
CA GLY A 839 6.79 5.56 -5.90
C GLY A 839 6.20 5.22 -7.25
N TYR A 840 5.56 6.21 -7.90
CA TYR A 840 5.05 5.99 -9.24
C TYR A 840 6.16 5.93 -10.27
N MET A 841 7.27 6.61 -10.03
CA MET A 841 8.37 6.57 -10.98
C MET A 841 9.08 5.22 -10.97
N GLN A 842 8.97 4.45 -9.88
CA GLN A 842 9.54 3.11 -9.87
C GLN A 842 8.70 2.12 -10.67
N ARG A 843 7.37 2.24 -10.62
CA ARG A 843 6.49 1.31 -11.35
C ARG A 843 6.65 1.41 -12.85
N ARG A 844 7.05 2.57 -13.33
CA ARG A 844 7.29 2.74 -14.76
C ARG A 844 8.48 1.90 -15.19
N LEU A 845 9.57 1.94 -14.42
CA LEU A 845 10.82 1.35 -14.84
C LEU A 845 10.86 -0.16 -14.60
N ILE A 846 10.19 -0.67 -13.58
CA ILE A 846 10.20 -2.13 -13.37
C ILE A 846 9.42 -2.81 -14.46
N ASN A 847 8.23 -2.30 -14.74
CA ASN A 847 7.31 -2.94 -15.66
C ASN A 847 7.73 -2.79 -17.10
N ALA A 848 8.67 -1.90 -17.41
CA ALA A 848 9.24 -1.81 -18.75
C ALA A 848 10.49 -2.64 -18.91
N LEU A 849 11.15 -3.02 -17.82
CA LEU A 849 12.48 -3.63 -17.87
C LEU A 849 12.55 -5.00 -17.22
N GLN A 850 11.45 -5.61 -16.80
CA GLN A 850 11.57 -6.87 -16.08
C GLN A 850 11.75 -8.09 -16.98
N ASP A 851 11.98 -7.90 -18.28
CA ASP A 851 12.04 -9.03 -19.21
C ASP A 851 13.45 -9.57 -19.45
N LEU A 852 14.49 -8.83 -19.09
CA LEU A 852 15.81 -9.05 -19.67
C LEU A 852 16.60 -10.07 -18.84
N LYS A 853 17.15 -11.08 -19.51
CA LYS A 853 18.01 -12.10 -18.92
C LYS A 853 19.44 -11.99 -19.45
N VAL A 854 20.26 -12.98 -19.08
CA VAL A 854 21.61 -13.17 -19.62
C VAL A 854 21.72 -14.61 -20.09
N ASP A 855 21.97 -14.82 -21.37
CA ASP A 855 22.10 -16.16 -21.91
C ASP A 855 23.47 -16.75 -21.57
N TYR A 856 23.67 -18.00 -21.98
CA TYR A 856 24.91 -18.70 -21.63
C TYR A 856 26.11 -18.15 -22.40
N ASP A 857 25.90 -17.69 -23.63
CA ASP A 857 27.00 -17.13 -24.40
C ASP A 857 27.21 -15.64 -24.14
N GLY A 858 26.62 -15.09 -23.09
CA GLY A 858 26.81 -13.68 -22.79
C GLY A 858 26.08 -12.78 -23.76
N THR A 859 24.76 -12.76 -23.70
CA THR A 859 23.97 -11.88 -24.54
C THR A 859 22.68 -11.57 -23.81
N VAL A 860 22.32 -10.28 -23.72
CA VAL A 860 21.07 -9.87 -23.10
C VAL A 860 20.00 -9.74 -24.19
N ARG A 861 18.90 -10.49 -24.03
CA ARG A 861 17.88 -10.56 -25.07
C ARG A 861 16.50 -10.33 -24.50
N ASP A 862 15.65 -9.70 -25.30
CA ASP A 862 14.26 -9.43 -24.97
C ASP A 862 13.44 -10.71 -25.24
N PRO A 863 12.12 -10.73 -24.98
CA PRO A 863 11.35 -11.94 -25.32
C PRO A 863 11.18 -12.23 -26.80
N THR A 864 11.38 -11.28 -27.71
CA THR A 864 11.18 -11.58 -29.12
C THR A 864 12.45 -12.03 -29.81
N GLY A 865 13.59 -12.03 -29.12
CA GLY A 865 14.84 -12.39 -29.73
C GLY A 865 15.63 -11.22 -30.30
N ILE A 866 15.24 -9.99 -30.01
CA ILE A 866 16.00 -8.83 -30.45
C ILE A 866 17.12 -8.59 -29.45
N ILE A 867 18.37 -8.57 -29.95
CA ILE A 867 19.51 -8.42 -29.05
C ILE A 867 19.55 -7.00 -28.53
N VAL A 868 19.59 -6.86 -27.21
CA VAL A 868 19.54 -5.56 -26.56
C VAL A 868 20.94 -5.06 -26.27
N GLN A 869 21.75 -5.91 -25.69
CA GLN A 869 23.12 -5.54 -25.37
C GLN A 869 23.96 -6.80 -25.53
N PHE A 870 24.99 -6.73 -26.35
CA PHE A 870 25.89 -7.84 -26.55
C PHE A 870 26.82 -7.91 -25.35
N LYS A 871 27.11 -9.12 -24.88
CA LYS A 871 28.23 -9.40 -23.96
C LYS A 871 28.10 -8.60 -22.65
N TYR A 872 27.11 -8.99 -21.84
CA TYR A 872 26.40 -8.16 -20.85
C TYR A 872 27.25 -7.13 -20.15
N GLY A 873 26.79 -5.88 -20.20
CA GLY A 873 27.34 -4.75 -19.50
C GLY A 873 28.81 -4.54 -19.74
N GLU A 874 29.18 -4.29 -21.02
CA GLU A 874 30.54 -4.02 -21.51
C GLU A 874 31.52 -5.02 -20.91
N ASP A 875 31.48 -6.23 -21.46
CA ASP A 875 31.72 -7.53 -20.82
C ASP A 875 32.86 -7.59 -19.81
N GLY A 876 32.63 -8.32 -18.72
CA GLY A 876 31.34 -8.95 -18.40
C GLY A 876 31.04 -9.09 -16.93
N VAL A 877 31.74 -8.33 -16.11
CA VAL A 877 31.82 -8.61 -14.68
C VAL A 877 30.61 -8.03 -13.95
N ASP A 878 29.96 -8.89 -13.15
CA ASP A 878 28.87 -8.57 -12.24
C ASP A 878 29.22 -7.38 -11.35
N PRO A 879 28.40 -6.32 -11.33
CA PRO A 879 28.67 -5.19 -10.42
C PRO A 879 28.49 -5.51 -8.95
N MET A 880 27.84 -6.62 -8.59
CA MET A 880 27.77 -7.02 -7.19
C MET A 880 29.14 -7.40 -6.65
N LYS A 881 30.04 -7.91 -7.49
CA LYS A 881 31.33 -8.41 -7.04
C LYS A 881 32.51 -7.65 -7.63
N SER A 882 32.28 -6.64 -8.45
CA SER A 882 33.35 -5.75 -8.88
C SER A 882 33.75 -4.82 -7.73
N TRP A 883 34.95 -4.24 -7.86
CA TRP A 883 35.50 -3.35 -6.86
C TRP A 883 35.42 -1.93 -7.40
N GLN A 884 34.46 -1.16 -6.90
CA GLN A 884 34.33 0.28 -7.10
C GLN A 884 34.19 0.64 -8.57
N GLY A 885 33.42 -0.16 -9.30
CA GLY A 885 33.23 0.05 -10.72
C GLY A 885 34.22 -0.68 -11.60
N LYS A 886 35.46 -0.79 -11.15
CA LYS A 886 36.54 -1.33 -11.95
C LYS A 886 36.48 -2.86 -12.00
N THR A 887 37.58 -3.46 -12.46
CA THR A 887 37.72 -4.88 -12.69
C THR A 887 38.92 -5.37 -11.89
N VAL A 888 39.56 -6.48 -12.27
CA VAL A 888 40.29 -7.47 -11.47
C VAL A 888 41.16 -6.99 -10.28
N ASP A 889 41.47 -5.68 -10.19
CA ASP A 889 42.18 -5.04 -9.05
C ASP A 889 43.62 -5.54 -8.93
N VAL A 890 44.40 -5.30 -9.99
CA VAL A 890 45.82 -5.68 -10.03
C VAL A 890 46.58 -5.13 -8.84
N ASP A 891 46.36 -3.85 -8.51
CA ASP A 891 47.07 -3.15 -7.44
C ASP A 891 47.07 -3.89 -6.11
N ARG A 892 45.88 -4.27 -5.62
CA ARG A 892 45.77 -5.04 -4.38
C ARG A 892 46.42 -6.41 -4.49
N VAL A 893 46.19 -7.10 -5.63
CA VAL A 893 46.75 -8.43 -5.89
C VAL A 893 48.27 -8.46 -5.74
N ILE A 894 48.96 -7.52 -6.37
CA ILE A 894 50.42 -7.45 -6.32
C ILE A 894 50.93 -7.37 -4.89
N VAL A 895 50.42 -6.41 -4.11
CA VAL A 895 50.85 -6.24 -2.72
C VAL A 895 50.54 -7.47 -1.88
N ARG A 896 49.32 -8.00 -2.00
CA ARG A 896 48.88 -9.16 -1.23
C ARG A 896 49.71 -10.41 -1.51
N THR A 897 49.88 -10.75 -2.79
CA THR A 897 50.58 -11.99 -3.16
C THR A 897 52.05 -11.93 -2.81
N LEU A 898 52.68 -10.79 -3.04
CA LEU A 898 54.10 -10.58 -2.72
C LEU A 898 54.37 -10.73 -1.23
N LEU A 899 53.57 -10.05 -0.41
CA LEU A 899 53.69 -10.06 1.06
C LEU A 899 53.73 -11.47 1.64
N LYS A 900 52.74 -12.31 1.28
CA LYS A 900 52.68 -13.68 1.79
C LYS A 900 53.89 -14.49 1.36
N MET A 901 54.24 -14.43 0.08
CA MET A 901 55.41 -15.13 -0.44
C MET A 901 56.71 -14.66 0.22
N ARG A 902 56.96 -13.34 0.19
CA ARG A 902 58.18 -12.77 0.77
C ARG A 902 58.24 -12.97 2.28
N GLY A 903 57.12 -12.69 2.96
CA GLY A 903 57.05 -12.84 4.41
C GLY A 903 57.32 -14.27 4.90
N GLY A 904 56.64 -15.23 4.29
CA GLY A 904 56.77 -16.64 4.64
C GLY A 904 56.49 -17.03 6.09
N GLU B 9 6.10 54.45 36.81
CA GLU B 9 5.49 53.40 37.62
C GLU B 9 5.89 52.03 37.10
N PRO B 10 5.97 51.03 37.99
CA PRO B 10 6.38 49.67 37.56
C PRO B 10 5.29 48.96 36.77
N THR B 11 5.30 49.15 35.45
CA THR B 11 4.13 49.26 34.58
C THR B 11 2.97 48.31 34.84
N LEU B 12 3.12 47.00 34.62
CA LEU B 12 2.25 46.12 35.38
C LEU B 12 3.04 45.08 36.16
N THR B 13 3.47 44.03 35.45
CA THR B 13 4.49 42.98 35.52
C THR B 13 4.07 42.07 34.37
N PRO B 14 4.84 41.06 33.99
CA PRO B 14 4.26 39.97 33.19
C PRO B 14 3.41 38.98 33.98
N ASP B 15 3.03 39.28 35.23
CA ASP B 15 2.22 38.41 36.04
C ASP B 15 0.82 38.93 36.37
N GLU B 16 0.60 40.25 36.34
CA GLU B 16 -0.78 40.71 36.44
C GLU B 16 -1.53 40.53 35.13
N LEU B 17 -0.82 40.52 34.00
CA LEU B 17 -1.46 40.29 32.72
C LEU B 17 -1.99 38.86 32.60
N TRP B 18 -1.49 37.95 33.42
CA TRP B 18 -2.10 36.63 33.55
C TRP B 18 -3.52 36.72 34.08
N LEU B 19 -3.76 37.58 35.08
CA LEU B 19 -5.08 37.63 35.71
C LEU B 19 -6.14 38.21 34.79
N VAL B 20 -5.76 39.09 33.87
CA VAL B 20 -6.68 39.55 32.83
C VAL B 20 -7.10 38.39 31.92
N MET B 21 -6.11 37.63 31.43
CA MET B 21 -6.40 36.51 30.53
C MET B 21 -6.99 35.32 31.28
N GLU B 22 -6.81 35.23 32.59
CA GLU B 22 -7.48 34.20 33.36
C GLU B 22 -8.99 34.45 33.41
N SER B 23 -9.40 35.72 33.38
CA SER B 23 -10.82 36.04 33.38
C SER B 23 -11.45 35.87 32.00
N TYR B 24 -10.65 35.62 30.97
CA TYR B 24 -11.21 35.46 29.63
C TYR B 24 -11.86 34.10 29.45
N TRP B 25 -11.28 33.04 30.03
CA TRP B 25 -11.82 31.72 29.80
C TRP B 25 -12.77 31.24 30.89
N LYS B 26 -12.84 31.91 32.02
CA LYS B 26 -13.85 31.52 33.00
C LYS B 26 -15.13 32.31 32.83
N GLU B 27 -15.14 33.27 31.92
CA GLU B 27 -16.34 34.01 31.56
C GLU B 27 -17.02 33.35 30.35
N LYS B 28 -16.31 33.27 29.24
CA LYS B 28 -16.77 32.50 28.10
C LYS B 28 -15.86 31.29 27.90
N GLY B 29 -16.45 30.19 27.44
CA GLY B 29 -15.77 28.92 27.38
C GLY B 29 -14.81 28.78 26.22
N PHE B 30 -14.45 27.53 25.94
CA PHE B 30 -13.58 27.22 24.82
C PHE B 30 -14.33 26.81 23.56
N VAL B 31 -15.49 26.17 23.69
CA VAL B 31 -16.31 25.83 22.52
C VAL B 31 -17.27 27.00 22.32
N ARG B 32 -16.75 28.06 21.73
CA ARG B 32 -17.56 29.25 21.54
C ARG B 32 -18.17 29.29 20.15
N GLN B 33 -17.36 29.01 19.12
CA GLN B 33 -17.77 29.17 17.73
C GLN B 33 -18.97 28.29 17.36
N HIS B 34 -18.97 27.02 17.77
CA HIS B 34 -20.12 26.17 17.48
C HIS B 34 -21.35 26.59 18.28
N LEU B 35 -21.22 26.65 19.60
CA LEU B 35 -22.35 26.92 20.50
C LEU B 35 -23.01 28.27 20.24
N ASP B 36 -22.22 29.35 20.18
CA ASP B 36 -22.81 30.69 20.06
C ASP B 36 -23.48 30.90 18.72
N SER B 37 -22.87 30.43 17.63
CA SER B 37 -23.46 30.63 16.31
C SER B 37 -24.73 29.83 16.11
N TYR B 38 -24.78 28.61 16.64
CA TYR B 38 -26.01 27.81 16.60
C TYR B 38 -27.12 28.48 17.40
N ASN B 39 -26.78 29.11 18.52
CA ASN B 39 -27.74 29.85 19.31
C ASN B 39 -28.46 30.92 18.51
N ALA B 40 -27.75 31.58 17.59
CA ALA B 40 -28.37 32.60 16.75
C ALA B 40 -29.21 32.00 15.63
N PHE B 41 -28.91 30.76 15.23
CA PHE B 41 -29.72 30.07 14.22
C PHE B 41 -31.14 29.80 14.71
N ILE B 42 -31.34 29.59 16.01
CA ILE B 42 -32.69 29.35 16.51
C ILE B 42 -33.51 30.62 16.49
N ASP B 43 -32.91 31.75 16.85
CA ASP B 43 -33.65 33.01 16.89
C ASP B 43 -33.97 33.53 15.49
N HIS B 44 -32.96 33.82 14.70
CA HIS B 44 -33.14 34.55 13.44
C HIS B 44 -32.86 33.72 12.21
N GLY B 45 -32.46 32.47 12.37
CA GLY B 45 -32.16 31.63 11.22
C GLY B 45 -33.36 30.99 10.58
N LEU B 46 -34.21 30.35 11.38
CA LEU B 46 -35.32 29.58 10.85
C LEU B 46 -36.39 30.47 10.24
N GLN B 47 -36.59 31.66 10.80
CA GLN B 47 -37.69 32.51 10.37
C GLN B 47 -37.42 33.11 9.00
N ASP B 48 -36.16 33.29 8.63
CA ASP B 48 -35.83 33.91 7.35
C ASP B 48 -35.81 32.93 6.19
N VAL B 49 -35.68 31.63 6.45
CA VAL B 49 -35.71 30.66 5.35
C VAL B 49 -37.15 30.33 4.98
N VAL B 50 -38.04 30.28 5.96
CA VAL B 50 -39.45 29.99 5.69
C VAL B 50 -40.12 31.16 4.99
N ASN B 51 -39.75 32.39 5.35
CA ASN B 51 -40.32 33.57 4.73
C ASN B 51 -39.75 33.84 3.34
N GLU B 52 -38.81 33.03 2.87
CA GLU B 52 -38.40 33.10 1.47
C GLU B 52 -39.49 32.57 0.54
N PHE B 53 -40.18 31.50 0.95
CA PHE B 53 -41.12 30.84 0.05
C PHE B 53 -42.44 31.59 -0.06
N GLY B 54 -43.18 31.68 1.04
CA GLY B 54 -44.48 32.33 1.01
C GLY B 54 -45.51 31.52 0.24
N GLU B 55 -46.40 32.23 -0.46
CA GLU B 55 -47.39 31.59 -1.31
C GLU B 55 -46.79 31.15 -2.63
N VAL B 56 -47.15 29.94 -3.08
CA VAL B 56 -46.77 29.47 -4.40
C VAL B 56 -47.97 29.01 -5.22
N VAL B 57 -48.63 27.94 -4.78
CA VAL B 57 -49.63 27.13 -5.51
C VAL B 57 -50.40 26.44 -4.39
N PRO B 58 -51.46 25.58 -4.62
CA PRO B 58 -52.07 24.72 -5.65
C PRO B 58 -52.70 25.41 -6.85
N ASP B 59 -53.37 24.59 -7.67
CA ASP B 59 -54.02 25.03 -8.90
C ASP B 59 -55.43 25.55 -8.69
N ILE B 60 -56.13 25.07 -7.66
CA ILE B 60 -57.48 25.55 -7.35
C ILE B 60 -57.42 27.03 -6.93
N PRO B 61 -58.28 27.90 -7.47
CA PRO B 61 -58.24 29.32 -7.10
C PRO B 61 -58.73 29.63 -5.68
N ASN B 62 -59.31 28.66 -4.96
CA ASN B 62 -59.99 28.98 -3.71
C ASN B 62 -59.07 28.88 -2.49
N PHE B 63 -58.26 27.83 -2.38
CA PHE B 63 -57.40 27.65 -1.21
C PHE B 63 -56.03 28.26 -1.46
N LYS B 64 -55.53 28.98 -0.46
CA LYS B 64 -54.17 29.50 -0.47
C LYS B 64 -53.58 29.35 0.93
N VAL B 65 -52.26 29.35 1.01
CA VAL B 65 -51.55 29.12 2.26
C VAL B 65 -50.48 30.19 2.44
N LYS B 66 -50.62 30.98 3.50
CA LYS B 66 -49.61 31.97 3.90
C LYS B 66 -48.90 31.43 5.15
N PHE B 67 -47.59 31.59 5.20
CA PHE B 67 -46.79 31.01 6.26
C PHE B 67 -46.68 31.92 7.47
N GLY B 68 -46.82 31.32 8.65
CA GLY B 68 -46.82 32.00 9.95
C GLY B 68 -45.49 31.92 10.67
N LYS B 69 -45.55 31.75 11.99
CA LYS B 69 -44.39 31.74 12.86
C LYS B 69 -43.99 30.32 13.25
N ILE B 70 -42.81 30.22 13.88
CA ILE B 70 -42.20 28.96 14.27
C ILE B 70 -41.90 28.99 15.76
N ARG B 71 -42.23 27.92 16.47
CA ARG B 71 -41.71 27.71 17.82
C ARG B 71 -41.04 26.34 17.88
N ILE B 72 -40.09 26.20 18.79
CA ILE B 72 -39.33 24.97 18.96
C ILE B 72 -39.54 24.52 20.40
N GLY B 73 -40.06 23.32 20.58
CA GLY B 73 -40.34 22.88 21.91
C GLY B 73 -39.14 22.28 22.60
N GLN B 74 -39.34 21.99 23.87
CA GLN B 74 -38.31 21.36 24.67
C GLN B 74 -38.11 19.92 24.19
N PRO B 75 -36.90 19.38 24.31
CA PRO B 75 -36.60 18.04 23.76
C PRO B 75 -37.39 16.94 24.44
N GLU B 76 -38.23 16.26 23.65
CA GLU B 76 -39.12 15.21 24.12
C GLU B 76 -39.16 14.15 23.03
N PHE B 77 -39.71 12.98 23.36
CA PHE B 77 -39.68 11.88 22.41
C PHE B 77 -40.82 10.92 22.70
N GLN B 78 -41.58 10.59 21.66
CA GLN B 78 -42.67 9.63 21.76
C GLN B 78 -42.29 8.34 21.03
N GLU B 79 -42.49 7.23 21.72
CA GLU B 79 -42.20 5.92 21.14
C GLU B 79 -43.46 5.38 20.47
N ALA B 80 -43.46 4.09 20.14
CA ALA B 80 -44.71 3.40 19.86
C ALA B 80 -45.58 3.33 21.11
N GLN B 81 -46.86 3.06 20.90
CA GLN B 81 -47.97 3.27 21.84
C GLN B 81 -47.83 4.64 22.53
N GLY B 82 -47.95 5.66 21.67
CA GLY B 82 -47.54 7.04 21.86
C GLY B 82 -47.68 7.71 23.20
N GLN B 83 -46.56 8.22 23.70
CA GLN B 83 -46.46 8.78 25.04
C GLN B 83 -45.23 9.67 25.05
N ARG B 84 -45.40 10.95 25.38
CA ARG B 84 -44.33 11.91 25.18
C ARG B 84 -43.71 12.24 26.53
N ARG B 85 -42.41 12.01 26.64
CA ARG B 85 -41.63 12.22 27.85
C ARG B 85 -40.37 12.97 27.50
N PRO B 86 -39.78 13.71 28.44
CA PRO B 86 -38.60 14.50 28.11
C PRO B 86 -37.35 13.65 28.01
N LEU B 87 -36.53 13.95 26.99
CA LEU B 87 -35.25 13.28 26.86
C LEU B 87 -34.21 13.95 27.74
N TYR B 88 -33.20 13.18 28.07
CA TYR B 88 -32.07 13.57 28.90
C TYR B 88 -30.83 12.95 28.29
N PRO B 89 -29.95 13.76 27.65
CA PRO B 89 -28.95 13.29 26.66
C PRO B 89 -28.11 12.06 26.97
N MET B 90 -27.99 11.68 28.25
CA MET B 90 -27.36 10.41 28.57
C MET B 90 -28.22 9.24 28.14
N ASP B 91 -29.53 9.41 28.09
CA ASP B 91 -30.40 8.34 27.62
C ASP B 91 -30.38 8.19 26.11
N ALA B 92 -29.98 9.21 25.36
CA ALA B 92 -30.02 9.15 23.91
C ALA B 92 -28.72 8.69 23.28
N ARG B 93 -27.70 8.35 24.06
CA ARG B 93 -26.47 7.77 23.54
C ARG B 93 -26.31 6.33 24.00
N ILE B 94 -27.33 5.78 24.62
CA ILE B 94 -27.24 4.47 25.26
C ILE B 94 -28.28 3.51 24.71
N ARG B 95 -29.24 3.99 23.93
CA ARG B 95 -30.15 3.09 23.23
C ARG B 95 -30.49 3.57 21.83
N ASN B 96 -29.56 4.27 21.18
CA ASN B 96 -29.56 4.59 19.74
C ASN B 96 -30.83 5.34 19.33
N LEU B 97 -30.94 6.56 19.85
CA LEU B 97 -32.02 7.47 19.50
C LEU B 97 -31.43 8.67 18.78
N THR B 98 -32.27 9.65 18.50
CA THR B 98 -31.81 10.93 17.98
C THR B 98 -32.35 12.02 18.88
N TYR B 99 -31.48 12.60 19.69
CA TYR B 99 -31.83 13.65 20.62
C TYR B 99 -32.24 14.90 19.83
N SER B 100 -33.55 15.18 19.79
CA SER B 100 -34.09 16.14 18.85
C SER B 100 -35.25 16.92 19.47
N ALA B 101 -35.71 17.93 18.73
CA ALA B 101 -36.79 18.82 19.14
C ALA B 101 -37.80 19.00 18.01
N PRO B 102 -39.09 19.08 18.32
CA PRO B 102 -40.11 19.21 17.27
C PRO B 102 -40.24 20.63 16.75
N LEU B 103 -40.55 20.73 15.46
CA LEU B 103 -40.55 21.98 14.71
C LEU B 103 -42.00 22.34 14.38
N TYR B 104 -42.64 23.16 15.22
CA TYR B 104 -44.01 23.58 15.01
C TYR B 104 -44.07 24.81 14.12
N LEU B 105 -44.97 24.80 13.13
CA LEU B 105 -45.14 25.92 12.20
C LEU B 105 -46.63 26.08 11.91
N GLU B 106 -47.21 27.19 12.35
CA GLU B 106 -48.59 27.50 11.99
C GLU B 106 -48.67 28.09 10.58
N MET B 107 -49.79 27.82 9.91
CA MET B 107 -50.06 28.34 8.57
C MET B 107 -51.36 29.13 8.55
N ILE B 108 -51.45 30.05 7.58
CA ILE B 108 -52.59 30.93 7.38
C ILE B 108 -53.33 30.46 6.13
N PRO B 109 -54.49 29.83 6.27
CA PRO B 109 -55.37 29.55 5.12
C PRO B 109 -56.05 30.78 4.54
N VAL B 110 -55.72 31.16 3.32
CA VAL B 110 -56.33 32.32 2.69
C VAL B 110 -57.48 31.81 1.82
N VAL B 111 -58.70 32.05 2.29
CA VAL B 111 -59.92 31.67 1.58
C VAL B 111 -60.48 32.92 0.92
N ASN B 112 -60.26 33.03 -0.40
CA ASN B 112 -60.76 34.11 -1.26
C ASN B 112 -60.34 35.50 -0.78
N GLY B 113 -59.20 35.58 -0.09
CA GLY B 113 -58.75 36.85 0.45
C GLY B 113 -58.88 36.86 1.95
N ILE B 114 -59.97 36.25 2.44
CA ILE B 114 -60.35 36.32 3.84
C ILE B 114 -59.58 35.30 4.65
N GLU B 115 -58.82 35.77 5.64
CA GLU B 115 -58.09 34.94 6.59
C GLU B 115 -58.93 34.75 7.84
N GLN B 116 -59.13 33.48 8.26
CA GLN B 116 -60.03 33.25 9.38
C GLN B 116 -59.55 32.26 10.44
N GLU B 117 -58.63 31.33 10.16
CA GLU B 117 -58.30 30.35 11.19
C GLU B 117 -56.89 29.76 11.07
N PRO B 118 -55.96 30.10 11.97
CA PRO B 118 -54.61 29.51 11.89
C PRO B 118 -54.43 28.25 12.73
N VAL B 119 -53.93 27.18 12.10
CA VAL B 119 -53.69 25.91 12.76
C VAL B 119 -52.18 25.65 12.81
N GLU B 120 -51.67 25.26 13.98
CA GLU B 120 -50.25 24.95 14.15
C GLU B 120 -50.02 23.47 13.82
N VAL B 121 -49.25 23.20 12.77
CA VAL B 121 -48.90 21.84 12.39
C VAL B 121 -47.40 21.64 12.57
N ARG B 122 -47.01 20.52 13.18
CA ARG B 122 -45.61 20.17 13.25
C ARG B 122 -45.14 19.59 11.93
N ILE B 123 -43.97 20.04 11.47
CA ILE B 123 -43.45 19.65 10.17
C ILE B 123 -42.50 18.47 10.28
N GLY B 124 -41.58 18.52 11.23
CA GLY B 124 -40.65 17.43 11.40
C GLY B 124 -39.87 17.53 12.68
N GLU B 125 -38.64 17.01 12.69
CA GLU B 125 -37.76 17.15 13.82
C GLU B 125 -36.51 17.92 13.43
N LEU B 126 -35.71 18.27 14.45
CA LEU B 126 -34.52 19.04 14.25
C LEU B 126 -33.57 18.62 15.36
N PRO B 127 -32.35 18.20 15.05
CA PRO B 127 -31.39 17.88 16.09
C PRO B 127 -30.95 19.13 16.81
N ILE B 128 -30.47 18.95 18.03
CA ILE B 128 -30.26 20.04 18.95
C ILE B 128 -28.95 19.79 19.69
N MET B 129 -28.17 20.84 19.86
CA MET B 129 -26.79 20.73 20.32
C MET B 129 -26.73 20.75 21.83
N LEU B 130 -25.88 19.90 22.39
CA LEU B 130 -25.76 19.80 23.83
C LEU B 130 -25.17 21.06 24.45
N LYS B 131 -25.73 21.44 25.60
CA LYS B 131 -25.33 22.61 26.40
C LYS B 131 -25.51 23.91 25.62
N SER B 132 -26.43 23.91 24.66
CA SER B 132 -26.87 25.12 23.98
C SER B 132 -27.98 25.79 24.78
N LYS B 133 -28.53 26.88 24.24
CA LYS B 133 -29.60 27.60 24.91
C LYS B 133 -30.94 26.90 24.80
N ALA B 134 -31.10 26.00 23.84
CA ALA B 134 -32.38 25.36 23.59
C ALA B 134 -32.52 23.99 24.25
N CYS B 135 -31.41 23.34 24.59
CA CYS B 135 -31.45 22.02 25.21
C CYS B 135 -31.69 22.15 26.72
N ARG B 136 -31.76 21.01 27.40
CA ARG B 136 -32.11 20.96 28.81
C ARG B 136 -30.94 21.16 29.74
N LEU B 137 -29.76 21.53 29.24
CA LEU B 137 -28.59 21.66 30.08
C LEU B 137 -28.12 23.11 30.25
N TYR B 138 -28.92 24.08 29.79
CA TYR B 138 -28.48 25.47 29.76
C TYR B 138 -28.61 26.11 31.12
N GLY B 139 -27.52 26.74 31.58
CA GLY B 139 -27.53 27.44 32.85
C GLY B 139 -27.68 26.53 34.05
N LEU B 140 -27.33 25.27 33.90
CA LEU B 140 -27.63 24.25 34.88
C LEU B 140 -26.38 23.97 35.71
N SER B 141 -26.54 24.01 37.02
CA SER B 141 -25.43 24.12 37.97
C SER B 141 -24.68 22.81 38.10
N ASP B 142 -23.55 22.89 38.81
CA ASP B 142 -22.56 21.82 38.86
C ASP B 142 -23.11 20.55 39.52
N GLU B 143 -23.85 20.70 40.62
CA GLU B 143 -24.38 19.55 41.34
C GLU B 143 -25.57 18.90 40.65
N GLU B 144 -26.08 19.49 39.57
CA GLU B 144 -27.19 18.91 38.82
C GLU B 144 -26.76 18.10 37.61
N LEU B 145 -25.63 18.43 36.96
CA LEU B 145 -25.14 17.61 35.86
C LEU B 145 -24.73 16.21 36.32
N ILE B 146 -24.35 16.07 37.59
CA ILE B 146 -24.07 14.76 38.16
C ILE B 146 -25.35 13.93 38.22
N LYS B 147 -26.48 14.60 38.50
CA LYS B 147 -27.76 13.94 38.66
C LYS B 147 -28.26 13.37 37.34
N LEU B 148 -27.99 14.06 36.23
CA LEU B 148 -28.51 13.66 34.94
C LEU B 148 -27.60 12.69 34.20
N GLY B 149 -26.45 12.34 34.77
CA GLY B 149 -25.56 11.38 34.15
C GLY B 149 -24.57 12.03 33.21
N GLU B 150 -23.81 12.99 33.69
CA GLU B 150 -22.84 13.69 32.87
C GLU B 150 -21.64 14.02 33.75
N ASP B 151 -20.61 14.62 33.17
CA ASP B 151 -19.61 15.24 34.01
C ASP B 151 -19.52 16.72 33.70
N PRO B 152 -19.18 17.56 34.69
CA PRO B 152 -19.15 19.00 34.42
C PRO B 152 -18.02 19.45 33.53
N LYS B 153 -16.99 18.66 33.31
CA LYS B 153 -15.88 19.11 32.49
C LYS B 153 -16.17 18.95 31.00
N ASP B 154 -17.28 18.33 30.64
CA ASP B 154 -17.70 18.16 29.24
C ASP B 154 -17.98 19.52 28.61
N PRO B 155 -17.35 19.87 27.50
CA PRO B 155 -17.58 21.20 26.92
C PRO B 155 -18.81 21.34 26.04
N GLY B 156 -19.24 20.27 25.38
CA GLY B 156 -20.38 20.37 24.49
C GLY B 156 -20.04 21.02 23.16
N GLY B 157 -20.93 20.80 22.19
CA GLY B 157 -20.67 21.26 20.83
C GLY B 157 -20.76 20.14 19.82
N TYR B 158 -21.54 19.11 20.13
CA TYR B 158 -21.63 17.91 19.31
C TYR B 158 -23.04 17.34 19.41
N PHE B 159 -23.59 16.96 18.27
CA PHE B 159 -24.90 16.32 18.23
C PHE B 159 -24.80 14.86 18.65
N ILE B 160 -25.96 14.25 18.92
CA ILE B 160 -26.03 12.83 19.22
C ILE B 160 -26.94 12.23 18.16
N ILE B 161 -26.75 12.65 16.91
CA ILE B 161 -27.44 12.05 15.78
C ILE B 161 -27.19 10.55 15.75
N ASN B 162 -28.26 9.77 15.88
CA ASN B 162 -28.42 8.33 15.68
C ASN B 162 -27.77 7.50 16.78
N GLY B 163 -27.07 8.10 17.74
CA GLY B 163 -26.44 7.38 18.81
C GLY B 163 -24.92 7.39 18.79
N SER B 164 -24.32 8.12 17.86
CA SER B 164 -22.88 8.26 17.76
C SER B 164 -22.62 9.75 17.71
N GLU B 165 -21.81 10.25 18.63
CA GLU B 165 -21.68 11.69 18.81
C GLU B 165 -20.89 12.30 17.67
N ARG B 166 -21.56 13.10 16.85
CA ARG B 166 -21.05 13.59 15.58
C ARG B 166 -20.91 15.10 15.68
N VAL B 167 -19.82 15.62 15.14
CA VAL B 167 -19.52 17.03 15.27
C VAL B 167 -19.27 17.61 13.89
N ILE B 168 -19.78 18.82 13.64
CA ILE B 168 -19.49 19.50 12.39
C ILE B 168 -18.13 20.18 12.53
N VAL B 169 -17.26 19.90 11.58
CA VAL B 169 -15.92 20.48 11.56
C VAL B 169 -15.96 21.64 10.56
N SER B 170 -15.47 22.80 11.00
CA SER B 170 -15.72 24.04 10.28
C SER B 170 -14.90 24.12 9.00
N ILE B 171 -15.59 24.16 7.88
CA ILE B 171 -14.93 24.23 6.58
C ILE B 171 -14.57 25.69 6.32
N GLU B 172 -13.36 25.93 5.85
CA GLU B 172 -12.87 27.28 5.69
C GLU B 172 -13.18 27.77 4.28
N ASP B 173 -13.97 28.83 4.17
CA ASP B 173 -14.40 29.36 2.88
C ASP B 173 -13.31 30.18 2.22
N LEU B 174 -13.69 30.92 1.19
CA LEU B 174 -12.84 31.89 0.52
C LEU B 174 -13.61 33.19 0.32
N ALA B 175 -14.20 33.69 1.41
CA ALA B 175 -14.67 35.06 1.55
C ALA B 175 -15.75 35.45 0.54
N PRO B 176 -17.00 35.02 0.75
CA PRO B 176 -18.04 35.25 -0.26
C PRO B 176 -18.36 36.73 -0.45
N ASN B 177 -18.79 37.04 -1.68
CA ASN B 177 -19.19 38.38 -2.13
C ASN B 177 -18.05 39.39 -2.07
N LYS B 178 -16.80 38.91 -2.09
CA LYS B 178 -15.60 39.73 -2.18
C LYS B 178 -15.24 39.86 -3.65
N THR B 179 -14.00 40.28 -3.94
CA THR B 179 -13.45 40.19 -5.29
C THR B 179 -11.94 40.04 -5.17
N LEU B 180 -11.34 39.35 -6.14
CA LEU B 180 -9.92 39.06 -6.09
C LEU B 180 -9.25 39.44 -7.40
N VAL B 181 -7.98 39.77 -7.30
CA VAL B 181 -7.16 40.18 -8.43
C VAL B 181 -6.13 39.08 -8.61
N GLU B 182 -6.42 38.16 -9.50
CA GLU B 182 -5.67 36.92 -9.63
C GLU B 182 -4.31 37.20 -10.29
N ARG B 183 -3.40 36.24 -10.17
CA ARG B 183 -2.01 36.39 -10.56
C ARG B 183 -1.88 36.34 -12.08
N ASP B 184 -0.63 36.26 -12.55
CA ASP B 184 -0.32 36.43 -13.96
C ASP B 184 0.46 35.22 -14.44
N GLU B 185 0.27 34.90 -15.74
CA GLU B 185 1.13 34.00 -16.51
C GLU B 185 1.16 32.58 -15.94
N ARG B 186 -0.02 31.96 -15.89
CA ARG B 186 -0.14 30.52 -15.71
C ARG B 186 -0.42 29.79 -17.03
N GLN B 187 -1.35 30.29 -17.84
CA GLN B 187 -1.50 29.85 -19.22
C GLN B 187 -1.65 31.07 -20.12
N ASN B 188 -2.20 32.14 -19.54
CA ASN B 188 -2.63 33.33 -20.29
C ASN B 188 -2.31 34.56 -19.45
N LYS B 189 -2.85 35.70 -19.88
CA LYS B 189 -2.71 36.95 -19.14
C LYS B 189 -3.65 36.98 -17.93
N VAL B 190 -3.72 38.15 -17.28
CA VAL B 190 -4.36 38.29 -15.97
C VAL B 190 -5.87 38.07 -16.03
N VAL B 191 -6.40 37.45 -14.98
CA VAL B 191 -7.83 37.21 -14.83
C VAL B 191 -8.23 37.77 -13.46
N ALA B 192 -9.54 37.87 -13.25
CA ALA B 192 -10.09 38.42 -12.01
C ALA B 192 -11.30 37.57 -11.66
N LYS B 193 -11.11 36.57 -10.81
CA LYS B 193 -12.15 35.61 -10.48
C LYS B 193 -12.92 36.05 -9.25
N VAL B 194 -14.13 35.52 -9.11
CA VAL B 194 -15.01 35.90 -8.02
C VAL B 194 -15.99 34.76 -7.77
N PHE B 195 -16.57 34.73 -6.57
CA PHE B 195 -17.70 33.86 -6.26
C PHE B 195 -18.87 34.75 -5.89
N SER B 196 -20.07 34.21 -6.05
CA SER B 196 -21.27 34.96 -5.72
C SER B 196 -22.41 33.98 -5.50
N TYR B 197 -23.02 34.03 -4.32
CA TYR B 197 -24.19 33.19 -4.06
C TYR B 197 -25.16 33.90 -3.14
N ARG B 198 -26.43 33.61 -3.34
CA ARG B 198 -27.49 34.04 -2.45
C ARG B 198 -28.59 33.00 -2.54
N HIS B 199 -28.99 32.47 -1.38
CA HIS B 199 -30.00 31.43 -1.23
C HIS B 199 -29.68 30.19 -2.06
N GLY B 200 -28.48 29.65 -1.85
CA GLY B 200 -28.10 28.47 -2.62
C GLY B 200 -26.95 28.60 -3.59
N TYR B 201 -27.27 28.65 -4.89
CA TYR B 201 -26.32 28.33 -5.95
C TYR B 201 -25.18 29.34 -6.03
N ARG B 202 -23.95 28.83 -6.15
CA ARG B 202 -22.75 29.64 -6.27
C ARG B 202 -22.09 29.40 -7.62
N ALA B 203 -21.39 30.42 -8.12
CA ALA B 203 -20.81 30.31 -9.44
C ALA B 203 -19.65 31.28 -9.62
N LEU B 204 -18.65 30.82 -10.37
CA LEU B 204 -17.56 31.69 -10.82
C LEU B 204 -18.07 32.62 -11.91
N ILE B 205 -17.80 33.91 -11.76
CA ILE B 205 -18.11 34.92 -12.78
C ILE B 205 -16.85 35.75 -12.96
N THR B 206 -16.02 35.36 -13.91
CA THR B 206 -14.71 35.96 -14.04
C THR B 206 -14.68 36.96 -15.18
N VAL B 207 -13.76 37.90 -15.10
CA VAL B 207 -13.54 38.87 -16.18
C VAL B 207 -12.07 38.74 -16.59
N GLU B 208 -11.84 37.86 -17.54
CA GLU B 208 -10.49 37.50 -17.96
C GLU B 208 -10.01 38.49 -19.02
N ARG B 209 -8.77 38.31 -19.46
CA ARG B 209 -8.25 38.91 -20.69
C ARG B 209 -7.01 38.12 -21.11
N LYS B 210 -6.92 37.84 -22.41
CA LYS B 210 -5.74 37.24 -23.01
C LYS B 210 -4.99 38.29 -23.84
N LYS B 211 -3.96 37.83 -24.55
CA LYS B 211 -3.00 38.74 -25.20
C LYS B 211 -3.53 39.20 -26.58
N ASP B 212 -4.73 39.78 -26.58
CA ASP B 212 -5.14 40.69 -27.64
C ASP B 212 -6.11 41.77 -27.17
N GLY B 213 -6.41 41.87 -25.88
CA GLY B 213 -7.38 42.84 -25.41
C GLY B 213 -8.83 42.48 -25.69
N ILE B 214 -9.23 41.24 -25.42
CA ILE B 214 -10.61 40.83 -25.66
C ILE B 214 -11.53 41.22 -24.50
N LEU B 215 -11.04 41.07 -23.26
CA LEU B 215 -11.80 41.25 -22.01
C LEU B 215 -13.00 40.30 -21.97
N TYR B 216 -12.69 39.02 -21.85
CA TYR B 216 -13.70 37.97 -21.73
C TYR B 216 -14.49 38.10 -20.44
N VAL B 217 -15.71 37.58 -20.47
CA VAL B 217 -16.56 37.38 -19.29
C VAL B 217 -17.01 35.93 -19.35
N THR B 218 -16.97 35.24 -18.21
CA THR B 218 -17.30 33.82 -18.17
C THR B 218 -18.67 33.62 -17.54
N ILE B 219 -19.48 32.77 -18.18
CA ILE B 219 -20.81 32.40 -17.69
C ILE B 219 -20.72 30.91 -17.34
N PRO B 220 -21.45 30.42 -16.33
CA PRO B 220 -21.45 28.97 -16.06
C PRO B 220 -22.06 28.09 -17.14
N ASN B 221 -23.34 28.31 -17.41
CA ASN B 221 -24.08 27.43 -18.30
C ASN B 221 -23.85 27.83 -19.76
N VAL B 222 -23.57 26.83 -20.60
CA VAL B 222 -23.24 26.96 -22.03
C VAL B 222 -22.04 27.88 -22.10
N PRO B 223 -20.82 27.36 -21.80
CA PRO B 223 -19.69 28.21 -21.36
C PRO B 223 -19.25 29.29 -22.32
N LYS B 224 -18.78 28.90 -23.54
CA LYS B 224 -18.59 29.66 -24.78
C LYS B 224 -18.20 31.11 -24.56
N PRO B 225 -16.98 31.39 -24.00
CA PRO B 225 -16.68 32.68 -23.34
C PRO B 225 -16.97 33.94 -24.16
N VAL B 226 -17.77 34.82 -23.59
CA VAL B 226 -18.38 35.92 -24.32
C VAL B 226 -17.58 37.19 -24.07
N LYS B 227 -17.47 38.01 -25.12
CA LYS B 227 -16.82 39.31 -25.01
C LYS B 227 -17.62 40.23 -24.10
N PHE B 228 -16.92 41.19 -23.49
CA PHE B 228 -17.54 42.08 -22.51
C PHE B 228 -18.58 42.98 -23.16
N VAL B 229 -18.23 43.58 -24.30
CA VAL B 229 -19.07 44.61 -24.89
C VAL B 229 -20.29 44.04 -25.60
N TYR B 230 -20.33 42.72 -25.84
CA TYR B 230 -21.58 42.08 -26.23
C TYR B 230 -22.59 42.11 -25.10
N VAL B 231 -22.20 41.62 -23.93
CA VAL B 231 -23.14 41.48 -22.81
C VAL B 231 -23.46 42.83 -22.20
N MET B 232 -22.45 43.68 -22.01
CA MET B 232 -22.62 44.95 -21.32
C MET B 232 -23.50 45.92 -22.11
N ARG B 233 -23.44 45.85 -23.45
CA ARG B 233 -24.38 46.59 -24.26
C ARG B 233 -25.77 45.98 -24.21
N ALA B 234 -25.86 44.66 -24.29
CA ALA B 234 -27.16 44.01 -24.38
C ALA B 234 -27.91 43.95 -23.05
N LEU B 235 -27.24 44.22 -21.93
CA LEU B 235 -27.89 44.00 -20.65
C LEU B 235 -28.79 45.18 -20.27
N GLY B 236 -28.19 46.34 -20.03
CA GLY B 236 -28.99 47.48 -19.63
C GLY B 236 -28.58 48.84 -20.15
N LEU B 237 -27.45 48.93 -20.84
CA LEU B 237 -26.93 50.23 -21.27
C LEU B 237 -26.67 50.23 -22.76
N LEU B 238 -27.13 51.28 -23.44
CA LEU B 238 -27.09 51.38 -24.89
C LEU B 238 -26.06 52.39 -25.38
N THR B 239 -25.99 53.55 -24.72
CA THR B 239 -25.10 54.63 -25.15
C THR B 239 -23.65 54.28 -24.82
N ASP B 240 -22.76 54.53 -25.78
CA ASP B 240 -21.33 54.32 -25.56
C ASP B 240 -20.78 55.30 -24.53
N LYS B 241 -21.38 56.48 -24.40
CA LYS B 241 -20.96 57.42 -23.36
C LYS B 241 -21.28 56.91 -21.97
N GLU B 242 -22.34 56.11 -21.82
CA GLU B 242 -22.70 55.56 -20.53
C GLU B 242 -21.79 54.42 -20.11
N ILE B 243 -21.31 53.63 -21.06
CA ILE B 243 -20.32 52.60 -20.77
C ILE B 243 -19.00 53.23 -20.34
N VAL B 244 -18.67 54.40 -20.93
CA VAL B 244 -17.46 55.13 -20.56
C VAL B 244 -17.54 55.62 -19.12
N GLU B 245 -18.65 56.26 -18.75
CA GLU B 245 -18.75 56.89 -17.44
C GLU B 245 -19.09 55.93 -16.31
N ALA B 246 -19.56 54.71 -16.62
CA ALA B 246 -19.88 53.77 -15.56
C ALA B 246 -18.63 53.11 -15.00
N VAL B 247 -17.64 52.82 -15.84
CA VAL B 247 -16.45 52.12 -15.38
C VAL B 247 -15.52 53.07 -14.64
N SER B 248 -14.99 54.08 -15.33
CA SER B 248 -13.96 54.94 -14.75
C SER B 248 -13.95 56.29 -15.48
N ASP B 249 -13.23 57.23 -14.88
CA ASP B 249 -12.98 58.53 -15.48
C ASP B 249 -11.50 58.85 -15.65
N ASP B 250 -10.62 57.96 -15.23
CA ASP B 250 -9.18 58.12 -15.44
C ASP B 250 -8.88 57.99 -16.94
N PRO B 251 -8.24 59.00 -17.57
CA PRO B 251 -8.03 58.93 -19.02
C PRO B 251 -7.10 57.83 -19.47
N ARG B 252 -6.12 57.44 -18.65
CA ARG B 252 -5.21 56.37 -19.04
C ARG B 252 -5.91 55.02 -19.03
N ILE B 253 -6.88 54.83 -18.13
CA ILE B 253 -7.76 53.67 -18.21
C ILE B 253 -8.69 53.80 -19.41
N GLN B 254 -9.09 55.03 -19.71
CA GLN B 254 -10.19 55.26 -20.66
C GLN B 254 -9.79 54.96 -22.09
N GLN B 255 -8.52 55.22 -22.45
CA GLN B 255 -8.06 54.98 -23.81
C GLN B 255 -7.96 53.50 -24.12
N VAL B 256 -7.84 52.66 -23.10
CA VAL B 256 -7.83 51.21 -23.30
C VAL B 256 -9.23 50.74 -23.68
N LEU B 257 -10.26 51.43 -23.19
CA LEU B 257 -11.63 51.01 -23.46
C LEU B 257 -12.03 51.35 -24.90
N PHE B 258 -11.43 52.38 -25.49
CA PHE B 258 -11.73 52.72 -26.87
C PHE B 258 -11.16 51.70 -27.85
N ASP B 259 -10.07 51.04 -27.48
CA ASP B 259 -9.54 49.96 -28.32
C ASP B 259 -10.48 48.76 -28.29
N ASN B 260 -10.99 48.41 -27.11
CA ASN B 260 -11.86 47.25 -26.98
C ASN B 260 -13.26 47.52 -27.50
N LEU B 261 -13.72 48.77 -27.45
CA LEU B 261 -15.00 49.13 -28.07
C LEU B 261 -14.93 49.02 -29.59
N GLU B 262 -14.09 49.84 -30.22
CA GLU B 262 -14.15 50.10 -31.66
C GLU B 262 -13.77 48.88 -32.49
N ASP B 263 -13.01 47.94 -31.94
CA ASP B 263 -12.60 46.78 -32.72
C ASP B 263 -13.76 45.82 -32.99
N ALA B 264 -14.76 45.77 -32.10
CA ALA B 264 -15.85 44.83 -32.22
C ALA B 264 -17.25 45.44 -32.14
N SER B 265 -17.37 46.75 -31.86
CA SER B 265 -18.67 47.40 -31.83
C SER B 265 -19.38 47.38 -33.17
N ASP B 266 -18.64 47.43 -34.28
CA ASP B 266 -19.24 47.32 -35.61
C ASP B 266 -19.33 45.87 -36.08
N ILE B 267 -19.82 45.00 -35.19
CA ILE B 267 -20.21 43.63 -35.52
C ILE B 267 -21.62 43.42 -35.02
N SER B 268 -21.85 43.72 -33.74
CA SER B 268 -23.13 43.49 -33.08
C SER B 268 -23.64 44.80 -32.50
N THR B 269 -24.90 45.11 -32.78
CA THR B 269 -25.54 46.30 -32.26
C THR B 269 -26.29 45.99 -30.97
N GLN B 270 -27.10 46.94 -30.52
CA GLN B 270 -27.82 46.84 -29.27
C GLN B 270 -28.93 45.81 -29.32
N GLU B 271 -29.15 45.16 -28.16
CA GLU B 271 -30.22 44.21 -27.86
C GLU B 271 -30.21 42.96 -28.74
N GLU B 272 -29.10 42.67 -29.42
CA GLU B 272 -29.00 41.46 -30.24
C GLU B 272 -28.06 40.43 -29.67
N ALA B 273 -27.20 40.79 -28.72
CA ALA B 273 -26.37 39.78 -28.07
C ALA B 273 -27.19 38.95 -27.08
N LEU B 274 -28.33 39.48 -26.60
CA LEU B 274 -29.32 38.63 -25.95
C LEU B 274 -29.84 37.57 -26.91
N ASP B 275 -30.05 37.95 -28.17
CA ASP B 275 -30.42 36.97 -29.18
C ASP B 275 -29.25 36.09 -29.60
N TYR B 276 -28.02 36.62 -29.51
CA TYR B 276 -26.84 35.84 -29.90
C TYR B 276 -26.55 34.70 -28.93
N ILE B 277 -26.93 34.84 -27.66
CA ILE B 277 -26.87 33.69 -26.76
C ILE B 277 -27.84 32.61 -27.21
N GLY B 278 -29.00 33.03 -27.74
CA GLY B 278 -29.90 32.11 -28.41
C GLY B 278 -29.33 31.50 -29.68
N ARG B 279 -28.34 32.15 -30.30
CA ARG B 279 -27.60 31.52 -31.39
C ARG B 279 -26.60 30.50 -30.84
N LEU B 280 -26.08 30.74 -29.64
CA LEU B 280 -25.00 29.95 -29.07
C LEU B 280 -25.50 28.73 -28.34
N ALA B 281 -26.60 28.85 -27.59
CA ALA B 281 -27.02 27.78 -26.70
C ALA B 281 -27.63 26.61 -27.47
N LEU B 282 -28.26 26.89 -28.61
CA LEU B 282 -28.86 25.88 -29.47
C LEU B 282 -29.08 26.51 -30.84
N PRO B 283 -28.98 25.72 -31.93
CA PRO B 283 -29.18 26.28 -33.27
C PRO B 283 -30.52 25.98 -33.93
N GLY B 284 -30.52 26.07 -35.26
CA GLY B 284 -31.64 25.81 -36.16
C GLY B 284 -32.97 26.46 -35.85
N GLN B 285 -33.00 27.81 -35.95
CA GLN B 285 -34.12 28.74 -35.71
C GLN B 285 -35.02 28.36 -34.54
N PRO B 286 -34.53 28.40 -33.29
CA PRO B 286 -35.40 28.03 -32.15
C PRO B 286 -36.62 28.93 -31.99
N LYS B 287 -36.42 30.23 -32.21
CA LYS B 287 -37.36 31.34 -32.05
C LYS B 287 -37.98 31.38 -30.66
N GLU B 288 -38.87 30.43 -30.35
CA GLU B 288 -39.45 30.40 -29.01
C GLU B 288 -38.44 29.93 -27.95
N TYR B 289 -37.46 29.09 -28.34
CA TYR B 289 -36.37 28.70 -27.44
C TYR B 289 -35.21 29.67 -27.50
N ARG B 290 -35.14 30.51 -28.53
CA ARG B 290 -34.02 31.44 -28.68
C ARG B 290 -34.05 32.56 -27.65
N LEU B 291 -34.98 33.51 -27.84
CA LEU B 291 -35.18 34.62 -26.91
C LEU B 291 -35.31 34.18 -25.45
N ARG B 292 -36.14 33.15 -25.21
CA ARG B 292 -36.58 32.83 -23.85
C ARG B 292 -35.52 32.13 -23.00
N ARG B 293 -34.64 31.33 -23.59
CA ARG B 293 -33.62 30.66 -22.78
C ARG B 293 -32.50 31.60 -22.38
N ALA B 294 -32.13 32.55 -23.25
CA ALA B 294 -31.11 33.52 -22.89
C ALA B 294 -31.61 34.50 -21.83
N GLU B 295 -32.93 34.71 -21.75
CA GLU B 295 -33.48 35.48 -20.63
C GLU B 295 -33.34 34.73 -19.32
N HIS B 296 -33.38 33.40 -19.37
CA HIS B 296 -33.21 32.57 -18.20
C HIS B 296 -31.75 32.39 -17.80
N ILE B 297 -30.82 32.56 -18.74
CA ILE B 297 -29.40 32.39 -18.42
C ILE B 297 -28.86 33.63 -17.71
N ILE B 298 -29.14 34.81 -18.26
CA ILE B 298 -28.57 36.05 -17.71
C ILE B 298 -29.19 36.38 -16.35
N ASP B 299 -30.49 36.22 -16.22
CA ASP B 299 -31.16 36.56 -14.96
C ASP B 299 -30.97 35.53 -13.86
N ASN B 300 -30.33 34.39 -14.13
CA ASN B 300 -30.15 33.37 -13.10
C ASN B 300 -28.71 32.87 -12.99
N ASN B 301 -27.77 33.46 -13.73
CA ASN B 301 -26.38 33.06 -13.56
C ASN B 301 -25.47 34.26 -13.38
N LEU B 302 -25.83 35.40 -13.95
CA LEU B 302 -25.01 36.61 -13.76
C LEU B 302 -25.42 37.28 -12.45
N LEU B 303 -24.60 37.07 -11.43
CA LEU B 303 -24.57 37.73 -10.14
C LEU B 303 -25.87 37.61 -9.37
N PRO B 304 -26.24 36.42 -8.87
CA PRO B 304 -27.53 36.26 -8.20
C PRO B 304 -27.62 36.90 -6.83
N HIS B 305 -26.55 37.46 -6.28
CA HIS B 305 -26.63 38.11 -4.98
C HIS B 305 -27.18 39.53 -5.05
N MET B 306 -27.54 40.00 -6.24
CA MET B 306 -28.16 41.30 -6.41
C MET B 306 -29.65 41.22 -6.65
N GLY B 307 -30.14 40.13 -7.22
CA GLY B 307 -31.56 40.01 -7.51
C GLY B 307 -31.79 39.01 -8.61
N VAL B 308 -33.08 38.77 -8.87
CA VAL B 308 -33.51 37.77 -9.85
C VAL B 308 -34.49 38.41 -10.83
N ASP B 309 -34.91 39.65 -10.53
CA ASP B 309 -35.86 40.33 -11.40
C ASP B 309 -35.15 41.04 -12.55
N PRO B 310 -35.81 41.24 -13.69
CA PRO B 310 -35.21 42.03 -14.76
C PRO B 310 -35.16 43.52 -14.48
N GLU B 311 -35.88 44.00 -13.46
CA GLU B 311 -35.66 45.33 -12.91
C GLU B 311 -34.23 45.50 -12.43
N ASN B 312 -33.66 44.47 -11.80
CA ASN B 312 -32.37 44.51 -11.12
C ASN B 312 -31.18 44.60 -12.06
N ARG B 313 -31.40 44.53 -13.37
CA ARG B 313 -30.30 44.60 -14.34
C ARG B 313 -29.57 45.94 -14.29
N ARG B 314 -30.25 47.01 -13.87
CA ARG B 314 -29.59 48.31 -13.72
C ARG B 314 -28.49 48.27 -12.65
N ALA B 315 -28.67 47.47 -11.59
CA ALA B 315 -27.63 47.32 -10.58
C ALA B 315 -26.52 46.37 -10.99
N LYS B 316 -26.85 45.29 -11.72
CA LYS B 316 -25.83 44.32 -12.11
C LYS B 316 -24.89 44.87 -13.17
N ALA B 317 -25.34 45.84 -13.96
CA ALA B 317 -24.48 46.48 -14.93
C ALA B 317 -23.38 47.30 -14.25
N TYR B 318 -23.68 47.90 -13.09
CA TYR B 318 -22.67 48.71 -12.41
C TYR B 318 -21.70 47.86 -11.62
N TYR B 319 -22.17 46.74 -11.06
CA TYR B 319 -21.33 45.89 -10.21
C TYR B 319 -20.26 45.19 -11.04
N LEU B 320 -20.66 44.56 -12.13
CA LEU B 320 -19.72 43.87 -13.00
C LEU B 320 -18.89 44.86 -13.82
N GLY B 321 -19.36 46.10 -13.96
CA GLY B 321 -18.53 47.14 -14.56
C GLY B 321 -17.36 47.54 -13.68
N MET B 322 -17.47 47.34 -12.38
CA MET B 322 -16.41 47.77 -11.46
C MET B 322 -15.26 46.77 -11.43
N MET B 323 -15.53 45.50 -11.67
CA MET B 323 -14.47 44.49 -11.69
C MET B 323 -13.59 44.63 -12.92
N ALA B 324 -14.13 45.14 -14.03
CA ALA B 324 -13.33 45.27 -15.23
C ALA B 324 -12.35 46.44 -15.11
N LEU B 325 -12.61 47.37 -14.19
CA LEU B 325 -11.63 48.37 -13.82
C LEU B 325 -10.39 47.70 -13.25
N LYS B 326 -10.59 46.79 -12.27
CA LYS B 326 -9.50 46.21 -11.50
C LYS B 326 -8.59 45.32 -12.34
N VAL B 327 -9.05 44.85 -13.49
CA VAL B 327 -8.19 44.10 -14.40
C VAL B 327 -7.27 45.04 -15.14
N LEU B 328 -7.69 46.28 -15.37
CA LEU B 328 -7.06 47.11 -16.39
C LEU B 328 -6.06 48.10 -15.85
N GLU B 329 -6.08 48.42 -14.56
CA GLU B 329 -4.90 49.05 -13.99
C GLU B 329 -3.83 48.03 -13.59
N LEU B 330 -4.12 46.74 -13.72
CA LEU B 330 -3.10 45.72 -13.51
C LEU B 330 -2.30 45.48 -14.78
N SER B 331 -2.90 45.71 -15.95
CA SER B 331 -2.17 45.64 -17.20
C SER B 331 -1.11 46.73 -17.29
N LEU B 332 -1.43 47.92 -16.81
CA LEU B 332 -0.44 48.97 -16.69
C LEU B 332 0.48 48.72 -15.50
N GLY B 333 -0.11 48.46 -14.35
CA GLY B 333 0.58 48.22 -13.11
C GLY B 333 0.31 49.38 -12.18
N LEU B 334 -0.69 49.22 -11.32
CA LEU B 334 -1.10 50.29 -10.42
C LEU B 334 -1.40 49.81 -9.01
N ARG B 335 -1.74 48.54 -8.80
CA ARG B 335 -1.79 47.93 -7.49
C ARG B 335 -0.95 46.66 -7.52
N GLY B 336 -1.09 45.83 -6.49
CA GLY B 336 -0.45 44.53 -6.46
C GLY B 336 -1.49 43.43 -6.33
N GLU B 337 -1.01 42.20 -6.48
CA GLU B 337 -1.86 41.03 -6.49
C GLU B 337 -2.37 40.76 -5.07
N ASP B 338 -3.65 40.41 -4.97
CA ASP B 338 -4.26 40.15 -3.68
C ASP B 338 -4.13 38.66 -3.41
N ASP B 339 -3.51 38.31 -2.29
CA ASP B 339 -3.11 36.94 -2.03
C ASP B 339 -4.21 36.22 -1.28
N LYS B 340 -4.54 35.01 -1.73
CA LYS B 340 -5.68 34.29 -1.15
C LYS B 340 -5.27 33.36 -0.02
N ASP B 341 -4.45 33.87 0.89
CA ASP B 341 -4.09 33.14 2.09
C ASP B 341 -4.26 34.06 3.28
N HIS B 342 -4.13 35.35 2.99
CA HIS B 342 -4.27 36.42 3.96
C HIS B 342 -5.64 36.40 4.62
N TYR B 343 -5.68 36.28 5.94
CA TYR B 343 -6.94 36.16 6.69
C TYR B 343 -7.80 37.38 6.70
N ALA B 344 -7.55 38.47 5.96
CA ALA B 344 -8.58 39.49 5.78
C ALA B 344 -9.69 38.97 4.89
N ASN B 345 -9.38 38.15 3.90
CA ASN B 345 -10.40 37.55 3.07
C ASN B 345 -10.27 36.03 3.09
N LYS B 346 -10.70 35.42 4.21
CA LYS B 346 -10.92 33.98 4.29
C LYS B 346 -11.80 33.72 5.51
N ARG B 347 -13.09 33.49 5.28
CA ARG B 347 -14.05 33.33 6.37
C ARG B 347 -14.32 31.84 6.62
N LEU B 348 -15.01 31.60 7.73
CA LEU B 348 -15.29 30.25 8.22
C LEU B 348 -16.79 30.04 8.30
N LYS B 349 -17.36 29.31 7.37
CA LYS B 349 -18.72 28.84 7.58
C LYS B 349 -18.68 27.64 8.49
N LEU B 350 -19.50 27.67 9.54
CA LEU B 350 -19.47 26.65 10.58
C LEU B 350 -20.91 26.25 10.90
N ALA B 351 -21.09 25.57 12.05
CA ALA B 351 -22.29 24.79 12.33
C ALA B 351 -23.58 25.60 12.38
N GLY B 352 -23.49 26.91 12.56
CA GLY B 352 -24.68 27.74 12.42
C GLY B 352 -25.05 27.93 10.97
N ASP B 353 -24.06 28.18 10.11
CA ASP B 353 -24.31 28.49 8.71
C ASP B 353 -24.49 27.24 7.86
N LEU B 354 -23.77 26.16 8.17
CA LEU B 354 -23.95 24.92 7.42
C LEU B 354 -25.34 24.33 7.64
N LEU B 355 -25.82 24.35 8.88
CA LEU B 355 -27.08 23.69 9.21
C LEU B 355 -28.29 24.45 8.65
N LYS B 356 -28.14 25.73 8.32
CA LYS B 356 -29.20 26.43 7.60
C LYS B 356 -29.26 25.98 6.15
N ASP B 357 -28.12 25.65 5.55
CA ASP B 357 -28.11 25.15 4.19
C ASP B 357 -28.74 23.76 4.10
N LEU B 358 -28.58 22.95 5.15
CA LEU B 358 -29.19 21.63 5.18
C LEU B 358 -30.69 21.71 5.46
N PHE B 359 -31.13 22.74 6.18
CA PHE B 359 -32.55 22.91 6.44
C PHE B 359 -33.27 23.44 5.21
N ARG B 360 -32.59 24.27 4.42
CA ARG B 360 -33.20 24.90 3.24
C ARG B 360 -33.62 23.87 2.21
N VAL B 361 -32.75 22.91 1.92
CA VAL B 361 -33.05 21.90 0.90
C VAL B 361 -34.14 20.95 1.38
N ALA B 362 -34.07 20.53 2.64
CA ALA B 362 -35.05 19.57 3.14
C ALA B 362 -36.42 20.19 3.35
N PHE B 363 -36.49 21.48 3.67
CA PHE B 363 -37.78 22.13 3.80
C PHE B 363 -38.36 22.51 2.44
N GLY B 364 -37.50 22.83 1.47
CA GLY B 364 -37.98 23.15 0.14
C GLY B 364 -38.55 21.95 -0.58
N GLN B 365 -38.06 20.76 -0.28
CA GLN B 365 -38.62 19.53 -0.82
C GLN B 365 -39.91 19.14 -0.12
N LEU B 366 -40.14 19.61 1.12
CA LEU B 366 -41.40 19.34 1.80
C LEU B 366 -42.56 20.14 1.23
N VAL B 367 -42.29 21.37 0.75
CA VAL B 367 -43.32 22.19 0.12
C VAL B 367 -43.80 21.53 -1.17
N LYS B 368 -42.87 20.95 -1.94
CA LYS B 368 -43.24 20.23 -3.16
C LYS B 368 -44.02 18.97 -2.83
N ASP B 369 -43.81 18.38 -1.66
CA ASP B 369 -44.60 17.25 -1.23
C ASP B 369 -45.97 17.67 -0.71
N MET B 370 -46.09 18.92 -0.25
CA MET B 370 -47.40 19.44 0.15
C MET B 370 -48.31 19.60 -1.06
N GLN B 371 -47.76 20.07 -2.17
CA GLN B 371 -48.58 20.37 -3.35
C GLN B 371 -49.07 19.09 -4.03
N TYR B 372 -48.34 17.99 -3.88
CA TYR B 372 -48.75 16.73 -4.49
C TYR B 372 -49.95 16.14 -3.77
N GLN B 373 -50.04 16.32 -2.45
CA GLN B 373 -51.14 15.79 -1.68
C GLN B 373 -52.36 16.70 -1.60
N MET B 374 -52.23 17.96 -2.04
CA MET B 374 -53.41 18.82 -2.18
C MET B 374 -54.09 18.69 -3.53
N THR B 375 -53.31 18.62 -4.61
CA THR B 375 -53.90 18.49 -5.94
C THR B 375 -54.46 17.08 -6.16
N LYS B 376 -53.90 16.07 -5.49
CA LYS B 376 -54.40 14.71 -5.62
C LYS B 376 -55.37 14.34 -4.49
N THR B 377 -56.13 15.32 -4.01
CA THR B 377 -57.17 15.10 -3.02
C THR B 377 -58.41 15.94 -3.30
N TYR B 378 -58.29 16.98 -4.13
CA TYR B 378 -59.43 17.82 -4.51
C TYR B 378 -60.49 17.05 -5.29
N GLN B 379 -60.06 16.11 -6.15
CA GLN B 379 -61.01 15.43 -7.02
C GLN B 379 -61.46 14.08 -6.48
N ARG B 380 -60.57 13.32 -5.85
CA ARG B 380 -60.91 12.00 -5.32
C ARG B 380 -62.05 12.03 -4.30
N LYS B 381 -62.22 13.13 -3.55
CA LYS B 381 -63.35 13.24 -2.65
C LYS B 381 -64.21 14.49 -2.84
N GLY B 382 -63.79 15.44 -3.67
CA GLY B 382 -64.62 16.58 -4.01
C GLY B 382 -64.88 17.58 -2.90
N GLU B 383 -66.11 17.61 -2.41
CA GLU B 383 -66.54 18.58 -1.41
C GLU B 383 -66.90 17.88 -0.11
N ARG B 384 -66.45 18.46 0.99
CA ARG B 384 -66.79 18.00 2.33
C ARG B 384 -67.20 19.21 3.16
N TYR B 385 -67.23 19.02 4.48
CA TYR B 385 -67.67 20.04 5.42
C TYR B 385 -66.74 21.24 5.38
N THR B 386 -67.34 22.43 5.21
CA THR B 386 -66.65 23.62 4.71
C THR B 386 -65.48 24.03 5.60
N PHE B 387 -65.74 24.31 6.87
CA PHE B 387 -64.64 24.66 7.77
C PHE B 387 -63.82 23.44 8.18
N GLU B 388 -64.39 22.23 8.09
CA GLU B 388 -63.61 21.03 8.36
C GLU B 388 -62.89 20.52 7.12
N ASN B 389 -63.03 21.22 5.99
CA ASN B 389 -62.17 20.98 4.84
C ASN B 389 -60.73 21.32 5.19
N ILE B 390 -60.51 22.57 5.60
CA ILE B 390 -59.19 23.08 5.87
C ILE B 390 -58.57 22.47 7.13
N GLN B 391 -59.40 21.98 8.05
CA GLN B 391 -58.90 21.18 9.15
C GLN B 391 -58.44 19.79 8.71
N ARG B 392 -58.79 19.37 7.49
CA ARG B 392 -58.26 18.12 6.94
C ARG B 392 -57.54 18.28 5.62
N PHE B 393 -57.71 19.39 4.90
CA PHE B 393 -56.81 19.64 3.77
C PHE B 393 -55.40 19.97 4.24
N VAL B 394 -55.28 20.78 5.29
CA VAL B 394 -53.95 21.19 5.75
C VAL B 394 -53.23 20.06 6.46
N ARG B 395 -53.88 19.45 7.47
CA ARG B 395 -53.17 18.50 8.33
C ARG B 395 -52.90 17.16 7.67
N ASN B 396 -53.63 16.80 6.62
CA ASN B 396 -53.39 15.51 5.98
C ASN B 396 -52.42 15.58 4.81
N SER B 397 -52.17 16.76 4.26
CA SER B 397 -51.36 16.93 3.06
C SER B 397 -49.92 17.28 3.37
N ILE B 398 -49.33 16.70 4.43
CA ILE B 398 -47.99 17.04 4.88
C ILE B 398 -47.07 15.82 4.94
N ARG B 399 -47.52 14.74 5.61
CA ARG B 399 -46.80 13.50 5.95
C ARG B 399 -45.40 13.77 6.50
N PRO B 400 -45.32 14.16 7.80
CA PRO B 400 -44.13 14.83 8.38
C PRO B 400 -42.77 14.17 8.23
N ASP B 401 -42.70 12.85 8.08
CA ASP B 401 -41.42 12.13 8.12
C ASP B 401 -40.50 12.43 6.94
N VAL B 402 -40.99 13.12 5.92
CA VAL B 402 -40.17 13.42 4.75
C VAL B 402 -39.07 14.42 5.12
N LEU B 403 -39.39 15.35 6.03
CA LEU B 403 -38.43 16.35 6.47
C LEU B 403 -37.29 15.74 7.27
N SER B 404 -37.62 14.93 8.27
CA SER B 404 -36.65 14.64 9.32
C SER B 404 -35.60 13.62 8.90
N GLU B 405 -35.95 12.67 8.04
CA GLU B 405 -34.96 11.72 7.53
C GLU B 405 -33.86 12.41 6.74
N ARG B 406 -34.24 13.32 5.83
CA ARG B 406 -33.26 14.11 5.09
C ARG B 406 -32.35 14.93 6.01
N ILE B 407 -32.86 15.41 7.14
CA ILE B 407 -32.00 16.12 8.09
C ILE B 407 -30.99 15.17 8.71
N GLU B 408 -31.44 14.01 9.17
CA GLU B 408 -30.56 13.08 9.89
C GLU B 408 -29.57 12.38 8.96
N HIS B 409 -30.05 11.86 7.83
CA HIS B 409 -29.23 10.99 6.98
C HIS B 409 -28.11 11.75 6.28
N ALA B 410 -28.26 13.04 6.06
CA ALA B 410 -27.16 13.81 5.50
C ALA B 410 -26.09 14.10 6.52
N LEU B 411 -26.42 14.09 7.81
CA LEU B 411 -25.48 14.40 8.86
C LEU B 411 -25.01 13.16 9.60
N ALA B 412 -25.69 12.02 9.45
CA ALA B 412 -25.19 10.76 9.95
C ALA B 412 -24.26 10.05 8.98
N THR B 413 -23.92 10.71 7.87
CA THR B 413 -22.98 10.16 6.90
C THR B 413 -21.96 11.22 6.52
N GLY B 414 -22.39 12.48 6.54
CA GLY B 414 -21.49 13.56 6.19
C GLY B 414 -21.25 13.68 4.69
N SER B 415 -22.33 13.74 3.93
CA SER B 415 -22.28 13.90 2.48
C SER B 415 -23.47 14.79 2.11
N TRP B 416 -23.22 16.02 1.96
CA TRP B 416 -24.34 16.95 1.86
C TRP B 416 -24.74 17.17 0.40
N PRO B 417 -26.01 17.51 0.13
CA PRO B 417 -26.48 17.53 -1.27
C PRO B 417 -25.86 18.59 -2.16
N GLY B 418 -25.12 19.55 -1.61
CA GLY B 418 -24.38 20.47 -2.46
C GLY B 418 -23.26 19.77 -3.19
N GLY B 419 -22.56 18.87 -2.50
CA GLY B 419 -21.42 18.17 -3.06
C GLY B 419 -20.35 17.95 -2.02
N ARG B 420 -20.52 18.59 -0.86
CA ARG B 420 -19.58 18.44 0.24
C ARG B 420 -19.61 17.03 0.79
N THR B 421 -18.43 16.49 1.05
CA THR B 421 -18.25 15.18 1.65
C THR B 421 -17.45 15.36 2.92
N GLY B 422 -17.78 14.58 3.94
CA GLY B 422 -17.04 14.59 5.19
C GLY B 422 -17.13 15.90 5.95
N VAL B 423 -18.34 16.24 6.38
CA VAL B 423 -18.59 17.44 7.18
C VAL B 423 -19.11 17.04 8.55
N SER B 424 -19.21 15.75 8.83
CA SER B 424 -19.66 15.24 10.11
C SER B 424 -18.80 14.01 10.43
N GLN B 425 -17.76 14.21 11.21
CA GLN B 425 -16.82 13.16 11.56
C GLN B 425 -16.99 12.86 13.04
N LEU B 426 -17.15 11.58 13.39
CA LEU B 426 -17.50 11.22 14.76
C LEU B 426 -16.39 11.60 15.71
N LEU B 427 -16.79 11.95 16.92
CA LEU B 427 -15.93 12.69 17.84
C LEU B 427 -14.86 11.75 18.39
N ASP B 428 -13.60 12.05 18.08
CA ASP B 428 -12.50 11.21 18.54
C ASP B 428 -12.36 11.37 20.04
N ARG B 429 -12.41 10.26 20.75
CA ARG B 429 -12.78 10.32 22.15
C ARG B 429 -11.65 9.98 23.12
N THR B 430 -10.58 9.33 22.67
CA THR B 430 -9.43 9.02 23.53
C THR B 430 -8.80 10.30 24.10
N ASN B 431 -8.39 10.25 25.38
CA ASN B 431 -7.58 11.25 26.11
C ASN B 431 -7.95 12.73 25.97
N TYR B 432 -8.76 13.23 26.92
CA TYR B 432 -9.40 14.55 27.01
C TYR B 432 -8.78 15.72 26.25
N MET B 433 -7.46 15.75 26.13
CA MET B 433 -6.80 16.68 25.22
C MET B 433 -7.19 16.45 23.76
N SER B 434 -7.71 15.28 23.40
CA SER B 434 -8.07 14.99 22.02
C SER B 434 -9.56 15.04 21.72
N THR B 435 -10.44 15.08 22.73
CA THR B 435 -11.81 15.44 22.40
C THR B 435 -11.91 16.93 22.19
N LEU B 436 -11.15 17.69 22.97
CA LEU B 436 -11.17 19.14 22.89
C LEU B 436 -10.49 19.64 21.63
N SER B 437 -9.42 18.98 21.21
CA SER B 437 -8.74 19.41 20.00
C SER B 437 -9.53 19.10 18.75
N HIS B 438 -10.47 18.16 18.81
CA HIS B 438 -11.33 17.90 17.66
C HIS B 438 -12.50 18.88 17.59
N LEU B 439 -12.77 19.62 18.67
CA LEU B 439 -13.78 20.66 18.68
C LEU B 439 -13.23 22.00 18.25
N ARG B 440 -11.95 22.07 17.90
CA ARG B 440 -11.31 23.32 17.49
C ARG B 440 -10.71 23.22 16.11
N ARG B 441 -11.00 22.17 15.35
CA ARG B 441 -10.33 22.01 14.07
C ARG B 441 -10.90 22.97 13.05
N VAL B 442 -10.07 23.32 12.08
CA VAL B 442 -10.47 24.11 10.94
C VAL B 442 -9.91 23.39 9.73
N THR B 443 -10.78 22.78 8.95
CA THR B 443 -10.33 22.03 7.78
C THR B 443 -10.35 22.91 6.56
N SER B 444 -9.81 22.40 5.47
CA SER B 444 -9.72 23.22 4.28
C SER B 444 -10.14 22.43 3.06
N PRO B 445 -11.13 22.88 2.31
CA PRO B 445 -11.60 22.07 1.17
C PRO B 445 -10.67 22.21 -0.02
N LEU B 446 -9.83 21.21 -0.24
CA LEU B 446 -8.96 21.15 -1.39
C LEU B 446 -8.80 19.69 -1.78
N SER B 447 -7.82 19.39 -2.63
CA SER B 447 -7.49 18.00 -2.92
C SER B 447 -6.45 17.50 -1.93
N ARG B 448 -6.64 16.26 -1.47
CA ARG B 448 -5.77 15.73 -0.44
C ARG B 448 -4.41 15.32 -0.96
N ASP B 449 -4.30 15.03 -2.26
CA ASP B 449 -3.12 14.34 -2.78
C ASP B 449 -2.15 15.23 -3.53
N GLN B 450 -2.64 16.11 -4.39
CA GLN B 450 -1.76 16.92 -5.22
C GLN B 450 -1.04 17.96 -4.37
N PRO B 451 0.22 18.26 -4.67
CA PRO B 451 0.96 19.18 -3.81
C PRO B 451 0.47 20.62 -3.97
N HIS B 452 0.34 21.29 -2.84
CA HIS B 452 -0.02 22.70 -2.78
C HIS B 452 1.11 23.34 -2.00
N PHE B 453 2.18 23.72 -2.71
CA PHE B 453 3.35 24.24 -2.03
C PHE B 453 3.13 25.64 -1.48
N GLU B 454 2.17 26.39 -2.00
CA GLU B 454 1.87 27.70 -1.49
C GLU B 454 0.62 27.72 -0.60
N ALA B 455 -0.11 26.61 -0.50
CA ALA B 455 -1.27 26.54 0.38
C ALA B 455 -1.09 25.60 1.55
N ARG B 456 0.10 25.03 1.73
CA ARG B 456 0.41 24.24 2.91
C ARG B 456 1.47 24.91 3.77
N ASP B 457 1.79 26.17 3.49
CA ASP B 457 2.83 26.88 4.22
C ASP B 457 2.28 27.43 5.52
N LEU B 458 2.99 28.38 6.09
CA LEU B 458 2.64 28.95 7.38
C LEU B 458 2.81 30.46 7.20
N HIS B 459 1.70 31.18 7.24
CA HIS B 459 1.61 32.56 6.76
C HIS B 459 1.57 33.50 7.96
N GLY B 460 1.91 34.77 7.71
CA GLY B 460 2.02 35.73 8.79
C GLY B 460 0.72 36.10 9.45
N THR B 461 -0.41 35.87 8.77
CA THR B 461 -1.72 36.15 9.34
C THR B 461 -2.15 35.12 10.38
N HIS B 462 -1.47 33.98 10.49
CA HIS B 462 -1.83 32.95 11.44
C HIS B 462 -1.43 33.29 12.86
N TRP B 463 -0.70 34.39 13.07
CA TRP B 463 -0.22 34.82 14.37
C TRP B 463 -1.37 35.11 15.32
N GLY B 464 -1.54 34.29 16.34
CA GLY B 464 -2.59 34.54 17.31
C GLY B 464 -3.97 34.05 16.95
N ARG B 465 -4.14 33.47 15.76
CA ARG B 465 -5.40 32.87 15.35
C ARG B 465 -5.31 31.37 15.12
N ILE B 466 -4.21 30.89 14.54
CA ILE B 466 -4.00 29.49 14.20
C ILE B 466 -2.72 28.99 14.86
N CYS B 467 -2.75 27.76 15.37
CA CYS B 467 -1.60 27.16 16.03
C CYS B 467 -0.48 26.86 15.03
N PRO B 468 0.78 27.17 15.36
CA PRO B 468 1.86 26.94 14.39
C PRO B 468 2.32 25.51 14.25
N THR B 469 2.08 24.63 15.23
CA THR B 469 2.74 23.33 15.24
C THR B 469 1.81 22.16 14.98
N GLU B 470 0.58 22.18 15.47
CA GLU B 470 -0.27 20.99 15.44
C GLU B 470 -0.75 20.77 14.02
N THR B 471 -0.24 19.75 13.40
CA THR B 471 -0.62 19.38 12.05
C THR B 471 -0.40 17.89 11.89
N PRO B 472 -1.44 17.12 11.62
CA PRO B 472 -1.26 15.67 11.53
C PRO B 472 -0.54 15.31 10.25
N GLU B 473 0.33 14.31 10.36
CA GLU B 473 1.17 13.90 9.25
C GLU B 473 0.55 12.74 8.49
N GLY B 474 0.82 12.72 7.20
CA GLY B 474 0.17 11.81 6.30
C GLY B 474 0.13 12.51 4.97
N PRO B 475 -0.96 12.34 4.21
CA PRO B 475 -1.11 13.12 2.98
C PRO B 475 -1.57 14.55 3.22
N ASN B 476 -2.21 14.84 4.36
CA ASN B 476 -2.67 16.18 4.68
C ASN B 476 -1.52 17.18 4.83
N CYS B 477 -0.76 17.01 5.91
CA CYS B 477 0.41 17.82 6.30
C CYS B 477 0.24 19.32 6.06
N GLY B 478 -0.88 19.87 6.50
CA GLY B 478 -1.07 21.28 6.32
C GLY B 478 -2.34 21.67 5.60
N LEU B 479 -3.34 20.80 5.66
CA LEU B 479 -4.67 21.14 5.19
C LEU B 479 -5.71 21.09 6.29
N VAL B 480 -5.40 20.49 7.44
CA VAL B 480 -6.23 20.63 8.61
C VAL B 480 -5.39 21.28 9.68
N LYS B 481 -5.93 22.33 10.30
CA LYS B 481 -5.16 23.18 11.19
C LYS B 481 -6.06 23.61 12.34
N ASN B 482 -5.45 23.96 13.46
CA ASN B 482 -6.20 24.20 14.68
C ASN B 482 -6.17 25.67 15.08
N LEU B 483 -7.27 26.12 15.68
CA LEU B 483 -7.38 27.47 16.19
C LEU B 483 -6.44 27.68 17.36
N ALA B 484 -5.97 28.91 17.52
CA ALA B 484 -5.13 29.27 18.65
C ALA B 484 -5.96 29.33 19.92
N LEU B 485 -5.27 29.52 21.03
CA LEU B 485 -5.91 29.50 22.34
C LEU B 485 -6.34 30.88 22.85
N MET B 486 -6.10 31.95 22.09
CA MET B 486 -6.64 33.28 22.39
C MET B 486 -7.22 33.90 21.12
N SER B 487 -8.48 33.61 20.83
CA SER B 487 -9.12 34.18 19.66
C SER B 487 -10.61 34.29 19.89
N GLN B 488 -11.28 35.00 18.98
CA GLN B 488 -12.71 35.22 19.08
C GLN B 488 -13.28 35.32 17.67
N ILE B 489 -14.46 34.74 17.47
CA ILE B 489 -15.11 34.66 16.17
C ILE B 489 -16.34 35.55 16.20
N THR B 490 -16.53 36.34 15.15
CA THR B 490 -17.63 37.27 15.07
C THR B 490 -18.98 36.55 14.97
N THR B 491 -20.00 37.17 15.54
CA THR B 491 -21.33 36.56 15.57
C THR B 491 -22.20 37.04 14.41
N GLY B 492 -22.49 38.32 14.39
CA GLY B 492 -23.39 38.91 13.41
C GLY B 492 -24.14 40.08 14.01
N ILE B 493 -24.73 40.87 13.13
CA ILE B 493 -25.42 42.12 13.48
C ILE B 493 -26.28 42.47 12.28
N PRO B 494 -27.42 43.16 12.45
CA PRO B 494 -28.16 43.62 11.27
C PRO B 494 -27.42 44.73 10.53
N GLU B 495 -27.37 44.57 9.20
CA GLU B 495 -26.56 45.45 8.35
C GLU B 495 -27.18 46.84 8.20
N ARG B 496 -28.51 46.92 8.11
CA ARG B 496 -29.19 48.14 7.69
C ARG B 496 -29.04 49.28 8.69
N GLU B 497 -28.86 48.95 9.98
CA GLU B 497 -28.67 49.99 10.99
C GLU B 497 -27.33 50.70 10.82
N VAL B 498 -26.33 49.99 10.30
CA VAL B 498 -25.01 50.58 10.08
C VAL B 498 -25.06 51.61 8.95
N ARG B 499 -25.88 51.35 7.93
CA ARG B 499 -26.02 52.28 6.79
C ARG B 499 -26.54 53.64 7.25
N GLU B 500 -27.51 53.65 8.15
CA GLU B 500 -28.05 54.92 8.65
C GLU B 500 -27.06 55.64 9.54
N TYR B 501 -26.26 54.89 10.31
CA TYR B 501 -25.39 55.52 11.28
C TYR B 501 -24.19 56.21 10.64
N LEU B 502 -23.63 55.62 9.59
CA LEU B 502 -22.52 56.28 8.91
C LEU B 502 -22.95 57.41 7.99
N MET B 503 -24.20 57.40 7.53
CA MET B 503 -24.63 58.38 6.53
C MET B 503 -24.72 59.79 7.11
N LYS B 504 -24.98 59.93 8.40
CA LYS B 504 -25.07 61.24 9.01
C LYS B 504 -23.74 61.77 9.51
N MET B 505 -22.73 60.91 9.60
CA MET B 505 -21.40 61.30 10.06
C MET B 505 -20.52 61.90 8.97
N GLY B 506 -21.07 62.22 7.80
CA GLY B 506 -20.31 62.85 6.74
C GLY B 506 -20.15 62.03 5.49
N VAL B 507 -20.83 60.90 5.38
CA VAL B 507 -20.79 60.07 4.20
C VAL B 507 -21.63 60.71 3.10
N VAL B 508 -20.99 61.00 1.96
CA VAL B 508 -21.66 61.62 0.81
C VAL B 508 -22.04 60.49 -0.14
N PRO B 509 -23.33 60.21 -0.33
CA PRO B 509 -23.74 58.94 -0.94
C PRO B 509 -23.50 58.81 -2.44
N ILE B 510 -24.01 57.70 -2.98
CA ILE B 510 -23.75 57.30 -4.36
C ILE B 510 -24.50 58.19 -5.35
N GLU B 511 -25.53 58.92 -4.88
CA GLU B 511 -26.30 59.81 -5.74
C GLU B 511 -25.46 60.94 -6.32
N GLU B 512 -24.41 61.36 -5.61
CA GLU B 512 -23.63 62.54 -5.97
C GLU B 512 -22.26 62.21 -6.54
N ARG B 513 -21.70 61.04 -6.21
CA ARG B 513 -20.28 60.75 -6.44
C ARG B 513 -19.93 60.68 -7.93
N ARG B 514 -18.73 61.16 -8.25
CA ARG B 514 -18.16 61.11 -9.60
C ARG B 514 -17.54 59.73 -9.92
N PRO B 515 -16.71 59.12 -9.03
CA PRO B 515 -15.96 59.45 -7.81
C PRO B 515 -14.51 59.94 -8.01
N ALA B 516 -13.79 59.39 -9.05
CA ALA B 516 -12.34 59.52 -9.19
C ALA B 516 -11.94 60.77 -9.96
N PRO B 517 -10.77 61.36 -9.64
CA PRO B 517 -9.95 61.10 -8.44
C PRO B 517 -10.35 61.98 -7.27
N GLY B 518 -11.23 61.48 -6.40
CA GLY B 518 -11.82 62.30 -5.36
C GLY B 518 -11.45 61.99 -3.93
N LEU B 519 -10.45 61.13 -3.68
CA LEU B 519 -9.97 60.73 -2.35
C LEU B 519 -11.12 60.11 -1.52
N TYR B 520 -11.53 58.93 -1.98
CA TYR B 520 -12.87 58.41 -1.77
C TYR B 520 -12.87 56.89 -1.56
N ARG B 521 -14.00 56.26 -1.92
CA ARG B 521 -14.24 54.81 -1.98
C ARG B 521 -14.27 54.13 -0.62
N VAL B 522 -15.22 54.53 0.21
CA VAL B 522 -15.57 53.82 1.44
C VAL B 522 -16.38 52.58 1.08
N TYR B 523 -15.89 51.40 1.45
CA TYR B 523 -16.65 50.17 1.21
C TYR B 523 -17.42 49.77 2.47
N LEU B 524 -18.28 48.77 2.31
CA LEU B 524 -19.06 48.22 3.42
C LEU B 524 -19.39 46.78 3.05
N ASN B 525 -18.65 45.82 3.64
CA ASN B 525 -18.84 44.37 3.42
C ASN B 525 -18.70 43.99 1.95
N GLY B 526 -17.81 44.68 1.24
CA GLY B 526 -17.63 44.46 -0.17
C GLY B 526 -18.47 45.34 -1.07
N VAL B 527 -19.60 45.85 -0.57
CA VAL B 527 -20.41 46.81 -1.30
C VAL B 527 -19.83 48.20 -1.13
N LEU B 528 -19.81 48.98 -2.22
CA LEU B 528 -19.35 50.37 -2.17
C LEU B 528 -20.56 51.23 -1.89
N ILE B 529 -20.58 51.90 -0.75
CA ILE B 529 -21.61 52.89 -0.45
C ILE B 529 -20.95 54.14 0.07
N GLY B 530 -21.30 55.28 -0.53
CA GLY B 530 -20.91 56.57 -0.02
C GLY B 530 -19.45 56.96 -0.18
N THR B 531 -19.16 58.24 0.05
CA THR B 531 -17.83 58.81 -0.07
C THR B 531 -17.60 59.85 1.03
N VAL B 532 -16.38 59.90 1.56
CA VAL B 532 -15.99 60.95 2.49
C VAL B 532 -14.70 61.60 1.99
N GLU B 533 -14.47 62.83 2.43
CA GLU B 533 -13.45 63.67 1.81
C GLU B 533 -12.06 63.37 2.37
N ASP B 534 -11.90 63.46 3.69
CA ASP B 534 -10.61 63.29 4.33
C ASP B 534 -10.51 61.88 4.90
N GLY B 535 -9.48 61.14 4.47
CA GLY B 535 -9.33 59.77 4.93
C GLY B 535 -8.96 59.69 6.40
N ARG B 536 -8.02 60.52 6.84
CA ARG B 536 -7.53 60.47 8.21
C ARG B 536 -8.57 60.93 9.23
N LYS B 537 -9.55 61.74 8.81
CA LYS B 537 -10.56 62.19 9.76
C LYS B 537 -11.58 61.10 10.07
N LEU B 538 -12.00 60.36 9.05
CA LEU B 538 -13.13 59.45 9.24
C LEU B 538 -12.71 58.14 9.90
N VAL B 539 -11.51 57.65 9.59
CA VAL B 539 -11.08 56.39 10.16
C VAL B 539 -10.71 56.53 11.63
N GLU B 540 -10.35 57.73 12.07
CA GLU B 540 -10.11 57.96 13.49
C GLU B 540 -11.39 58.26 14.24
N ARG B 541 -12.41 58.76 13.54
CA ARG B 541 -13.64 59.18 14.19
C ARG B 541 -14.45 58.00 14.70
N ILE B 542 -14.51 56.92 13.91
CA ILE B 542 -15.31 55.77 14.30
C ILE B 542 -14.63 55.01 15.44
N ARG B 543 -13.30 54.95 15.42
CA ARG B 543 -12.54 54.28 16.46
C ARG B 543 -12.67 54.98 17.80
N ALA B 544 -12.83 56.30 17.80
CA ALA B 544 -13.02 57.02 19.05
C ALA B 544 -14.41 56.80 19.61
N ASP B 545 -15.40 56.58 18.74
CA ASP B 545 -16.75 56.31 19.23
C ASP B 545 -16.87 54.88 19.74
N ARG B 546 -16.18 53.93 19.10
CA ARG B 546 -16.22 52.55 19.55
C ARG B 546 -15.55 52.38 20.91
N ARG B 547 -14.48 53.14 21.16
CA ARG B 547 -13.80 53.12 22.45
C ARG B 547 -14.41 54.09 23.44
N ALA B 548 -15.68 54.42 23.27
CA ALA B 548 -16.50 55.12 24.25
C ALA B 548 -17.68 54.29 24.70
N GLY B 549 -18.32 53.57 23.79
CA GLY B 549 -19.41 52.67 24.13
C GLY B 549 -20.72 52.96 23.43
N LYS B 550 -20.80 53.97 22.56
CA LYS B 550 -22.06 54.34 21.93
C LYS B 550 -22.45 53.34 20.86
N ILE B 551 -21.59 53.14 19.86
CA ILE B 551 -21.86 52.17 18.81
C ILE B 551 -21.59 50.76 19.35
N SER B 552 -22.11 49.75 18.67
CA SER B 552 -21.88 48.37 19.07
C SER B 552 -20.41 47.99 18.89
N ASP B 553 -20.04 46.86 19.51
CA ASP B 553 -18.63 46.50 19.65
C ASP B 553 -18.09 45.67 18.50
N VAL B 554 -18.89 45.36 17.47
CA VAL B 554 -18.33 44.67 16.31
C VAL B 554 -18.38 45.65 15.15
N ILE B 555 -17.36 46.50 15.07
CA ILE B 555 -17.15 47.52 14.03
C ILE B 555 -15.64 47.75 13.99
N ASN B 556 -15.03 47.69 12.81
CA ASN B 556 -13.60 47.91 12.77
C ASN B 556 -13.18 48.49 11.44
N VAL B 557 -12.40 49.56 11.52
CA VAL B 557 -12.13 50.44 10.39
C VAL B 557 -10.68 50.26 9.98
N ALA B 558 -10.45 50.03 8.70
CA ALA B 558 -9.10 49.95 8.17
C ALA B 558 -8.93 51.04 7.15
N LEU B 559 -7.69 51.49 7.00
CA LEU B 559 -7.35 52.54 6.05
C LEU B 559 -6.26 52.00 5.13
N TYR B 560 -6.28 52.41 3.87
CA TYR B 560 -5.25 52.05 2.93
C TYR B 560 -4.62 53.32 2.39
N GLU B 561 -3.29 53.42 2.49
CA GLU B 561 -2.64 54.70 2.33
C GLU B 561 -1.60 54.72 1.22
N ASP B 562 -1.94 54.18 0.06
CA ASP B 562 -1.01 54.17 -1.06
C ASP B 562 -0.76 55.60 -1.56
N GLU B 563 0.33 55.76 -2.31
CA GLU B 563 0.72 57.05 -2.88
C GLU B 563 -0.31 57.58 -3.87
N GLU B 564 -1.10 56.71 -4.51
CA GLU B 564 -2.06 57.15 -5.50
C GLU B 564 -3.47 56.62 -5.28
N VAL B 565 -3.66 55.62 -4.42
CA VAL B 565 -4.93 54.95 -4.21
C VAL B 565 -5.30 55.13 -2.74
N LYS B 566 -6.59 55.30 -2.44
CA LYS B 566 -7.00 55.45 -1.05
C LYS B 566 -8.35 54.78 -0.85
N GLU B 567 -8.42 53.80 0.03
CA GLU B 567 -9.66 53.11 0.41
C GLU B 567 -9.89 53.16 1.92
N VAL B 568 -11.15 53.25 2.31
CA VAL B 568 -11.56 53.15 3.71
C VAL B 568 -12.48 51.94 3.84
N TYR B 569 -12.04 50.92 4.57
CA TYR B 569 -12.77 49.67 4.66
C TYR B 569 -13.54 49.58 5.97
N ILE B 570 -14.81 49.19 5.89
CA ILE B 570 -15.62 48.88 7.06
C ILE B 570 -16.09 47.43 6.92
N ASN B 571 -16.02 46.66 7.99
CA ASN B 571 -16.36 45.25 7.96
C ASN B 571 -17.42 44.96 9.00
N SER B 572 -18.57 44.46 8.55
CA SER B 572 -19.69 44.15 9.44
C SER B 572 -20.37 42.86 9.02
N ASP B 573 -19.59 41.86 8.63
CA ASP B 573 -20.14 40.55 8.29
C ASP B 573 -20.11 39.65 9.53
N ASP B 574 -20.28 38.34 9.36
CA ASP B 574 -20.54 37.47 10.49
C ASP B 574 -19.57 36.30 10.69
N GLY B 575 -18.50 36.19 9.91
CA GLY B 575 -17.66 35.01 10.05
C GLY B 575 -16.17 35.25 10.10
N ARG B 576 -15.75 36.40 10.62
CA ARG B 576 -14.35 36.75 10.71
C ARG B 576 -13.70 36.09 11.93
N VAL B 577 -12.37 36.21 12.03
CA VAL B 577 -11.60 35.68 13.14
C VAL B 577 -10.84 36.83 13.76
N ARG B 578 -10.97 37.02 15.07
CA ARG B 578 -10.40 38.19 15.71
C ARG B 578 -9.50 37.78 16.87
N ARG B 579 -8.88 38.80 17.51
CA ARG B 579 -7.80 38.62 18.47
C ARG B 579 -7.75 39.80 19.43
N PRO B 580 -7.56 39.56 20.73
CA PRO B 580 -7.57 40.66 21.70
C PRO B 580 -6.21 41.30 21.97
N LEU B 581 -6.21 42.64 22.01
CA LEU B 581 -5.05 43.44 22.37
C LEU B 581 -5.48 44.52 23.35
N ILE B 582 -4.51 45.17 23.99
CA ILE B 582 -4.75 46.24 24.96
C ILE B 582 -4.34 47.55 24.30
N VAL B 583 -5.23 48.54 24.35
CA VAL B 583 -4.95 49.86 23.78
C VAL B 583 -3.87 50.57 24.57
N VAL B 584 -2.87 51.10 23.88
CA VAL B 584 -1.91 52.01 24.46
C VAL B 584 -2.23 53.39 23.92
N GLU B 585 -1.82 54.43 24.66
CA GLU B 585 -2.24 55.78 24.31
C GLU B 585 -1.19 56.78 24.77
N ASN B 586 -0.52 57.43 23.80
CA ASN B 586 0.51 58.45 24.00
C ASN B 586 1.68 57.99 24.87
N GLY B 587 1.97 56.68 24.89
CA GLY B 587 3.11 56.15 25.60
C GLY B 587 2.77 55.39 26.86
N LYS B 588 1.56 55.55 27.38
CA LYS B 588 1.14 54.92 28.62
C LYS B 588 0.15 53.81 28.33
N PRO B 589 0.32 52.63 28.90
CA PRO B 589 -0.68 51.57 28.70
C PRO B 589 -1.98 51.92 29.41
N LYS B 590 -3.09 51.81 28.68
CA LYS B 590 -4.34 52.29 29.24
C LYS B 590 -4.88 51.30 30.26
N LEU B 591 -5.50 51.84 31.30
CA LEU B 591 -6.11 51.12 32.41
C LEU B 591 -5.10 50.16 33.07
N THR B 592 -4.15 50.78 33.77
CA THR B 592 -3.18 50.09 34.61
C THR B 592 -3.82 49.68 35.93
N ARG B 593 -2.97 49.37 36.93
CA ARG B 593 -3.29 48.49 38.06
C ARG B 593 -4.63 48.73 38.73
N GLU B 594 -5.15 49.97 38.70
CA GLU B 594 -6.35 50.34 39.44
C GLU B 594 -7.57 49.57 38.97
N HIS B 595 -7.61 49.20 37.69
CA HIS B 595 -8.59 48.26 37.17
C HIS B 595 -8.16 46.82 37.29
N VAL B 596 -6.85 46.56 37.39
CA VAL B 596 -6.34 45.19 37.38
C VAL B 596 -6.63 44.48 38.70
N GLU B 597 -6.63 45.22 39.82
CA GLU B 597 -7.14 44.60 41.05
C GLU B 597 -8.64 44.37 40.97
N GLY B 598 -9.34 45.15 40.14
CA GLY B 598 -10.75 44.90 39.94
C GLY B 598 -11.05 43.60 39.22
N ILE B 599 -10.19 43.21 38.28
CA ILE B 599 -10.32 41.89 37.66
C ILE B 599 -9.95 40.80 38.66
N LYS B 600 -8.95 41.07 39.49
CA LYS B 600 -8.57 40.14 40.55
C LYS B 600 -9.66 40.03 41.61
N ASN B 601 -10.41 41.09 41.83
CA ASN B 601 -11.57 41.03 42.71
C ASN B 601 -12.80 40.65 41.89
N GLY B 602 -13.96 40.67 42.53
CA GLY B 602 -15.18 40.28 41.85
C GLY B 602 -15.98 41.43 41.29
N THR B 603 -15.35 42.58 41.07
CA THR B 603 -16.09 43.77 40.66
C THR B 603 -16.45 43.74 39.17
N LEU B 604 -15.46 43.70 38.30
CA LEU B 604 -15.72 43.78 36.86
C LEU B 604 -15.06 42.60 36.16
N THR B 605 -15.22 42.53 34.84
CA THR B 605 -14.80 41.38 34.05
C THR B 605 -14.65 41.81 32.59
N TRP B 606 -14.38 40.83 31.71
CA TRP B 606 -14.26 41.06 30.27
C TRP B 606 -15.50 41.68 29.65
N SER B 607 -16.68 41.44 30.23
CA SER B 607 -17.88 42.11 29.74
C SER B 607 -17.83 43.60 30.02
N ASP B 608 -17.14 44.00 31.08
CA ASP B 608 -17.03 45.41 31.44
C ASP B 608 -15.85 46.11 30.78
N LEU B 609 -14.77 45.37 30.47
CA LEU B 609 -13.59 46.03 29.90
C LEU B 609 -13.81 46.41 28.44
N ILE B 610 -14.58 45.63 27.68
CA ILE B 610 -14.81 46.00 26.29
C ILE B 610 -15.86 47.11 26.17
N ARG B 611 -16.69 47.29 27.20
CA ARG B 611 -17.60 48.43 27.24
C ARG B 611 -16.91 49.70 27.72
N MET B 612 -15.91 49.56 28.58
CA MET B 612 -15.17 50.69 29.12
C MET B 612 -14.11 51.20 28.14
N GLY B 613 -13.81 50.42 27.12
CA GLY B 613 -12.95 50.88 26.04
C GLY B 613 -11.47 50.83 26.36
N VAL B 614 -10.96 49.64 26.65
CA VAL B 614 -9.53 49.43 26.75
C VAL B 614 -9.05 48.18 26.02
N ILE B 615 -9.94 47.27 25.66
CA ILE B 615 -9.58 46.04 24.95
C ILE B 615 -10.15 46.18 23.54
N GLU B 616 -9.37 45.74 22.56
CA GLU B 616 -9.78 45.90 21.17
C GLU B 616 -9.57 44.59 20.43
N TYR B 617 -10.59 44.16 19.69
CA TYR B 617 -10.53 42.96 18.87
C TYR B 617 -10.19 43.40 17.44
N LEU B 618 -9.02 43.01 16.96
CA LEU B 618 -8.67 43.32 15.58
C LEU B 618 -8.99 42.16 14.65
N ASP B 619 -9.31 42.50 13.40
CA ASP B 619 -9.33 41.51 12.32
C ASP B 619 -7.90 41.24 11.86
N ALA B 620 -7.78 40.59 10.71
CA ALA B 620 -6.52 40.67 10.00
C ALA B 620 -6.38 41.99 9.28
N GLU B 621 -7.49 42.66 8.99
CA GLU B 621 -7.48 43.82 8.12
C GLU B 621 -7.24 45.12 8.89
N GLU B 622 -7.81 45.26 10.09
CA GLU B 622 -7.47 46.42 10.91
C GLU B 622 -6.06 46.28 11.49
N GLU B 623 -5.58 45.03 11.63
CA GLU B 623 -4.29 44.78 12.26
C GLU B 623 -3.14 45.25 11.39
N GLU B 624 -3.40 45.51 10.10
CA GLU B 624 -2.41 46.11 9.22
C GLU B 624 -2.00 47.50 9.70
N ASN B 625 -2.93 48.26 10.27
CA ASN B 625 -2.60 49.60 10.72
C ASN B 625 -1.94 49.64 12.09
N ALA B 626 -1.94 48.55 12.84
CA ALA B 626 -1.40 48.58 14.18
C ALA B 626 0.11 48.41 14.17
N TYR B 627 0.70 48.53 15.36
CA TYR B 627 2.14 48.36 15.58
C TYR B 627 2.29 47.95 17.03
N VAL B 628 2.45 46.67 17.28
CA VAL B 628 2.15 46.05 18.57
C VAL B 628 3.44 45.80 19.32
N ALA B 629 3.46 46.13 20.61
CA ALA B 629 4.61 45.84 21.45
C ALA B 629 4.52 44.39 21.92
N THR B 630 5.50 43.93 22.70
CA THR B 630 5.49 42.54 23.13
C THR B 630 5.50 42.37 24.63
N TRP B 631 6.01 43.34 25.37
CA TRP B 631 6.15 43.26 26.81
C TRP B 631 5.77 44.61 27.37
N PRO B 632 5.38 44.68 28.65
CA PRO B 632 5.17 45.99 29.26
C PRO B 632 6.45 46.76 29.53
N TRP B 633 7.63 46.12 29.44
CA TRP B 633 8.88 46.83 29.64
C TRP B 633 9.11 47.86 28.53
N GLU B 634 9.01 47.42 27.29
CA GLU B 634 9.40 48.25 26.15
C GLU B 634 8.14 48.79 25.49
N VAL B 635 7.69 49.94 25.98
CA VAL B 635 6.57 50.67 25.37
C VAL B 635 6.90 52.15 25.28
N THR B 636 7.32 52.59 24.11
CA THR B 636 7.65 53.98 23.86
C THR B 636 6.40 54.75 23.45
N GLU B 637 6.59 55.97 22.95
CA GLU B 637 5.50 56.75 22.37
C GLU B 637 5.43 56.53 20.86
N GLU B 638 5.45 55.27 20.45
CA GLU B 638 5.47 54.91 19.05
C GLU B 638 4.46 53.79 18.79
N HIS B 639 4.18 53.00 19.83
CA HIS B 639 3.33 51.83 19.69
C HIS B 639 1.87 52.25 19.56
N THR B 640 1.05 51.29 19.10
CA THR B 640 -0.38 51.53 18.96
C THR B 640 -1.25 50.60 19.79
N HIS B 641 -0.73 49.47 20.25
CA HIS B 641 -1.46 48.55 21.11
C HIS B 641 -0.48 47.96 22.11
N LEU B 642 -0.94 46.95 22.86
CA LEU B 642 -0.08 46.25 23.81
C LEU B 642 -0.63 44.85 23.98
N GLU B 643 0.26 43.86 23.85
CA GLU B 643 -0.10 42.46 23.90
C GLU B 643 -0.60 42.05 25.28
N LEU B 644 -1.37 40.97 25.29
CA LEU B 644 -1.60 40.19 26.50
C LEU B 644 -0.41 39.25 26.69
N MET B 645 -0.55 38.18 27.44
CA MET B 645 0.55 37.21 27.48
C MET B 645 0.80 36.60 26.11
N PRO B 646 2.04 36.56 25.63
CA PRO B 646 2.32 35.99 24.31
C PRO B 646 2.67 34.51 24.35
N ALA B 647 2.48 33.87 25.49
CA ALA B 647 2.68 32.45 25.66
C ALA B 647 1.44 31.65 25.32
N ALA B 648 0.54 32.21 24.52
CA ALA B 648 -0.71 31.58 24.14
C ALA B 648 -0.94 31.66 22.65
N ILE B 649 0.13 31.89 21.88
CA ILE B 649 0.08 31.81 20.43
C ILE B 649 -0.36 30.42 20.00
N LEU B 650 0.25 29.40 20.57
CA LEU B 650 0.08 28.00 20.20
C LEU B 650 -1.23 27.41 20.71
N GLY B 651 -1.55 26.23 20.18
CA GLY B 651 -2.83 25.58 20.38
C GLY B 651 -3.00 24.97 21.75
N ILE B 652 -4.02 24.13 21.86
CA ILE B 652 -4.28 23.47 23.13
C ILE B 652 -3.45 22.19 23.34
N PRO B 653 -3.30 21.22 22.43
CA PRO B 653 -2.30 20.17 22.68
C PRO B 653 -0.88 20.48 22.25
N ALA B 654 -0.54 21.72 21.90
CA ALA B 654 0.86 22.10 21.78
C ALA B 654 1.28 22.94 22.95
N SER B 655 0.38 23.18 23.87
CA SER B 655 0.66 23.84 25.13
C SER B 655 0.84 22.82 26.24
N LEU B 656 1.14 21.59 25.86
CA LEU B 656 1.44 20.52 26.79
C LEU B 656 2.93 20.30 26.95
N VAL B 657 3.71 20.72 25.95
CA VAL B 657 5.15 20.50 25.90
C VAL B 657 5.85 21.55 26.76
N PRO B 658 6.56 21.17 27.81
CA PRO B 658 7.29 22.16 28.59
C PRO B 658 8.56 22.57 27.88
N TYR B 659 8.89 23.84 28.01
CA TYR B 659 9.97 24.57 27.34
C TYR B 659 9.94 24.35 25.82
N PRO B 660 8.93 24.80 25.09
CA PRO B 660 8.85 24.43 23.68
C PRO B 660 9.59 25.38 22.77
N GLU B 661 10.47 26.19 23.33
CA GLU B 661 11.34 27.04 22.52
C GLU B 661 12.77 26.52 22.48
N HIS B 662 13.07 25.46 23.23
CA HIS B 662 14.40 24.88 23.20
C HIS B 662 14.54 23.77 22.18
N ASN B 663 13.46 23.03 21.89
CA ASN B 663 13.53 21.88 21.01
C ASN B 663 13.64 22.31 19.56
N ALA B 664 13.87 21.36 18.68
CA ALA B 664 13.77 21.64 17.26
C ALA B 664 12.31 21.80 16.86
N ALA B 665 12.10 22.18 15.60
CA ALA B 665 10.72 22.34 15.13
C ALA B 665 10.00 21.04 14.76
N PRO B 666 10.59 20.06 14.05
CA PRO B 666 9.83 18.82 13.82
C PRO B 666 9.68 17.96 15.05
N ARG B 667 10.44 18.20 16.10
CA ARG B 667 10.26 17.42 17.31
C ARG B 667 9.03 17.86 18.10
N ASN B 668 8.68 19.15 18.05
CA ASN B 668 7.46 19.60 18.71
C ASN B 668 6.21 19.13 17.99
N THR B 669 6.25 19.06 16.65
CA THR B 669 5.09 18.63 15.88
C THR B 669 4.76 17.17 16.16
N TYR B 670 5.78 16.34 16.38
CA TYR B 670 5.54 14.98 16.80
C TYR B 670 5.06 14.93 18.23
N GLY B 671 5.49 15.88 19.05
CA GLY B 671 5.09 15.89 20.45
C GLY B 671 3.65 16.33 20.64
N ALA B 672 3.19 17.26 19.82
CA ALA B 672 1.79 17.68 19.85
C ALA B 672 0.89 16.77 19.05
N GLY B 673 1.43 15.77 18.37
CA GLY B 673 0.68 14.73 17.72
C GLY B 673 0.60 13.44 18.50
N MET B 674 1.12 13.40 19.71
CA MET B 674 1.07 12.21 20.54
C MET B 674 0.46 12.46 21.89
N ALA B 675 0.11 13.70 22.22
CA ALA B 675 -0.78 13.94 23.35
C ALA B 675 -2.22 13.65 22.99
N LYS B 676 -2.51 13.44 21.71
CA LYS B 676 -3.84 13.07 21.25
C LYS B 676 -3.97 11.57 21.07
N GLN B 677 -2.98 10.79 21.54
CA GLN B 677 -3.00 9.34 21.39
C GLN B 677 -2.64 8.61 22.65
N SER B 678 -2.15 9.29 23.69
CA SER B 678 -1.79 8.62 24.93
C SER B 678 -3.00 8.04 25.61
N LEU B 679 -2.78 7.05 26.46
CA LEU B 679 -3.84 6.59 27.31
C LEU B 679 -3.98 7.52 28.50
N GLY B 680 -5.13 7.48 29.15
CA GLY B 680 -5.34 8.30 30.33
C GLY B 680 -6.79 8.44 30.71
N LEU B 681 -7.06 8.57 32.01
CA LEU B 681 -8.42 8.78 32.52
C LEU B 681 -8.90 10.17 32.14
N GLY B 682 -9.75 10.24 31.12
CA GLY B 682 -10.19 11.52 30.60
C GLY B 682 -11.47 12.10 31.19
N TRP B 683 -12.47 11.25 31.43
CA TRP B 683 -13.76 11.69 31.97
C TRP B 683 -14.20 10.79 33.11
N ALA B 684 -15.07 11.34 33.95
CA ALA B 684 -15.51 10.61 35.12
C ALA B 684 -16.56 9.55 34.81
N ASN B 685 -17.26 9.65 33.68
CA ASN B 685 -18.36 8.72 33.40
C ASN B 685 -17.95 7.59 32.47
N PHE B 686 -16.72 7.05 32.59
CA PHE B 686 -16.37 5.92 31.75
C PHE B 686 -17.08 4.65 32.18
N ARG B 687 -17.65 4.63 33.38
CA ARG B 687 -18.35 3.45 33.87
C ARG B 687 -19.73 3.38 33.22
N ILE B 688 -20.53 4.44 33.33
CA ILE B 688 -21.85 4.50 32.69
C ILE B 688 -21.66 5.19 31.34
N ARG B 689 -21.33 4.40 30.33
CA ARG B 689 -21.10 4.87 28.97
C ARG B 689 -21.02 3.64 28.10
N VAL B 690 -21.50 3.75 26.86
CA VAL B 690 -21.32 2.71 25.88
C VAL B 690 -20.68 3.33 24.64
N ASP B 691 -19.37 3.18 24.53
CA ASP B 691 -18.60 3.59 23.37
C ASP B 691 -17.90 2.35 22.84
N THR B 692 -17.46 2.43 21.59
CA THR B 692 -17.04 1.24 20.86
C THR B 692 -15.77 0.64 21.45
N ARG B 693 -14.78 1.46 21.78
CA ARG B 693 -13.66 0.99 22.58
C ARG B 693 -13.13 2.10 23.48
N GLY B 694 -12.91 1.78 24.75
CA GLY B 694 -12.44 2.75 25.71
C GLY B 694 -11.20 2.26 26.42
N HIS B 695 -10.50 3.18 27.07
CA HIS B 695 -9.25 2.88 27.75
C HIS B 695 -9.26 3.51 29.14
N LEU B 696 -8.44 2.98 30.03
CA LEU B 696 -8.41 3.42 31.41
C LEU B 696 -7.04 3.09 31.95
N MET B 697 -6.39 4.06 32.61
CA MET B 697 -5.03 3.88 33.11
C MET B 697 -5.08 3.99 34.62
N HIS B 698 -4.58 2.96 35.31
CA HIS B 698 -4.90 2.74 36.71
C HIS B 698 -4.38 3.84 37.64
N TYR B 699 -3.13 4.27 37.46
CA TYR B 699 -2.51 5.24 38.36
C TYR B 699 -1.97 6.43 37.59
N PRO B 700 -2.84 7.33 37.11
CA PRO B 700 -2.36 8.50 36.39
C PRO B 700 -1.76 9.52 37.35
N GLN B 701 -0.88 10.38 36.83
CA GLN B 701 -0.22 11.38 37.65
C GLN B 701 -0.22 12.74 37.00
N VAL B 702 -0.48 13.76 37.81
CA VAL B 702 -0.24 15.17 37.45
C VAL B 702 1.24 15.34 37.16
N PRO B 703 1.62 15.94 36.04
CA PRO B 703 3.04 16.01 35.73
C PRO B 703 3.76 16.99 36.63
N LEU B 704 5.08 16.79 36.74
CA LEU B 704 6.02 17.83 37.12
C LEU B 704 6.29 18.65 35.86
N VAL B 705 7.34 19.48 35.87
CA VAL B 705 7.39 20.82 35.30
C VAL B 705 6.61 21.04 34.00
N ASN B 706 5.66 21.98 34.03
CA ASN B 706 4.69 22.15 32.97
C ASN B 706 4.31 23.61 32.83
N SER B 707 3.42 23.88 31.88
CA SER B 707 2.91 25.23 31.68
C SER B 707 1.92 25.61 32.77
N ARG B 708 1.68 26.91 32.91
CA ARG B 708 0.60 27.39 33.75
C ARG B 708 -0.72 27.45 33.00
N ILE B 709 -0.72 27.08 31.70
CA ILE B 709 -1.95 27.02 30.91
C ILE B 709 -2.71 25.76 31.21
N MET B 710 -2.01 24.65 31.41
CA MET B 710 -2.66 23.37 31.61
C MET B 710 -3.25 23.21 33.01
N LYS B 711 -3.13 24.22 33.85
CA LYS B 711 -3.91 24.33 35.06
C LYS B 711 -5.27 24.96 34.79
N ALA B 712 -5.37 25.76 33.73
CA ALA B 712 -6.57 26.52 33.43
C ALA B 712 -7.24 26.05 32.14
N VAL B 713 -7.17 24.75 31.86
CA VAL B 713 -8.03 24.11 30.88
C VAL B 713 -8.72 22.95 31.60
N GLY B 714 -8.02 22.39 32.58
CA GLY B 714 -8.53 21.26 33.34
C GLY B 714 -7.62 20.06 33.32
N PHE B 715 -6.50 20.13 32.58
CA PHE B 715 -5.64 18.98 32.36
C PHE B 715 -4.98 18.48 33.64
N GLU B 716 -4.78 19.34 34.63
CA GLU B 716 -4.26 18.87 35.91
C GLU B 716 -5.35 18.32 36.81
N ASP B 717 -6.48 17.95 36.25
CA ASP B 717 -7.56 17.29 36.95
C ASP B 717 -8.00 16.02 36.25
N ARG B 718 -7.76 15.88 34.94
CA ARG B 718 -7.95 14.62 34.23
C ARG B 718 -6.72 14.31 33.36
N PRO B 719 -5.60 13.89 33.98
CA PRO B 719 -4.32 13.85 33.25
C PRO B 719 -4.09 12.53 32.53
N ALA B 720 -2.92 12.35 31.91
CA ALA B 720 -2.67 11.17 31.10
C ALA B 720 -1.16 10.91 31.02
N GLY B 721 -0.68 9.94 31.77
CA GLY B 721 0.74 9.59 31.73
C GLY B 721 1.43 9.66 33.08
N GLN B 722 2.57 8.98 33.24
CA GLN B 722 3.21 8.89 34.55
C GLN B 722 4.61 9.50 34.53
N ASN B 723 5.25 9.49 35.70
CA ASN B 723 6.54 10.13 35.94
C ASN B 723 7.60 9.08 36.23
N PHE B 724 8.38 8.71 35.22
CA PHE B 724 9.48 7.78 35.42
C PHE B 724 10.69 8.51 35.97
N VAL B 725 11.78 7.77 36.18
CA VAL B 725 13.05 8.32 36.64
C VAL B 725 14.14 7.73 35.75
N VAL B 726 14.49 8.45 34.71
CA VAL B 726 15.26 7.84 33.62
C VAL B 726 16.74 7.96 33.91
N ALA B 727 17.54 7.22 33.15
CA ALA B 727 18.99 7.37 33.16
C ALA B 727 19.45 7.24 31.72
N VAL B 728 20.61 7.81 31.42
CA VAL B 728 21.07 7.89 30.04
C VAL B 728 22.41 7.17 30.00
N LEU B 729 22.41 5.91 29.59
CA LEU B 729 23.65 5.16 29.41
C LEU B 729 23.35 4.02 28.45
N SER B 730 24.39 3.58 27.75
CA SER B 730 24.22 2.55 26.73
C SER B 730 24.31 1.19 27.40
N TYR B 731 23.24 0.42 27.33
CA TYR B 731 23.21 -0.87 27.99
C TYR B 731 23.70 -1.92 26.99
N HIS B 732 23.47 -3.19 27.29
CA HIS B 732 24.08 -4.34 26.60
C HIS B 732 23.75 -4.52 25.13
N GLY B 733 23.00 -3.61 24.54
CA GLY B 733 22.84 -3.59 23.11
C GLY B 733 21.38 -3.55 22.79
N TYR B 734 20.57 -3.91 23.77
CA TYR B 734 19.15 -4.07 23.53
C TYR B 734 18.44 -2.75 23.29
N ASN B 735 18.92 -1.65 23.87
CA ASN B 735 18.30 -0.35 23.58
C ASN B 735 19.07 0.40 22.50
N MET B 736 19.10 -0.18 21.32
CA MET B 736 19.75 0.48 20.19
C MET B 736 18.72 0.84 19.15
N GLU B 737 18.90 2.04 18.58
CA GLU B 737 18.10 2.56 17.49
C GLU B 737 16.62 2.65 17.88
N ASP B 738 16.37 3.49 18.89
CA ASP B 738 15.06 3.77 19.48
C ASP B 738 14.40 2.51 20.05
N ALA B 739 15.04 1.96 21.07
CA ALA B 739 14.36 1.12 22.03
C ALA B 739 14.52 1.73 23.41
N VAL B 740 14.08 1.00 24.43
CA VAL B 740 14.15 1.46 25.81
C VAL B 740 14.03 0.23 26.71
N ILE B 741 14.62 0.29 27.89
CA ILE B 741 14.74 -0.89 28.75
C ILE B 741 14.10 -0.60 30.09
N ILE B 742 12.86 -0.97 30.24
CA ILE B 742 12.15 -0.68 31.48
C ILE B 742 12.53 -1.74 32.51
N ASN B 743 12.43 -1.37 33.78
CA ASN B 743 12.77 -2.26 34.89
C ASN B 743 11.77 -3.42 34.95
N LYS B 744 12.13 -4.50 35.64
CA LYS B 744 11.19 -5.60 35.81
C LYS B 744 10.31 -5.43 37.03
N ALA B 745 10.92 -5.12 38.17
CA ALA B 745 10.13 -4.96 39.38
C ALA B 745 9.30 -3.70 39.37
N SER B 746 9.59 -2.76 38.47
CA SER B 746 8.81 -1.54 38.38
C SER B 746 7.58 -1.68 37.51
N ILE B 747 7.61 -2.55 36.51
CA ILE B 747 6.40 -2.99 35.85
C ILE B 747 5.51 -3.72 36.85
N GLU B 748 6.13 -4.50 37.70
CA GLU B 748 5.46 -5.48 38.53
C GLU B 748 4.95 -4.86 39.84
N ARG B 749 5.00 -3.53 39.97
CA ARG B 749 4.38 -2.81 41.08
C ARG B 749 3.33 -1.80 40.65
N GLY B 750 3.22 -1.49 39.37
CA GLY B 750 2.18 -0.55 38.96
C GLY B 750 2.40 0.41 37.81
N LEU B 751 3.57 0.49 37.21
CA LEU B 751 3.80 1.43 36.12
C LEU B 751 3.03 1.03 34.87
N ALA B 752 2.13 1.94 34.43
CA ALA B 752 1.44 1.90 33.14
C ALA B 752 0.52 0.69 32.96
N ARG B 753 -0.01 0.14 34.04
CA ARG B 753 -0.99 -0.94 33.96
C ARG B 753 -2.30 -0.39 33.40
N SER B 754 -2.58 -0.66 32.13
CA SER B 754 -3.70 -0.03 31.45
C SER B 754 -4.72 -1.06 30.99
N THR B 755 -5.99 -0.68 31.04
CA THR B 755 -7.17 -1.48 30.77
C THR B 755 -7.73 -1.17 29.38
N PHE B 756 -8.44 -2.14 28.79
CA PHE B 756 -8.96 -1.98 27.43
C PHE B 756 -10.38 -2.53 27.36
N PHE B 757 -11.29 -1.76 26.73
CA PHE B 757 -12.71 -2.08 26.69
C PHE B 757 -13.15 -2.25 25.25
N ARG B 758 -14.15 -3.11 25.03
CA ARG B 758 -14.94 -3.08 23.80
C ARG B 758 -16.41 -3.22 24.19
N THR B 759 -17.28 -3.23 23.18
CA THR B 759 -18.71 -3.43 23.42
C THR B 759 -19.35 -4.08 22.20
N TYR B 760 -20.48 -4.77 22.43
CA TYR B 760 -21.19 -5.48 21.38
C TYR B 760 -22.66 -5.11 21.42
N GLU B 761 -23.32 -5.08 20.27
CA GLU B 761 -24.65 -4.46 20.15
C GLU B 761 -25.65 -5.34 19.41
N ALA B 762 -25.76 -6.60 19.86
CA ALA B 762 -26.74 -7.53 19.31
C ALA B 762 -28.18 -7.10 19.58
N GLU B 763 -29.06 -7.31 18.61
CA GLU B 763 -30.45 -6.87 18.73
C GLU B 763 -31.47 -7.96 18.41
N GLU B 764 -32.73 -7.57 18.27
CA GLU B 764 -33.85 -8.47 17.96
C GLU B 764 -34.75 -7.76 16.95
N LYS B 765 -34.57 -8.06 15.67
CA LYS B 765 -35.28 -7.38 14.59
C LYS B 765 -36.64 -8.01 14.31
N ARG B 766 -37.46 -7.31 13.53
CA ARG B 766 -38.73 -7.81 13.03
C ARG B 766 -38.78 -7.65 11.52
N TYR B 767 -38.95 -8.76 10.80
CA TYR B 767 -39.13 -8.68 9.37
C TYR B 767 -40.55 -8.24 9.02
N LEU B 768 -40.76 -7.92 7.74
CA LEU B 768 -42.03 -7.43 7.26
C LEU B 768 -43.05 -8.53 6.99
N GLY B 769 -42.65 -9.80 7.05
CA GLY B 769 -43.62 -10.88 6.87
C GLY B 769 -44.51 -11.13 8.06
N GLY B 770 -44.05 -10.78 9.26
CA GLY B 770 -44.78 -11.04 10.49
C GLY B 770 -44.04 -11.94 11.45
N GLN B 771 -42.95 -12.57 11.00
CA GLN B 771 -42.15 -13.48 11.80
C GLN B 771 -41.04 -12.69 12.48
N LYS B 772 -41.00 -12.75 13.80
CA LYS B 772 -39.99 -12.03 14.58
C LYS B 772 -39.07 -13.06 15.20
N ASP B 773 -37.77 -12.85 15.04
CA ASP B 773 -36.78 -13.80 15.52
C ASP B 773 -36.47 -13.54 16.98
N ASN B 774 -36.68 -14.55 17.80
CA ASN B 774 -36.42 -14.44 19.23
C ASN B 774 -35.07 -15.05 19.53
N PHE B 775 -34.39 -14.51 20.53
CA PHE B 775 -33.08 -15.04 20.89
C PHE B 775 -33.19 -15.87 22.17
N GLU B 776 -32.54 -17.03 22.18
CA GLU B 776 -32.62 -17.98 23.28
C GLU B 776 -31.37 -18.87 23.25
N VAL B 777 -31.43 -20.03 23.88
CA VAL B 777 -30.37 -21.03 23.79
C VAL B 777 -30.63 -21.87 22.53
N PRO B 778 -29.68 -21.93 21.60
CA PRO B 778 -29.87 -22.79 20.42
C PRO B 778 -29.90 -24.27 20.78
N SER B 779 -30.81 -24.99 20.14
CA SER B 779 -30.96 -26.43 20.30
C SER B 779 -29.92 -27.13 19.43
N PRO B 780 -29.69 -28.44 19.62
CA PRO B 780 -28.69 -29.14 18.78
C PRO B 780 -29.02 -29.23 17.29
N ASN B 781 -30.31 -29.30 16.91
CA ASN B 781 -30.68 -29.57 15.52
C ASN B 781 -30.19 -28.52 14.52
N ILE B 782 -30.34 -27.22 14.84
CA ILE B 782 -30.65 -26.19 13.85
C ILE B 782 -29.50 -26.00 12.85
N GLN B 783 -29.87 -25.73 11.60
CA GLN B 783 -28.94 -25.60 10.49
C GLN B 783 -27.97 -24.44 10.69
N GLY B 784 -26.72 -24.65 10.26
CA GLY B 784 -25.71 -23.61 10.35
C GLY B 784 -25.06 -23.44 11.70
N TYR B 785 -25.04 -24.49 12.53
CA TYR B 785 -24.44 -24.48 13.86
C TYR B 785 -23.00 -24.01 13.83
N LEU B 786 -22.67 -23.07 14.71
CA LEU B 786 -21.30 -22.57 14.82
C LEU B 786 -20.39 -23.65 15.40
N GLY B 787 -20.88 -24.35 16.40
CA GLY B 787 -20.09 -25.36 17.08
C GLY B 787 -20.83 -25.81 18.32
N GLU B 788 -20.10 -26.46 19.22
CA GLU B 788 -20.68 -26.91 20.47
C GLU B 788 -19.68 -26.63 21.58
N LYS B 789 -20.21 -26.53 22.80
CA LYS B 789 -19.46 -26.21 24.01
C LYS B 789 -18.78 -24.85 23.91
N TYR B 790 -19.46 -23.94 23.22
CA TYR B 790 -19.18 -22.51 23.24
C TYR B 790 -20.30 -21.81 23.98
N TYR B 791 -21.30 -22.57 24.40
CA TYR B 791 -22.52 -22.07 25.02
C TYR B 791 -22.55 -22.38 26.52
N ARG B 792 -21.40 -22.40 27.17
CA ARG B 792 -21.37 -22.77 28.57
C ARG B 792 -21.59 -21.61 29.53
N HIS B 793 -21.67 -20.38 29.01
CA HIS B 793 -21.80 -19.19 29.83
C HIS B 793 -23.18 -18.56 29.79
N LEU B 794 -24.03 -18.95 28.84
CA LEU B 794 -25.33 -18.32 28.67
C LEU B 794 -26.29 -18.73 29.78
N ASP B 795 -27.28 -17.86 30.01
CA ASP B 795 -28.39 -18.19 30.90
C ASP B 795 -29.51 -18.80 30.05
N GLU B 796 -30.72 -18.91 30.61
CA GLU B 796 -31.82 -19.57 29.91
C GLU B 796 -32.28 -18.77 28.69
N ASP B 797 -32.52 -17.48 28.88
CA ASP B 797 -33.07 -16.64 27.81
C ASP B 797 -32.05 -16.23 26.78
N GLY B 798 -30.75 -16.29 27.08
CA GLY B 798 -29.78 -15.94 26.08
C GLY B 798 -28.91 -14.75 26.42
N LEU B 799 -28.69 -14.52 27.71
CA LEU B 799 -27.91 -13.39 28.19
C LEU B 799 -26.84 -13.88 29.15
N ILE B 800 -25.61 -13.39 29.00
CA ILE B 800 -24.52 -13.83 29.86
C ILE B 800 -24.66 -13.16 31.21
N PHE B 801 -24.74 -13.95 32.27
CA PHE B 801 -24.67 -13.36 33.60
C PHE B 801 -23.25 -12.87 33.84
N PRO B 802 -23.07 -11.68 34.41
CA PRO B 802 -21.79 -10.97 34.34
C PRO B 802 -20.66 -11.66 35.08
N GLU B 803 -19.47 -11.11 34.84
CA GLU B 803 -18.18 -11.55 35.37
C GLU B 803 -17.91 -13.02 35.02
N SER B 804 -17.69 -13.23 33.71
CA SER B 804 -17.32 -14.53 33.16
C SER B 804 -16.20 -14.35 32.15
N LYS B 805 -15.19 -15.22 32.21
CA LYS B 805 -13.97 -15.11 31.41
C LYS B 805 -14.20 -15.54 29.96
N VAL B 806 -14.85 -14.66 29.20
CA VAL B 806 -15.10 -14.93 27.80
C VAL B 806 -13.80 -14.79 27.01
N GLU B 807 -13.46 -15.81 26.21
CA GLU B 807 -12.21 -15.77 25.47
C GLU B 807 -12.34 -16.53 24.16
N GLY B 808 -11.53 -16.14 23.18
CA GLY B 808 -11.47 -16.90 21.94
C GLY B 808 -12.60 -16.59 20.99
N LYS B 809 -13.41 -17.58 20.69
CA LYS B 809 -14.64 -17.41 19.90
C LYS B 809 -15.86 -17.78 20.73
N ASP B 810 -15.86 -17.49 22.03
CA ASP B 810 -17.02 -17.82 22.86
C ASP B 810 -18.19 -16.90 22.51
N VAL B 811 -19.39 -17.44 22.64
CA VAL B 811 -20.59 -16.72 22.24
C VAL B 811 -20.94 -15.69 23.32
N LEU B 812 -21.79 -14.73 22.96
CA LEU B 812 -22.25 -13.70 23.87
C LEU B 812 -23.75 -13.65 24.04
N VAL B 813 -24.50 -13.90 22.97
CA VAL B 813 -25.97 -13.87 22.96
C VAL B 813 -26.40 -14.86 21.88
N GLY B 814 -27.24 -15.80 22.25
CA GLY B 814 -27.66 -16.82 21.31
C GLY B 814 -28.87 -16.39 20.52
N ARG B 815 -28.74 -16.27 19.21
CA ARG B 815 -29.81 -15.73 18.37
C ARG B 815 -30.37 -16.80 17.44
N THR B 816 -31.68 -16.97 17.44
CA THR B 816 -32.35 -17.81 16.46
C THR B 816 -32.95 -16.87 15.42
N SER B 817 -32.78 -17.18 14.14
CA SER B 817 -33.29 -16.42 12.99
C SER B 817 -34.51 -17.12 12.37
N PRO B 818 -35.36 -16.43 11.60
CA PRO B 818 -36.55 -17.10 11.05
C PRO B 818 -36.28 -17.76 9.71
N PRO B 819 -36.91 -18.98 9.48
CA PRO B 819 -36.62 -19.91 8.36
C PRO B 819 -35.79 -19.55 7.11
N ARG B 820 -36.10 -18.46 6.40
CA ARG B 820 -35.35 -18.05 5.20
C ARG B 820 -35.38 -19.09 4.07
N PHE B 821 -36.42 -19.05 3.23
CA PHE B 821 -36.79 -19.94 2.11
C PHE B 821 -36.97 -21.40 2.52
N ILE B 822 -38.18 -21.70 2.98
CA ILE B 822 -38.51 -23.02 3.51
C ILE B 822 -38.54 -24.07 2.40
N GLU B 823 -38.86 -23.65 1.16
CA GLU B 823 -38.97 -24.60 0.04
C GLU B 823 -38.13 -24.12 -1.14
N GLU B 824 -36.83 -24.41 -1.09
CA GLU B 824 -35.89 -24.31 -2.19
C GLU B 824 -35.05 -25.56 -2.34
N GLN B 825 -34.67 -26.19 -1.23
CA GLN B 825 -33.60 -27.18 -1.19
C GLN B 825 -34.12 -28.61 -1.20
N SER B 826 -34.91 -28.98 -0.19
CA SER B 826 -35.37 -30.35 0.07
C SER B 826 -34.22 -31.37 0.05
N SER B 827 -33.27 -31.18 0.97
CA SER B 827 -32.03 -31.96 0.96
C SER B 827 -32.16 -33.25 1.78
N LEU B 828 -33.18 -34.04 1.42
CA LEU B 828 -33.44 -35.42 1.82
C LEU B 828 -33.87 -35.59 3.27
N GLY B 829 -33.79 -34.55 4.09
CA GLY B 829 -34.39 -34.58 5.40
C GLY B 829 -34.91 -33.23 5.83
N SER B 830 -34.72 -32.21 4.99
CA SER B 830 -34.99 -30.84 5.38
C SER B 830 -36.45 -30.44 5.19
N MET B 831 -37.26 -31.33 4.63
CA MET B 831 -38.68 -31.06 4.47
C MET B 831 -39.42 -31.18 5.79
N VAL B 832 -38.94 -32.06 6.67
CA VAL B 832 -39.62 -32.41 7.91
C VAL B 832 -39.06 -31.56 9.04
N LEU B 833 -37.78 -31.18 8.93
CA LEU B 833 -37.09 -30.50 10.02
C LEU B 833 -37.66 -29.11 10.28
N GLN B 834 -37.81 -28.31 9.22
CA GLN B 834 -38.57 -27.05 9.20
C GLN B 834 -37.99 -25.98 10.11
N GLY B 835 -36.76 -26.18 10.61
CA GLY B 835 -36.23 -25.32 11.65
C GLY B 835 -35.70 -23.97 11.22
N ARG B 836 -34.64 -23.53 11.88
CA ARG B 836 -34.14 -22.17 11.73
C ARG B 836 -32.68 -22.16 11.35
N ARG B 837 -32.21 -21.01 10.86
CA ARG B 837 -30.83 -20.87 10.38
C ARG B 837 -30.05 -19.99 11.35
N GLU B 838 -29.17 -20.61 12.13
CA GLU B 838 -28.46 -19.96 13.23
C GLU B 838 -27.54 -18.82 12.79
N THR B 839 -27.80 -17.63 13.34
CA THR B 839 -26.94 -16.47 13.24
C THR B 839 -26.72 -16.06 14.68
N SER B 840 -25.61 -15.39 15.03
CA SER B 840 -25.42 -15.00 16.43
C SER B 840 -24.36 -13.91 16.51
N VAL B 841 -23.89 -13.66 17.73
CA VAL B 841 -22.77 -12.76 17.96
C VAL B 841 -21.74 -13.47 18.82
N THR B 842 -20.48 -13.27 18.49
CA THR B 842 -19.39 -13.88 19.23
C THR B 842 -18.20 -12.95 19.17
N VAL B 843 -17.37 -13.00 20.22
CA VAL B 843 -16.21 -12.11 20.34
C VAL B 843 -15.25 -12.31 19.16
N ARG B 844 -14.49 -11.27 18.88
CA ARG B 844 -13.59 -11.29 17.75
C ARG B 844 -12.44 -12.26 18.03
N PRO B 845 -12.07 -13.12 17.08
CA PRO B 845 -11.35 -14.35 17.42
C PRO B 845 -9.86 -14.18 17.71
N SER B 846 -9.50 -13.16 18.47
CA SER B 846 -8.16 -13.05 18.99
C SER B 846 -8.11 -12.49 20.41
N GLU B 847 -9.23 -12.08 20.98
CA GLU B 847 -9.20 -11.36 22.24
C GLU B 847 -9.51 -12.26 23.42
N LYS B 848 -9.67 -11.65 24.58
CA LYS B 848 -9.86 -12.35 25.85
C LYS B 848 -10.63 -11.41 26.76
N GLY B 849 -10.69 -11.73 28.04
CA GLY B 849 -11.16 -10.78 29.02
C GLY B 849 -12.41 -11.24 29.72
N VAL B 850 -13.01 -10.32 30.46
CA VAL B 850 -14.16 -10.63 31.31
C VAL B 850 -15.23 -9.57 31.08
N VAL B 851 -16.50 -9.99 31.09
CA VAL B 851 -17.60 -9.04 30.90
C VAL B 851 -17.76 -8.16 32.13
N ASP B 852 -18.36 -7.00 31.93
CA ASP B 852 -18.45 -5.97 32.97
C ASP B 852 -19.90 -5.61 33.30
N LYS B 853 -20.73 -5.39 32.29
CA LYS B 853 -22.12 -5.00 32.48
C LYS B 853 -22.90 -5.30 31.22
N VAL B 854 -24.10 -5.86 31.40
CA VAL B 854 -25.00 -6.22 30.31
C VAL B 854 -26.19 -5.28 30.32
N ILE B 855 -26.45 -4.61 29.20
CA ILE B 855 -27.57 -3.70 29.07
C ILE B 855 -28.66 -4.46 28.32
N VAL B 856 -29.91 -4.04 28.50
CA VAL B 856 -31.07 -4.63 27.83
C VAL B 856 -32.12 -3.55 27.87
N THR B 857 -32.71 -3.25 26.71
CA THR B 857 -33.65 -2.16 26.62
C THR B 857 -34.53 -2.39 25.39
N GLU B 858 -35.23 -1.35 24.97
CA GLU B 858 -35.90 -1.32 23.69
C GLU B 858 -35.58 0.00 23.00
N THR B 859 -35.29 -0.08 21.72
CA THR B 859 -35.07 1.10 20.91
C THR B 859 -36.37 1.45 20.22
N GLY B 860 -36.43 2.69 19.73
CA GLY B 860 -37.61 3.41 19.27
C GLY B 860 -38.84 2.67 18.76
N ASP B 861 -38.71 1.87 17.71
CA ASP B 861 -39.89 1.28 17.10
C ASP B 861 -40.62 0.27 17.98
N GLY B 862 -40.14 -0.97 18.03
CA GLY B 862 -40.75 -1.94 18.93
C GLY B 862 -39.77 -2.97 19.45
N THR B 863 -38.65 -3.08 18.73
CA THR B 863 -37.62 -4.11 18.89
C THR B 863 -36.92 -4.14 20.25
N LYS B 864 -35.81 -4.88 20.32
CA LYS B 864 -35.03 -4.99 21.54
C LYS B 864 -33.57 -5.13 21.13
N LEU B 865 -32.69 -4.49 21.89
CA LEU B 865 -31.27 -4.53 21.60
C LEU B 865 -30.52 -4.58 22.92
N VAL B 866 -29.55 -5.49 23.02
CA VAL B 866 -28.77 -5.68 24.22
C VAL B 866 -27.33 -5.25 23.94
N LYS B 867 -26.74 -4.53 24.89
CA LYS B 867 -25.35 -4.13 24.79
C LYS B 867 -24.55 -4.84 25.88
N VAL B 868 -23.46 -5.52 25.47
CA VAL B 868 -22.57 -6.25 26.36
C VAL B 868 -21.16 -5.70 26.17
N THR B 869 -20.46 -5.44 27.27
CA THR B 869 -19.08 -4.93 27.21
C THR B 869 -18.12 -5.79 28.03
N VAL B 870 -16.99 -6.14 27.43
CA VAL B 870 -16.00 -7.02 28.05
C VAL B 870 -14.64 -6.32 28.07
N ARG B 871 -13.97 -6.33 29.23
CA ARG B 871 -12.75 -5.59 29.49
C ARG B 871 -11.55 -6.53 29.43
N ASP B 872 -10.38 -6.04 29.85
CA ASP B 872 -9.12 -6.77 29.73
C ASP B 872 -8.11 -6.11 30.66
N LEU B 873 -7.02 -6.81 30.98
CA LEU B 873 -6.10 -6.30 32.01
C LEU B 873 -4.80 -5.72 31.44
N ARG B 874 -4.12 -6.47 30.57
CA ARG B 874 -3.12 -5.94 29.64
C ARG B 874 -1.91 -5.30 30.34
N ILE B 875 -1.13 -6.17 30.98
CA ILE B 875 0.19 -5.86 31.58
C ILE B 875 1.14 -5.39 30.49
N PRO B 876 2.04 -4.44 30.75
CA PRO B 876 3.00 -3.97 29.72
C PRO B 876 4.23 -4.83 29.43
N GLU B 877 4.06 -5.82 28.54
CA GLU B 877 5.18 -6.64 28.09
C GLU B 877 5.92 -5.99 26.93
N LEU B 878 6.74 -6.76 26.20
CA LEU B 878 7.53 -6.26 25.09
C LEU B 878 6.63 -5.74 23.96
N GLY B 879 7.21 -4.92 23.08
CA GLY B 879 6.49 -4.37 21.95
C GLY B 879 5.76 -3.07 22.22
N ASP B 880 5.32 -2.83 23.45
CA ASP B 880 4.37 -1.77 23.78
C ASP B 880 5.00 -0.38 23.66
N LYS B 881 4.59 0.36 22.64
CA LYS B 881 5.22 1.64 22.28
C LYS B 881 4.99 2.71 23.34
N PHE B 882 6.08 3.24 23.92
CA PHE B 882 6.06 4.43 24.77
C PHE B 882 6.53 5.65 23.99
N ALA B 883 6.27 6.83 24.54
CA ALA B 883 6.81 8.07 23.99
C ALA B 883 6.80 9.17 25.05
N SER B 884 7.70 10.14 24.89
CA SER B 884 7.68 11.39 25.65
C SER B 884 6.72 12.37 25.00
N ARG B 885 6.73 13.62 25.49
CA ARG B 885 6.08 14.70 24.77
C ARG B 885 7.07 15.59 24.02
N HIS B 886 8.32 15.20 23.96
CA HIS B 886 9.29 15.89 23.11
C HIS B 886 9.49 15.21 21.77
N GLY B 887 9.04 13.97 21.60
CA GLY B 887 9.20 13.23 20.38
C GLY B 887 10.19 12.08 20.40
N GLN B 888 10.47 11.50 21.57
CA GLN B 888 11.37 10.36 21.69
C GLN B 888 10.61 9.03 21.78
N LYS B 889 10.00 8.65 20.66
CA LYS B 889 9.18 7.44 20.64
C LYS B 889 10.06 6.19 20.65
N GLY B 890 9.49 5.07 21.09
CA GLY B 890 10.26 3.84 21.14
C GLY B 890 9.44 2.67 21.66
N VAL B 891 10.10 1.53 21.74
CA VAL B 891 9.51 0.23 22.09
C VAL B 891 10.38 -0.38 23.18
N ILE B 892 9.75 -1.10 24.12
CA ILE B 892 10.47 -1.84 25.15
C ILE B 892 11.43 -2.84 24.54
N GLY B 893 12.72 -2.67 24.83
CA GLY B 893 13.79 -3.51 24.31
C GLY B 893 13.84 -4.84 25.01
N LEU B 894 14.08 -4.82 26.32
CA LEU B 894 13.76 -5.97 27.18
C LEU B 894 13.46 -5.46 28.58
N ILE B 895 13.37 -6.40 29.51
CA ILE B 895 12.58 -6.23 30.71
C ILE B 895 13.41 -6.63 31.94
N VAL B 896 14.72 -6.39 31.88
CA VAL B 896 15.80 -6.78 32.82
C VAL B 896 15.44 -6.69 34.30
N PRO B 897 15.80 -7.68 35.13
CA PRO B 897 15.39 -7.66 36.54
C PRO B 897 16.04 -6.53 37.32
N GLN B 898 15.50 -6.31 38.53
CA GLN B 898 15.95 -5.19 39.36
C GLN B 898 17.38 -5.39 39.82
N GLU B 899 17.80 -6.63 39.94
CA GLU B 899 19.11 -6.96 40.44
C GLU B 899 20.22 -6.54 39.48
N ASP B 900 20.00 -6.67 38.18
CA ASP B 900 21.03 -6.29 37.21
C ASP B 900 20.87 -4.85 36.73
N MET B 901 20.68 -3.91 37.65
CA MET B 901 20.46 -2.53 37.23
C MET B 901 21.63 -1.64 37.64
N PRO B 902 22.16 -0.83 36.73
CA PRO B 902 23.18 0.16 37.12
C PRO B 902 22.60 1.23 37.99
N TRP B 903 23.03 1.27 39.23
CA TRP B 903 22.44 2.04 40.31
C TRP B 903 23.48 3.01 40.86
N THR B 904 23.08 3.84 41.81
CA THR B 904 23.73 5.12 42.05
C THR B 904 24.12 5.22 43.53
N GLU B 905 24.94 6.22 43.89
CA GLU B 905 25.50 6.31 45.23
C GLU B 905 24.50 6.89 46.23
N SER B 906 23.30 6.34 46.23
CA SER B 906 22.12 6.70 46.99
C SER B 906 21.14 5.55 46.78
N GLY B 907 19.89 5.73 47.14
CA GLY B 907 18.96 4.65 46.94
C GLY B 907 18.28 4.59 45.58
N ILE B 908 18.89 5.15 44.55
CA ILE B 908 18.22 5.29 43.26
C ILE B 908 18.56 4.10 42.37
N VAL B 909 17.53 3.51 41.78
CA VAL B 909 17.66 2.46 40.76
C VAL B 909 16.82 2.87 39.57
N PRO B 910 17.43 3.20 38.42
CA PRO B 910 16.67 3.75 37.29
C PRO B 910 15.58 2.85 36.75
N ASP B 911 14.62 3.45 36.05
CA ASP B 911 13.57 2.70 35.39
C ASP B 911 13.84 2.54 33.90
N LEU B 912 13.92 3.63 33.17
CA LEU B 912 14.05 3.60 31.72
C LEU B 912 15.46 3.96 31.30
N ILE B 913 16.29 2.97 31.00
CA ILE B 913 17.64 3.29 30.58
C ILE B 913 17.64 3.69 29.11
N VAL B 914 17.49 4.99 28.86
CA VAL B 914 17.35 5.52 27.50
C VAL B 914 18.69 5.47 26.79
N ASN B 915 18.67 5.14 25.50
CA ASN B 915 19.83 5.15 24.62
C ASN B 915 20.49 6.53 24.56
N PRO B 916 21.78 6.66 24.83
CA PRO B 916 22.44 7.97 24.74
C PRO B 916 22.73 8.44 23.35
N HIS B 917 22.53 7.60 22.32
CA HIS B 917 22.77 7.99 20.94
C HIS B 917 21.60 8.71 20.30
N GLY B 918 20.62 9.15 21.07
CA GLY B 918 19.47 9.79 20.46
C GLY B 918 19.29 11.24 20.90
N ILE B 919 20.00 11.64 21.95
CA ILE B 919 19.84 13.00 22.46
C ILE B 919 20.69 14.01 21.68
N PRO B 920 22.03 13.81 21.42
CA PRO B 920 22.70 14.81 20.56
C PRO B 920 22.65 14.46 19.09
N SER B 921 21.48 14.05 18.63
CA SER B 921 21.23 13.79 17.22
C SER B 921 19.91 14.36 16.74
N ARG B 922 18.98 14.64 17.64
CA ARG B 922 17.65 15.10 17.29
C ARG B 922 17.38 16.50 17.82
N MET B 923 18.32 17.07 18.59
CA MET B 923 18.28 18.43 19.13
C MET B 923 17.04 18.66 19.99
N THR B 924 16.99 17.94 21.10
CA THR B 924 15.84 17.98 22.00
C THR B 924 16.28 18.40 23.38
N VAL B 925 16.97 19.55 23.47
CA VAL B 925 17.52 20.06 24.71
C VAL B 925 16.47 20.25 25.80
N GLY B 926 15.21 20.43 25.45
CA GLY B 926 14.14 20.48 26.43
C GLY B 926 13.95 19.19 27.20
N GLN B 927 14.42 18.06 26.68
CA GLN B 927 14.48 16.83 27.46
C GLN B 927 15.43 16.97 28.63
N LEU B 928 16.62 17.53 28.38
CA LEU B 928 17.64 17.60 29.40
C LEU B 928 17.40 18.71 30.41
N ILE B 929 16.64 19.74 30.05
CA ILE B 929 16.31 20.78 31.01
C ILE B 929 15.22 20.29 31.95
N GLU B 930 14.25 19.55 31.40
CA GLU B 930 13.18 18.95 32.20
C GLU B 930 13.71 17.89 33.15
N ALA B 931 14.80 17.21 32.79
CA ALA B 931 15.35 16.20 33.67
C ALA B 931 15.97 16.80 34.93
N ILE B 932 16.54 18.00 34.81
CA ILE B 932 16.97 18.70 36.01
C ILE B 932 15.76 19.26 36.73
N GLY B 933 14.74 19.69 35.98
CA GLY B 933 13.55 20.26 36.57
C GLY B 933 12.70 19.27 37.30
N GLY B 934 12.85 17.98 37.02
CA GLY B 934 12.21 16.98 37.85
C GLY B 934 12.95 16.74 39.14
N LYS B 935 14.27 16.84 39.11
CA LYS B 935 15.07 16.62 40.31
C LYS B 935 15.02 17.82 41.23
N VAL B 936 14.94 19.03 40.68
CA VAL B 936 14.80 20.22 41.51
C VAL B 936 13.41 20.27 42.14
N ALA B 937 12.37 20.06 41.34
CA ALA B 937 11.00 20.19 41.84
C ALA B 937 10.51 18.96 42.58
N SER B 938 11.34 17.93 42.77
CA SER B 938 10.98 16.90 43.71
C SER B 938 11.67 17.05 45.06
N LEU B 939 12.83 17.69 45.09
CA LEU B 939 13.55 17.86 46.34
C LEU B 939 13.12 19.12 47.07
N THR B 940 12.80 20.17 46.31
CA THR B 940 12.35 21.43 46.90
C THR B 940 10.96 21.30 47.50
N GLY B 941 10.00 20.79 46.73
CA GLY B 941 8.66 20.65 47.24
C GLY B 941 7.60 21.25 46.34
N ARG B 942 7.99 22.22 45.52
CA ARG B 942 7.06 23.01 44.71
C ARG B 942 7.26 22.68 43.23
N ARG B 943 6.15 22.42 42.54
CA ARG B 943 6.22 22.00 41.14
C ARG B 943 6.65 23.17 40.26
N VAL B 944 7.81 23.03 39.62
CA VAL B 944 8.43 24.10 38.84
C VAL B 944 7.57 24.48 37.65
N ASP B 945 7.25 25.77 37.53
CA ASP B 945 6.58 26.28 36.35
C ASP B 945 7.49 26.20 35.13
N GLY B 946 6.94 25.82 34.00
CA GLY B 946 7.77 25.61 32.83
C GLY B 946 7.12 26.06 31.55
N THR B 947 6.28 27.10 31.63
CA THR B 947 5.57 27.58 30.45
C THR B 947 6.52 28.28 29.50
N ALA B 948 6.05 28.49 28.28
CA ALA B 948 6.87 29.12 27.27
C ALA B 948 7.04 30.60 27.58
N PHE B 949 8.26 31.09 27.39
CA PHE B 949 8.68 32.50 27.30
C PHE B 949 8.64 33.27 28.61
N ILE B 950 7.97 32.76 29.65
CA ILE B 950 7.91 33.46 30.93
C ILE B 950 8.14 32.48 32.07
N GLY B 951 8.60 31.28 31.73
CA GLY B 951 8.69 30.22 32.72
C GLY B 951 9.90 30.37 33.61
N GLU B 952 10.29 29.26 34.21
CA GLU B 952 11.46 29.26 35.07
C GLU B 952 12.71 29.31 34.20
N PRO B 953 13.66 30.19 34.48
CA PRO B 953 14.83 30.29 33.61
C PRO B 953 15.78 29.13 33.82
N GLU B 954 16.78 29.07 32.97
CA GLU B 954 17.69 27.92 32.93
C GLU B 954 18.69 27.95 34.07
N GLU B 955 19.28 29.11 34.32
CA GLU B 955 20.42 29.17 35.23
C GLU B 955 19.99 29.12 36.68
N LYS B 956 18.76 29.54 36.97
CA LYS B 956 18.28 29.57 38.35
C LYS B 956 17.94 28.19 38.88
N LEU B 957 17.63 27.23 38.00
CA LEU B 957 17.42 25.85 38.41
C LEU B 957 18.71 25.22 38.92
N ARG B 958 19.80 25.38 38.16
CA ARG B 958 21.07 24.70 38.44
C ARG B 958 21.76 25.24 39.67
N LYS B 959 21.31 26.33 40.26
CA LYS B 959 21.76 26.73 41.58
C LYS B 959 20.88 26.15 42.68
N GLU B 960 19.58 25.96 42.42
CA GLU B 960 18.72 25.37 43.43
C GLU B 960 19.00 23.89 43.62
N LEU B 961 19.51 23.23 42.58
CA LEU B 961 19.99 21.87 42.74
C LEU B 961 21.34 21.84 43.42
N GLU B 962 22.15 22.88 43.23
CA GLU B 962 23.52 22.87 43.71
C GLU B 962 23.61 23.16 45.20
N GLU B 963 22.56 23.70 45.81
CA GLU B 963 22.54 23.95 47.24
C GLU B 963 21.67 22.95 47.99
N LEU B 964 21.02 22.03 47.28
CA LEU B 964 20.25 20.98 47.91
C LEU B 964 21.02 19.67 48.01
N GLY B 965 22.26 19.62 47.54
CA GLY B 965 23.05 18.42 47.74
C GLY B 965 23.51 17.63 46.54
N PHE B 966 23.61 18.22 45.36
CA PHE B 966 23.95 17.44 44.18
C PHE B 966 24.82 18.26 43.26
N LYS B 967 25.43 17.58 42.29
CA LYS B 967 26.30 18.25 41.35
C LYS B 967 25.44 19.03 40.36
N HIS B 968 26.00 20.13 39.82
CA HIS B 968 25.27 21.15 39.10
C HIS B 968 24.73 20.69 37.76
N SER B 969 24.98 19.45 37.34
CA SER B 969 24.62 19.04 35.99
C SER B 969 23.99 17.66 35.95
N GLY B 970 23.49 17.15 37.07
CA GLY B 970 22.81 15.88 37.10
C GLY B 970 23.71 14.68 37.32
N ARG B 971 24.94 14.72 36.78
CA ARG B 971 25.86 13.59 36.77
C ARG B 971 26.17 13.07 38.17
N GLU B 972 26.17 11.74 38.31
CA GLU B 972 26.32 11.08 39.60
C GLU B 972 27.20 9.84 39.45
N ILE B 973 27.72 9.37 40.58
CA ILE B 973 28.57 8.18 40.61
C ILE B 973 27.70 6.94 40.59
N MET B 974 27.93 6.06 39.61
CA MET B 974 27.09 4.88 39.45
C MET B 974 27.90 3.60 39.44
N TYR B 975 27.34 2.58 40.11
CA TYR B 975 27.94 1.24 40.24
C TYR B 975 27.14 0.28 39.39
N ASP B 976 27.82 -0.54 38.59
CA ASP B 976 27.11 -1.51 37.76
C ASP B 976 26.63 -2.67 38.62
N GLY B 977 25.54 -3.31 38.20
CA GLY B 977 24.91 -4.32 39.02
C GLY B 977 25.30 -5.76 38.72
N ILE B 978 25.98 -5.99 37.61
CA ILE B 978 26.37 -7.35 37.26
C ILE B 978 27.63 -7.76 38.02
N THR B 979 28.63 -6.89 38.03
CA THR B 979 29.91 -7.18 38.65
C THR B 979 30.16 -6.32 39.88
N GLY B 980 29.97 -5.03 39.75
CA GLY B 980 30.00 -4.09 40.86
C GLY B 980 31.33 -3.40 41.02
N ARG B 981 31.47 -2.28 40.33
CA ARG B 981 32.62 -1.40 40.34
C ARG B 981 32.12 -0.11 39.72
N ARG B 982 32.65 1.02 40.17
CA ARG B 982 32.21 2.29 39.62
C ARG B 982 32.62 2.40 38.16
N LEU B 983 31.63 2.53 37.30
CA LEU B 983 31.83 2.90 35.92
C LEU B 983 32.57 4.22 35.86
N GLU B 984 33.73 4.26 35.21
CA GLU B 984 34.55 5.46 35.16
C GLU B 984 33.97 6.51 34.20
N ALA B 985 32.80 6.98 34.58
CA ALA B 985 32.08 8.13 34.02
C ALA B 985 31.03 8.50 35.06
N ASP B 986 30.31 9.58 34.81
CA ASP B 986 29.31 10.07 35.75
C ASP B 986 27.97 10.09 35.03
N ILE B 987 27.15 9.08 35.29
CA ILE B 987 25.97 8.81 34.47
C ILE B 987 24.85 9.79 34.79
N PHE B 988 24.25 10.39 33.76
CA PHE B 988 23.22 11.40 33.92
C PHE B 988 21.90 10.75 34.27
N ILE B 989 21.09 11.45 35.07
CA ILE B 989 19.88 10.84 35.63
C ILE B 989 18.94 11.95 36.09
N GLY B 990 17.65 11.78 35.84
CA GLY B 990 16.66 12.77 36.18
C GLY B 990 15.27 12.20 36.37
N VAL B 991 14.26 13.06 36.19
CA VAL B 991 12.85 12.65 36.21
C VAL B 991 12.19 13.22 34.96
N ILE B 992 11.79 12.35 34.04
CA ILE B 992 11.10 12.72 32.82
C ILE B 992 9.70 12.11 32.82
N TYR B 993 8.68 12.92 32.51
CA TYR B 993 7.30 12.51 32.37
C TYR B 993 7.06 11.83 31.02
N TYR B 994 6.87 10.52 31.00
CA TYR B 994 6.50 9.82 29.78
C TYR B 994 5.01 9.54 29.74
N GLN B 995 4.58 8.85 28.69
CA GLN B 995 3.18 8.53 28.49
C GLN B 995 3.06 7.34 27.55
N ARG B 996 2.18 6.42 27.89
CA ARG B 996 2.00 5.20 27.12
C ARG B 996 1.04 5.44 25.97
N LEU B 997 1.24 4.73 24.86
CA LEU B 997 0.44 4.91 23.66
C LEU B 997 -0.29 3.63 23.32
N HIS B 998 -1.36 3.74 22.54
CA HIS B 998 -2.19 2.59 22.22
C HIS B 998 -1.81 1.97 20.87
N HIS B 999 -0.52 1.76 20.66
CA HIS B 999 -0.05 0.90 19.57
C HIS B 999 0.48 -0.40 20.14
N MET B 1000 -0.19 -0.84 21.20
CA MET B 1000 0.11 -2.06 21.95
C MET B 1000 0.10 -3.29 21.06
N VAL B 1001 0.85 -4.32 21.50
CA VAL B 1001 1.23 -5.40 20.61
C VAL B 1001 0.14 -6.45 20.44
N ALA B 1002 -0.81 -6.55 21.37
CA ALA B 1002 -1.78 -7.62 21.27
C ALA B 1002 -2.90 -7.33 20.29
N ASP B 1003 -2.87 -6.17 19.64
CA ASP B 1003 -3.82 -5.80 18.61
C ASP B 1003 -3.22 -5.87 17.21
N LYS B 1004 -1.99 -6.38 17.08
CA LYS B 1004 -1.24 -6.44 15.83
C LYS B 1004 -0.94 -7.86 15.38
N MET B 1005 -0.58 -8.74 16.30
CA MET B 1005 -0.13 -10.09 15.96
C MET B 1005 -1.27 -10.95 15.45
N HIS B 1006 -1.13 -11.48 14.23
CA HIS B 1006 -2.07 -12.49 13.78
C HIS B 1006 -1.36 -13.50 12.89
N ALA B 1007 -1.89 -14.71 12.86
CA ALA B 1007 -1.40 -15.77 12.00
C ALA B 1007 -2.57 -16.41 11.28
N ARG B 1008 -2.36 -16.83 10.04
CA ARG B 1008 -3.44 -17.46 9.29
C ARG B 1008 -2.88 -18.64 8.51
N SER B 1009 -3.35 -19.83 8.83
CA SER B 1009 -2.91 -21.02 8.09
C SER B 1009 -3.81 -21.19 6.88
N ARG B 1010 -5.11 -21.48 7.11
CA ARG B 1010 -6.10 -21.58 6.04
C ARG B 1010 -7.48 -21.23 6.59
N GLY B 1011 -8.00 -20.08 6.19
CA GLY B 1011 -9.23 -19.53 6.71
C GLY B 1011 -10.35 -19.45 5.70
N PRO B 1012 -11.45 -18.78 6.06
CA PRO B 1012 -12.52 -18.51 5.10
C PRO B 1012 -12.10 -17.57 4.00
N VAL B 1013 -12.63 -17.79 2.79
CA VAL B 1013 -12.18 -17.11 1.58
C VAL B 1013 -13.23 -16.19 0.98
N GLN B 1014 -12.86 -15.48 -0.08
CA GLN B 1014 -13.77 -14.66 -0.87
C GLN B 1014 -14.81 -15.50 -1.60
N VAL B 1015 -16.01 -14.97 -1.72
CA VAL B 1015 -17.06 -15.68 -2.44
C VAL B 1015 -16.83 -15.59 -3.94
N LEU B 1016 -16.42 -14.41 -4.44
CA LEU B 1016 -16.33 -14.20 -5.88
C LEU B 1016 -15.08 -14.82 -6.51
N THR B 1017 -13.94 -14.85 -5.79
CA THR B 1017 -12.68 -15.31 -6.38
C THR B 1017 -12.07 -16.53 -5.71
N LYS B 1018 -12.51 -16.86 -4.49
CA LYS B 1018 -11.92 -17.89 -3.63
C LYS B 1018 -10.43 -17.60 -3.36
N GLN B 1019 -10.20 -16.46 -2.75
CA GLN B 1019 -8.95 -15.90 -2.27
C GLN B 1019 -9.20 -15.43 -0.84
N PRO B 1020 -8.17 -15.34 0.01
CA PRO B 1020 -8.40 -15.00 1.41
C PRO B 1020 -8.97 -13.60 1.59
N THR B 1021 -9.49 -13.36 2.80
CA THR B 1021 -10.24 -12.15 3.11
C THR B 1021 -9.29 -11.04 3.55
N GLU B 1022 -9.86 -9.93 4.03
CA GLU B 1022 -9.08 -8.77 4.43
C GLU B 1022 -9.36 -8.46 5.90
N GLY B 1023 -8.31 -8.11 6.63
CA GLY B 1023 -8.45 -7.70 8.01
C GLY B 1023 -8.42 -8.87 8.98
N ARG B 1024 -8.10 -8.57 10.24
CA ARG B 1024 -8.08 -9.62 11.24
C ARG B 1024 -9.49 -9.94 11.75
N ALA B 1025 -10.42 -9.00 11.64
CA ALA B 1025 -11.79 -9.24 12.05
C ALA B 1025 -12.54 -10.19 11.12
N ARG B 1026 -12.01 -10.43 9.92
CA ARG B 1026 -12.61 -11.36 8.98
C ARG B 1026 -11.60 -12.42 8.54
N GLU B 1027 -10.49 -12.53 9.28
CA GLU B 1027 -9.53 -13.63 9.23
C GLU B 1027 -8.91 -13.81 7.84
N GLY B 1028 -8.04 -12.87 7.50
CA GLY B 1028 -7.45 -12.83 6.17
C GLY B 1028 -6.00 -12.44 6.26
N GLY B 1029 -5.23 -12.85 5.27
CA GLY B 1029 -3.79 -12.67 5.39
C GLY B 1029 -3.28 -11.42 4.71
N LEU B 1030 -2.08 -11.52 4.16
CA LEU B 1030 -1.38 -10.38 3.58
C LEU B 1030 -1.55 -10.44 2.09
N ARG B 1031 -1.10 -9.42 1.35
CA ARG B 1031 -1.60 -9.42 -0.01
C ARG B 1031 -0.61 -9.34 -1.15
N PHE B 1032 0.71 -9.16 -0.92
CA PHE B 1032 1.72 -9.23 -2.00
C PHE B 1032 1.47 -8.40 -3.25
N GLY B 1033 1.77 -7.12 -3.26
CA GLY B 1033 1.44 -6.34 -4.43
C GLY B 1033 2.38 -6.58 -5.58
N GLU B 1034 2.42 -5.60 -6.47
CA GLU B 1034 3.34 -5.71 -7.59
C GLU B 1034 4.77 -5.39 -7.20
N MET B 1035 4.98 -4.83 -6.01
CA MET B 1035 6.33 -4.69 -5.49
C MET B 1035 6.89 -6.05 -5.11
N GLU B 1036 6.10 -6.85 -4.39
CA GLU B 1036 6.53 -8.13 -3.84
C GLU B 1036 6.65 -9.23 -4.88
N ARG B 1037 6.03 -9.08 -6.04
CA ARG B 1037 6.23 -10.05 -7.09
C ARG B 1037 7.57 -9.85 -7.76
N ASP B 1038 8.02 -8.59 -7.85
CA ASP B 1038 9.22 -8.22 -8.56
C ASP B 1038 10.47 -8.35 -7.72
N VAL B 1039 10.33 -8.41 -6.39
CA VAL B 1039 11.50 -8.57 -5.53
C VAL B 1039 11.90 -10.03 -5.42
N LEU B 1040 11.10 -10.95 -5.97
CA LEU B 1040 11.47 -12.35 -6.07
C LEU B 1040 12.02 -12.70 -7.44
N ILE B 1041 11.61 -11.98 -8.48
CA ILE B 1041 12.18 -12.20 -9.80
C ILE B 1041 13.60 -11.65 -9.86
N GLY B 1042 13.91 -10.66 -9.02
CA GLY B 1042 15.27 -10.13 -8.94
C GLY B 1042 16.28 -11.13 -8.42
N HIS B 1043 15.87 -12.02 -7.51
CA HIS B 1043 16.74 -13.10 -7.06
C HIS B 1043 16.99 -14.08 -8.21
N GLY B 1044 15.92 -14.68 -8.71
CA GLY B 1044 16.02 -15.71 -9.72
C GLY B 1044 15.13 -16.86 -9.35
N ALA B 1045 14.43 -16.72 -8.22
CA ALA B 1045 13.50 -17.73 -7.74
C ALA B 1045 12.32 -17.84 -8.70
N ALA B 1046 12.28 -18.93 -9.45
CA ALA B 1046 11.10 -19.26 -10.25
C ALA B 1046 10.29 -20.39 -9.66
N MET B 1047 10.91 -21.30 -8.92
CA MET B 1047 10.15 -22.33 -8.23
C MET B 1047 9.35 -21.77 -7.07
N LEU B 1048 9.93 -20.86 -6.29
CA LEU B 1048 9.21 -20.26 -5.17
C LEU B 1048 8.07 -19.38 -5.66
N LEU B 1049 8.27 -18.71 -6.78
CA LEU B 1049 7.28 -17.78 -7.31
C LEU B 1049 6.01 -18.51 -7.77
N ILE B 1050 6.12 -19.74 -8.26
CA ILE B 1050 4.93 -20.55 -8.53
C ILE B 1050 4.25 -20.95 -7.23
N GLU B 1051 5.03 -21.49 -6.28
CA GLU B 1051 4.46 -22.13 -5.10
C GLU B 1051 3.83 -21.10 -4.17
N ARG B 1052 4.32 -19.88 -4.20
CA ARG B 1052 3.80 -18.85 -3.33
C ARG B 1052 2.50 -18.27 -3.89
N LEU B 1053 2.46 -18.01 -5.18
CA LEU B 1053 1.39 -17.20 -5.71
C LEU B 1053 0.18 -18.04 -6.11
N LEU B 1054 0.39 -19.28 -6.55
CA LEU B 1054 -0.72 -20.13 -7.00
C LEU B 1054 -0.95 -21.38 -6.19
N GLU B 1055 0.08 -22.03 -5.66
CA GLU B 1055 -0.15 -23.26 -4.91
C GLU B 1055 -0.70 -22.99 -3.51
N GLU B 1056 -0.28 -21.89 -2.89
CA GLU B 1056 -0.87 -21.44 -1.63
C GLU B 1056 -1.95 -20.40 -1.90
N SER B 1057 -2.86 -20.76 -2.80
CA SER B 1057 -3.92 -19.89 -3.27
C SER B 1057 -4.98 -20.80 -3.88
N ASP B 1058 -5.83 -20.24 -4.73
CA ASP B 1058 -6.84 -21.03 -5.42
C ASP B 1058 -6.26 -21.77 -6.61
N LYS B 1059 -6.50 -23.08 -6.66
CA LYS B 1059 -6.22 -23.90 -7.82
C LYS B 1059 -7.50 -24.60 -8.26
N THR B 1060 -7.78 -24.55 -9.56
CA THR B 1060 -8.98 -25.14 -10.12
C THR B 1060 -8.56 -25.96 -11.34
N GLU B 1061 -9.18 -27.12 -11.53
CA GLU B 1061 -8.92 -27.95 -12.68
C GLU B 1061 -10.06 -27.80 -13.68
N VAL B 1062 -9.73 -27.54 -14.94
CA VAL B 1062 -10.71 -27.18 -15.96
C VAL B 1062 -10.59 -28.10 -17.16
N TRP B 1063 -11.73 -28.56 -17.68
CA TRP B 1063 -11.76 -29.32 -18.92
C TRP B 1063 -11.87 -28.37 -20.09
N VAL B 1064 -11.00 -28.52 -21.08
CA VAL B 1064 -10.92 -27.59 -22.20
C VAL B 1064 -10.94 -28.40 -23.49
N CYS B 1065 -11.71 -27.95 -24.48
CA CYS B 1065 -11.71 -28.60 -25.77
C CYS B 1065 -10.40 -28.32 -26.52
N GLU B 1066 -10.23 -28.99 -27.65
CA GLU B 1066 -9.01 -28.83 -28.43
C GLU B 1066 -9.17 -27.91 -29.64
N SER B 1067 -10.10 -28.21 -30.54
CA SER B 1067 -10.14 -27.45 -31.79
C SER B 1067 -11.00 -26.18 -31.72
N CYS B 1068 -11.87 -26.03 -30.72
CA CYS B 1068 -12.60 -24.77 -30.56
C CYS B 1068 -11.91 -23.78 -29.66
N GLY B 1069 -11.21 -24.24 -28.63
CA GLY B 1069 -10.61 -23.35 -27.69
C GLY B 1069 -11.48 -22.96 -26.51
N HIS B 1070 -12.75 -23.32 -26.50
CA HIS B 1070 -13.64 -22.86 -25.44
C HIS B 1070 -13.71 -23.93 -24.37
N LEU B 1071 -14.29 -23.57 -23.23
CA LEU B 1071 -14.33 -24.50 -22.13
C LEU B 1071 -15.38 -25.56 -22.40
N ALA B 1072 -15.19 -26.72 -21.79
CA ALA B 1072 -16.15 -27.81 -21.94
C ALA B 1072 -17.22 -27.66 -20.88
N LEU B 1073 -18.19 -28.56 -20.89
CA LEU B 1073 -19.26 -28.55 -19.90
C LEU B 1073 -19.45 -29.95 -19.36
N GLU B 1074 -19.20 -30.11 -18.08
CA GLU B 1074 -19.46 -31.40 -17.46
C GLU B 1074 -20.96 -31.56 -17.28
N ASP B 1075 -21.39 -32.80 -17.10
CA ASP B 1075 -22.81 -33.06 -16.86
C ASP B 1075 -22.88 -34.34 -16.03
N LYS B 1076 -23.14 -34.18 -14.74
CA LYS B 1076 -23.38 -35.35 -13.91
C LYS B 1076 -24.77 -35.93 -14.20
N ARG B 1077 -24.95 -37.15 -13.70
CA ARG B 1077 -26.02 -38.14 -13.91
C ARG B 1077 -25.94 -38.83 -15.27
N ARG B 1078 -25.14 -38.31 -16.22
CA ARG B 1078 -25.07 -38.95 -17.53
C ARG B 1078 -23.65 -38.93 -18.09
N GLY B 1079 -22.65 -38.89 -17.19
CA GLY B 1079 -21.25 -38.92 -17.56
C GLY B 1079 -20.74 -37.94 -18.60
N LYS B 1080 -20.77 -38.41 -19.86
CA LYS B 1080 -20.26 -37.85 -21.12
C LYS B 1080 -20.17 -36.33 -21.20
N VAL B 1081 -18.97 -35.82 -21.47
CA VAL B 1081 -18.68 -34.39 -21.53
C VAL B 1081 -18.44 -34.01 -22.99
N TYR B 1082 -18.88 -32.82 -23.37
CA TYR B 1082 -18.86 -32.41 -24.76
C TYR B 1082 -18.84 -30.89 -24.86
N CYS B 1083 -17.99 -30.36 -25.72
CA CYS B 1083 -17.98 -28.93 -25.99
C CYS B 1083 -19.12 -28.61 -26.96
N PRO B 1084 -20.06 -27.72 -26.59
CA PRO B 1084 -21.22 -27.42 -27.45
C PRO B 1084 -20.94 -26.96 -28.87
N VAL B 1085 -20.31 -25.78 -28.99
CA VAL B 1085 -19.91 -25.03 -30.20
C VAL B 1085 -19.72 -25.84 -31.47
N CYS B 1086 -18.96 -26.94 -31.44
CA CYS B 1086 -18.85 -27.78 -32.63
C CYS B 1086 -19.04 -29.26 -32.34
N GLY B 1087 -19.43 -29.61 -31.12
CA GLY B 1087 -19.72 -30.98 -30.74
C GLY B 1087 -18.68 -32.06 -31.02
N GLU B 1088 -17.64 -32.13 -30.20
CA GLU B 1088 -16.68 -33.22 -30.33
C GLU B 1088 -16.98 -34.27 -29.27
N ASP B 1089 -16.23 -35.37 -29.29
CA ASP B 1089 -16.58 -36.49 -28.43
C ASP B 1089 -15.45 -36.94 -27.51
N GLU B 1090 -14.27 -37.21 -28.04
CA GLU B 1090 -13.17 -37.69 -27.20
C GLU B 1090 -12.00 -36.74 -27.06
N ARG B 1091 -11.60 -36.03 -28.13
CA ARG B 1091 -10.49 -35.10 -28.02
C ARG B 1091 -10.84 -33.94 -27.10
N ILE B 1092 -10.32 -34.02 -25.87
CA ILE B 1092 -10.59 -33.10 -24.77
C ILE B 1092 -9.58 -33.44 -23.68
N SER B 1093 -9.12 -32.45 -22.92
CA SER B 1093 -8.12 -32.73 -21.90
C SER B 1093 -8.41 -31.89 -20.65
N LYS B 1094 -7.44 -31.84 -19.76
CA LYS B 1094 -7.50 -31.05 -18.53
C LYS B 1094 -6.30 -30.12 -18.47
N VAL B 1095 -6.56 -28.87 -18.11
CA VAL B 1095 -5.56 -27.81 -18.04
C VAL B 1095 -5.55 -27.26 -16.62
N GLU B 1096 -4.35 -27.05 -16.07
CA GLU B 1096 -4.18 -26.65 -14.68
C GLU B 1096 -3.86 -25.15 -14.62
N MET B 1097 -4.82 -24.37 -14.16
CA MET B 1097 -4.67 -22.92 -14.12
C MET B 1097 -5.41 -22.38 -12.91
N SER B 1098 -5.08 -21.14 -12.55
CA SER B 1098 -5.65 -20.52 -11.36
C SER B 1098 -7.11 -20.16 -11.59
N TYR B 1099 -7.83 -19.90 -10.48
CA TYR B 1099 -9.24 -19.57 -10.61
C TYR B 1099 -9.44 -18.13 -11.04
N ALA B 1100 -8.53 -17.23 -10.66
CA ALA B 1100 -8.68 -15.84 -11.04
C ALA B 1100 -8.41 -15.63 -12.52
N PHE B 1101 -7.61 -16.50 -13.13
CA PHE B 1101 -7.47 -16.44 -14.58
C PHE B 1101 -8.70 -16.98 -15.28
N LYS B 1102 -9.40 -17.92 -14.67
CA LYS B 1102 -10.59 -18.48 -15.30
C LYS B 1102 -11.73 -17.48 -15.30
N LEU B 1103 -11.80 -16.63 -14.28
CA LEU B 1103 -12.78 -15.57 -14.23
C LEU B 1103 -12.40 -14.42 -15.15
N LEU B 1104 -11.12 -14.27 -15.49
CA LEU B 1104 -10.74 -13.27 -16.49
C LEU B 1104 -11.23 -13.69 -17.87
N LEU B 1105 -11.40 -14.99 -18.09
CA LEU B 1105 -11.98 -15.46 -19.35
C LEU B 1105 -13.44 -15.06 -19.47
N ASP B 1106 -14.19 -15.11 -18.37
CA ASP B 1106 -15.61 -14.79 -18.42
C ASP B 1106 -15.88 -13.29 -18.51
N GLU B 1107 -15.03 -12.45 -17.91
CA GLU B 1107 -15.21 -11.01 -18.07
C GLU B 1107 -14.82 -10.53 -19.45
N LEU B 1108 -14.00 -11.29 -20.16
CA LEU B 1108 -13.78 -10.97 -21.56
C LEU B 1108 -14.83 -11.61 -22.45
N LYS B 1109 -15.62 -12.53 -21.89
CA LYS B 1109 -16.65 -13.26 -22.62
C LYS B 1109 -17.99 -12.55 -22.57
N ALA B 1110 -18.28 -11.84 -21.48
CA ALA B 1110 -19.49 -11.02 -21.39
C ALA B 1110 -19.45 -9.91 -22.44
N MET B 1111 -18.35 -9.16 -22.49
CA MET B 1111 -18.01 -8.36 -23.65
C MET B 1111 -17.73 -9.30 -24.82
N VAL B 1112 -17.90 -8.81 -26.04
CA VAL B 1112 -18.00 -9.69 -27.21
C VAL B 1112 -16.68 -10.38 -27.62
N ILE B 1113 -15.58 -10.14 -26.89
CA ILE B 1113 -14.27 -10.72 -27.19
C ILE B 1113 -14.30 -12.24 -26.97
N ARG B 1114 -13.75 -13.01 -27.92
CA ARG B 1114 -13.63 -14.45 -27.72
C ARG B 1114 -12.18 -14.85 -27.44
N PRO B 1115 -11.90 -15.47 -26.31
CA PRO B 1115 -10.57 -16.01 -25.96
C PRO B 1115 -10.28 -17.47 -26.35
N SER B 1116 -9.86 -17.69 -27.60
CA SER B 1116 -9.52 -19.05 -28.03
C SER B 1116 -8.20 -19.50 -27.41
N LEU B 1117 -8.24 -20.60 -26.68
CA LEU B 1117 -7.05 -21.22 -26.09
C LEU B 1117 -6.52 -22.29 -27.03
N ARG B 1118 -5.23 -22.23 -27.36
CA ARG B 1118 -4.61 -23.25 -28.18
C ARG B 1118 -3.43 -23.84 -27.40
N LEU B 1119 -3.72 -24.93 -26.68
CA LEU B 1119 -2.85 -25.55 -25.71
C LEU B 1119 -1.78 -26.45 -26.36
N LYS B 1120 -0.87 -26.94 -25.52
CA LYS B 1120 0.36 -27.59 -25.95
C LYS B 1120 0.72 -28.74 -25.02
N ASP B 1121 1.35 -29.78 -25.59
CA ASP B 1121 1.94 -30.88 -24.85
C ASP B 1121 3.18 -30.42 -24.09
N ARG B 1122 3.63 -31.25 -23.15
CA ARG B 1122 4.72 -30.92 -22.23
C ARG B 1122 6.08 -30.98 -22.93
N VAL C 2 64.56 -9.67 -16.75
CA VAL C 2 64.19 -8.61 -15.83
C VAL C 2 63.65 -7.41 -16.60
N ALA C 3 64.24 -7.15 -17.76
CA ALA C 3 63.88 -5.98 -18.56
C ALA C 3 62.59 -6.23 -19.33
N GLU C 4 62.26 -5.26 -20.21
CA GLU C 4 61.06 -5.16 -21.04
C GLU C 4 60.58 -6.45 -21.68
N LYS C 5 61.44 -7.09 -22.49
CA LYS C 5 61.11 -8.34 -23.16
C LYS C 5 60.68 -9.43 -22.18
N THR C 6 61.43 -9.58 -21.09
CA THR C 6 61.16 -10.60 -20.07
C THR C 6 59.76 -10.48 -19.45
N ILE C 7 59.26 -9.27 -19.25
CA ILE C 7 57.97 -9.16 -18.56
C ILE C 7 56.83 -9.30 -19.56
N LYS C 8 56.69 -8.36 -20.50
CA LYS C 8 55.69 -8.32 -21.57
C LYS C 8 55.27 -9.66 -22.15
N SER C 9 56.24 -10.54 -22.41
CA SER C 9 55.94 -11.85 -22.96
C SER C 9 55.56 -12.87 -21.89
N MET C 10 55.63 -12.52 -20.61
CA MET C 10 55.08 -13.43 -19.61
C MET C 10 53.58 -13.22 -19.47
N VAL C 11 53.11 -12.01 -19.78
CA VAL C 11 51.66 -11.75 -19.79
C VAL C 11 51.05 -12.28 -21.09
N SER C 12 51.77 -12.13 -22.21
CA SER C 12 51.36 -12.61 -23.53
C SER C 12 51.02 -14.10 -23.55
N LYS C 13 51.87 -14.93 -22.95
CA LYS C 13 51.61 -16.35 -22.83
C LYS C 13 50.30 -16.62 -22.07
N ALA C 14 50.19 -16.08 -20.85
CA ALA C 14 49.02 -16.25 -19.99
C ALA C 14 47.74 -15.70 -20.60
N GLU C 15 47.85 -14.66 -21.42
CA GLU C 15 46.81 -13.79 -21.98
C GLU C 15 45.41 -14.34 -22.28
N LEU C 16 45.31 -15.38 -23.12
CA LEU C 16 44.07 -15.99 -23.66
C LEU C 16 42.83 -16.07 -22.75
N PRO C 17 42.91 -16.43 -21.45
CA PRO C 17 41.76 -16.16 -20.56
C PRO C 17 41.62 -14.74 -20.06
N ASP C 18 42.66 -13.90 -20.09
CA ASP C 18 42.59 -12.58 -19.48
C ASP C 18 42.05 -11.60 -20.51
N ASN C 19 42.09 -10.29 -20.23
CA ASN C 19 41.41 -9.34 -21.10
C ASN C 19 42.41 -8.41 -21.76
N ILE C 20 41.89 -7.51 -22.58
CA ILE C 20 42.74 -6.61 -23.34
C ILE C 20 43.13 -5.41 -22.49
N LYS C 21 42.14 -4.80 -21.83
CA LYS C 21 42.36 -3.68 -20.93
C LYS C 21 43.33 -4.06 -19.80
N GLU C 22 42.99 -5.14 -19.08
CA GLU C 22 43.83 -5.79 -18.07
C GLU C 22 45.32 -5.87 -18.37
N GLU C 23 45.66 -6.30 -19.59
CA GLU C 23 47.03 -6.49 -20.05
C GLU C 23 47.88 -5.24 -19.86
N LEU C 24 47.42 -4.13 -20.45
CA LEU C 24 48.09 -2.83 -20.34
C LEU C 24 48.23 -2.40 -18.88
N TYR C 25 47.13 -2.48 -18.11
CA TYR C 25 47.12 -2.13 -16.69
C TYR C 25 48.18 -2.88 -15.88
N ALA C 26 48.14 -4.22 -15.94
CA ALA C 26 49.04 -5.06 -15.13
C ALA C 26 50.51 -4.79 -15.39
N LYS C 27 50.89 -4.60 -16.65
CA LYS C 27 52.29 -4.31 -16.99
C LYS C 27 52.75 -2.99 -16.40
N LEU C 28 51.97 -1.93 -16.61
CA LEU C 28 52.41 -0.58 -16.25
C LEU C 28 52.55 -0.36 -14.76
N ILE C 29 51.94 -1.21 -13.93
CA ILE C 29 52.13 -1.12 -12.49
C ILE C 29 53.27 -2.02 -12.03
N GLU C 30 53.36 -3.23 -12.60
CA GLU C 30 54.44 -4.18 -12.34
C GLU C 30 55.81 -3.57 -12.58
N TYR C 31 56.00 -2.98 -13.77
CA TYR C 31 57.23 -2.29 -14.12
C TYR C 31 57.59 -1.19 -13.13
N ASN C 32 56.57 -0.45 -12.65
CA ASN C 32 56.78 0.71 -11.77
C ASN C 32 57.49 0.32 -10.48
N GLU C 33 57.01 -0.73 -9.80
CA GLU C 33 57.63 -1.21 -8.56
C GLU C 33 59.10 -1.60 -8.73
N LYS C 34 60.01 -0.83 -8.12
CA LYS C 34 61.45 -1.07 -8.27
C LYS C 34 62.08 -1.22 -6.89
N TYR C 35 61.89 -2.40 -6.32
CA TYR C 35 62.74 -3.05 -5.33
C TYR C 35 62.75 -4.53 -5.72
N LYS C 36 63.01 -4.73 -7.00
CA LYS C 36 62.26 -5.62 -7.87
C LYS C 36 62.26 -7.08 -7.44
N LEU C 37 61.14 -7.71 -7.75
CA LEU C 37 60.89 -9.13 -7.67
C LEU C 37 61.25 -9.74 -9.02
N LYS C 38 61.65 -11.01 -9.03
CA LYS C 38 62.48 -11.49 -10.13
C LYS C 38 61.79 -12.49 -11.07
N LYS C 39 61.47 -13.72 -10.63
CA LYS C 39 60.92 -14.65 -11.61
C LYS C 39 59.73 -15.48 -11.14
N ASP C 40 59.78 -15.99 -9.91
CA ASP C 40 58.78 -16.97 -9.51
C ASP C 40 57.51 -16.30 -9.05
N GLU C 41 57.66 -15.19 -8.34
CA GLU C 41 56.53 -14.36 -7.95
C GLU C 41 55.98 -13.52 -9.09
N ILE C 42 56.70 -13.37 -10.22
CA ILE C 42 56.08 -12.80 -11.41
C ILE C 42 55.06 -13.76 -11.99
N GLN C 43 55.40 -15.05 -12.01
CA GLN C 43 54.46 -16.05 -12.50
C GLN C 43 53.33 -16.28 -11.50
N ALA C 44 53.60 -16.03 -10.21
CA ALA C 44 52.57 -16.19 -9.21
C ALA C 44 51.54 -15.07 -9.26
N ILE C 45 51.94 -13.86 -9.65
CA ILE C 45 51.00 -12.75 -9.72
C ILE C 45 50.06 -12.90 -10.90
N ILE C 46 50.61 -13.28 -12.06
CA ILE C 46 49.79 -13.43 -13.26
C ILE C 46 48.84 -14.62 -13.13
N ASP C 47 49.26 -15.69 -12.46
CA ASP C 47 48.38 -16.83 -12.27
C ASP C 47 47.41 -16.62 -11.13
N GLU C 48 47.52 -15.51 -10.40
CA GLU C 48 46.53 -15.10 -9.43
C GLU C 48 45.57 -14.08 -9.98
N THR C 49 46.05 -13.24 -10.91
CA THR C 49 45.17 -12.29 -11.59
C THR C 49 44.17 -13.00 -12.51
N VAL C 50 44.57 -14.14 -13.07
CA VAL C 50 43.64 -14.90 -13.90
C VAL C 50 42.60 -15.63 -13.05
N ARG C 51 42.89 -15.87 -11.78
CA ARG C 51 41.93 -16.56 -10.93
C ARG C 51 40.89 -15.62 -10.38
N GLU C 52 41.23 -14.35 -10.18
CA GLU C 52 40.23 -13.40 -9.69
C GLU C 52 39.28 -12.95 -10.79
N TYR C 53 39.80 -12.77 -12.01
CA TYR C 53 38.94 -12.46 -13.14
C TYR C 53 37.99 -13.61 -13.45
N GLN C 54 38.48 -14.85 -13.33
CA GLN C 54 37.64 -16.01 -13.61
C GLN C 54 36.61 -16.23 -12.50
N LYS C 55 36.90 -15.75 -11.29
CA LYS C 55 35.97 -15.87 -10.18
C LYS C 55 34.83 -14.86 -10.27
N ALA C 56 35.07 -13.73 -10.93
CA ALA C 56 34.14 -12.60 -10.92
C ALA C 56 33.46 -12.39 -12.27
N LEU C 57 33.12 -13.46 -12.97
CA LEU C 57 32.22 -13.35 -14.11
C LEU C 57 30.79 -13.61 -13.69
N ILE C 58 29.85 -13.11 -14.47
CA ILE C 58 28.44 -13.22 -14.13
C ILE C 58 27.95 -14.65 -14.40
N GLU C 59 27.04 -15.10 -13.54
CA GLU C 59 26.44 -16.41 -13.69
C GLU C 59 25.38 -16.36 -14.77
N PRO C 60 25.42 -17.26 -15.76
CA PRO C 60 24.41 -17.24 -16.82
C PRO C 60 23.05 -17.63 -16.29
N GLY C 61 22.06 -16.80 -16.58
CA GLY C 61 20.71 -16.98 -16.09
C GLY C 61 20.23 -15.85 -15.21
N GLU C 62 21.05 -14.82 -15.03
CA GLU C 62 20.83 -13.70 -14.12
C GLU C 62 19.58 -12.92 -14.53
N ALA C 63 19.12 -12.04 -13.63
CA ALA C 63 17.89 -11.31 -13.80
C ALA C 63 18.17 -9.81 -13.82
N VAL C 64 19.10 -9.41 -14.68
CA VAL C 64 19.63 -8.07 -14.88
C VAL C 64 18.59 -6.97 -14.91
N GLY C 65 17.50 -7.17 -15.65
CA GLY C 65 16.56 -6.09 -15.85
C GLY C 65 15.72 -5.72 -14.64
N THR C 66 15.54 -6.63 -13.70
CA THR C 66 14.81 -6.25 -12.49
C THR C 66 15.69 -5.57 -11.47
N VAL C 67 16.96 -5.96 -11.35
CA VAL C 67 17.86 -5.32 -10.40
C VAL C 67 18.48 -4.04 -10.94
N ALA C 68 18.12 -3.65 -12.17
CA ALA C 68 18.47 -2.34 -12.69
C ALA C 68 17.42 -1.31 -12.30
N ALA C 69 16.15 -1.71 -12.33
CA ALA C 69 15.06 -0.81 -11.98
C ALA C 69 14.91 -0.60 -10.48
N GLN C 70 15.41 -1.50 -9.66
CA GLN C 70 15.29 -1.32 -8.22
C GLN C 70 16.41 -0.49 -7.64
N SER C 71 17.63 -0.64 -8.16
CA SER C 71 18.75 0.15 -7.69
C SER C 71 18.79 1.56 -8.25
N ILE C 72 17.89 1.90 -9.16
CA ILE C 72 17.71 3.29 -9.57
C ILE C 72 16.47 3.90 -8.92
N GLY C 73 15.57 3.08 -8.38
CA GLY C 73 14.37 3.58 -7.73
C GLY C 73 14.44 3.59 -6.22
N GLU C 74 15.43 2.90 -5.64
CA GLU C 74 15.69 3.08 -4.22
C GLU C 74 16.30 4.44 -3.87
N PRO C 75 17.36 4.96 -4.52
CA PRO C 75 17.97 6.20 -4.02
C PRO C 75 17.13 7.45 -4.20
N SER C 76 16.08 7.42 -5.01
CA SER C 76 15.22 8.59 -5.13
C SER C 76 14.21 8.71 -3.99
N THR C 77 13.99 7.68 -3.19
CA THR C 77 13.09 7.83 -2.05
C THR C 77 13.79 8.49 -0.87
N GLN C 78 15.09 8.30 -0.72
CA GLN C 78 15.86 9.00 0.30
C GLN C 78 16.31 10.37 -0.15
N MET C 79 15.64 10.93 -1.15
CA MET C 79 15.92 12.26 -1.66
C MET C 79 15.17 13.29 -0.81
N THR C 80 15.77 13.57 0.35
CA THR C 80 15.26 14.56 1.28
C THR C 80 15.79 15.93 0.83
N LEU C 81 15.65 16.94 1.68
CA LEU C 81 16.18 18.25 1.34
C LEU C 81 17.71 18.23 1.32
N ASN C 82 18.29 19.15 0.54
CA ASN C 82 19.72 19.35 0.53
C ASN C 82 20.02 20.82 0.77
N THR C 83 21.27 21.22 0.59
CA THR C 83 21.66 22.63 0.69
C THR C 83 21.20 23.31 -0.60
N PHE C 84 19.95 23.79 -0.60
CA PHE C 84 19.43 24.52 -1.75
C PHE C 84 20.10 25.88 -1.94
N HIS C 85 20.80 26.38 -0.93
CA HIS C 85 21.53 27.63 -1.00
C HIS C 85 22.98 27.39 -1.41
N TYR C 86 23.16 26.71 -2.55
CA TYR C 86 24.47 26.54 -3.18
C TYR C 86 25.18 27.87 -3.35
N ALA C 87 26.52 27.83 -3.27
CA ALA C 87 27.35 29.02 -3.26
C ALA C 87 27.97 29.32 -4.61
N GLY C 88 27.25 29.10 -5.70
CA GLY C 88 27.74 29.43 -7.02
C GLY C 88 26.96 30.57 -7.66
N VAL C 89 27.50 31.06 -8.77
CA VAL C 89 26.97 32.22 -9.48
C VAL C 89 26.59 31.88 -10.91
N ALA C 90 27.49 31.19 -11.63
CA ALA C 90 27.34 30.98 -13.06
C ALA C 90 26.16 30.06 -13.39
N GLU C 91 26.22 28.82 -12.91
CA GLU C 91 25.10 27.91 -13.13
C GLU C 91 23.94 28.35 -12.25
N ILE C 92 22.77 28.50 -12.85
CA ILE C 92 21.63 29.11 -12.18
C ILE C 92 20.36 28.35 -12.49
N ASN C 93 19.73 27.81 -11.43
CA ASN C 93 18.35 27.30 -11.45
C ASN C 93 18.18 26.16 -12.44
N VAL C 94 18.82 25.03 -12.13
CA VAL C 94 18.83 23.91 -13.06
C VAL C 94 18.07 22.71 -12.49
N THR C 95 17.17 22.96 -11.53
CA THR C 95 16.20 22.00 -10.98
C THR C 95 16.88 20.72 -10.48
N LEU C 96 17.66 20.87 -9.43
CA LEU C 96 18.36 19.72 -8.86
C LEU C 96 17.38 18.80 -8.15
N GLY C 97 17.71 17.52 -8.12
CA GLY C 97 16.97 16.62 -7.26
C GLY C 97 16.13 15.61 -8.00
N LEU C 98 15.06 15.18 -7.36
CA LEU C 98 14.13 14.24 -7.97
C LEU C 98 13.41 14.74 -9.22
N PRO C 99 13.00 16.03 -9.36
CA PRO C 99 12.38 16.42 -10.64
C PRO C 99 13.30 16.44 -11.84
N ARG C 100 14.62 16.33 -11.69
CA ARG C 100 15.42 16.13 -12.89
C ARG C 100 15.32 14.70 -13.39
N ILE C 101 15.31 13.73 -12.48
CA ILE C 101 15.30 12.31 -12.83
C ILE C 101 14.05 11.92 -13.61
N ILE C 102 12.92 12.57 -13.33
CA ILE C 102 11.74 12.29 -14.12
C ILE C 102 11.84 12.95 -15.50
N GLU C 103 12.52 14.09 -15.60
CA GLU C 103 12.63 14.78 -16.88
C GLU C 103 13.60 14.10 -17.84
N ILE C 104 14.54 13.31 -17.33
CA ILE C 104 15.46 12.60 -18.21
C ILE C 104 14.91 11.23 -18.59
N VAL C 105 14.12 10.60 -17.73
CA VAL C 105 13.52 9.31 -18.04
C VAL C 105 12.35 9.49 -19.02
N ASP C 106 11.35 10.27 -18.63
CA ASP C 106 10.31 10.66 -19.57
C ASP C 106 10.88 11.68 -20.54
N ALA C 107 10.74 11.41 -21.84
CA ALA C 107 11.36 12.19 -22.92
C ALA C 107 11.13 13.70 -22.81
N ARG C 108 9.87 14.12 -22.87
CA ARG C 108 9.37 15.49 -22.67
C ARG C 108 10.13 16.60 -23.39
N LYS C 109 9.86 16.73 -24.71
CA LYS C 109 10.47 17.62 -25.71
C LYS C 109 10.86 19.03 -25.25
N ASN C 110 10.10 19.59 -24.30
CA ASN C 110 10.10 20.94 -23.75
C ASN C 110 11.29 21.40 -22.90
N PRO C 111 12.09 20.50 -22.27
CA PRO C 111 12.39 20.60 -20.82
C PRO C 111 12.71 21.94 -20.21
N SER C 112 12.19 22.16 -19.00
CA SER C 112 12.38 23.43 -18.32
C SER C 112 13.84 23.63 -17.95
N THR C 113 14.25 24.90 -17.92
CA THR C 113 15.61 25.38 -17.69
C THR C 113 16.67 24.69 -18.54
N PRO C 114 16.76 24.96 -19.84
CA PRO C 114 17.90 24.43 -20.60
C PRO C 114 19.14 25.24 -20.31
N ILE C 115 20.25 24.55 -20.03
CA ILE C 115 21.55 25.19 -19.83
C ILE C 115 22.58 24.44 -20.66
N MET C 116 23.07 25.05 -21.71
CA MET C 116 24.05 24.39 -22.57
C MET C 116 25.45 24.90 -22.27
N THR C 117 26.34 24.00 -21.88
CA THR C 117 27.72 24.34 -21.57
C THR C 117 28.49 24.61 -22.86
N VAL C 118 29.19 25.74 -22.91
CA VAL C 118 29.95 26.15 -24.09
C VAL C 118 31.43 26.21 -23.73
N TYR C 119 32.25 25.46 -24.46
CA TYR C 119 33.70 25.49 -24.29
C TYR C 119 34.36 26.18 -25.48
N LEU C 120 35.53 26.79 -25.22
CA LEU C 120 36.21 27.64 -26.19
C LEU C 120 37.50 27.03 -26.71
N ASP C 121 37.88 27.45 -27.92
CA ASP C 121 39.04 26.94 -28.64
C ASP C 121 40.36 27.60 -28.22
N GLU C 122 41.39 27.46 -29.06
CA GLU C 122 42.74 27.90 -28.73
C GLU C 122 42.99 29.39 -28.90
N GLU C 123 42.07 30.15 -29.52
CA GLU C 123 42.28 31.57 -29.67
C GLU C 123 41.44 32.43 -28.75
N HIS C 124 40.37 31.89 -28.18
CA HIS C 124 39.59 32.61 -27.17
C HIS C 124 39.70 31.92 -25.81
N ARG C 125 40.87 31.36 -25.52
CA ARG C 125 41.02 30.60 -24.28
C ARG C 125 41.49 31.45 -23.11
N TYR C 126 42.57 32.22 -23.29
CA TYR C 126 43.17 32.95 -22.18
C TYR C 126 42.93 34.45 -22.21
N ASP C 127 42.49 35.01 -23.33
CA ASP C 127 42.29 36.45 -23.47
C ASP C 127 40.97 36.85 -22.81
N ARG C 128 41.06 37.68 -21.77
CA ARG C 128 39.91 37.99 -20.91
C ARG C 128 38.82 38.73 -21.66
N ASP C 129 39.16 39.85 -22.30
CA ASP C 129 38.13 40.67 -22.92
C ASP C 129 37.72 40.17 -24.29
N LYS C 130 38.62 39.46 -24.99
CA LYS C 130 38.24 38.84 -26.24
C LYS C 130 37.30 37.66 -26.03
N ALA C 131 37.38 37.01 -24.87
CA ALA C 131 36.40 35.97 -24.57
C ALA C 131 35.03 36.57 -24.29
N LEU C 132 35.00 37.83 -23.84
CA LEU C 132 33.73 38.49 -23.55
C LEU C 132 32.93 38.76 -24.82
N GLU C 133 33.59 39.22 -25.89
CA GLU C 133 32.87 39.52 -27.13
C GLU C 133 32.32 38.27 -27.81
N VAL C 134 32.92 37.10 -27.56
CA VAL C 134 32.29 35.85 -28.01
C VAL C 134 30.97 35.62 -27.28
N ALA C 135 30.95 35.83 -25.96
CA ALA C 135 29.71 35.72 -25.19
C ALA C 135 28.72 36.81 -25.57
N ARG C 136 29.23 37.96 -26.00
CA ARG C 136 28.39 38.99 -26.59
C ARG C 136 27.76 38.49 -27.88
N ARG C 137 28.56 37.82 -28.71
CA ARG C 137 28.07 37.30 -29.98
C ARG C 137 27.05 36.19 -29.78
N ILE C 138 27.16 35.43 -28.69
CA ILE C 138 26.21 34.35 -28.43
C ILE C 138 24.89 34.90 -27.91
N GLU C 139 24.93 35.92 -27.04
CA GLU C 139 23.75 36.34 -26.30
C GLU C 139 22.65 36.93 -27.19
N GLY C 140 22.85 38.10 -27.79
CA GLY C 140 21.79 38.65 -28.60
C GLY C 140 20.74 39.39 -27.79
N THR C 141 20.44 40.62 -28.16
CA THR C 141 19.47 41.42 -27.42
C THR C 141 18.53 42.14 -28.38
N THR C 142 17.28 42.25 -27.98
CA THR C 142 16.27 42.98 -28.74
C THR C 142 16.21 44.41 -28.22
N LEU C 143 15.19 45.16 -28.65
CA LEU C 143 14.97 46.51 -28.13
C LEU C 143 14.07 46.55 -26.91
N GLU C 144 13.27 45.51 -26.71
CA GLU C 144 12.29 45.51 -25.62
C GLU C 144 12.93 45.36 -24.25
N ASN C 145 14.08 44.69 -24.17
CA ASN C 145 14.77 44.55 -22.89
C ASN C 145 15.74 45.68 -22.60
N LEU C 146 15.99 46.55 -23.56
CA LEU C 146 16.62 47.85 -23.29
C LEU C 146 15.57 48.92 -23.02
N ALA C 147 14.63 48.63 -22.13
CA ALA C 147 13.59 49.58 -21.71
C ALA C 147 13.08 49.17 -20.34
N ARG C 148 12.11 49.94 -19.84
CA ARG C 148 11.31 49.55 -18.67
C ARG C 148 9.82 49.63 -18.93
N GLU C 149 9.35 50.63 -19.68
CA GLU C 149 8.03 50.62 -20.30
C GLU C 149 8.08 51.57 -21.49
N GLU C 150 6.92 51.74 -22.13
CA GLU C 150 6.81 52.55 -23.33
C GLU C 150 5.84 53.69 -23.07
N THR C 151 6.27 54.92 -23.32
CA THR C 151 5.48 56.11 -23.12
C THR C 151 5.12 56.69 -24.48
N ILE C 152 3.84 57.02 -24.66
CA ILE C 152 3.37 57.49 -25.95
C ILE C 152 3.69 58.98 -26.09
N ASP C 153 3.79 59.42 -27.34
CA ASP C 153 3.97 60.83 -27.66
C ASP C 153 2.61 61.53 -27.70
N ILE C 154 2.58 62.74 -28.25
CA ILE C 154 1.37 63.55 -28.24
C ILE C 154 0.60 63.34 -29.54
N LEU C 155 1.21 63.72 -30.67
CA LEU C 155 0.44 63.77 -31.92
C LEU C 155 0.95 62.81 -32.99
N ASN C 156 2.21 62.90 -33.39
CA ASN C 156 2.62 62.16 -34.58
C ASN C 156 4.00 61.49 -34.51
N MET C 157 4.86 61.83 -33.55
CA MET C 157 6.13 61.12 -33.45
C MET C 157 5.97 59.69 -32.94
N GLU C 158 5.02 59.46 -32.03
CA GLU C 158 4.45 58.16 -31.68
C GLU C 158 5.38 57.21 -30.91
N TYR C 159 6.67 57.52 -30.81
CA TYR C 159 7.64 56.59 -30.24
C TYR C 159 8.87 57.34 -29.77
N VAL C 160 9.59 56.72 -28.84
CA VAL C 160 10.83 57.28 -28.30
C VAL C 160 11.60 56.13 -27.67
N VAL C 161 12.92 56.26 -27.64
CA VAL C 161 13.78 55.32 -26.92
C VAL C 161 14.10 56.00 -25.59
N GLU C 162 14.39 55.21 -24.57
CA GLU C 162 14.13 55.65 -23.20
C GLU C 162 15.20 55.03 -22.29
N ILE C 163 14.99 55.17 -20.98
CA ILE C 163 15.80 54.52 -19.94
C ILE C 163 15.94 53.02 -20.23
N ASP C 164 17.19 52.51 -20.21
CA ASP C 164 18.39 53.22 -19.76
C ASP C 164 19.48 52.95 -20.81
N PRO C 165 20.57 53.73 -20.83
CA PRO C 165 21.68 53.44 -21.75
C PRO C 165 22.91 52.70 -21.20
N GLU C 166 22.93 52.29 -19.93
CA GLU C 166 24.19 51.77 -19.37
C GLU C 166 24.46 50.30 -19.68
N ARG C 167 23.67 49.67 -20.56
CA ARG C 167 24.03 48.35 -21.05
C ARG C 167 25.04 48.39 -22.20
N LEU C 168 25.56 49.56 -22.55
CA LEU C 168 26.49 49.68 -23.67
C LEU C 168 27.85 50.21 -23.25
N GLU C 169 28.10 50.36 -21.94
CA GLU C 169 29.42 50.77 -21.46
C GLU C 169 30.10 49.77 -20.55
N LYS C 170 29.44 48.66 -20.21
CA LYS C 170 30.07 47.58 -19.47
C LYS C 170 30.13 46.29 -20.25
N ALA C 171 29.13 46.02 -21.09
CA ALA C 171 29.15 44.91 -22.01
C ALA C 171 29.57 45.34 -23.40
N GLY C 172 29.10 46.50 -23.85
CA GLY C 172 29.56 47.04 -25.11
C GLY C 172 28.68 46.70 -26.29
N LEU C 173 27.39 47.02 -26.21
CA LEU C 173 26.46 46.68 -27.27
C LEU C 173 26.50 47.68 -28.44
N ASP C 174 27.56 48.50 -28.52
CA ASP C 174 28.03 49.12 -29.75
C ASP C 174 27.07 50.07 -30.45
N MET C 175 27.01 51.34 -30.02
CA MET C 175 26.23 52.40 -30.68
C MET C 175 26.42 52.53 -32.19
N GLU C 176 27.46 51.93 -32.78
CA GLU C 176 27.57 51.83 -34.24
C GLU C 176 26.47 50.96 -34.84
N LYS C 177 25.92 50.02 -34.05
CA LYS C 177 24.82 49.17 -34.50
C LYS C 177 23.52 49.95 -34.71
N VAL C 178 23.41 51.15 -34.11
CA VAL C 178 22.28 52.03 -34.39
C VAL C 178 22.26 52.40 -35.87
N VAL C 179 23.42 52.72 -36.44
CA VAL C 179 23.54 52.91 -37.89
C VAL C 179 23.18 51.63 -38.64
N ARG C 180 23.58 50.47 -38.10
CA ARG C 180 23.41 49.17 -38.75
C ARG C 180 21.94 48.75 -38.91
N LYS C 181 21.02 49.32 -38.13
CA LYS C 181 19.60 48.91 -38.06
C LYS C 181 18.89 48.75 -39.41
N LEU C 182 19.35 49.45 -40.46
CA LEU C 182 18.72 49.45 -41.78
C LEU C 182 18.77 48.11 -42.51
N THR C 183 19.44 47.10 -41.95
CA THR C 183 19.58 45.76 -42.55
C THR C 183 18.24 45.10 -42.85
N GLY C 184 17.94 44.93 -44.14
CA GLY C 184 16.69 44.40 -44.67
C GLY C 184 15.37 44.90 -44.14
N SER C 185 15.36 46.08 -43.53
CA SER C 185 14.15 46.59 -42.91
C SER C 185 13.28 47.31 -43.94
N PHE C 186 12.18 47.88 -43.49
CA PHE C 186 11.13 48.37 -44.37
C PHE C 186 11.34 49.83 -44.78
N LYS C 187 11.47 50.74 -43.82
CA LYS C 187 11.53 52.17 -44.10
C LYS C 187 12.89 52.77 -43.79
N SER C 188 13.35 52.64 -42.54
CA SER C 188 14.73 52.89 -42.11
C SER C 188 15.17 54.33 -42.38
N ALA C 189 14.54 55.25 -41.66
CA ALA C 189 15.01 56.63 -41.72
C ALA C 189 16.21 56.80 -40.80
N GLU C 190 17.01 57.82 -41.10
CA GLU C 190 18.29 58.04 -40.43
C GLU C 190 18.27 59.45 -39.87
N PHE C 191 17.97 59.56 -38.57
CA PHE C 191 17.93 60.86 -37.91
C PHE C 191 18.15 60.61 -36.41
N GLU C 192 19.31 60.99 -35.91
CA GLU C 192 19.61 60.88 -34.48
C GLU C 192 19.90 62.29 -33.97
N ALA C 193 18.87 62.91 -33.38
CA ALA C 193 19.00 64.23 -32.80
C ALA C 193 19.34 64.12 -31.31
N GLU C 194 18.48 63.46 -30.55
CA GLU C 194 18.67 63.25 -29.12
C GLU C 194 19.11 61.82 -28.83
N GLY C 195 19.77 61.17 -29.78
CA GLY C 195 20.27 59.82 -29.62
C GLY C 195 19.29 58.71 -29.93
N TYR C 196 18.07 59.03 -30.37
CA TYR C 196 17.10 58.03 -30.77
C TYR C 196 16.68 58.23 -32.21
N THR C 197 16.60 57.13 -32.96
CA THR C 197 16.39 57.15 -34.40
C THR C 197 14.92 57.35 -34.71
N LEU C 198 14.58 58.49 -35.30
CA LEU C 198 13.19 58.79 -35.67
C LEU C 198 12.83 58.04 -36.95
N VAL C 199 11.81 57.20 -36.86
CA VAL C 199 11.31 56.42 -37.99
C VAL C 199 9.92 56.94 -38.31
N VAL C 200 9.78 57.62 -39.44
CA VAL C 200 8.50 58.14 -39.89
C VAL C 200 7.78 57.06 -40.70
N ARG C 201 6.45 57.07 -40.64
CA ARG C 201 5.59 56.09 -41.29
C ARG C 201 4.52 56.84 -42.08
N PRO C 202 4.83 57.27 -43.31
CA PRO C 202 3.94 58.17 -44.08
C PRO C 202 2.82 57.46 -44.83
N LYS C 203 2.05 56.65 -44.11
CA LYS C 203 0.96 55.86 -44.70
C LYS C 203 -0.22 55.91 -43.73
N LYS C 204 -1.13 54.96 -43.88
CA LYS C 204 -2.55 55.17 -43.58
C LYS C 204 -3.12 53.89 -42.97
N VAL C 205 -4.45 53.74 -43.10
CA VAL C 205 -5.43 53.11 -42.21
C VAL C 205 -4.96 51.81 -41.53
N THR C 206 -4.12 51.04 -42.22
CA THR C 206 -3.52 49.81 -41.69
C THR C 206 -2.88 50.01 -40.32
N LYS C 207 -2.04 51.02 -40.17
CA LYS C 207 -1.57 51.45 -38.87
C LYS C 207 -2.11 52.86 -38.63
N LEU C 208 -3.00 52.99 -37.64
CA LEU C 208 -3.60 54.28 -37.31
C LEU C 208 -3.23 54.70 -35.90
N SER C 209 -3.59 53.90 -34.90
CA SER C 209 -3.17 54.14 -33.51
C SER C 209 -2.84 52.85 -32.77
N ASP C 210 -2.81 51.71 -33.46
CA ASP C 210 -2.59 50.41 -32.81
C ASP C 210 -1.09 50.20 -32.55
N LEU C 211 -0.57 50.97 -31.60
CA LEU C 211 0.82 50.82 -31.14
C LEU C 211 1.12 49.43 -30.58
N ARG C 212 0.11 48.75 -30.03
CA ARG C 212 0.36 47.48 -29.33
C ARG C 212 0.67 46.33 -30.28
N LYS C 213 0.24 46.41 -31.53
CA LYS C 213 0.53 45.34 -32.49
C LYS C 213 1.89 45.52 -33.17
N ILE C 214 2.43 46.75 -33.16
CA ILE C 214 3.78 46.98 -33.65
C ILE C 214 4.81 46.41 -32.69
N ALA C 215 4.43 46.25 -31.42
CA ALA C 215 5.28 45.59 -30.42
C ALA C 215 5.50 44.10 -30.71
N GLU C 216 4.68 43.50 -31.57
CA GLU C 216 4.93 42.14 -32.03
C GLU C 216 5.70 42.09 -33.34
N LYS C 217 5.57 43.12 -34.16
CA LYS C 217 6.38 43.29 -35.36
C LYS C 217 7.74 43.87 -35.01
N VAL C 218 8.41 44.49 -36.00
CA VAL C 218 9.83 44.80 -36.14
C VAL C 218 10.52 45.26 -34.84
N LYS C 219 9.79 45.99 -33.99
CA LYS C 219 10.25 46.34 -32.65
C LYS C 219 10.65 45.12 -31.80
N LYS C 220 10.04 43.95 -32.04
CA LYS C 220 10.42 42.73 -31.35
C LYS C 220 11.24 41.78 -32.23
N HIS C 221 11.19 41.96 -33.55
CA HIS C 221 11.84 41.07 -34.49
C HIS C 221 13.34 41.36 -34.65
N ARG C 222 13.87 42.30 -33.89
CA ARG C 222 15.29 42.63 -34.03
C ARG C 222 16.16 41.57 -33.35
N LEU C 223 17.24 41.20 -34.04
CA LEU C 223 18.08 40.05 -33.68
C LEU C 223 19.55 40.48 -33.59
N LYS C 224 19.83 41.46 -32.72
CA LYS C 224 21.17 42.05 -32.65
C LYS C 224 22.22 41.10 -32.08
N GLY C 225 22.62 40.13 -32.89
CA GLY C 225 23.63 39.15 -32.56
C GLY C 225 23.21 37.75 -32.95
N LEU C 226 24.21 36.87 -32.97
CA LEU C 226 24.02 35.50 -33.41
C LEU C 226 23.43 34.65 -32.28
N SER C 227 22.94 33.46 -32.65
CA SER C 227 22.49 32.41 -31.73
C SER C 227 21.38 32.90 -30.80
N GLY C 228 20.20 33.09 -31.41
CA GLY C 228 19.13 33.86 -30.81
C GLY C 228 18.51 33.21 -29.59
N VAL C 229 19.27 33.24 -28.49
CA VAL C 229 18.97 32.51 -27.28
C VAL C 229 19.26 33.43 -26.09
N GLY C 230 19.13 32.91 -24.86
CA GLY C 230 19.20 33.73 -23.67
C GLY C 230 20.55 34.26 -23.21
N LYS C 231 20.71 34.39 -21.89
CA LYS C 231 21.82 35.13 -21.27
C LYS C 231 23.05 34.26 -21.11
N THR C 232 24.22 34.90 -21.03
CA THR C 232 25.50 34.22 -20.95
C THR C 232 26.24 34.64 -19.69
N ILE C 233 26.80 33.66 -18.98
CA ILE C 233 27.60 33.90 -17.78
C ILE C 233 28.98 33.28 -18.04
N ILE C 234 30.03 33.92 -17.53
CA ILE C 234 31.41 33.48 -17.76
C ILE C 234 32.01 33.10 -16.42
N ARG C 235 32.64 31.92 -16.36
CA ARG C 235 33.33 31.47 -15.15
C ARG C 235 34.77 31.10 -15.52
N LYS C 236 35.67 31.23 -14.54
CA LYS C 236 37.08 30.85 -14.68
C LYS C 236 37.31 29.47 -14.09
N GLU C 237 37.61 28.51 -14.95
CA GLU C 237 37.90 27.15 -14.51
C GLU C 237 39.01 26.55 -15.37
N GLY C 238 40.08 26.09 -14.72
CA GLY C 238 41.12 25.34 -15.41
C GLY C 238 41.91 26.11 -16.43
N ASP C 239 42.00 27.44 -16.30
CA ASP C 239 42.64 28.41 -17.19
C ASP C 239 41.92 28.55 -18.53
N GLU C 240 40.73 28.00 -18.66
CA GLU C 240 39.84 28.32 -19.76
C GLU C 240 38.63 29.08 -19.23
N TYR C 241 38.10 29.96 -20.05
CA TYR C 241 36.85 30.61 -19.74
C TYR C 241 35.72 29.77 -20.33
N VAL C 242 34.73 29.49 -19.52
CA VAL C 242 33.54 28.76 -19.94
C VAL C 242 32.40 29.76 -20.07
N ILE C 243 31.45 29.47 -20.93
CA ILE C 243 30.33 30.36 -21.19
C ILE C 243 29.07 29.55 -20.92
N TYR C 244 28.58 29.59 -19.68
CA TYR C 244 27.39 28.82 -19.33
C TYR C 244 26.19 29.64 -19.74
N THR C 245 25.62 29.33 -20.90
CA THR C 245 24.54 30.13 -21.44
C THR C 245 23.21 29.59 -20.94
N GLU C 246 22.12 30.04 -21.55
CA GLU C 246 20.79 29.52 -21.29
C GLU C 246 20.15 29.19 -22.62
N GLY C 247 19.28 28.18 -22.62
CA GLY C 247 18.58 27.79 -23.82
C GLY C 247 19.32 26.76 -24.66
N SER C 248 18.84 26.57 -25.90
CA SER C 248 19.31 25.45 -26.71
C SER C 248 19.03 25.74 -28.19
N ASN C 249 20.08 26.12 -28.94
CA ASN C 249 19.95 26.45 -30.36
C ASN C 249 21.12 25.87 -31.17
N PHE C 250 21.32 24.54 -31.04
CA PHE C 250 22.49 23.79 -31.49
C PHE C 250 23.19 24.12 -32.79
N LYS C 251 22.52 23.92 -33.93
CA LYS C 251 23.22 23.99 -35.21
C LYS C 251 23.58 25.43 -35.58
N GLN C 252 22.96 26.40 -34.91
CA GLN C 252 23.42 27.77 -34.95
C GLN C 252 24.60 28.00 -34.00
N VAL C 253 24.56 27.38 -32.81
CA VAL C 253 25.60 27.62 -31.79
C VAL C 253 26.92 27.02 -32.23
N LEU C 254 26.88 25.85 -32.85
CA LEU C 254 28.12 25.23 -33.32
C LEU C 254 28.72 25.98 -34.50
N LYS C 255 27.92 26.74 -35.24
CA LYS C 255 28.46 27.60 -36.31
C LYS C 255 28.60 29.03 -35.82
N VAL C 256 29.49 29.21 -34.85
CA VAL C 256 29.81 30.52 -34.27
C VAL C 256 31.32 30.65 -34.29
N PRO C 257 31.88 31.79 -34.74
CA PRO C 257 33.33 31.94 -34.78
C PRO C 257 33.98 32.10 -33.41
N GLY C 258 34.33 30.97 -32.80
CA GLY C 258 35.10 31.00 -31.57
C GLY C 258 34.79 29.88 -30.59
N VAL C 259 33.58 29.32 -30.67
CA VAL C 259 33.25 28.18 -29.82
C VAL C 259 33.97 26.93 -30.34
N ASP C 260 34.65 26.22 -29.45
CA ASP C 260 35.22 24.92 -29.79
C ASP C 260 34.09 23.91 -29.99
N PRO C 261 33.89 23.40 -31.21
CA PRO C 261 32.67 22.61 -31.46
C PRO C 261 32.69 21.22 -30.86
N THR C 262 33.85 20.67 -30.53
CA THR C 262 33.97 19.25 -30.24
C THR C 262 33.73 18.91 -28.79
N ARG C 263 33.38 19.88 -27.94
CA ARG C 263 33.35 19.59 -26.52
C ARG C 263 32.13 20.16 -25.81
N THR C 264 31.24 20.87 -26.53
CA THR C 264 30.10 21.53 -25.92
C THR C 264 29.02 20.53 -25.52
N ARG C 265 28.89 20.28 -24.23
CA ARG C 265 27.92 19.37 -23.65
C ARG C 265 26.61 20.14 -23.45
N THR C 266 25.51 19.40 -23.27
CA THR C 266 24.18 20.00 -23.28
C THR C 266 23.32 19.39 -22.19
N ASN C 267 22.34 20.14 -21.71
CA ASN C 267 21.34 19.62 -20.79
C ASN C 267 20.03 19.30 -21.50
N ASN C 268 20.08 19.05 -22.80
CA ASN C 268 18.89 18.67 -23.54
C ASN C 268 19.12 17.27 -24.11
N ILE C 269 18.02 16.63 -24.54
CA ILE C 269 18.02 15.23 -24.92
C ILE C 269 17.68 15.06 -26.39
N TRP C 270 16.55 15.65 -26.81
CA TRP C 270 16.06 15.44 -28.17
C TRP C 270 16.88 16.20 -29.20
N GLU C 271 17.54 17.28 -28.83
CA GLU C 271 18.32 18.01 -29.81
C GLU C 271 19.67 17.33 -30.07
N ILE C 272 20.25 16.70 -29.04
CA ILE C 272 21.51 16.00 -29.25
C ILE C 272 21.28 14.72 -30.03
N ALA C 273 20.05 14.20 -30.05
CA ALA C 273 19.72 13.05 -30.88
C ALA C 273 19.51 13.45 -32.33
N GLU C 274 18.89 14.60 -32.57
CA GLU C 274 18.62 15.02 -33.94
C GLU C 274 19.86 15.52 -34.66
N VAL C 275 20.86 16.01 -33.92
CA VAL C 275 22.01 16.67 -34.51
C VAL C 275 23.24 15.78 -34.49
N LEU C 276 23.58 15.23 -33.33
CA LEU C 276 24.79 14.44 -33.20
C LEU C 276 24.55 12.95 -33.38
N GLY C 277 23.32 12.50 -33.49
CA GLY C 277 23.02 11.10 -33.73
C GLY C 277 22.55 10.39 -32.48
N ILE C 278 22.14 9.14 -32.66
CA ILE C 278 21.52 8.39 -31.57
C ILE C 278 22.56 7.99 -30.55
N GLU C 279 23.70 7.48 -31.00
CA GLU C 279 24.71 7.00 -30.06
C GLU C 279 25.41 8.13 -29.34
N ALA C 280 25.27 9.37 -29.77
CA ALA C 280 25.67 10.47 -28.92
C ALA C 280 24.63 10.73 -27.84
N ALA C 281 23.35 10.54 -28.14
CA ALA C 281 22.30 10.70 -27.14
C ALA C 281 22.29 9.54 -26.18
N ARG C 282 22.92 8.43 -26.55
CA ARG C 282 23.32 7.41 -25.60
C ARG C 282 24.19 8.03 -24.50
N ASN C 283 25.28 8.71 -24.89
CA ASN C 283 26.17 9.30 -23.91
C ASN C 283 25.63 10.56 -23.27
N ALA C 284 24.57 11.17 -23.82
CA ALA C 284 23.94 12.28 -23.10
C ALA C 284 23.12 11.78 -21.91
N ILE C 285 22.39 10.68 -22.08
CA ILE C 285 21.58 10.13 -21.00
C ILE C 285 22.47 9.57 -19.90
N ILE C 286 23.57 8.92 -20.28
CA ILE C 286 24.42 8.26 -19.32
C ILE C 286 25.13 9.28 -18.45
N ASP C 287 25.70 10.31 -19.07
CA ASP C 287 26.50 11.29 -18.35
C ASP C 287 25.64 12.22 -17.50
N GLU C 288 24.34 12.30 -17.76
CA GLU C 288 23.48 13.23 -17.03
C GLU C 288 22.91 12.61 -15.75
N ILE C 289 22.57 11.33 -15.77
CA ILE C 289 22.06 10.69 -14.56
C ILE C 289 23.22 10.45 -13.59
N VAL C 290 24.44 10.28 -14.12
CA VAL C 290 25.62 10.17 -13.28
C VAL C 290 25.88 11.49 -12.54
N SER C 291 25.72 12.62 -13.23
CA SER C 291 26.00 13.91 -12.60
C SER C 291 24.97 14.31 -11.57
N THR C 292 23.74 13.78 -11.65
CA THR C 292 22.75 14.09 -10.63
C THR C 292 23.02 13.32 -9.36
N MET C 293 23.41 12.05 -9.48
CA MET C 293 23.63 11.21 -8.32
C MET C 293 24.84 11.66 -7.51
N ARG C 294 25.93 12.04 -8.17
CA ARG C 294 27.14 12.40 -7.43
C ARG C 294 26.99 13.73 -6.70
N GLU C 295 26.18 14.64 -7.25
CA GLU C 295 25.95 15.91 -6.56
C GLU C 295 25.10 15.76 -5.31
N GLN C 296 24.33 14.69 -5.18
CA GLN C 296 23.46 14.54 -4.02
C GLN C 296 24.06 13.59 -3.00
N GLY C 297 25.30 13.16 -3.20
CA GLY C 297 26.02 12.42 -2.21
C GLY C 297 26.05 10.93 -2.44
N LEU C 298 25.00 10.38 -3.03
CA LEU C 298 24.75 8.94 -3.02
C LEU C 298 24.97 8.34 -4.40
N GLU C 299 25.64 7.19 -4.42
CA GLU C 299 26.25 6.62 -5.61
C GLU C 299 25.48 5.42 -6.15
N VAL C 300 25.40 5.31 -7.47
CA VAL C 300 24.87 4.15 -8.16
C VAL C 300 25.92 3.72 -9.19
N ASP C 301 26.06 2.42 -9.38
CA ASP C 301 27.08 1.89 -10.28
C ASP C 301 26.60 1.99 -11.72
N VAL C 302 27.53 2.10 -12.66
CA VAL C 302 27.19 2.47 -14.01
C VAL C 302 26.94 1.26 -14.90
N ARG C 303 26.84 0.08 -14.29
CA ARG C 303 26.24 -1.04 -15.01
C ARG C 303 24.73 -0.92 -15.08
N HIS C 304 24.11 -0.33 -14.06
CA HIS C 304 22.66 -0.17 -14.05
C HIS C 304 22.21 0.94 -14.98
N ILE C 305 23.02 1.98 -15.15
CA ILE C 305 22.67 3.09 -16.03
C ILE C 305 22.81 2.68 -17.49
N MET C 306 23.80 1.85 -17.81
CA MET C 306 24.02 1.47 -19.19
C MET C 306 23.11 0.33 -19.64
N LEU C 307 22.21 -0.13 -18.79
CA LEU C 307 21.17 -1.05 -19.22
C LEU C 307 19.90 -0.31 -19.60
N VAL C 308 19.58 0.77 -18.91
CA VAL C 308 18.40 1.57 -19.26
C VAL C 308 18.67 2.39 -20.51
N ALA C 309 19.85 3.00 -20.61
CA ALA C 309 20.13 3.89 -21.73
C ALA C 309 20.27 3.12 -23.04
N ASP C 310 20.86 1.93 -22.99
CA ASP C 310 21.00 1.12 -24.20
C ASP C 310 19.75 0.29 -24.49
N MET C 311 18.66 0.50 -23.76
CA MET C 311 17.39 -0.10 -24.09
C MET C 311 16.35 0.94 -24.48
N MET C 312 16.59 2.20 -24.15
CA MET C 312 15.69 3.28 -24.48
C MET C 312 15.97 3.87 -25.86
N THR C 313 17.09 3.52 -26.47
CA THR C 313 17.38 3.85 -27.87
C THR C 313 17.35 2.59 -28.74
N LEU C 314 16.40 1.71 -28.47
CA LEU C 314 16.41 0.38 -29.07
C LEU C 314 15.84 0.36 -30.48
N ASP C 315 15.07 1.37 -30.86
CA ASP C 315 14.44 1.38 -32.18
C ASP C 315 14.78 2.67 -32.91
N GLY C 316 16.04 3.10 -32.83
CA GLY C 316 16.51 4.23 -33.61
C GLY C 316 16.02 5.61 -33.27
N VAL C 317 14.83 5.73 -32.67
CA VAL C 317 14.34 6.97 -32.10
C VAL C 317 14.11 6.72 -30.62
N ILE C 318 14.56 7.64 -29.77
CA ILE C 318 14.46 7.43 -28.33
C ILE C 318 12.99 7.44 -27.93
N ARG C 319 12.66 6.66 -26.93
CA ARG C 319 11.30 6.48 -26.49
C ARG C 319 11.13 6.97 -25.07
N PRO C 320 9.92 7.30 -24.65
CA PRO C 320 9.68 7.48 -23.22
C PRO C 320 9.57 6.16 -22.50
N ILE C 321 9.20 6.18 -21.23
CA ILE C 321 9.27 4.97 -20.42
C ILE C 321 7.89 4.39 -20.11
N GLY C 322 6.81 5.17 -20.24
CA GLY C 322 5.53 4.66 -19.81
C GLY C 322 4.32 5.17 -20.58
N ARG C 323 3.48 4.21 -20.98
CA ARG C 323 2.15 4.32 -21.56
C ARG C 323 2.18 4.83 -23.00
N HIS C 324 3.32 5.30 -23.47
CA HIS C 324 3.48 5.65 -24.87
C HIS C 324 4.80 5.16 -25.44
N GLY C 325 5.61 4.49 -24.65
CA GLY C 325 6.94 4.11 -25.05
C GLY C 325 7.04 2.61 -24.94
N ILE C 326 7.97 2.14 -24.10
CA ILE C 326 8.47 0.77 -24.20
C ILE C 326 7.39 -0.24 -23.81
N VAL C 327 6.50 0.11 -22.88
CA VAL C 327 5.38 -0.78 -22.60
C VAL C 327 4.36 -0.73 -23.74
N GLY C 328 4.07 0.46 -24.24
CA GLY C 328 3.19 0.61 -25.39
C GLY C 328 3.75 0.05 -26.68
N GLU C 329 5.06 -0.16 -26.76
CA GLU C 329 5.67 -0.80 -27.92
C GLU C 329 5.49 -2.31 -27.85
N LYS C 330 6.19 -3.03 -28.72
CA LYS C 330 5.81 -4.40 -29.05
C LYS C 330 6.08 -5.33 -27.88
N ALA C 331 5.10 -6.17 -27.60
CA ALA C 331 5.14 -7.17 -26.52
C ALA C 331 3.98 -8.13 -26.76
N SER C 332 3.74 -8.96 -25.76
CA SER C 332 2.49 -9.67 -25.64
C SER C 332 1.36 -8.71 -25.32
N VAL C 333 0.14 -9.08 -25.71
CA VAL C 333 -1.00 -8.19 -25.44
C VAL C 333 -1.41 -8.21 -23.98
N LEU C 334 -1.07 -9.25 -23.22
CA LEU C 334 -1.28 -9.24 -21.78
C LEU C 334 -0.22 -8.45 -21.04
N ALA C 335 0.97 -8.26 -21.63
CA ALA C 335 1.98 -7.42 -21.00
C ALA C 335 1.55 -5.97 -20.96
N ARG C 336 0.73 -5.57 -21.91
CA ARG C 336 0.20 -4.22 -21.96
C ARG C 336 -1.08 -4.06 -21.16
N ALA C 337 -1.59 -5.14 -20.56
CA ALA C 337 -2.83 -5.07 -19.81
C ALA C 337 -2.63 -4.56 -18.38
N ALA C 338 -1.58 -4.99 -17.69
CA ALA C 338 -1.41 -4.58 -16.30
C ALA C 338 -0.66 -3.26 -16.14
N PHE C 339 -0.23 -2.65 -17.24
CA PHE C 339 0.38 -1.34 -17.28
C PHE C 339 -0.47 -0.53 -18.23
N GLU C 340 -0.66 0.76 -17.93
CA GLU C 340 -1.47 1.67 -18.74
C GLU C 340 -2.92 1.18 -18.74
N ILE C 341 -3.55 1.37 -17.58
CA ILE C 341 -4.90 0.88 -17.37
C ILE C 341 -5.75 1.75 -18.29
N THR C 342 -5.98 1.24 -19.49
CA THR C 342 -6.64 2.01 -20.54
C THR C 342 -7.51 1.12 -21.40
N THR C 343 -7.78 -0.12 -20.95
CA THR C 343 -7.73 -1.28 -21.80
C THR C 343 -8.72 -1.24 -22.96
N GLN C 344 -9.82 -0.50 -22.84
CA GLN C 344 -10.74 -0.42 -23.97
C GLN C 344 -10.13 0.36 -25.14
N HIS C 345 -9.11 1.18 -24.88
CA HIS C 345 -8.28 1.68 -25.97
C HIS C 345 -7.38 0.59 -26.53
N LEU C 346 -6.71 -0.16 -25.65
CA LEU C 346 -5.58 -0.99 -26.02
C LEU C 346 -5.90 -2.47 -26.12
N PHE C 347 -6.72 -2.99 -25.21
CA PHE C 347 -7.04 -4.42 -25.23
C PHE C 347 -8.05 -4.79 -26.31
N ALA C 348 -8.94 -3.87 -26.67
CA ALA C 348 -9.86 -4.12 -27.76
C ALA C 348 -9.28 -3.75 -29.12
N ALA C 349 -8.12 -3.10 -29.15
CA ALA C 349 -7.45 -2.79 -30.41
C ALA C 349 -6.77 -4.03 -30.97
N ALA C 350 -6.06 -4.76 -30.12
CA ALA C 350 -5.40 -6.00 -30.50
C ALA C 350 -6.31 -7.20 -30.36
N GLU C 351 -7.61 -6.97 -30.31
CA GLU C 351 -8.60 -8.00 -30.55
C GLU C 351 -8.68 -8.39 -32.01
N ARG C 352 -8.22 -7.52 -32.90
CA ARG C 352 -8.40 -7.70 -34.33
C ARG C 352 -7.10 -8.27 -34.88
N GLY C 353 -7.16 -9.52 -35.33
CA GLY C 353 -6.07 -10.21 -35.99
C GLY C 353 -4.78 -10.28 -35.19
N GLU C 354 -4.78 -10.99 -34.06
CA GLU C 354 -3.60 -10.99 -33.19
C GLU C 354 -3.51 -12.29 -32.42
N VAL C 355 -2.32 -12.88 -32.41
CA VAL C 355 -2.02 -14.06 -31.62
C VAL C 355 -1.22 -13.62 -30.39
N ASP C 356 -1.09 -14.52 -29.44
CA ASP C 356 -0.29 -14.26 -28.25
C ASP C 356 0.38 -15.55 -27.78
N PRO C 357 1.67 -15.73 -28.08
CA PRO C 357 2.29 -17.01 -27.70
C PRO C 357 2.55 -17.21 -26.21
N LEU C 358 3.59 -16.57 -25.69
CA LEU C 358 4.21 -16.90 -24.42
C LEU C 358 5.33 -15.91 -24.10
N ASN C 359 6.20 -16.33 -23.20
CA ASN C 359 7.60 -15.95 -23.13
C ASN C 359 7.84 -14.55 -22.61
N GLY C 360 6.91 -13.99 -21.87
CA GLY C 360 7.20 -12.83 -21.06
C GLY C 360 7.66 -13.25 -19.68
N VAL C 361 7.51 -12.33 -18.74
CA VAL C 361 7.72 -12.66 -17.35
C VAL C 361 6.40 -12.38 -16.64
N VAL C 362 5.65 -11.40 -17.15
CA VAL C 362 4.36 -11.04 -16.58
C VAL C 362 3.22 -11.98 -17.02
N GLU C 363 3.40 -12.78 -18.07
CA GLU C 363 2.33 -13.67 -18.50
C GLU C 363 2.34 -15.01 -17.78
N ASN C 364 3.52 -15.64 -17.69
CA ASN C 364 3.61 -16.96 -17.08
C ASN C 364 3.31 -16.90 -15.59
N VAL C 365 3.53 -15.76 -14.96
CA VAL C 365 3.10 -15.58 -13.58
C VAL C 365 1.59 -15.37 -13.54
N LEU C 366 1.01 -14.84 -14.61
CA LEU C 366 -0.41 -14.54 -14.65
C LEU C 366 -1.23 -15.77 -14.99
N ILE C 367 -0.64 -16.72 -15.69
CA ILE C 367 -1.35 -17.90 -16.17
C ILE C 367 -0.96 -19.17 -15.42
N GLY C 368 0.19 -19.21 -14.76
CA GLY C 368 0.61 -20.37 -14.00
C GLY C 368 1.73 -21.22 -14.57
N GLN C 369 2.74 -20.57 -15.14
CA GLN C 369 3.86 -21.27 -15.76
C GLN C 369 5.16 -20.79 -15.11
N PRO C 370 6.23 -21.58 -15.17
CA PRO C 370 7.54 -21.09 -14.70
C PRO C 370 8.12 -20.06 -15.65
N VAL C 371 8.62 -18.96 -15.07
CA VAL C 371 9.17 -17.84 -15.82
C VAL C 371 10.49 -18.26 -16.45
N PRO C 372 10.95 -17.62 -17.54
CA PRO C 372 12.19 -18.08 -18.17
C PRO C 372 13.49 -17.68 -17.48
N VAL C 373 13.51 -16.55 -16.77
CA VAL C 373 14.73 -16.11 -16.11
C VAL C 373 14.95 -16.91 -14.84
N GLY C 374 16.18 -16.88 -14.35
CA GLY C 374 16.48 -17.49 -13.07
C GLY C 374 16.66 -18.97 -13.20
N THR C 375 15.98 -19.74 -12.36
CA THR C 375 16.21 -21.17 -12.28
C THR C 375 15.33 -21.95 -13.25
N GLY C 376 14.49 -21.28 -14.02
CA GLY C 376 13.74 -21.95 -15.06
C GLY C 376 14.46 -21.95 -16.38
N ILE C 377 15.79 -21.88 -16.35
CA ILE C 377 16.60 -21.79 -17.56
C ILE C 377 17.47 -23.01 -17.76
N VAL C 378 17.57 -23.88 -16.76
CA VAL C 378 18.49 -25.00 -16.79
C VAL C 378 17.70 -26.23 -17.21
N LYS C 379 18.38 -27.16 -17.86
CA LYS C 379 17.75 -28.35 -18.43
C LYS C 379 18.53 -29.57 -17.98
N LEU C 380 17.83 -30.51 -17.36
CA LEU C 380 18.48 -31.67 -16.74
C LEU C 380 18.38 -32.90 -17.63
N ALA C 381 19.12 -33.93 -17.23
CA ALA C 381 19.25 -35.20 -17.94
C ALA C 381 19.93 -36.18 -17.00
N MET C 382 19.49 -37.44 -17.00
CA MET C 382 19.97 -38.39 -16.00
C MET C 382 19.70 -39.81 -16.48
N SER C 383 20.69 -40.68 -16.35
CA SER C 383 20.59 -42.06 -16.78
C SER C 383 20.12 -42.95 -15.62
N LEU C 384 19.78 -44.20 -15.95
CA LEU C 384 19.07 -44.98 -14.96
C LEU C 384 19.41 -46.48 -14.85
N PRO C 385 20.67 -46.90 -14.69
CA PRO C 385 20.88 -48.14 -13.92
C PRO C 385 20.67 -47.91 -12.43
N LEU C 386 21.41 -46.93 -11.89
CA LEU C 386 21.38 -46.45 -10.50
C LEU C 386 21.49 -47.59 -9.48
N ARG C 387 22.65 -48.21 -9.47
CA ARG C 387 22.91 -49.11 -8.36
C ARG C 387 23.31 -48.31 -7.12
N PRO C 388 22.76 -48.65 -5.94
CA PRO C 388 23.04 -47.85 -4.74
C PRO C 388 24.46 -47.95 -4.22
N LYS C 389 24.94 -49.18 -4.01
CA LYS C 389 26.25 -49.50 -3.40
C LYS C 389 26.48 -48.79 -2.06
N VAL D 2 38.65 -8.95 59.54
CA VAL D 2 37.21 -8.79 59.44
C VAL D 2 36.68 -8.15 60.72
N GLU D 3 35.91 -7.07 60.57
CA GLU D 3 35.35 -6.37 61.71
C GLU D 3 34.18 -5.53 61.23
N PHE D 4 33.36 -5.11 62.19
CA PHE D 4 32.17 -4.33 61.88
C PHE D 4 32.11 -3.08 62.75
N LYS D 5 31.42 -2.05 62.24
CA LYS D 5 31.20 -0.81 62.97
C LYS D 5 29.76 -0.37 62.72
N ILE D 6 28.90 -0.58 63.71
CA ILE D 6 27.49 -0.25 63.59
C ILE D 6 27.32 1.26 63.78
N LEU D 7 26.99 1.97 62.70
CA LEU D 7 26.79 3.41 62.81
C LEU D 7 25.46 3.73 63.48
N GLU D 8 24.37 3.17 62.98
CA GLU D 8 23.05 3.43 63.56
C GLU D 8 22.12 2.26 63.34
N LYS D 9 21.28 2.02 64.33
CA LYS D 9 20.18 1.06 64.24
C LYS D 9 18.88 1.79 64.56
N ARG D 10 17.95 1.74 63.62
CA ARG D 10 16.65 2.35 63.77
C ARG D 10 15.63 1.30 63.35
N PRO D 11 14.35 1.51 63.66
CA PRO D 11 13.30 0.70 63.02
C PRO D 11 13.36 0.75 61.51
N ASP D 12 13.45 -0.43 60.89
CA ASP D 12 13.53 -0.65 59.45
C ASP D 12 14.68 0.05 58.74
N SER D 13 15.78 0.35 59.44
CA SER D 13 16.98 0.84 58.75
C SER D 13 18.21 0.49 59.57
N ILE D 14 19.35 0.47 58.89
CA ILE D 14 20.66 0.20 59.51
C ILE D 14 21.73 0.66 58.52
N LYS D 15 22.83 1.18 59.06
CA LYS D 15 24.01 1.47 58.28
C LYS D 15 25.24 0.98 59.04
N PHE D 16 26.17 0.33 58.34
CA PHE D 16 27.36 -0.21 59.00
C PHE D 16 28.52 -0.29 58.02
N ILE D 17 29.72 -0.46 58.57
CA ILE D 17 30.95 -0.57 57.80
C ILE D 17 31.54 -1.96 57.97
N VAL D 18 31.79 -2.65 56.86
CA VAL D 18 32.37 -3.99 56.84
C VAL D 18 33.80 -3.92 56.30
N SER D 19 34.73 -4.52 57.05
CA SER D 19 36.14 -4.55 56.67
C SER D 19 36.56 -6.00 56.42
N GLY D 20 37.72 -6.15 55.76
CA GLY D 20 38.26 -7.47 55.54
C GLY D 20 37.62 -8.27 54.43
N VAL D 21 36.86 -7.62 53.54
CA VAL D 21 36.23 -8.32 52.42
C VAL D 21 36.82 -7.77 51.13
N ASP D 22 36.21 -8.11 50.00
CA ASP D 22 36.73 -7.70 48.71
C ASP D 22 35.58 -7.39 47.77
N VAL D 23 35.93 -6.89 46.59
CA VAL D 23 34.93 -6.43 45.61
C VAL D 23 33.96 -7.53 45.15
N PRO D 24 34.40 -8.76 44.77
CA PRO D 24 33.40 -9.78 44.34
C PRO D 24 32.41 -10.16 45.41
N PHE D 25 32.85 -10.25 46.66
CA PHE D 25 31.99 -10.77 47.73
C PHE D 25 30.84 -9.84 48.03
N ALA D 26 31.06 -8.52 47.95
CA ALA D 26 30.02 -7.55 48.30
C ALA D 26 28.80 -7.65 47.38
N ASN D 27 29.00 -7.84 46.08
CA ASN D 27 27.88 -8.04 45.16
C ASN D 27 27.14 -9.34 45.44
N ALA D 28 27.87 -10.41 45.75
CA ALA D 28 27.21 -11.68 46.08
C ALA D 28 26.35 -11.54 47.32
N LEU D 29 26.83 -10.79 48.33
CA LEU D 29 26.02 -10.52 49.51
C LEU D 29 24.83 -9.64 49.18
N ARG D 30 25.03 -8.62 48.36
CA ARG D 30 23.96 -7.70 47.98
C ARG D 30 22.83 -8.38 47.20
N ARG D 31 23.16 -9.10 46.13
CA ARG D 31 22.17 -9.76 45.28
C ARG D 31 21.41 -10.84 46.03
N THR D 32 22.06 -11.52 46.97
CA THR D 32 21.42 -12.61 47.72
C THR D 32 20.27 -12.10 48.58
N ILE D 33 20.42 -10.91 49.17
CA ILE D 33 19.34 -10.33 49.98
C ILE D 33 18.11 -10.07 49.12
N LEU D 34 18.31 -9.65 47.88
CA LEU D 34 17.16 -9.37 47.01
C LEU D 34 16.55 -10.67 46.44
N SER D 35 17.37 -11.57 45.90
CA SER D 35 16.84 -12.69 45.14
C SER D 35 16.75 -14.00 45.90
N GLU D 36 17.26 -14.10 47.12
CA GLU D 36 17.17 -15.39 47.80
C GLU D 36 16.27 -15.42 49.01
N VAL D 37 16.32 -14.40 49.86
CA VAL D 37 15.55 -14.36 51.12
C VAL D 37 14.06 -14.49 50.80
N PRO D 38 13.34 -15.42 51.43
CA PRO D 38 11.90 -15.50 51.24
C PRO D 38 11.07 -14.77 52.27
N THR D 39 9.90 -14.32 51.80
CA THR D 39 8.85 -13.72 52.62
C THR D 39 7.51 -14.25 52.13
N PHE D 40 6.48 -14.01 52.92
CA PHE D 40 5.11 -14.36 52.57
C PHE D 40 4.44 -13.24 51.80
N ALA D 41 3.56 -13.61 50.89
CA ALA D 41 2.76 -12.64 50.14
C ALA D 41 1.50 -13.32 49.62
N VAL D 42 0.45 -12.51 49.50
CA VAL D 42 -0.83 -12.99 48.97
C VAL D 42 -0.63 -13.38 47.52
N ASP D 43 -1.07 -14.59 47.16
CA ASP D 43 -0.83 -15.09 45.81
C ASP D 43 -2.09 -15.24 44.97
N GLU D 44 -3.26 -15.41 45.58
CA GLU D 44 -4.49 -15.49 44.80
C GLU D 44 -5.65 -15.08 45.69
N VAL D 45 -6.65 -14.45 45.08
CA VAL D 45 -7.81 -13.91 45.80
C VAL D 45 -9.08 -14.34 45.09
N GLU D 46 -10.00 -14.91 45.86
CA GLU D 46 -11.29 -15.38 45.36
C GLU D 46 -12.39 -14.38 45.73
N PHE D 47 -13.07 -13.84 44.70
CA PHE D 47 -14.09 -12.82 44.85
C PHE D 47 -15.50 -13.38 44.89
N LEU D 48 -16.30 -12.90 45.84
CA LEU D 48 -17.70 -13.23 45.90
C LEU D 48 -18.60 -12.14 45.34
N GLU D 49 -18.19 -10.87 45.44
CA GLU D 49 -18.91 -9.70 44.95
C GLU D 49 -18.02 -8.48 45.06
N ASN D 50 -18.17 -7.54 44.13
CA ASN D 50 -17.34 -6.34 44.14
C ASN D 50 -18.14 -5.19 43.53
N ASP D 51 -18.83 -4.44 44.38
CA ASP D 51 -19.60 -3.28 43.95
C ASP D 51 -18.82 -1.98 44.01
N SER D 52 -17.51 -2.02 44.28
CA SER D 52 -16.75 -0.79 44.42
C SER D 52 -16.52 -0.12 43.07
N ALA D 53 -15.88 1.05 43.13
CA ALA D 53 -15.55 1.79 41.92
C ALA D 53 -14.37 1.21 41.17
N LEU D 54 -13.66 0.25 41.78
CA LEU D 54 -12.47 -0.32 41.17
C LEU D 54 -12.75 -1.73 40.66
N PHE D 55 -11.98 -2.11 39.67
CA PHE D 55 -12.03 -3.40 38.99
C PHE D 55 -11.59 -4.51 39.93
N ASP D 56 -12.01 -5.73 39.61
CA ASP D 56 -11.58 -6.93 40.35
C ASP D 56 -10.05 -7.04 40.42
N GLU D 57 -9.39 -6.90 39.27
CA GLU D 57 -7.93 -7.04 39.21
C GLU D 57 -7.19 -6.03 40.09
N ILE D 58 -7.71 -4.80 40.17
CA ILE D 58 -7.01 -3.75 40.89
C ILE D 58 -7.05 -3.99 42.40
N ILE D 59 -8.19 -4.43 42.92
CA ILE D 59 -8.29 -4.74 44.35
C ILE D 59 -7.40 -5.93 44.69
N ALA D 60 -7.40 -6.96 43.83
CA ALA D 60 -6.50 -8.09 43.99
C ALA D 60 -5.04 -7.66 43.92
N HIS D 61 -4.73 -6.64 43.13
CA HIS D 61 -3.36 -6.18 43.01
C HIS D 61 -2.86 -5.50 44.28
N ARG D 62 -3.71 -4.71 44.95
CA ARG D 62 -3.30 -4.09 46.20
C ARG D 62 -3.09 -5.07 47.34
N LEU D 63 -3.86 -6.14 47.37
CA LEU D 63 -3.69 -7.13 48.43
C LEU D 63 -2.31 -7.76 48.36
N ALA D 64 -1.81 -8.00 47.14
CA ALA D 64 -0.48 -8.56 46.96
C ALA D 64 0.63 -7.62 47.43
N MET D 65 0.39 -6.31 47.46
CA MET D 65 1.43 -5.34 47.81
C MET D 65 1.47 -5.00 49.30
N ILE D 66 0.74 -5.70 50.14
CA ILE D 66 0.76 -5.48 51.59
C ILE D 66 1.89 -6.31 52.18
N PRO D 67 2.85 -5.69 52.88
CA PRO D 67 3.94 -6.46 53.51
C PRO D 67 3.46 -7.27 54.71
N LEU D 68 3.72 -8.58 54.68
CA LEU D 68 3.30 -9.50 55.73
C LEU D 68 4.48 -9.97 56.58
N THR D 69 4.27 -10.01 57.91
CA THR D 69 5.27 -10.53 58.84
C THR D 69 5.63 -11.98 58.55
N THR D 70 6.92 -12.28 58.54
CA THR D 70 7.45 -13.62 58.25
C THR D 70 8.31 -14.10 59.43
N PRO D 71 7.73 -14.85 60.39
CA PRO D 71 8.52 -15.30 61.55
C PRO D 71 9.59 -16.34 61.21
N HIS D 72 10.86 -15.90 61.25
CA HIS D 72 11.97 -16.75 60.87
C HIS D 72 12.30 -17.87 61.86
N GLU D 73 11.71 -17.88 63.05
CA GLU D 73 12.03 -18.93 64.02
C GLU D 73 11.01 -20.06 63.97
N ARG D 74 10.35 -20.27 62.85
CA ARG D 74 9.35 -21.33 62.85
C ARG D 74 9.24 -22.05 61.51
N PHE D 75 10.05 -21.74 60.50
CA PHE D 75 9.89 -22.61 59.33
C PHE D 75 11.21 -23.13 58.80
N SER D 76 11.82 -22.40 57.85
CA SER D 76 13.17 -22.61 57.31
C SER D 76 13.43 -21.55 56.24
N LEU D 77 14.42 -20.69 56.39
CA LEU D 77 14.66 -19.72 55.34
C LEU D 77 15.84 -20.06 54.45
N ASP D 78 16.63 -21.07 54.79
CA ASP D 78 17.79 -21.45 54.00
C ASP D 78 17.57 -22.72 53.19
N ALA D 79 16.34 -23.20 53.11
CA ALA D 79 16.06 -24.39 52.34
C ALA D 79 16.12 -24.12 50.84
N LEU D 80 16.48 -25.15 50.09
CA LEU D 80 16.38 -25.09 48.64
C LEU D 80 14.95 -25.34 48.18
N GLU D 81 14.17 -26.08 48.96
CA GLU D 81 12.78 -26.41 48.65
C GLU D 81 11.90 -25.66 49.64
N LEU D 82 11.21 -24.62 49.15
CA LEU D 82 10.40 -23.75 49.98
C LEU D 82 9.15 -24.45 50.51
N ASP D 83 8.80 -24.15 51.75
CA ASP D 83 7.59 -24.66 52.39
C ASP D 83 6.35 -24.09 51.69
N ASP D 84 5.33 -24.94 51.54
CA ASP D 84 4.07 -24.57 50.87
C ASP D 84 2.92 -24.20 51.82
N TYR D 85 3.16 -24.07 53.13
CA TYR D 85 2.13 -23.69 54.10
C TYR D 85 1.38 -22.41 53.73
N THR D 86 0.05 -22.49 53.70
CA THR D 86 -0.83 -21.41 53.25
C THR D 86 -1.68 -20.84 54.38
N VAL D 87 -1.74 -19.51 54.47
CA VAL D 87 -2.54 -18.78 55.45
C VAL D 87 -3.67 -18.04 54.71
N THR D 88 -4.90 -18.16 55.21
CA THR D 88 -6.09 -17.59 54.58
C THR D 88 -6.47 -16.25 55.22
N LEU D 89 -6.58 -15.20 54.39
CA LEU D 89 -6.98 -13.86 54.82
C LEU D 89 -8.36 -13.51 54.25
N SER D 90 -9.38 -13.45 55.11
CA SER D 90 -10.75 -13.17 54.71
C SER D 90 -11.18 -11.77 55.15
N LEU D 91 -12.25 -11.28 54.52
CA LEU D 91 -12.83 -9.98 54.85
C LEU D 91 -14.30 -9.95 54.47
N GLU D 92 -15.14 -9.35 55.34
CA GLU D 92 -16.56 -9.16 55.09
C GLU D 92 -16.96 -7.80 55.65
N ALA D 93 -17.04 -6.79 54.78
CA ALA D 93 -17.36 -5.42 55.18
C ALA D 93 -18.50 -4.85 54.35
N GLU D 94 -19.11 -3.78 54.86
CA GLU D 94 -20.17 -3.06 54.16
C GLU D 94 -20.02 -1.56 54.42
N GLY D 95 -20.13 -0.76 53.34
CA GLY D 95 -20.01 0.67 53.43
C GLY D 95 -21.21 1.32 54.12
N PRO D 96 -21.16 2.66 54.28
CA PRO D 96 -20.12 3.62 53.87
C PRO D 96 -18.97 3.75 54.88
N GLY D 97 -17.80 4.10 54.39
CA GLY D 97 -16.63 4.26 55.22
C GLY D 97 -15.42 3.73 54.47
N MET D 98 -14.24 4.20 54.88
CA MET D 98 -13.00 3.75 54.25
C MET D 98 -12.56 2.44 54.91
N VAL D 99 -12.16 1.48 54.09
CA VAL D 99 -11.71 0.18 54.57
C VAL D 99 -10.19 0.22 54.71
N TYR D 100 -9.68 -0.20 55.86
CA TYR D 100 -8.26 -0.18 56.14
C TYR D 100 -7.71 -1.60 56.12
N SER D 101 -6.38 -1.67 55.92
CA SER D 101 -5.68 -2.94 55.92
C SER D 101 -5.75 -3.65 57.26
N GLY D 102 -5.87 -2.90 58.35
CA GLY D 102 -5.93 -3.48 59.68
C GLY D 102 -7.15 -4.34 59.95
N ASP D 103 -8.19 -4.22 59.13
CA ASP D 103 -9.41 -5.00 59.35
C ASP D 103 -9.34 -6.42 58.83
N LEU D 104 -8.28 -6.80 58.11
CA LEU D 104 -8.18 -8.16 57.60
C LEU D 104 -7.88 -9.13 58.74
N LYS D 105 -8.64 -10.21 58.82
CA LYS D 105 -8.44 -11.23 59.84
C LYS D 105 -7.60 -12.37 59.30
N SER D 106 -6.73 -12.91 60.16
CA SER D 106 -5.79 -13.96 59.78
C SER D 106 -6.07 -15.21 60.61
N SER D 107 -6.08 -16.36 59.94
CA SER D 107 -6.24 -17.64 60.63
C SER D 107 -5.03 -18.05 61.45
N ASP D 108 -3.89 -17.38 61.30
CA ASP D 108 -2.69 -17.72 62.05
C ASP D 108 -2.03 -16.42 62.48
N GLY D 109 -1.97 -16.20 63.80
CA GLY D 109 -1.47 -14.97 64.42
C GLY D 109 -0.06 -14.54 64.06
N ASP D 110 0.74 -15.38 63.40
CA ASP D 110 2.10 -14.98 63.05
C ASP D 110 2.21 -14.35 61.67
N VAL D 111 1.14 -14.35 60.87
CA VAL D 111 1.16 -13.75 59.55
C VAL D 111 0.05 -12.71 59.54
N LYS D 112 0.41 -11.44 59.64
CA LYS D 112 -0.50 -10.31 59.68
C LYS D 112 0.14 -9.18 58.87
N PRO D 113 -0.65 -8.20 58.44
CA PRO D 113 -0.05 -7.03 57.77
C PRO D 113 0.83 -6.23 58.71
N ALA D 114 1.99 -5.82 58.19
CA ALA D 114 2.95 -5.08 59.01
C ALA D 114 2.51 -3.66 59.31
N ASN D 115 1.80 -3.01 58.39
CA ASN D 115 1.40 -1.62 58.58
C ASN D 115 -0.12 -1.60 58.58
N PRO D 116 -0.76 -1.25 59.69
CA PRO D 116 -2.23 -1.27 59.75
C PRO D 116 -2.96 -0.02 59.26
N ASN D 117 -2.27 1.01 58.80
CA ASN D 117 -2.95 2.25 58.42
C ASN D 117 -3.07 2.44 56.91
N ILE D 118 -2.94 1.37 56.14
CA ILE D 118 -3.06 1.43 54.68
C ILE D 118 -4.51 1.39 54.21
N PRO D 119 -4.99 2.44 53.52
CA PRO D 119 -6.33 2.40 52.93
C PRO D 119 -6.34 1.58 51.64
N ILE D 120 -7.28 0.66 51.53
CA ILE D 120 -7.39 -0.20 50.35
C ILE D 120 -8.38 0.36 49.33
N VAL D 121 -9.61 0.67 49.77
CA VAL D 121 -10.64 1.16 48.85
C VAL D 121 -11.73 1.87 49.65
N LYS D 122 -12.26 2.95 49.08
CA LYS D 122 -13.39 3.72 49.62
C LYS D 122 -14.72 3.15 49.15
N LEU D 123 -15.68 3.02 50.07
CA LEU D 123 -16.99 2.45 49.77
C LEU D 123 -18.12 3.44 50.05
N ALA D 124 -19.01 3.59 49.08
CA ALA D 124 -20.22 4.42 49.17
C ALA D 124 -21.35 3.62 49.82
N GLU D 125 -22.51 4.28 49.97
CA GLU D 125 -23.74 3.69 50.50
C GLU D 125 -24.15 2.40 49.80
N GLY D 126 -24.40 1.36 50.60
CA GLY D 126 -24.91 0.09 50.15
C GLY D 126 -24.00 -0.79 49.33
N GLN D 127 -22.74 -0.43 49.15
CA GLN D 127 -21.80 -1.22 48.38
C GLN D 127 -21.08 -2.20 49.30
N ARG D 128 -21.00 -3.46 48.87
CA ARG D 128 -20.38 -4.53 49.66
C ARG D 128 -19.08 -5.00 49.01
N LEU D 129 -18.15 -5.45 49.85
CA LEU D 129 -16.85 -5.95 49.38
C LEU D 129 -16.47 -7.21 50.16
N THR D 130 -16.36 -8.35 49.48
CA THR D 130 -16.04 -9.63 50.13
C THR D 130 -15.01 -10.40 49.32
N PHE D 131 -13.98 -10.93 49.98
CA PHE D 131 -12.93 -11.71 49.30
C PHE D 131 -12.21 -12.61 50.29
N ASN D 132 -11.47 -13.60 49.74
CA ASN D 132 -10.61 -14.50 50.50
C ASN D 132 -9.21 -14.48 49.89
N ALA D 133 -8.20 -14.13 50.69
CA ALA D 133 -6.81 -14.06 50.24
C ALA D 133 -5.98 -15.22 50.78
N TYR D 134 -5.21 -15.87 49.90
CA TYR D 134 -4.34 -17.00 50.23
C TYR D 134 -2.88 -16.58 50.08
N ALA D 135 -2.10 -16.72 51.15
CA ALA D 135 -0.69 -16.33 51.13
C ALA D 135 0.23 -17.55 51.15
N ARG D 136 1.36 -17.47 50.46
CA ARG D 136 2.36 -18.54 50.42
C ARG D 136 3.75 -17.94 50.29
N LEU D 137 4.77 -18.74 50.59
CA LEU D 137 6.17 -18.29 50.51
C LEU D 137 6.65 -18.21 49.06
N GLY D 138 7.52 -17.23 48.81
CA GLY D 138 8.08 -17.08 47.48
C GLY D 138 9.36 -16.27 47.53
N ARG D 139 10.02 -16.17 46.38
CA ARG D 139 11.26 -15.45 46.25
C ARG D 139 11.12 -14.27 45.29
N GLY D 140 11.93 -13.25 45.52
CA GLY D 140 11.89 -12.03 44.73
C GLY D 140 12.20 -12.23 43.26
N LYS D 141 13.00 -13.23 42.94
CA LYS D 141 13.34 -13.50 41.55
C LYS D 141 12.11 -13.90 40.71
N ASP D 142 11.10 -14.54 41.33
CA ASP D 142 9.92 -14.90 40.56
C ASP D 142 8.91 -13.77 40.45
N HIS D 143 8.69 -13.00 41.53
CA HIS D 143 7.75 -11.89 41.48
C HIS D 143 8.16 -10.86 42.53
N ALA D 144 8.13 -9.59 42.12
CA ALA D 144 8.56 -8.45 42.92
C ALA D 144 7.84 -8.30 44.26
N LYS D 145 6.64 -8.86 44.40
CA LYS D 145 5.91 -8.77 45.66
C LYS D 145 6.62 -9.47 46.82
N TRP D 146 7.50 -10.44 46.55
CA TRP D 146 8.20 -11.22 47.55
C TRP D 146 9.56 -10.65 47.91
N GLN D 147 9.75 -9.37 47.80
CA GLN D 147 11.03 -8.75 48.14
C GLN D 147 11.06 -8.33 49.61
N PRO D 148 12.11 -8.67 50.36
CA PRO D 148 12.15 -8.31 51.79
C PRO D 148 12.60 -6.89 52.08
N GLY D 149 13.19 -6.19 51.12
CA GLY D 149 13.62 -4.81 51.32
C GLY D 149 14.70 -4.48 50.31
N PHE D 150 15.61 -3.60 50.71
CA PHE D 150 16.73 -3.20 49.85
C PHE D 150 18.06 -3.13 50.58
N VAL D 151 19.11 -3.17 49.77
CA VAL D 151 20.49 -3.04 50.19
C VAL D 151 21.18 -2.13 49.19
N TYR D 152 21.98 -1.21 49.69
CA TYR D 152 22.78 -0.33 48.87
C TYR D 152 24.13 -0.24 49.57
N TYR D 153 25.21 -0.16 48.81
CA TYR D 153 26.52 -0.14 49.41
C TYR D 153 27.40 0.85 48.67
N LYS D 154 28.42 1.34 49.34
CA LYS D 154 29.32 2.27 48.68
C LYS D 154 30.72 2.02 49.15
N TYR D 155 31.68 2.54 48.40
CA TYR D 155 33.06 2.46 48.84
C TYR D 155 33.26 3.36 50.05
N LEU D 156 34.44 3.29 50.63
CA LEU D 156 34.77 4.20 51.72
C LEU D 156 36.02 4.92 51.27
N THR D 157 35.95 6.24 51.22
CA THR D 157 37.04 7.04 50.69
C THR D 157 37.36 8.17 51.64
N LYS D 158 38.51 8.81 51.40
CA LYS D 158 38.98 9.93 52.20
C LYS D 158 39.41 11.03 51.25
N ILE D 159 38.88 12.22 51.45
CA ILE D 159 39.22 13.37 50.64
C ILE D 159 40.21 14.23 51.42
N HIS D 160 41.40 14.41 50.85
CA HIS D 160 42.45 15.20 51.47
C HIS D 160 42.44 16.60 50.87
N VAL D 161 42.26 17.61 51.72
CA VAL D 161 42.22 19.01 51.29
C VAL D 161 43.35 19.74 51.98
N SER D 162 44.40 20.05 51.23
CA SER D 162 45.52 20.83 51.74
C SER D 162 45.08 22.27 52.01
N LYS D 163 45.75 22.91 52.98
CA LYS D 163 45.42 24.29 53.32
C LYS D 163 45.90 25.31 52.29
N ASP D 164 46.57 24.89 51.21
CA ASP D 164 46.97 25.79 50.14
C ASP D 164 45.82 26.11 49.20
N VAL D 165 44.66 25.50 49.38
CA VAL D 165 43.48 25.73 48.56
C VAL D 165 42.77 26.96 49.10
N PRO D 166 42.55 28.00 48.29
CA PRO D 166 41.84 29.19 48.76
C PRO D 166 40.41 28.88 49.20
N ASP D 167 40.08 29.34 50.41
CA ASP D 167 38.76 29.24 51.03
C ASP D 167 38.45 27.80 51.42
N TRP D 168 39.46 27.09 51.94
CA TRP D 168 39.27 25.73 52.41
C TRP D 168 38.35 25.66 53.62
N GLU D 169 38.25 26.76 54.39
CA GLU D 169 37.33 26.84 55.52
C GLU D 169 35.88 26.63 55.12
N GLU D 170 35.53 26.93 53.87
CA GLU D 170 34.16 26.74 53.39
C GLU D 170 33.78 25.26 53.35
N LEU D 171 34.75 24.37 53.11
CA LEU D 171 34.45 22.94 53.09
C LEU D 171 34.29 22.34 54.47
N LYS D 172 34.96 22.89 55.49
CA LYS D 172 34.84 22.33 56.82
C LYS D 172 33.43 22.52 57.39
N GLU D 173 32.89 23.74 57.28
CA GLU D 173 31.52 24.00 57.71
C GLU D 173 30.51 23.24 56.86
N LEU D 174 30.73 23.19 55.54
CA LEU D 174 29.87 22.44 54.63
C LEU D 174 29.80 20.96 55.00
N ALA D 175 30.96 20.34 55.26
CA ALA D 175 31.00 18.94 55.67
C ALA D 175 30.33 18.72 57.02
N GLU D 176 30.45 19.68 57.93
CA GLU D 176 29.85 19.54 59.24
C GLU D 176 28.33 19.62 59.20
N ARG D 177 27.78 20.38 58.24
CA ARG D 177 26.33 20.48 58.08
C ARG D 177 25.72 19.13 57.72
N ARG D 178 26.40 18.35 56.88
CA ARG D 178 25.86 17.06 56.45
C ARG D 178 26.37 15.89 57.30
N GLY D 179 27.10 16.15 58.37
CA GLY D 179 27.49 15.09 59.27
C GLY D 179 28.70 14.26 58.89
N LEU D 180 29.54 14.74 57.99
CA LEU D 180 30.73 13.95 57.65
C LEU D 180 31.86 14.30 58.61
N PRO D 181 32.53 13.31 59.21
CA PRO D 181 33.63 13.60 60.13
C PRO D 181 34.84 14.24 59.45
N VAL D 182 35.39 15.26 60.10
CA VAL D 182 36.56 15.98 59.60
C VAL D 182 37.59 16.05 60.71
N GLU D 183 38.80 15.58 60.41
CA GLU D 183 39.95 15.65 61.32
C GLU D 183 40.91 16.69 60.76
N GLU D 184 41.12 17.77 61.50
CA GLU D 184 41.91 18.90 61.03
C GLU D 184 43.26 18.95 61.71
N SER D 185 44.29 19.32 60.94
CA SER D 185 45.65 19.49 61.42
C SER D 185 46.26 20.68 60.71
N ASP D 186 47.46 21.07 61.13
CA ASP D 186 48.12 22.23 60.53
C ASP D 186 48.60 22.01 59.11
N GLU D 187 48.65 20.76 58.64
CA GLU D 187 49.10 20.51 57.28
C GLU D 187 47.94 20.44 56.28
N GLU D 188 46.82 19.84 56.71
CA GLU D 188 45.65 19.59 55.87
C GLU D 188 44.49 19.01 56.68
N ILE D 189 43.38 18.71 56.00
CA ILE D 189 42.19 18.13 56.60
C ILE D 189 41.80 16.88 55.82
N VAL D 190 41.16 15.94 56.51
CA VAL D 190 40.75 14.67 55.92
C VAL D 190 39.25 14.48 56.15
N ILE D 191 38.49 14.38 55.07
CA ILE D 191 37.04 14.20 55.11
C ILE D 191 36.73 12.74 54.81
N THR D 192 36.13 12.04 55.76
CA THR D 192 35.67 10.68 55.52
C THR D 192 34.27 10.71 54.93
N THR D 193 34.11 10.18 53.72
CA THR D 193 32.85 10.26 52.98
C THR D 193 31.93 9.09 53.29
N ILE D 194 31.33 9.12 54.47
CA ILE D 194 30.35 8.09 54.85
C ILE D 194 29.03 8.25 54.09
N LYS D 195 28.93 9.28 53.26
CA LYS D 195 27.79 9.49 52.36
C LYS D 195 28.30 10.39 51.24
N ALA D 196 27.49 10.51 50.19
CA ALA D 196 27.85 11.25 48.99
C ALA D 196 28.27 12.68 49.27
N PHE D 197 29.34 13.12 48.61
CA PHE D 197 29.92 14.45 48.84
C PHE D 197 30.02 15.22 47.52
N TYR D 198 28.97 15.97 47.23
CA TYR D 198 28.88 16.82 46.04
C TYR D 198 29.88 17.97 46.17
N LEU D 199 30.92 17.97 45.35
CA LEU D 199 31.89 19.06 45.39
C LEU D 199 31.31 20.35 44.82
N PRO D 200 31.26 21.44 45.60
CA PRO D 200 30.83 22.73 45.04
C PRO D 200 31.75 23.23 43.92
N ARG D 201 31.13 23.81 42.90
CA ARG D 201 31.73 24.32 41.66
C ARG D 201 33.04 25.10 41.70
N LYS D 202 33.30 25.84 42.78
CA LYS D 202 34.52 26.65 42.84
C LYS D 202 35.77 25.77 42.90
N PHE D 203 35.64 24.56 43.44
CA PHE D 203 36.79 23.70 43.72
C PHE D 203 37.06 22.67 42.63
N GLU D 204 36.28 22.67 41.55
CA GLU D 204 36.44 21.70 40.45
C GLU D 204 37.84 21.74 39.83
N GLU D 205 38.35 22.93 39.55
CA GLU D 205 39.73 23.06 39.06
C GLU D 205 40.79 22.53 40.03
N HIS D 206 40.46 22.37 41.32
CA HIS D 206 41.40 21.84 42.30
C HIS D 206 41.23 20.35 42.55
N MET D 207 40.31 19.69 41.84
CA MET D 207 40.08 18.26 42.02
C MET D 207 41.18 17.52 41.26
N GLY D 208 42.16 17.01 42.00
CA GLY D 208 43.27 16.29 41.38
C GLY D 208 44.61 16.94 41.66
N LYS D 209 44.65 18.27 41.63
CA LYS D 209 45.88 19.00 41.92
C LYS D 209 46.10 19.12 43.42
N GLY D 210 45.20 19.82 44.10
CA GLY D 210 45.28 20.01 45.53
C GLY D 210 44.38 19.03 46.27
N ILE D 211 43.15 18.87 45.78
CA ILE D 211 42.19 17.96 46.39
C ILE D 211 42.24 16.64 45.62
N ARG D 212 42.46 15.54 46.34
CA ARG D 212 42.54 14.23 45.72
C ARG D 212 41.79 13.21 46.59
N GLU D 213 41.26 12.19 45.94
CA GLU D 213 40.49 11.15 46.60
C GLU D 213 41.25 9.83 46.58
N GLU D 214 41.39 9.20 47.74
CA GLU D 214 42.06 7.92 47.86
C GLU D 214 41.10 6.89 48.45
N ILE D 215 40.92 5.79 47.72
CA ILE D 215 40.03 4.71 48.14
C ILE D 215 40.69 3.91 49.26
N VAL D 216 39.91 3.56 50.29
CA VAL D 216 40.38 2.71 51.39
C VAL D 216 40.09 1.25 51.08
N PRO D 217 41.10 0.48 50.67
CA PRO D 217 40.92 -0.95 50.32
C PRO D 217 40.16 -1.81 51.33
N GLY D 218 39.12 -2.48 50.84
CA GLY D 218 38.43 -3.49 51.62
C GLY D 218 37.34 -3.03 52.57
N SER D 219 37.02 -1.75 52.61
CA SER D 219 35.98 -1.27 53.52
C SER D 219 34.80 -0.74 52.71
N PHE D 220 33.60 -1.15 53.12
CA PHE D 220 32.36 -0.79 52.44
C PHE D 220 31.34 -0.32 53.45
N VAL D 221 30.57 0.70 53.09
CA VAL D 221 29.49 1.23 53.91
C VAL D 221 28.19 0.63 53.40
N PHE D 222 27.52 -0.16 54.24
CA PHE D 222 26.30 -0.85 53.84
C PHE D 222 25.08 -0.13 54.37
N THR D 223 24.01 -0.11 53.59
CA THR D 223 22.73 0.39 54.06
C THR D 223 21.66 -0.64 53.75
N VAL D 224 20.94 -1.09 54.76
CA VAL D 224 19.88 -2.07 54.61
C VAL D 224 18.63 -1.49 55.21
N GLU D 225 17.54 -1.52 54.47
CA GLU D 225 16.26 -1.05 54.97
C GLU D 225 15.20 -2.04 54.53
N THR D 226 14.30 -2.35 55.45
CA THR D 226 13.21 -3.24 55.16
C THR D 226 11.89 -2.49 55.20
N ASN D 227 10.79 -3.22 55.14
CA ASN D 227 9.47 -2.63 55.21
C ASN D 227 8.66 -3.14 56.38
N GLY D 228 9.24 -3.99 57.23
CA GLY D 228 8.54 -4.53 58.38
C GLY D 228 8.23 -6.01 58.31
N GLU D 229 8.65 -6.71 57.27
CA GLU D 229 8.38 -8.14 57.21
C GLU D 229 9.42 -8.98 57.95
N LEU D 230 10.64 -8.49 58.08
CA LEU D 230 11.71 -9.16 58.79
C LEU D 230 12.48 -8.11 59.57
N PRO D 231 13.01 -8.47 60.74
CA PRO D 231 13.86 -7.53 61.49
C PRO D 231 15.07 -7.10 60.69
N VAL D 232 15.59 -5.91 61.02
CA VAL D 232 16.73 -5.33 60.32
C VAL D 232 18.04 -6.02 60.66
N GLU D 233 18.01 -6.97 61.59
CA GLU D 233 19.17 -7.73 62.03
C GLU D 233 19.17 -9.15 61.51
N GLU D 234 17.98 -9.73 61.32
CA GLU D 234 17.86 -11.07 60.77
C GLU D 234 18.30 -11.17 59.32
N ILE D 235 18.05 -10.12 58.52
CA ILE D 235 18.26 -10.10 57.06
C ILE D 235 19.65 -10.57 56.66
N VAL D 236 20.70 -9.90 57.17
CA VAL D 236 22.07 -10.22 56.78
C VAL D 236 22.47 -11.63 57.22
N SER D 237 21.97 -12.08 58.37
CA SER D 237 22.29 -13.43 58.84
C SER D 237 21.65 -14.48 57.95
N ILE D 238 20.41 -14.26 57.51
CA ILE D 238 19.71 -15.23 56.67
C ILE D 238 20.35 -15.35 55.29
N ALA D 239 20.76 -14.21 54.71
CA ALA D 239 21.40 -14.24 53.40
C ALA D 239 22.74 -14.94 53.41
N LEU D 240 23.51 -14.78 54.48
CA LEU D 240 24.79 -15.46 54.60
C LEU D 240 24.60 -16.96 54.69
N LYS D 241 23.60 -17.41 55.45
CA LYS D 241 23.31 -18.83 55.59
C LYS D 241 22.79 -19.46 54.31
N ILE D 242 22.37 -18.67 53.33
CA ILE D 242 21.97 -19.24 52.04
C ILE D 242 23.19 -19.52 51.17
N LEU D 243 24.04 -18.50 50.98
CA LEU D 243 25.36 -18.62 50.32
C LEU D 243 26.17 -19.85 50.72
N MET D 244 26.29 -20.10 52.02
CA MET D 244 26.92 -21.31 52.54
C MET D 244 26.26 -22.56 51.98
N ARG D 245 24.96 -22.69 52.20
CA ARG D 245 24.18 -23.83 51.73
C ARG D 245 24.23 -23.97 50.20
N LYS D 246 24.08 -22.85 49.49
CA LYS D 246 24.08 -22.85 48.03
C LYS D 246 25.42 -23.33 47.46
N SER D 247 26.54 -22.84 47.99
CA SER D 247 27.85 -23.21 47.48
C SER D 247 28.42 -24.46 48.15
N ASP D 248 27.59 -25.24 48.84
CA ASP D 248 27.99 -26.54 49.34
C ASP D 248 27.41 -27.66 48.51
N ARG D 249 26.25 -27.41 47.90
CA ARG D 249 25.62 -28.36 46.99
C ARG D 249 26.53 -28.65 45.81
N PHE D 250 27.20 -27.61 45.30
CA PHE D 250 28.23 -27.72 44.26
C PHE D 250 29.25 -28.85 44.50
N ILE D 251 29.77 -28.95 45.73
CA ILE D 251 30.72 -30.01 46.07
C ILE D 251 30.06 -31.38 45.98
N ASN D 252 28.83 -31.49 46.47
CA ASN D 252 28.08 -32.74 46.36
C ASN D 252 27.87 -33.15 44.92
N GLU D 253 27.39 -32.21 44.09
CA GLU D 253 27.14 -32.49 42.68
C GLU D 253 28.42 -32.79 41.89
N LEU D 254 29.53 -32.13 42.20
CA LEU D 254 30.80 -32.34 41.49
C LEU D 254 31.29 -33.78 41.59
N HIS D 255 31.30 -34.33 42.81
CA HIS D 255 31.74 -35.71 43.06
C HIS D 255 30.91 -36.72 42.28
N LYS D 256 29.62 -36.44 42.08
CA LYS D 256 28.72 -37.36 41.40
C LYS D 256 29.11 -37.56 39.94
N LEU D 257 29.63 -36.51 39.29
CA LEU D 257 30.06 -36.59 37.89
C LEU D 257 31.15 -37.65 37.70
N ALA D 258 32.26 -37.51 38.43
CA ALA D 258 33.40 -38.44 38.38
C ALA D 258 33.02 -39.88 38.70
N MET E 1 -9.92 -59.53 -37.85
CA MET E 1 -8.58 -59.39 -38.41
C MET E 1 -7.68 -58.57 -37.50
N TYR E 2 -6.53 -59.13 -37.17
CA TYR E 2 -5.63 -58.49 -36.23
C TYR E 2 -4.47 -57.84 -36.98
N LYS E 3 -3.84 -56.86 -36.34
CA LYS E 3 -2.71 -56.16 -36.92
C LYS E 3 -1.62 -56.00 -35.86
N LEU E 4 -0.39 -55.83 -36.32
CA LEU E 4 0.77 -55.67 -35.45
C LEU E 4 1.39 -54.31 -35.71
N LEU E 5 1.53 -53.51 -34.64
CA LEU E 5 1.98 -52.14 -34.73
C LEU E 5 3.40 -51.99 -34.21
N LYS E 6 4.02 -50.85 -34.57
CA LYS E 6 5.32 -50.46 -34.05
C LYS E 6 5.28 -48.95 -33.82
N VAL E 7 5.18 -48.55 -32.55
CA VAL E 7 4.81 -47.19 -32.17
C VAL E 7 5.76 -46.73 -31.07
N LYS E 8 6.28 -45.50 -31.21
CA LYS E 8 7.03 -44.85 -30.14
C LYS E 8 6.09 -44.01 -29.28
N ASP E 9 6.37 -43.95 -27.98
CA ASP E 9 5.58 -43.15 -27.05
C ASP E 9 6.46 -42.74 -25.88
N VAL E 10 6.01 -41.71 -25.17
CA VAL E 10 6.75 -41.16 -24.03
C VAL E 10 6.32 -41.88 -22.76
N VAL E 11 7.30 -42.39 -22.02
CA VAL E 11 7.08 -43.29 -20.89
C VAL E 11 7.36 -42.53 -19.61
N ARG E 12 6.53 -42.75 -18.59
CA ARG E 12 6.66 -42.05 -17.31
C ARG E 12 7.01 -43.07 -16.24
N ILE E 13 8.29 -43.11 -15.85
CA ILE E 13 8.77 -44.05 -14.83
C ILE E 13 8.68 -43.36 -13.48
N PRO E 14 7.89 -43.89 -12.54
CA PRO E 14 7.84 -43.30 -11.20
C PRO E 14 9.12 -43.60 -10.43
N PRO E 15 9.41 -42.84 -9.37
CA PRO E 15 10.60 -43.13 -8.57
C PRO E 15 10.45 -44.23 -7.54
N ARG E 16 9.36 -45.01 -7.58
CA ARG E 16 9.26 -46.14 -6.66
C ARG E 16 10.06 -47.32 -7.17
N MET E 17 9.89 -47.65 -8.46
CA MET E 17 10.69 -48.68 -9.12
C MET E 17 11.84 -48.06 -9.90
N PHE E 18 12.41 -47.01 -9.30
CA PHE E 18 13.52 -46.24 -9.86
C PHE E 18 14.82 -47.04 -9.95
N THR E 19 14.93 -48.16 -9.25
CA THR E 19 16.17 -48.92 -9.16
C THR E 19 16.12 -50.23 -9.94
N MET E 20 15.24 -50.34 -10.92
CA MET E 20 15.18 -51.53 -11.74
C MET E 20 15.88 -51.29 -13.07
N ASP E 21 15.98 -52.34 -13.88
CA ASP E 21 16.48 -52.17 -15.23
C ASP E 21 15.49 -51.35 -16.04
N PRO E 22 15.96 -50.47 -16.93
CA PRO E 22 15.02 -49.61 -17.68
C PRO E 22 14.08 -50.34 -18.62
N LYS E 23 14.41 -51.55 -19.08
CA LYS E 23 13.58 -52.20 -20.07
C LYS E 23 12.29 -52.73 -19.45
N GLU E 24 12.41 -53.62 -18.47
CA GLU E 24 11.20 -54.22 -17.92
C GLU E 24 10.48 -53.30 -16.95
N ALA E 25 11.16 -52.30 -16.40
CA ALA E 25 10.43 -51.33 -15.58
C ALA E 25 9.61 -50.39 -16.43
N ALA E 26 10.04 -50.09 -17.66
CA ALA E 26 9.20 -49.36 -18.58
C ALA E 26 8.15 -50.26 -19.24
N LYS E 27 8.39 -51.56 -19.26
CA LYS E 27 7.40 -52.48 -19.81
C LYS E 27 6.20 -52.59 -18.88
N ILE E 28 6.43 -52.62 -17.57
CA ILE E 28 5.33 -52.76 -16.64
C ILE E 28 4.54 -51.47 -16.50
N VAL E 29 5.12 -50.33 -16.90
CA VAL E 29 4.37 -49.08 -16.94
C VAL E 29 3.52 -49.00 -18.19
N LEU E 30 4.13 -49.25 -19.35
CA LEU E 30 3.47 -49.04 -20.63
C LEU E 30 2.42 -50.11 -20.92
N ARG E 31 2.53 -51.28 -20.29
CA ARG E 31 1.50 -52.31 -20.43
C ARG E 31 0.22 -51.89 -19.72
N GLU E 32 0.33 -51.27 -18.55
CA GLU E 32 -0.88 -50.88 -17.84
C GLU E 32 -1.30 -49.45 -18.18
N THR E 33 -1.34 -49.15 -19.47
CA THR E 33 -1.90 -47.90 -19.99
C THR E 33 -2.77 -48.10 -21.22
N TYR E 34 -2.52 -49.14 -22.04
CA TYR E 34 -3.23 -49.30 -23.30
C TYR E 34 -3.99 -50.61 -23.45
N GLU E 35 -3.80 -51.59 -22.58
CA GLU E 35 -4.51 -52.86 -22.76
C GLU E 35 -5.99 -52.69 -22.49
N GLY E 36 -6.81 -53.27 -23.37
CA GLY E 36 -8.25 -53.27 -23.17
C GLY E 36 -8.93 -51.92 -23.29
N ILE E 37 -8.37 -50.99 -24.05
CA ILE E 37 -8.93 -49.65 -24.21
C ILE E 37 -9.14 -49.38 -25.69
N TYR E 38 -10.40 -49.12 -26.05
CA TYR E 38 -10.77 -48.89 -27.45
C TYR E 38 -10.58 -47.42 -27.78
N ASP E 39 -9.64 -47.13 -28.66
CA ASP E 39 -9.50 -45.81 -29.26
C ASP E 39 -10.33 -45.72 -30.53
N ARG E 40 -10.69 -44.50 -30.92
CA ARG E 40 -11.45 -44.30 -32.14
C ARG E 40 -10.57 -44.31 -33.38
N ASP E 41 -9.25 -44.23 -33.22
CA ASP E 41 -8.36 -44.15 -34.37
C ASP E 41 -7.94 -45.52 -34.89
N GLU E 42 -7.59 -46.46 -34.01
CA GLU E 42 -7.11 -47.75 -34.46
C GLU E 42 -8.02 -48.90 -34.06
N GLY E 43 -8.34 -49.04 -32.78
CA GLY E 43 -9.24 -50.11 -32.37
C GLY E 43 -8.86 -50.71 -31.03
N VAL E 44 -9.21 -51.97 -30.80
CA VAL E 44 -8.94 -52.60 -29.51
C VAL E 44 -7.46 -52.95 -29.44
N VAL E 45 -6.76 -52.41 -28.45
CA VAL E 45 -5.37 -52.73 -28.18
C VAL E 45 -5.35 -53.92 -27.23
N LEU E 46 -4.86 -55.05 -27.71
CA LEU E 46 -4.92 -56.27 -26.90
C LEU E 46 -3.76 -56.37 -25.91
N ALA E 47 -2.53 -56.42 -26.40
CA ALA E 47 -1.41 -56.65 -25.49
C ALA E 47 -0.11 -56.10 -26.06
N ILE E 48 0.79 -55.73 -25.16
CA ILE E 48 2.13 -55.24 -25.51
C ILE E 48 3.05 -56.44 -25.71
N LEU E 49 3.76 -56.46 -26.83
CA LEU E 49 4.65 -57.57 -27.12
C LEU E 49 6.00 -57.45 -26.40
N ASP E 50 6.79 -56.42 -26.72
CA ASP E 50 8.16 -56.35 -26.24
C ASP E 50 8.67 -54.93 -26.36
N VAL E 51 9.81 -54.68 -25.71
CA VAL E 51 10.43 -53.36 -25.63
C VAL E 51 11.78 -53.43 -26.34
N GLU E 52 11.89 -52.72 -27.46
CA GLU E 52 13.11 -52.78 -28.25
C GLU E 52 14.20 -51.87 -27.68
N GLU E 53 13.95 -50.56 -27.70
CA GLU E 53 14.95 -49.56 -27.35
C GLU E 53 14.34 -48.50 -26.44
N ILE E 54 15.19 -47.86 -25.65
CA ILE E 54 14.74 -46.87 -24.68
C ILE E 54 15.74 -45.73 -24.70
N SER E 55 15.26 -44.53 -24.39
CA SER E 55 16.08 -43.33 -24.38
C SER E 55 16.51 -43.01 -22.95
N GLU E 56 17.04 -41.81 -22.75
CA GLU E 56 17.53 -41.37 -21.46
C GLU E 56 16.40 -40.75 -20.64
N GLY E 57 16.70 -40.36 -19.40
CA GLY E 57 15.75 -39.72 -18.53
C GLY E 57 15.86 -38.21 -18.54
N VAL E 58 14.73 -37.52 -18.39
CA VAL E 58 14.66 -36.07 -18.35
C VAL E 58 13.72 -35.66 -17.23
N ILE E 59 14.19 -34.79 -16.34
CA ILE E 59 13.38 -34.29 -15.22
C ILE E 59 12.65 -33.04 -15.70
N VAL E 60 11.41 -32.88 -15.27
CA VAL E 60 10.58 -31.74 -15.65
C VAL E 60 10.18 -31.02 -14.37
N PRO E 61 10.21 -29.65 -14.32
CA PRO E 61 9.83 -28.92 -13.10
C PRO E 61 8.45 -29.21 -12.54
N GLY E 62 8.40 -29.84 -11.38
CA GLY E 62 7.15 -30.03 -10.69
C GLY E 62 6.88 -31.46 -10.25
N ASP E 63 7.27 -32.44 -11.05
CA ASP E 63 6.91 -33.83 -10.79
C ASP E 63 8.02 -34.56 -10.04
N GLY E 64 9.22 -34.62 -10.62
CA GLY E 64 10.33 -35.34 -10.02
C GLY E 64 10.55 -36.75 -10.53
N ALA E 65 9.60 -37.32 -11.26
CA ALA E 65 9.85 -38.57 -11.94
C ALA E 65 10.55 -38.30 -13.26
N THR E 66 10.79 -39.36 -14.03
CA THR E 66 11.56 -39.26 -15.25
C THR E 66 10.70 -39.60 -16.46
N TYR E 67 11.13 -39.10 -17.61
CA TYR E 67 10.45 -39.33 -18.88
C TYR E 67 11.41 -40.03 -19.81
N HIS E 68 10.88 -40.94 -20.63
CA HIS E 68 11.70 -41.69 -21.57
C HIS E 68 10.96 -41.80 -22.89
N GLU E 69 11.63 -42.33 -23.90
CA GLU E 69 11.06 -42.41 -25.25
C GLU E 69 11.38 -43.79 -25.81
N ALA E 70 10.43 -44.71 -25.66
CA ALA E 70 10.63 -46.13 -25.93
C ALA E 70 10.07 -46.55 -27.28
N ILE E 71 10.32 -47.80 -27.63
CA ILE E 71 9.85 -48.42 -28.86
C ILE E 71 9.22 -49.76 -28.49
N PHE E 72 7.98 -49.98 -28.92
CA PHE E 72 7.23 -51.16 -28.51
C PHE E 72 6.39 -51.69 -29.67
N ASN E 73 5.77 -52.84 -29.44
CA ASN E 73 5.00 -53.54 -30.45
C ASN E 73 3.62 -53.88 -29.90
N VAL E 74 2.58 -53.58 -30.68
CA VAL E 74 1.19 -53.63 -30.23
C VAL E 74 0.36 -54.47 -31.18
N LEU E 75 -0.40 -55.41 -30.63
CA LEU E 75 -1.35 -56.23 -31.37
C LEU E 75 -2.75 -55.62 -31.25
N VAL E 76 -3.30 -55.15 -32.37
CA VAL E 76 -4.61 -54.51 -32.35
C VAL E 76 -5.62 -55.38 -33.09
N TRP E 77 -6.90 -55.04 -32.95
CA TRP E 77 -7.99 -55.67 -33.70
C TRP E 77 -8.92 -54.57 -34.17
N GLU E 78 -9.08 -54.44 -35.49
CA GLU E 78 -9.88 -53.36 -36.05
C GLU E 78 -11.04 -53.88 -36.90
N PRO E 79 -12.26 -53.84 -36.39
CA PRO E 79 -13.42 -54.12 -37.26
C PRO E 79 -13.79 -52.92 -38.13
N ARG E 80 -13.06 -52.78 -39.24
CA ARG E 80 -13.32 -51.72 -40.21
C ARG E 80 -14.53 -52.05 -41.08
N ASN E 81 -14.92 -51.08 -41.91
CA ASN E 81 -16.16 -51.15 -42.68
C ASN E 81 -16.05 -52.09 -43.88
N GLN E 82 -17.21 -52.61 -44.31
CA GLN E 82 -17.46 -53.63 -45.35
C GLN E 82 -16.46 -54.78 -45.32
N GLU E 83 -16.16 -55.26 -44.13
CA GLU E 83 -15.21 -56.36 -43.94
C GLU E 83 -15.98 -57.67 -43.78
N VAL E 84 -15.60 -58.66 -44.58
CA VAL E 84 -16.22 -59.99 -44.51
C VAL E 84 -15.62 -60.71 -43.31
N VAL E 85 -16.46 -61.07 -42.34
CA VAL E 85 -16.00 -61.62 -41.08
C VAL E 85 -16.59 -63.00 -40.87
N GLU E 86 -16.14 -63.64 -39.79
CA GLU E 86 -16.64 -64.92 -39.32
C GLU E 86 -16.86 -64.84 -37.82
N GLY E 87 -17.87 -65.56 -37.33
CA GLY E 87 -18.20 -65.47 -35.93
C GLY E 87 -18.89 -66.70 -35.39
N GLU E 88 -19.41 -66.61 -34.17
CA GLU E 88 -20.09 -67.72 -33.52
C GLU E 88 -21.33 -67.22 -32.82
N VAL E 89 -22.46 -67.87 -33.10
CA VAL E 89 -23.73 -67.51 -32.47
C VAL E 89 -23.73 -68.08 -31.05
N VAL E 90 -23.61 -67.19 -30.06
CA VAL E 90 -23.50 -67.60 -28.67
C VAL E 90 -24.65 -67.06 -27.83
N GLU E 91 -25.73 -66.63 -28.48
CA GLU E 91 -26.88 -66.09 -27.78
C GLU E 91 -28.09 -66.18 -28.71
N MET E 92 -29.26 -66.49 -28.15
CA MET E 92 -30.50 -66.59 -28.91
C MET E 92 -31.53 -65.67 -28.27
N MET E 93 -32.03 -64.72 -29.06
CA MET E 93 -33.03 -63.76 -28.61
C MET E 93 -34.18 -63.70 -29.60
N PRO E 94 -35.38 -63.31 -29.16
CA PRO E 94 -36.50 -63.21 -30.11
C PRO E 94 -36.41 -62.03 -31.06
N TYR E 95 -35.53 -61.06 -30.81
CA TYR E 95 -35.39 -59.91 -31.70
C TYR E 95 -34.05 -59.90 -32.42
N GLY E 96 -33.18 -60.86 -32.17
CA GLY E 96 -31.89 -60.89 -32.85
C GLY E 96 -31.00 -61.97 -32.28
N ALA E 97 -29.71 -61.87 -32.59
CA ALA E 97 -28.75 -62.87 -32.16
C ALA E 97 -27.38 -62.24 -32.03
N PHE E 98 -26.76 -62.40 -30.87
CA PHE E 98 -25.39 -61.95 -30.65
C PHE E 98 -24.42 -62.93 -31.30
N ILE E 99 -23.58 -62.42 -32.20
CA ILE E 99 -22.56 -63.21 -32.87
C ILE E 99 -21.21 -62.73 -32.35
N ARG E 100 -20.52 -63.58 -31.62
CA ARG E 100 -19.20 -63.26 -31.09
C ARG E 100 -18.16 -63.45 -32.18
N ILE E 101 -17.61 -62.34 -32.68
CA ILE E 101 -16.58 -62.40 -33.72
C ILE E 101 -15.18 -62.20 -33.15
N GLY E 102 -15.03 -62.26 -31.83
CA GLY E 102 -13.75 -62.08 -31.20
C GLY E 102 -13.85 -61.45 -29.83
N PRO E 103 -13.08 -60.38 -29.59
CA PRO E 103 -13.25 -59.65 -28.32
C PRO E 103 -14.52 -58.83 -28.26
N MET E 104 -15.11 -58.48 -29.40
CA MET E 104 -16.35 -57.73 -29.43
C MET E 104 -17.47 -58.62 -29.92
N ASP E 105 -18.67 -58.06 -30.03
CA ASP E 105 -19.84 -58.82 -30.42
C ASP E 105 -20.53 -58.13 -31.60
N GLY E 106 -21.36 -58.89 -32.29
CA GLY E 106 -22.12 -58.34 -33.39
C GLY E 106 -23.56 -58.80 -33.41
N LEU E 107 -24.48 -57.86 -33.32
CA LEU E 107 -25.91 -58.16 -33.31
C LEU E 107 -26.47 -58.06 -34.72
N VAL E 108 -27.21 -59.08 -35.13
CA VAL E 108 -27.90 -59.10 -36.42
C VAL E 108 -29.39 -59.20 -36.12
N HIS E 109 -30.17 -58.30 -36.72
CA HIS E 109 -31.60 -58.33 -36.47
C HIS E 109 -32.25 -59.35 -37.41
N ILE E 110 -33.49 -59.72 -37.08
CA ILE E 110 -34.12 -60.91 -37.63
C ILE E 110 -34.45 -60.80 -39.10
N SER E 111 -34.51 -59.59 -39.66
CA SER E 111 -34.95 -59.42 -41.04
C SER E 111 -33.81 -59.21 -42.01
N GLN E 112 -32.56 -59.20 -41.55
CA GLN E 112 -31.39 -59.29 -42.42
C GLN E 112 -30.77 -60.68 -42.42
N LEU E 113 -31.46 -61.68 -41.89
CA LEU E 113 -30.88 -63.02 -41.79
C LEU E 113 -30.79 -63.70 -43.15
N MET E 114 -31.92 -63.85 -43.85
CA MET E 114 -31.98 -64.72 -45.01
C MET E 114 -33.13 -64.28 -45.90
N ASP E 115 -33.23 -64.93 -47.06
CA ASP E 115 -34.32 -64.67 -47.99
C ASP E 115 -35.51 -65.58 -47.65
N ASP E 116 -36.07 -65.35 -46.46
CA ASP E 116 -37.13 -66.18 -45.93
C ASP E 116 -37.80 -65.43 -44.80
N TYR E 117 -39.10 -65.67 -44.63
CA TYR E 117 -39.82 -65.20 -43.46
C TYR E 117 -39.39 -66.02 -42.25
N VAL E 118 -38.93 -65.34 -41.21
CA VAL E 118 -38.25 -65.99 -40.09
C VAL E 118 -39.17 -65.92 -38.88
N VAL E 119 -39.41 -67.07 -38.26
CA VAL E 119 -40.26 -67.20 -37.08
C VAL E 119 -39.42 -67.73 -35.94
N PHE E 120 -39.40 -67.00 -34.83
CA PHE E 120 -38.67 -67.42 -33.65
C PHE E 120 -39.48 -68.45 -32.87
N ASP E 121 -38.91 -69.64 -32.70
CA ASP E 121 -39.46 -70.61 -31.76
C ASP E 121 -39.27 -70.08 -30.34
N GLU E 122 -40.38 -69.83 -29.65
CA GLU E 122 -40.29 -69.29 -28.29
C GLU E 122 -39.88 -70.35 -27.26
N LYS E 123 -40.29 -71.61 -27.48
CA LYS E 123 -39.98 -72.64 -26.49
C LYS E 123 -38.51 -73.06 -26.57
N ASN E 124 -37.97 -73.16 -27.78
CA ASN E 124 -36.58 -73.53 -27.98
C ASN E 124 -35.76 -72.28 -28.27
N ARG E 125 -34.48 -72.49 -28.58
CA ARG E 125 -33.54 -71.41 -28.91
C ARG E 125 -33.02 -71.58 -30.34
N GLN E 126 -33.81 -71.08 -31.29
CA GLN E 126 -33.58 -71.33 -32.71
C GLN E 126 -34.47 -70.38 -33.51
N PHE E 127 -34.15 -70.27 -34.81
CA PHE E 127 -35.01 -69.62 -35.77
C PHE E 127 -35.42 -70.63 -36.83
N ILE E 128 -36.70 -70.60 -37.21
CA ILE E 128 -37.27 -71.52 -38.18
C ILE E 128 -37.84 -70.69 -39.32
N GLY E 129 -37.41 -71.00 -40.54
CA GLY E 129 -37.90 -70.27 -41.69
C GLY E 129 -39.27 -70.75 -42.13
N LYS E 130 -39.91 -69.94 -42.96
CA LYS E 130 -41.28 -70.24 -43.38
C LYS E 130 -41.31 -71.30 -44.48
N GLU E 131 -40.73 -70.99 -45.64
CA GLU E 131 -40.75 -71.93 -46.75
C GLU E 131 -39.68 -73.00 -46.58
N THR E 132 -38.42 -72.60 -46.52
CA THR E 132 -37.34 -73.56 -46.32
C THR E 132 -37.30 -74.00 -44.86
N ASN E 133 -36.82 -75.22 -44.65
CA ASN E 133 -36.73 -75.80 -43.31
C ASN E 133 -35.31 -75.70 -42.75
N ARG E 134 -34.59 -74.65 -43.12
CA ARG E 134 -33.29 -74.37 -42.51
C ARG E 134 -33.49 -73.85 -41.09
N VAL E 135 -32.61 -74.26 -40.19
CA VAL E 135 -32.70 -73.91 -38.78
C VAL E 135 -31.37 -73.31 -38.34
N LEU E 136 -31.40 -72.05 -37.92
CA LEU E 136 -30.24 -71.38 -37.33
C LEU E 136 -30.44 -71.35 -35.82
N LYS E 137 -29.50 -71.92 -35.09
CA LYS E 137 -29.63 -72.05 -33.65
C LYS E 137 -28.27 -71.80 -32.99
N LEU E 138 -28.18 -72.18 -31.72
CA LEU E 138 -27.04 -71.82 -30.88
C LEU E 138 -25.79 -72.56 -31.32
N GLY E 139 -24.64 -71.88 -31.22
CA GLY E 139 -23.36 -72.50 -31.47
C GLY E 139 -22.98 -72.66 -32.92
N ASP E 140 -23.82 -72.23 -33.85
CA ASP E 140 -23.59 -72.51 -35.27
C ASP E 140 -22.56 -71.53 -35.84
N TYR E 141 -21.60 -72.05 -36.59
CA TYR E 141 -20.61 -71.21 -37.26
C TYR E 141 -21.26 -70.52 -38.46
N VAL E 142 -21.11 -69.21 -38.54
CA VAL E 142 -21.74 -68.43 -39.58
C VAL E 142 -20.70 -67.60 -40.32
N ARG E 143 -21.16 -66.90 -41.35
CA ARG E 143 -20.34 -66.01 -42.17
C ARG E 143 -21.20 -64.81 -42.51
N ALA E 144 -20.66 -63.61 -42.31
CA ALA E 144 -21.48 -62.41 -42.40
C ALA E 144 -20.65 -61.28 -42.99
N ARG E 145 -21.23 -60.07 -42.95
CA ARG E 145 -20.59 -58.86 -43.45
C ARG E 145 -20.97 -57.72 -42.53
N ILE E 146 -19.97 -56.90 -42.16
CA ILE E 146 -20.23 -55.71 -41.36
C ILE E 146 -21.05 -54.71 -42.18
N ILE E 147 -22.04 -54.11 -41.54
CA ILE E 147 -22.82 -53.04 -42.17
C ILE E 147 -22.84 -51.76 -41.34
N GLY E 148 -22.63 -51.81 -40.04
CA GLY E 148 -22.62 -50.62 -39.22
C GLY E 148 -21.84 -50.79 -37.94
N VAL E 149 -21.02 -49.81 -37.60
CA VAL E 149 -20.20 -49.84 -36.40
C VAL E 149 -20.53 -48.61 -35.57
N SER E 150 -20.92 -48.83 -34.32
CA SER E 150 -21.31 -47.75 -33.40
C SER E 150 -20.19 -47.56 -32.39
N VAL E 151 -19.42 -46.49 -32.56
CA VAL E 151 -18.30 -46.16 -31.68
C VAL E 151 -18.68 -44.95 -30.84
N LYS E 152 -18.75 -45.14 -29.53
CA LYS E 152 -19.13 -44.05 -28.63
C LYS E 152 -18.03 -43.66 -27.65
N SER E 153 -17.48 -44.62 -26.91
CA SER E 153 -16.55 -44.29 -25.84
C SER E 153 -15.29 -45.15 -25.82
N ARG E 154 -14.50 -44.97 -24.76
CA ARG E 154 -13.24 -45.66 -24.60
C ARG E 154 -13.40 -47.11 -24.16
N VAL E 155 -14.57 -47.48 -23.67
CA VAL E 155 -14.82 -48.84 -23.18
C VAL E 155 -15.22 -49.72 -24.36
N ILE E 156 -14.72 -50.96 -24.35
CA ILE E 156 -15.08 -51.94 -25.38
C ILE E 156 -16.56 -52.30 -25.27
N ARG E 157 -17.07 -52.43 -24.04
CA ARG E 157 -18.37 -53.04 -23.78
C ARG E 157 -19.54 -52.23 -24.35
N GLU E 158 -19.45 -50.91 -24.33
CA GLU E 158 -20.60 -50.09 -24.66
C GLU E 158 -20.66 -49.71 -26.14
N ASN E 159 -19.89 -50.38 -26.99
CA ASN E 159 -19.90 -50.14 -28.42
C ASN E 159 -20.30 -51.41 -29.16
N LYS E 160 -21.23 -51.28 -30.11
CA LYS E 160 -21.89 -52.43 -30.71
C LYS E 160 -21.80 -52.36 -32.23
N ILE E 161 -21.77 -53.53 -32.86
CA ILE E 161 -21.50 -53.66 -34.29
C ILE E 161 -22.70 -54.32 -34.96
N ASN E 162 -23.20 -53.70 -36.02
CA ASN E 162 -24.32 -54.23 -36.80
C ASN E 162 -23.77 -55.00 -37.99
N MET E 163 -24.33 -56.19 -38.24
CA MET E 163 -23.94 -57.02 -39.37
C MET E 163 -25.19 -57.44 -40.15
N THR E 164 -24.97 -58.19 -41.24
CA THR E 164 -26.05 -58.67 -42.10
C THR E 164 -25.59 -59.90 -42.86
N MET E 165 -26.57 -60.69 -43.34
CA MET E 165 -26.29 -61.91 -44.08
C MET E 165 -27.18 -62.10 -45.30
N ARG E 166 -27.78 -61.03 -45.83
CA ARG E 166 -28.65 -61.14 -47.00
C ARG E 166 -27.83 -60.98 -48.29
N GLN E 167 -26.96 -61.96 -48.53
CA GLN E 167 -26.15 -62.01 -49.75
C GLN E 167 -25.96 -63.46 -50.14
N PRO E 168 -25.78 -63.74 -51.45
CA PRO E 168 -25.45 -65.10 -51.87
C PRO E 168 -24.05 -65.52 -51.45
N GLY E 169 -23.95 -66.49 -50.56
CA GLY E 169 -22.67 -67.01 -50.11
C GLY E 169 -22.32 -66.62 -48.70
N LEU E 170 -23.33 -66.35 -47.88
CA LEU E 170 -23.13 -66.05 -46.47
C LEU E 170 -23.94 -67.03 -45.63
N GLY E 171 -24.02 -66.74 -44.34
CA GLY E 171 -24.76 -67.59 -43.42
C GLY E 171 -23.94 -68.74 -42.88
N LYS E 172 -24.62 -69.84 -42.53
CA LYS E 172 -23.92 -71.03 -42.05
C LYS E 172 -23.14 -71.67 -43.20
N PHE E 173 -22.02 -72.30 -42.85
CA PHE E 173 -21.09 -72.78 -43.87
C PHE E 173 -21.62 -74.01 -44.59
N GLU E 174 -22.38 -74.87 -43.89
CA GLU E 174 -22.95 -76.04 -44.53
C GLU E 174 -24.21 -75.71 -45.33
N TRP E 175 -24.85 -74.58 -45.05
CA TRP E 175 -25.93 -74.13 -45.94
C TRP E 175 -25.39 -73.72 -47.30
N ILE E 176 -24.15 -73.22 -47.36
CA ILE E 176 -23.59 -72.77 -48.64
C ILE E 176 -23.18 -73.95 -49.50
N GLU E 177 -22.60 -74.99 -48.88
CA GLU E 177 -22.09 -76.13 -49.64
C GLU E 177 -23.23 -77.01 -50.16
N LYS E 178 -24.29 -77.19 -49.38
CA LYS E 178 -25.38 -78.06 -49.81
C LYS E 178 -26.27 -77.41 -50.86
N GLU E 179 -26.20 -76.09 -51.03
CA GLU E 179 -26.92 -75.42 -52.09
C GLU E 179 -26.16 -75.39 -53.41
N LYS E 180 -24.97 -76.02 -53.46
CA LYS E 180 -24.27 -76.16 -54.73
C LYS E 180 -24.89 -77.23 -55.62
N LYS E 181 -25.61 -78.18 -55.04
CA LYS E 181 -26.21 -79.28 -55.78
C LYS E 181 -27.73 -79.21 -55.73
N MET F 1 -3.89 -40.30 -32.93
CA MET F 1 -2.52 -40.78 -32.84
C MET F 1 -2.31 -41.47 -31.51
N ILE F 2 -1.82 -42.72 -31.54
CA ILE F 2 -1.28 -43.36 -30.35
C ILE F 2 0.15 -42.89 -30.14
N GLY F 3 0.39 -42.21 -29.02
CA GLY F 3 1.73 -41.71 -28.77
C GLY F 3 2.09 -40.56 -29.69
N ARG F 4 3.36 -40.51 -30.09
CA ARG F 4 3.83 -39.45 -30.97
C ARG F 4 3.67 -39.78 -32.44
N LYS F 5 4.00 -41.01 -32.85
CA LYS F 5 3.93 -41.35 -34.25
C LYS F 5 3.62 -42.82 -34.43
N LYS F 6 3.10 -43.14 -35.61
CA LYS F 6 2.89 -44.51 -36.07
C LYS F 6 3.76 -44.71 -37.31
N LEU F 7 4.73 -45.63 -37.21
CA LEU F 7 5.72 -45.77 -38.27
C LEU F 7 5.62 -47.08 -39.04
N GLU F 8 5.08 -48.14 -38.45
CA GLU F 8 5.07 -49.43 -39.13
C GLU F 8 3.89 -50.25 -38.65
N GLU F 9 3.21 -50.91 -39.59
CA GLU F 9 2.11 -51.79 -39.28
C GLU F 9 2.16 -53.01 -40.20
N HIS F 10 1.63 -54.12 -39.70
CA HIS F 10 1.63 -55.38 -40.43
C HIS F 10 0.28 -56.05 -40.21
N TYR F 11 0.01 -57.08 -41.01
CA TYR F 11 -1.27 -57.77 -40.97
C TYR F 11 -1.04 -59.15 -40.40
N ILE F 12 -1.87 -59.53 -39.42
CA ILE F 12 -1.68 -60.77 -38.68
C ILE F 12 -2.94 -61.60 -38.82
N THR F 13 -2.77 -62.86 -39.22
CA THR F 13 -3.87 -63.81 -39.26
C THR F 13 -4.11 -64.38 -37.87
N ILE F 14 -5.16 -65.21 -37.75
CA ILE F 14 -5.52 -65.76 -36.45
C ILE F 14 -4.52 -66.83 -36.04
N ALA F 15 -4.00 -67.58 -37.01
CA ALA F 15 -3.01 -68.62 -36.71
C ALA F 15 -1.68 -68.02 -36.28
N GLU F 16 -1.37 -66.81 -36.76
CA GLU F 16 -0.14 -66.16 -36.36
C GLU F 16 -0.27 -65.55 -34.96
N ALA F 17 -1.45 -65.03 -34.65
CA ALA F 17 -1.72 -64.39 -33.36
C ALA F 17 -2.01 -65.37 -32.24
N LYS F 18 -2.18 -66.65 -32.54
CA LYS F 18 -2.38 -67.65 -31.50
C LYS F 18 -1.12 -67.80 -30.64
N GLU F 19 0.04 -67.77 -31.28
CA GLU F 19 1.30 -67.89 -30.54
C GLU F 19 1.59 -66.65 -29.73
N LEU F 20 1.15 -65.48 -30.20
CA LEU F 20 1.29 -64.25 -29.42
C LEU F 20 0.37 -64.24 -28.21
N LEU F 21 -0.77 -64.93 -28.28
CA LEU F 21 -1.63 -65.04 -27.11
C LEU F 21 -1.05 -65.99 -26.08
N GLU F 22 -0.50 -67.12 -26.51
CA GLU F 22 -0.01 -68.10 -25.56
C GLU F 22 1.32 -67.70 -24.95
N ARG F 23 2.17 -67.00 -25.70
CA ARG F 23 3.42 -66.49 -25.13
C ARG F 23 3.15 -65.35 -24.15
N ARG F 24 2.14 -64.52 -24.43
CA ARG F 24 1.71 -63.54 -23.44
C ARG F 24 1.06 -64.22 -22.25
N HIS F 25 0.27 -65.27 -22.50
CA HIS F 25 -0.31 -66.01 -21.39
C HIS F 25 0.73 -66.86 -20.67
N ALA F 26 1.85 -67.15 -21.33
CA ALA F 26 2.97 -67.84 -20.67
C ALA F 26 3.60 -66.98 -19.60
N GLU F 27 3.48 -65.66 -19.69
CA GLU F 27 3.88 -64.77 -18.61
C GLU F 27 2.72 -64.66 -17.64
N GLY F 28 2.99 -64.88 -16.36
CA GLY F 28 1.92 -64.85 -15.40
C GLY F 28 1.49 -66.11 -14.64
N LEU F 29 2.32 -67.03 -14.13
CA LEU F 29 3.81 -67.17 -14.09
C LEU F 29 4.60 -65.95 -13.60
N ALA F 30 3.95 -65.11 -12.79
CA ALA F 30 4.63 -64.00 -12.12
C ALA F 30 4.17 -64.04 -10.67
N GLU F 31 2.98 -64.59 -10.46
CA GLU F 31 2.52 -65.22 -9.23
C GLU F 31 2.28 -64.28 -8.05
N ASN F 32 2.63 -63.00 -8.17
CA ASN F 32 2.40 -62.08 -7.05
C ASN F 32 0.95 -61.57 -7.08
N PRO F 33 0.37 -61.13 -8.21
CA PRO F 33 -1.10 -61.09 -8.26
C PRO F 33 -1.74 -62.29 -8.96
N GLU F 34 -0.92 -63.29 -9.35
CA GLU F 34 -1.20 -64.50 -10.13
C GLU F 34 -1.42 -64.18 -11.61
N GLU F 35 -1.56 -62.89 -11.94
CA GLU F 35 -1.86 -62.29 -13.24
C GLU F 35 -2.93 -63.02 -14.05
N PRO F 36 -4.21 -62.91 -13.71
CA PRO F 36 -5.26 -63.33 -14.64
C PRO F 36 -5.43 -62.30 -15.74
N MET F 37 -5.47 -62.78 -16.99
CA MET F 37 -5.69 -61.91 -18.13
C MET F 37 -7.12 -61.38 -18.11
N PHE F 38 -7.32 -60.19 -18.67
CA PHE F 38 -8.62 -59.53 -18.61
C PHE F 38 -9.63 -60.28 -19.50
N TYR F 39 -10.89 -59.82 -19.44
CA TYR F 39 -12.01 -60.64 -19.90
C TYR F 39 -12.01 -60.80 -21.41
N GLU F 40 -11.87 -59.71 -22.16
CA GLU F 40 -11.93 -59.77 -23.61
C GLU F 40 -10.69 -60.40 -24.21
N ALA F 41 -9.58 -60.43 -23.47
CA ALA F 41 -8.43 -61.22 -23.91
C ALA F 41 -8.73 -62.71 -23.81
N ARG F 42 -9.38 -63.13 -22.71
CA ARG F 42 -9.72 -64.55 -22.54
C ARG F 42 -10.84 -64.97 -23.47
N VAL F 43 -11.73 -64.05 -23.82
CA VAL F 43 -12.75 -64.32 -24.83
C VAL F 43 -12.12 -64.50 -26.20
N SER F 44 -11.16 -63.64 -26.55
CA SER F 44 -10.53 -63.73 -27.88
C SER F 44 -9.58 -64.90 -28.00
N LEU F 45 -9.18 -65.51 -26.88
CA LEU F 45 -8.40 -66.75 -26.94
C LEU F 45 -9.27 -67.89 -27.45
N GLU F 46 -10.53 -67.92 -27.04
CA GLU F 46 -11.45 -68.98 -27.45
C GLU F 46 -11.78 -68.89 -28.93
N HIS F 47 -11.74 -67.68 -29.50
CA HIS F 47 -11.92 -67.53 -30.93
C HIS F 47 -10.74 -68.07 -31.71
N ALA F 48 -9.56 -68.08 -31.09
CA ALA F 48 -8.40 -68.72 -31.71
C ALA F 48 -8.46 -70.24 -31.60
N GLU F 49 -9.21 -70.76 -30.63
CA GLU F 49 -9.26 -72.20 -30.41
C GLU F 49 -10.14 -72.90 -31.42
N ARG F 50 -11.12 -72.19 -31.97
CA ARG F 50 -12.09 -72.79 -32.87
C ARG F 50 -11.77 -72.57 -34.34
N PHE F 51 -11.02 -71.51 -34.67
CA PHE F 51 -10.66 -71.23 -36.06
C PHE F 51 -9.21 -71.56 -36.38
N ALA F 52 -8.53 -72.31 -35.52
CA ALA F 52 -7.16 -72.72 -35.84
C ALA F 52 -7.25 -73.85 -36.85
N LYS F 53 -7.15 -73.49 -38.13
CA LYS F 53 -7.29 -74.45 -39.21
C LYS F 53 -5.96 -74.91 -39.80
N LEU F 54 -4.91 -74.12 -39.67
CA LEU F 54 -3.65 -74.39 -40.35
C LEU F 54 -2.49 -74.30 -39.37
N LYS F 55 -1.33 -74.75 -39.85
CA LYS F 55 -0.09 -74.54 -39.13
C LYS F 55 0.29 -73.06 -39.14
N PRO F 56 1.02 -72.59 -38.13
CA PRO F 56 1.44 -71.19 -38.11
C PRO F 56 2.41 -70.82 -39.23
N GLU F 57 3.31 -71.72 -39.60
CA GLU F 57 4.32 -71.38 -40.59
C GLU F 57 3.76 -71.45 -42.01
N GLN F 58 2.91 -72.43 -42.29
CA GLN F 58 2.36 -72.58 -43.63
C GLN F 58 1.38 -71.47 -43.98
N ALA F 59 0.79 -70.81 -42.98
CA ALA F 59 -0.01 -69.63 -43.23
C ALA F 59 0.87 -68.44 -43.59
N ARG F 60 2.06 -68.36 -42.99
CA ARG F 60 2.99 -67.29 -43.33
C ARG F 60 3.57 -67.49 -44.72
N GLU F 61 3.81 -68.74 -45.11
CA GLU F 61 4.40 -69.04 -46.41
C GLU F 61 3.40 -68.74 -47.53
N LEU F 62 2.13 -69.07 -47.32
CA LEU F 62 1.12 -68.81 -48.34
C LEU F 62 0.84 -67.32 -48.50
N LYS F 63 0.90 -66.57 -47.40
CA LYS F 63 0.59 -65.15 -47.44
C LYS F 63 1.66 -64.36 -48.18
N GLU F 64 2.91 -64.83 -48.10
CA GLU F 64 3.97 -64.25 -48.93
C GLU F 64 3.80 -64.63 -50.39
N LYS F 65 3.29 -65.83 -50.66
CA LYS F 65 3.20 -66.34 -52.03
C LYS F 65 2.11 -65.65 -52.83
N LEU F 66 0.98 -65.35 -52.18
CA LEU F 66 -0.16 -64.76 -52.88
C LEU F 66 0.07 -63.30 -53.27
N MET F 67 0.98 -62.62 -52.59
CA MET F 67 1.26 -61.22 -52.93
C MET F 67 2.05 -61.10 -54.22
N GLY F 68 2.91 -62.08 -54.52
CA GLY F 68 3.74 -62.03 -55.70
C GLY F 68 3.09 -62.50 -56.98
N LEU F 69 1.90 -63.09 -56.91
CA LEU F 69 1.24 -63.57 -58.13
C LEU F 69 0.63 -62.42 -58.93
N PHE F 70 -0.14 -61.57 -58.27
CA PHE F 70 -0.72 -60.40 -58.89
C PHE F 70 -0.34 -59.16 -58.10
N ASP F 71 -0.23 -58.04 -58.81
CA ASP F 71 0.14 -56.78 -58.15
C ASP F 71 -1.04 -56.20 -57.37
N TRP F 72 -2.27 -56.42 -57.84
CA TRP F 72 -3.46 -55.89 -57.19
C TRP F 72 -3.90 -56.68 -55.96
N ILE F 73 -3.17 -57.73 -55.59
CA ILE F 73 -3.44 -58.47 -54.36
C ILE F 73 -2.42 -58.02 -53.32
N ASN F 74 -2.87 -57.32 -52.28
CA ASN F 74 -1.96 -56.93 -51.21
C ASN F 74 -2.02 -57.94 -50.08
N GLU F 75 -1.39 -57.61 -48.94
CA GLU F 75 -1.39 -58.49 -47.78
C GLU F 75 -2.79 -58.57 -47.15
N ARG F 76 -3.57 -57.49 -47.20
CA ARG F 76 -4.89 -57.48 -46.58
C ARG F 76 -5.83 -58.42 -47.31
N ILE F 77 -5.74 -58.46 -48.64
CA ILE F 77 -6.53 -59.39 -49.42
C ILE F 77 -6.05 -60.82 -49.18
N ALA F 78 -4.74 -61.00 -49.04
CA ALA F 78 -4.19 -62.32 -48.79
C ALA F 78 -4.51 -62.82 -47.39
N ALA F 79 -4.53 -61.91 -46.40
CA ALA F 79 -4.88 -62.32 -45.04
C ALA F 79 -6.35 -62.65 -44.91
N LYS F 80 -7.21 -62.06 -45.75
CA LYS F 80 -8.62 -62.43 -45.74
C LYS F 80 -8.85 -63.83 -46.27
N LEU F 81 -8.07 -64.23 -47.28
CA LEU F 81 -8.22 -65.54 -47.90
C LEU F 81 -7.77 -66.68 -47.00
N VAL F 82 -6.90 -66.41 -46.03
CA VAL F 82 -6.48 -67.45 -45.10
C VAL F 82 -7.61 -67.85 -44.16
N ASP F 83 -8.41 -66.87 -43.71
CA ASP F 83 -9.50 -67.17 -42.78
C ASP F 83 -10.64 -67.90 -43.48
N ILE F 84 -10.88 -67.61 -44.76
CA ILE F 84 -12.01 -68.19 -45.45
C ILE F 84 -11.67 -69.55 -46.04
N LEU F 85 -10.42 -69.69 -46.52
CA LEU F 85 -9.91 -70.83 -47.30
C LEU F 85 -10.85 -71.08 -48.48
N PRO F 86 -10.78 -70.27 -49.53
CA PRO F 86 -11.70 -70.44 -50.66
C PRO F 86 -11.42 -71.71 -51.45
N GLU F 87 -12.51 -72.32 -51.94
CA GLU F 87 -12.47 -73.55 -52.70
C GLU F 87 -12.79 -73.37 -54.17
N ASP F 88 -13.60 -72.38 -54.52
CA ASP F 88 -14.04 -72.23 -55.90
C ASP F 88 -14.25 -70.75 -56.19
N TYR F 89 -14.95 -70.46 -57.27
CA TYR F 89 -15.21 -69.09 -57.70
C TYR F 89 -16.36 -68.46 -56.93
N LEU F 90 -17.08 -69.23 -56.10
CA LEU F 90 -18.14 -68.67 -55.27
C LEU F 90 -17.57 -67.75 -54.20
N ASP F 91 -16.52 -68.21 -53.49
CA ASP F 91 -15.95 -67.41 -52.43
C ASP F 91 -15.12 -66.25 -52.95
N ILE F 92 -14.62 -66.35 -54.18
CA ILE F 92 -13.84 -65.26 -54.77
C ILE F 92 -14.77 -64.10 -55.14
N ARG F 93 -16.01 -64.40 -55.49
CA ARG F 93 -16.98 -63.35 -55.79
C ARG F 93 -17.39 -62.60 -54.52
N VAL F 94 -17.69 -63.33 -53.45
CA VAL F 94 -18.31 -62.70 -52.28
C VAL F 94 -17.28 -61.91 -51.47
N ILE F 95 -16.00 -62.34 -51.47
CA ILE F 95 -14.97 -61.56 -50.79
C ILE F 95 -14.64 -60.30 -51.58
N PHE F 96 -14.52 -60.42 -52.90
CA PHE F 96 -14.02 -59.32 -53.71
C PHE F 96 -15.14 -58.49 -54.30
N ALA F 97 -16.34 -58.55 -53.70
CA ALA F 97 -17.45 -57.76 -54.21
C ALA F 97 -17.37 -56.29 -53.82
N LYS F 98 -16.59 -55.97 -52.79
CA LYS F 98 -16.45 -54.60 -52.31
C LYS F 98 -14.99 -54.13 -52.38
N GLU F 99 -14.26 -54.62 -53.38
CA GLU F 99 -12.87 -54.27 -53.57
C GLU F 99 -12.71 -53.30 -54.74
N GLU F 100 -11.50 -52.79 -54.90
CA GLU F 100 -11.22 -51.85 -55.98
C GLU F 100 -11.10 -52.55 -57.33
N TYR F 101 -10.94 -53.87 -57.34
CA TYR F 101 -10.80 -54.63 -58.57
C TYR F 101 -11.60 -55.92 -58.45
N MET F 102 -12.46 -56.17 -59.45
CA MET F 102 -13.22 -57.41 -59.51
C MET F 102 -12.53 -58.34 -60.51
N PRO F 103 -12.16 -59.55 -60.12
CA PRO F 103 -11.34 -60.38 -60.99
C PRO F 103 -12.14 -60.98 -62.15
N THR F 104 -11.43 -61.20 -63.25
CA THR F 104 -11.95 -61.95 -64.39
C THR F 104 -11.94 -63.44 -64.06
N PRO F 105 -12.81 -64.24 -64.71
CA PRO F 105 -12.79 -65.69 -64.45
C PRO F 105 -11.50 -66.39 -64.86
N GLU F 106 -10.71 -65.81 -65.77
CA GLU F 106 -9.38 -66.33 -66.04
C GLU F 106 -8.44 -66.05 -64.86
N GLU F 107 -8.34 -64.78 -64.45
CA GLU F 107 -7.39 -64.41 -63.42
C GLU F 107 -7.80 -64.90 -62.04
N ALA F 108 -9.10 -65.01 -61.77
CA ALA F 108 -9.53 -65.53 -60.47
C ALA F 108 -9.33 -67.03 -60.35
N GLU F 109 -9.38 -67.76 -61.48
CA GLU F 109 -9.16 -69.20 -61.42
C GLU F 109 -7.68 -69.50 -61.17
N GLU F 110 -6.79 -68.62 -61.66
CA GLU F 110 -5.36 -68.78 -61.41
C GLU F 110 -5.03 -68.58 -59.94
N ILE F 111 -5.81 -67.77 -59.24
CA ILE F 111 -5.66 -67.62 -57.79
C ILE F 111 -6.08 -68.90 -57.08
N ILE F 112 -7.15 -69.54 -57.56
CA ILE F 112 -7.67 -70.77 -56.95
C ILE F 112 -6.67 -71.91 -57.09
N LYS F 113 -5.93 -71.94 -58.21
CA LYS F 113 -4.94 -73.00 -58.44
C LYS F 113 -3.78 -72.93 -57.45
N VAL F 114 -3.45 -71.74 -56.96
CA VAL F 114 -2.42 -71.61 -55.93
C VAL F 114 -2.92 -72.14 -54.60
N ILE F 115 -4.18 -71.84 -54.26
CA ILE F 115 -4.76 -72.22 -52.97
C ILE F 115 -5.37 -73.62 -53.07
N ASP F 116 -5.14 -74.31 -54.20
CA ASP F 116 -5.39 -75.75 -54.23
C ASP F 116 -4.45 -76.51 -53.30
N GLU F 117 -3.24 -76.00 -53.10
CA GLU F 117 -2.38 -76.54 -52.06
C GLU F 117 -2.77 -75.96 -50.70
N TYR F 118 -2.00 -76.34 -49.67
CA TYR F 118 -2.09 -75.86 -48.29
C TYR F 118 -3.44 -76.16 -47.65
N ARG F 119 -4.20 -77.10 -48.21
CA ARG F 119 -5.52 -77.52 -47.75
C ARG F 119 -5.40 -78.65 -46.73
N PRO F 120 -6.27 -78.67 -45.71
CA PRO F 120 -6.11 -79.68 -44.65
C PRO F 120 -6.49 -81.08 -45.09
N LEU F 121 -7.41 -81.20 -46.06
CA LEU F 121 -7.84 -82.47 -46.66
C LEU F 121 -8.43 -83.45 -45.65
N GLU F 122 -9.02 -82.93 -44.57
CA GLU F 122 -9.60 -83.75 -43.52
C GLU F 122 -10.95 -83.21 -43.10
N GLU G 6 32.97 23.55 -40.17
CA GLU G 6 34.28 22.95 -40.41
C GLU G 6 34.35 21.54 -39.85
N PHE G 7 33.74 21.35 -38.68
CA PHE G 7 33.70 20.05 -38.04
C PHE G 7 32.77 19.10 -38.80
N ASN G 8 32.83 17.84 -38.41
CA ASN G 8 31.85 16.84 -38.82
C ASN G 8 31.23 16.23 -37.57
N ILE G 9 30.37 15.23 -37.80
CA ILE G 9 29.78 14.47 -36.71
C ILE G 9 30.83 13.67 -35.95
N PHE G 10 31.97 13.38 -36.58
CA PHE G 10 33.04 12.65 -35.92
C PHE G 10 33.95 13.66 -35.25
N ASP G 11 35.13 13.20 -34.80
CA ASP G 11 36.12 14.00 -34.07
C ASP G 11 35.51 14.65 -32.84
N HIS G 12 34.64 13.91 -32.16
CA HIS G 12 33.84 14.44 -31.08
C HIS G 12 33.90 13.48 -29.91
N VAL G 13 33.81 14.02 -28.69
CA VAL G 13 33.94 13.19 -27.50
C VAL G 13 32.68 12.43 -27.17
N LEU G 14 31.59 12.67 -27.91
CA LEU G 14 30.34 11.95 -27.75
C LEU G 14 30.11 10.87 -28.80
N VAL G 15 30.50 11.12 -30.05
CA VAL G 15 30.22 10.22 -31.16
C VAL G 15 31.36 9.20 -31.28
N PRO G 16 31.08 7.90 -31.22
CA PRO G 16 32.09 6.90 -31.57
C PRO G 16 32.13 6.66 -33.07
N GLU G 17 33.26 6.12 -33.54
CA GLU G 17 33.47 6.00 -34.98
C GLU G 17 32.77 4.78 -35.54
N HIS G 18 32.14 4.95 -36.70
CA HIS G 18 31.44 3.89 -37.43
C HIS G 18 32.27 3.37 -38.59
N ARG G 19 31.86 2.21 -39.11
CA ARG G 19 32.37 1.64 -40.35
C ARG G 19 31.35 0.66 -40.91
N ILE G 20 31.27 0.61 -42.23
CA ILE G 20 30.29 -0.21 -42.93
C ILE G 20 30.91 -1.58 -43.19
N LEU G 21 30.18 -2.65 -42.87
CA LEU G 21 30.75 -3.99 -42.96
C LEU G 21 30.87 -4.43 -44.42
N SER G 22 31.41 -5.63 -44.61
CA SER G 22 31.53 -6.22 -45.92
C SER G 22 30.44 -7.28 -46.10
N GLU G 23 30.39 -7.86 -47.29
CA GLU G 23 29.32 -8.81 -47.60
C GLU G 23 29.54 -10.16 -46.93
N GLU G 24 30.79 -10.58 -46.78
CA GLU G 24 31.07 -11.87 -46.15
C GLU G 24 30.92 -11.84 -44.64
N GLU G 25 30.96 -10.65 -44.02
CA GLU G 25 30.87 -10.56 -42.57
C GLU G 25 29.45 -10.63 -42.06
N LYS G 26 28.47 -10.44 -42.94
CA LYS G 26 27.07 -10.53 -42.51
C LYS G 26 26.72 -11.95 -42.12
N GLU G 27 27.12 -12.93 -42.94
CA GLU G 27 26.84 -14.32 -42.62
C GLU G 27 27.77 -14.84 -41.53
N GLU G 28 28.99 -14.29 -41.44
CA GLU G 28 29.90 -14.70 -40.38
C GLU G 28 29.42 -14.21 -39.03
N LEU G 29 28.87 -12.99 -38.98
CA LEU G 29 28.28 -12.50 -37.74
C LEU G 29 26.99 -13.25 -37.43
N LEU G 30 26.31 -13.76 -38.46
CA LEU G 30 25.03 -14.41 -38.26
C LEU G 30 25.21 -15.78 -37.63
N LYS G 31 26.31 -16.45 -37.94
CA LYS G 31 26.57 -17.77 -37.38
C LYS G 31 27.23 -17.70 -36.01
N LYS G 32 27.87 -16.59 -35.69
CA LYS G 32 28.49 -16.44 -34.38
C LYS G 32 27.45 -16.32 -33.27
N TYR G 33 26.33 -15.65 -33.57
CA TYR G 33 25.33 -15.36 -32.57
C TYR G 33 24.03 -16.12 -32.75
N ARG G 34 23.94 -16.97 -33.78
CA ARG G 34 22.75 -17.75 -34.19
C ARG G 34 21.44 -16.94 -34.15
N ILE G 35 21.48 -15.79 -34.83
CA ILE G 35 20.35 -14.88 -34.84
C ILE G 35 19.73 -14.83 -36.23
N ARG G 36 18.67 -14.05 -36.36
CA ARG G 36 18.06 -13.72 -37.64
C ARG G 36 18.35 -12.25 -37.92
N ILE G 37 18.43 -11.90 -39.21
CA ILE G 37 18.86 -10.59 -39.67
C ILE G 37 17.99 -9.46 -39.11
N SER G 38 16.69 -9.72 -38.95
CA SER G 38 15.78 -8.71 -38.43
C SER G 38 15.97 -8.41 -36.94
N GLN G 39 16.74 -9.21 -36.21
CA GLN G 39 16.87 -9.06 -34.76
C GLN G 39 18.07 -8.21 -34.36
N LEU G 40 18.17 -6.98 -34.88
CA LEU G 40 19.27 -6.07 -34.58
C LEU G 40 18.70 -4.67 -34.49
N PRO G 41 19.31 -3.75 -33.69
CA PRO G 41 18.54 -2.62 -33.16
C PRO G 41 18.35 -1.35 -34.00
N GLN G 42 18.53 -1.40 -35.33
CA GLN G 42 17.84 -0.49 -36.25
C GLN G 42 18.05 1.02 -36.13
N ILE G 43 19.19 1.55 -36.57
CA ILE G 43 19.29 2.99 -36.78
C ILE G 43 18.30 3.38 -37.89
N LYS G 44 17.73 4.57 -37.79
CA LYS G 44 16.92 5.10 -38.89
C LYS G 44 17.81 5.75 -39.94
N ALA G 45 17.24 5.97 -41.13
CA ALA G 45 17.98 6.50 -42.27
C ALA G 45 18.23 8.00 -42.17
N SER G 46 17.65 8.66 -41.17
CA SER G 46 17.87 10.05 -40.78
C SER G 46 19.17 10.16 -39.98
N ASP G 47 19.22 11.12 -39.04
CA ASP G 47 20.09 11.22 -37.85
C ASP G 47 21.59 11.06 -38.13
N PRO G 48 22.26 12.19 -38.49
CA PRO G 48 23.44 12.21 -39.38
C PRO G 48 24.56 11.19 -39.26
N ALA G 49 24.61 10.43 -38.15
CA ALA G 49 25.62 9.39 -37.94
C ALA G 49 25.69 8.38 -39.09
N VAL G 50 24.57 8.11 -39.74
CA VAL G 50 24.53 7.10 -40.79
C VAL G 50 24.58 7.73 -42.18
N VAL G 51 24.21 9.01 -42.33
CA VAL G 51 23.95 9.54 -43.65
C VAL G 51 25.25 9.93 -44.38
N ALA G 52 26.35 10.13 -43.65
CA ALA G 52 27.60 10.55 -44.24
C ALA G 52 28.54 9.37 -44.50
N LEU G 53 28.00 8.19 -44.81
CA LEU G 53 28.83 7.01 -44.96
C LEU G 53 28.58 6.27 -46.27
N GLY G 54 27.34 6.32 -46.76
CA GLY G 54 26.94 5.44 -47.84
C GLY G 54 25.83 4.51 -47.40
N ALA G 55 24.95 5.05 -46.56
CA ALA G 55 23.83 4.32 -45.97
C ALA G 55 22.89 3.70 -47.00
N LYS G 56 22.79 2.38 -46.97
CA LYS G 56 21.83 1.62 -47.75
C LYS G 56 20.93 0.85 -46.80
N PRO G 57 19.61 1.00 -46.90
CA PRO G 57 18.70 0.28 -46.00
C PRO G 57 18.76 -1.23 -46.21
N GLY G 58 18.96 -1.95 -45.12
CA GLY G 58 19.17 -3.38 -45.17
C GLY G 58 20.64 -3.72 -45.10
N ASP G 59 21.33 -3.18 -44.10
CA ASP G 59 22.76 -3.37 -43.95
C ASP G 59 23.10 -3.25 -42.47
N VAL G 60 24.23 -3.84 -42.08
CA VAL G 60 24.71 -3.82 -40.71
C VAL G 60 25.86 -2.83 -40.64
N ILE G 61 25.84 -1.96 -39.63
CA ILE G 61 26.90 -0.97 -39.42
C ILE G 61 27.43 -1.12 -37.99
N GLU G 62 28.75 -1.25 -37.88
CA GLU G 62 29.43 -1.51 -36.63
C GLU G 62 29.92 -0.23 -35.97
N ILE G 63 29.69 -0.12 -34.67
CA ILE G 63 30.22 0.98 -33.89
C ILE G 63 31.20 0.40 -32.88
N LYS G 64 32.13 1.23 -32.45
CA LYS G 64 33.31 0.84 -31.68
C LYS G 64 33.38 1.66 -30.41
N ARG G 65 32.28 1.69 -29.66
CA ARG G 65 32.21 2.67 -28.59
C ARG G 65 33.01 2.21 -27.38
N LYS G 66 33.31 3.17 -26.53
CA LYS G 66 34.21 2.96 -25.41
C LYS G 66 33.44 3.10 -24.10
N SER G 67 33.80 2.27 -23.14
CA SER G 67 33.23 2.33 -21.82
C SER G 67 34.35 2.38 -20.81
N PRO G 68 34.19 3.11 -19.70
CA PRO G 68 35.27 3.26 -18.73
C PRO G 68 35.52 2.05 -17.85
N THR G 69 34.88 0.90 -18.11
CA THR G 69 35.09 -0.30 -17.32
C THR G 69 35.32 -1.54 -18.18
N ALA G 70 35.48 -1.38 -19.47
CA ALA G 70 35.86 -2.50 -20.33
C ALA G 70 37.02 -2.16 -21.24
N GLY G 71 37.07 -0.94 -21.76
CA GLY G 71 38.00 -0.60 -22.81
C GLY G 71 37.22 -0.26 -24.05
N TYR G 72 37.31 -1.12 -25.07
CA TYR G 72 36.53 -0.93 -26.29
C TYR G 72 35.57 -2.09 -26.45
N TYR G 73 34.42 -1.80 -27.05
CA TYR G 73 33.27 -2.68 -27.01
C TYR G 73 32.40 -2.43 -28.23
N TYR G 74 32.07 -3.49 -28.94
CA TYR G 74 31.39 -3.40 -30.22
C TYR G 74 29.89 -3.55 -30.01
N TYR G 75 29.11 -2.98 -30.93
CA TYR G 75 27.64 -2.97 -30.77
C TYR G 75 27.04 -2.77 -32.15
N TYR G 76 26.42 -3.81 -32.70
CA TYR G 76 25.97 -3.84 -34.09
C TYR G 76 24.54 -3.33 -34.23
N ARG G 77 24.26 -2.68 -35.36
CA ARG G 77 22.96 -2.06 -35.62
C ARG G 77 22.58 -2.21 -37.09
N LEU G 78 21.32 -1.90 -37.42
CA LEU G 78 20.75 -1.96 -38.77
C LEU G 78 20.35 -0.58 -39.28
N VAL G 79 19.91 -0.55 -40.54
CA VAL G 79 19.42 0.66 -41.19
C VAL G 79 18.04 0.38 -41.74
N VAL G 80 17.04 1.13 -41.25
CA VAL G 80 15.66 1.08 -41.73
C VAL G 80 15.31 2.47 -42.23
N GLU G 81 14.37 2.55 -43.18
CA GLU G 81 13.96 3.82 -43.79
C GLU G 81 13.37 4.80 -42.79
N PHE H 2 34.67 -27.17 -14.52
CA PHE H 2 33.33 -27.64 -14.81
C PHE H 2 32.39 -27.23 -13.70
N ARG H 3 32.81 -26.21 -12.95
CA ARG H 3 32.13 -25.78 -11.73
C ARG H 3 30.70 -25.33 -12.01
N TYR H 4 29.80 -25.73 -11.12
CA TYR H 4 28.40 -25.38 -11.28
C TYR H 4 28.21 -23.90 -10.97
N THR H 5 27.13 -23.34 -11.48
CA THR H 5 26.75 -21.98 -11.12
C THR H 5 25.95 -22.01 -9.82
N ARG H 6 25.30 -20.90 -9.52
CA ARG H 6 24.46 -20.80 -8.34
C ARG H 6 23.02 -21.14 -8.64
N PHE H 7 22.65 -21.11 -9.92
CA PHE H 7 21.32 -21.47 -10.38
C PHE H 7 21.19 -22.95 -10.68
N GLU H 8 22.30 -23.59 -11.06
CA GLU H 8 22.26 -25.01 -11.34
C GLU H 8 22.41 -25.81 -10.06
N LYS H 9 23.13 -25.27 -9.09
CA LYS H 9 23.32 -25.94 -7.81
C LYS H 9 22.06 -25.94 -6.98
N ALA H 10 21.17 -24.97 -7.20
CA ALA H 10 19.93 -24.90 -6.47
C ALA H 10 18.79 -25.57 -7.20
N ARG H 11 19.03 -26.11 -8.39
CA ARG H 11 18.05 -26.92 -9.07
C ARG H 11 18.32 -28.42 -8.94
N ILE H 12 19.60 -28.80 -8.94
CA ILE H 12 19.98 -30.20 -8.75
C ILE H 12 19.61 -30.69 -7.35
N ILE H 13 19.81 -29.85 -6.34
CA ILE H 13 19.33 -30.16 -4.99
C ILE H 13 17.81 -30.24 -4.96
N GLY H 14 17.14 -29.36 -5.70
CA GLY H 14 15.69 -29.33 -5.67
C GLY H 14 15.05 -30.54 -6.30
N ALA H 15 15.63 -31.04 -7.39
CA ALA H 15 15.08 -32.25 -8.00
C ALA H 15 15.45 -33.49 -7.22
N ARG H 16 16.63 -33.49 -6.57
CA ARG H 16 17.07 -34.67 -5.84
C ARG H 16 16.39 -34.76 -4.48
N ALA H 17 16.00 -33.63 -3.89
CA ALA H 17 15.28 -33.68 -2.64
C ALA H 17 13.83 -34.10 -2.84
N LEU H 18 13.32 -33.97 -4.06
CA LEU H 18 11.97 -34.40 -4.34
C LEU H 18 11.91 -35.88 -4.73
N GLN H 19 12.98 -36.41 -5.33
CA GLN H 19 13.02 -37.86 -5.57
C GLN H 19 13.22 -38.60 -4.27
N ILE H 20 14.01 -38.03 -3.36
CA ILE H 20 14.37 -38.72 -2.12
C ILE H 20 13.20 -38.80 -1.17
N ALA H 21 12.12 -38.08 -1.47
CA ALA H 21 10.87 -38.15 -0.74
C ALA H 21 9.88 -39.12 -1.36
N MET H 22 10.02 -39.39 -2.67
CA MET H 22 9.09 -40.21 -3.43
C MET H 22 9.62 -41.63 -3.65
N GLY H 23 10.34 -42.19 -2.68
CA GLY H 23 11.05 -43.45 -2.91
C GLY H 23 12.53 -43.19 -3.05
N ALA H 24 13.16 -43.74 -4.14
CA ALA H 24 14.53 -43.49 -4.57
C ALA H 24 15.56 -43.70 -3.47
N PRO H 25 15.95 -44.96 -3.21
CA PRO H 25 16.75 -45.31 -2.02
C PRO H 25 18.05 -44.51 -1.86
N VAL H 26 18.31 -44.12 -0.61
CA VAL H 26 19.32 -43.12 -0.27
C VAL H 26 20.68 -43.80 -0.21
N LEU H 27 21.73 -43.02 -0.45
CA LEU H 27 23.10 -43.47 -0.21
C LEU H 27 23.45 -43.34 1.27
N ILE H 28 24.73 -43.38 1.63
CA ILE H 28 25.13 -43.45 3.03
C ILE H 28 24.90 -42.09 3.68
N ASP H 29 23.73 -41.94 4.31
CA ASP H 29 23.23 -40.62 4.67
C ASP H 29 22.49 -40.62 6.00
N VAL H 30 22.50 -41.74 6.72
CA VAL H 30 21.54 -42.12 7.78
C VAL H 30 21.23 -41.10 8.87
N PRO H 31 22.22 -40.64 9.69
CA PRO H 31 22.01 -40.53 11.15
C PRO H 31 20.74 -39.90 11.70
N GLU H 32 19.94 -40.73 12.38
CA GLU H 32 19.20 -40.39 13.59
C GLU H 32 17.99 -39.48 13.36
N GLY H 33 17.84 -38.93 12.15
CA GLY H 33 16.66 -38.14 11.85
C GLY H 33 16.97 -36.82 11.19
N ILE H 34 16.40 -36.63 10.00
CA ILE H 34 16.82 -35.60 9.05
C ILE H 34 15.64 -35.34 8.13
N THR H 35 15.32 -34.08 7.89
CA THR H 35 14.27 -33.72 6.95
C THR H 35 14.79 -33.90 5.51
N PRO H 36 13.91 -34.34 4.57
CA PRO H 36 14.34 -34.67 3.18
C PRO H 36 15.15 -33.63 2.43
N LEU H 37 15.06 -32.36 2.84
CA LEU H 37 15.94 -31.35 2.27
C LEU H 37 17.37 -31.53 2.76
N GLN H 38 17.55 -31.90 4.02
CA GLN H 38 18.87 -31.99 4.60
C GLN H 38 19.61 -33.23 4.13
N ALA H 39 18.91 -34.21 3.59
CA ALA H 39 19.58 -35.38 3.03
C ALA H 39 20.26 -35.05 1.72
N ALA H 40 19.67 -34.16 0.92
CA ALA H 40 20.27 -33.81 -0.35
C ALA H 40 21.51 -32.95 -0.18
N LEU H 41 21.59 -32.20 0.93
CA LEU H 41 22.76 -31.34 1.15
C LEU H 41 24.00 -32.16 1.49
N LEU H 42 23.84 -33.28 2.20
CA LEU H 42 24.99 -34.09 2.55
C LEU H 42 25.49 -34.90 1.37
N GLU H 43 24.59 -35.29 0.47
CA GLU H 43 24.99 -36.06 -0.71
C GLU H 43 25.75 -35.20 -1.71
N PHE H 44 25.44 -33.91 -1.80
CA PHE H 44 26.10 -33.04 -2.76
C PHE H 44 27.52 -32.71 -2.36
N GLU H 45 27.86 -32.84 -1.08
CA GLU H 45 29.19 -32.48 -0.60
C GLU H 45 30.22 -33.53 -0.99
N LYS H 46 29.83 -34.81 -0.97
CA LYS H 46 30.74 -35.89 -1.31
C LYS H 46 30.86 -36.12 -2.81
N GLY H 47 30.08 -35.41 -3.63
CA GLY H 47 30.14 -35.54 -5.07
C GLY H 47 29.68 -36.87 -5.62
N VAL H 48 28.54 -37.35 -5.14
CA VAL H 48 27.94 -38.57 -5.65
C VAL H 48 26.56 -38.28 -6.22
N ILE H 49 26.37 -37.07 -6.73
CA ILE H 49 25.10 -36.74 -7.39
C ILE H 49 25.01 -37.45 -8.73
N PRO H 50 23.90 -38.08 -9.05
CA PRO H 50 23.74 -38.70 -10.37
C PRO H 50 23.29 -37.68 -11.42
N ILE H 51 22.59 -36.65 -10.97
CA ILE H 51 21.94 -35.71 -11.87
C ILE H 51 22.98 -34.79 -12.47
N THR H 52 22.99 -34.67 -13.80
CA THR H 52 23.89 -33.75 -14.47
C THR H 52 23.10 -32.71 -15.25
N VAL H 53 23.76 -31.59 -15.52
CA VAL H 53 23.14 -30.50 -16.26
C VAL H 53 23.39 -30.67 -17.75
N ILE H 54 22.60 -29.95 -18.53
CA ILE H 54 22.83 -29.79 -19.96
C ILE H 54 23.22 -28.34 -20.19
N ARG H 55 24.32 -28.13 -20.90
CA ARG H 55 24.82 -26.79 -21.15
C ARG H 55 24.59 -26.49 -22.63
N PRO H 56 23.55 -25.75 -23.00
CA PRO H 56 23.31 -25.45 -24.42
C PRO H 56 24.35 -24.49 -24.96
N SER H 57 25.04 -24.92 -26.01
CA SER H 57 26.07 -24.10 -26.65
C SER H 57 26.29 -24.57 -28.08
N MET I 1 20.52 -28.60 40.20
CA MET I 1 21.91 -28.23 39.96
C MET I 1 22.67 -29.38 39.34
N ARG I 2 22.40 -29.72 38.09
CA ARG I 2 23.06 -30.85 37.45
C ARG I 2 24.07 -30.34 36.43
N ILE I 3 25.32 -30.74 36.59
CA ILE I 3 26.41 -30.28 35.74
C ILE I 3 26.33 -30.98 34.39
N GLU I 4 26.19 -30.19 33.32
CA GLU I 4 26.03 -30.72 31.97
C GLU I 4 27.34 -30.43 31.23
N VAL I 5 28.23 -31.42 31.18
CA VAL I 5 29.50 -31.24 30.49
C VAL I 5 29.25 -31.17 28.99
N ILE I 6 30.13 -30.46 28.27
CA ILE I 6 30.04 -30.39 26.81
C ILE I 6 31.36 -30.84 26.20
N ARG I 7 32.43 -30.15 26.53
CA ARG I 7 33.76 -30.47 26.04
C ARG I 7 34.58 -31.03 27.18
N ARG I 8 35.36 -32.06 26.87
CA ARG I 8 36.31 -32.58 27.84
C ARG I 8 37.56 -32.91 27.05
N GLU I 9 38.69 -32.37 27.47
CA GLU I 9 39.93 -32.54 26.73
C GLU I 9 41.07 -32.66 27.73
N GLU I 10 42.28 -32.33 27.28
CA GLU I 10 43.46 -32.42 28.11
C GLU I 10 43.68 -31.06 28.75
N ASN I 11 43.59 -31.01 30.09
CA ASN I 11 43.74 -29.84 30.94
C ASN I 11 42.65 -28.80 30.70
N LEU I 12 41.50 -29.19 30.15
CA LEU I 12 40.44 -28.25 29.84
C LEU I 12 39.08 -28.88 30.13
N LEU I 13 38.17 -28.07 30.65
CA LEU I 13 36.81 -28.51 30.96
C LEU I 13 35.82 -27.38 30.70
N GLU I 14 34.81 -27.65 29.88
CA GLU I 14 33.71 -26.72 29.64
C GLU I 14 32.40 -27.41 29.99
N PHE I 15 31.47 -26.66 30.60
CA PHE I 15 30.22 -27.27 31.02
C PHE I 15 29.17 -26.20 31.27
N TYR I 16 27.91 -26.65 31.29
CA TYR I 16 26.77 -25.85 31.68
C TYR I 16 26.40 -26.20 33.11
N LEU I 17 25.87 -25.22 33.84
CA LEU I 17 25.46 -25.41 35.22
C LEU I 17 24.01 -24.96 35.43
N GLU I 18 23.09 -25.90 35.41
CA GLU I 18 21.67 -25.60 35.64
C GLU I 18 21.42 -25.04 37.04
N GLY I 19 20.45 -24.14 37.12
CA GLY I 19 19.99 -23.59 38.39
C GLY I 19 20.76 -22.42 38.94
N GLU I 20 21.86 -22.02 38.32
CA GLU I 20 22.69 -20.93 38.82
C GLU I 20 22.47 -19.67 38.01
N ASP I 21 23.07 -18.58 38.47
CA ASP I 21 22.88 -17.29 37.81
C ASP I 21 24.17 -16.49 37.95
N HIS I 22 24.09 -15.20 37.59
CA HIS I 22 25.22 -14.25 37.72
C HIS I 22 25.81 -14.22 39.11
N THR I 23 24.94 -14.22 40.14
CA THR I 23 25.34 -14.13 41.54
C THR I 23 26.42 -15.13 41.92
N PHE I 24 26.15 -16.41 41.75
CA PHE I 24 27.14 -17.43 42.10
C PHE I 24 28.27 -17.51 41.10
N ALA I 25 27.96 -17.40 39.80
CA ALA I 25 28.96 -17.56 38.75
C ALA I 25 30.12 -16.58 38.86
N ASN I 26 29.83 -15.31 39.13
CA ASN I 26 30.89 -14.32 39.23
C ASN I 26 31.72 -14.55 40.49
N LEU I 27 31.07 -14.91 41.60
CA LEU I 27 31.79 -15.18 42.85
C LEU I 27 32.75 -16.36 42.72
N LEU I 28 32.31 -17.45 42.10
CA LEU I 28 33.19 -18.60 41.91
C LEU I 28 34.32 -18.31 40.93
N THR I 29 34.09 -17.39 39.98
CA THR I 29 35.10 -17.10 38.96
C THR I 29 36.34 -16.43 39.54
N GLU I 30 36.17 -15.25 40.16
CA GLU I 30 37.32 -14.55 40.73
C GLU I 30 37.95 -15.28 41.91
N THR I 31 37.19 -16.07 42.66
CA THR I 31 37.78 -16.88 43.71
C THR I 31 38.75 -17.92 43.14
N LEU I 32 38.38 -18.54 42.01
CA LEU I 32 39.25 -19.45 41.28
C LEU I 32 40.56 -18.81 40.84
N HIS I 33 40.48 -17.54 40.40
CA HIS I 33 41.63 -16.76 39.95
C HIS I 33 42.80 -16.76 40.93
N GLU I 34 42.51 -16.69 42.23
CA GLU I 34 43.51 -16.77 43.31
C GLU I 34 44.45 -17.97 43.25
N ASN I 35 44.07 -19.05 42.57
CA ASN I 35 44.92 -20.23 42.43
C ASN I 35 45.87 -20.02 41.26
N GLU I 36 47.18 -19.96 41.56
CA GLU I 36 48.20 -19.76 40.53
C GLU I 36 48.20 -20.85 39.46
N HIS I 37 47.75 -22.06 39.80
CA HIS I 37 47.71 -23.13 38.80
C HIS I 37 46.54 -23.02 37.85
N VAL I 38 45.57 -22.14 38.10
CA VAL I 38 44.43 -21.96 37.21
C VAL I 38 44.81 -20.90 36.18
N THR I 39 45.08 -21.33 34.96
CA THR I 39 45.45 -20.42 33.89
C THR I 39 44.29 -19.59 33.35
N PHE I 40 43.04 -20.07 33.43
CA PHE I 40 41.96 -19.41 32.68
C PHE I 40 40.60 -19.82 33.23
N ALA I 41 39.89 -18.89 33.87
CA ALA I 41 38.58 -19.13 34.45
C ALA I 41 37.58 -18.10 33.93
N GLY I 42 36.44 -18.54 33.40
CA GLY I 42 35.48 -17.56 32.91
C GLY I 42 34.10 -18.13 32.72
N TYR I 43 33.13 -17.25 32.48
CA TYR I 43 31.77 -17.68 32.23
C TYR I 43 31.03 -16.67 31.37
N THR I 44 29.91 -17.11 30.80
CA THR I 44 29.00 -16.28 30.01
C THR I 44 27.58 -16.79 30.20
N ILE I 45 26.60 -15.87 30.28
CA ILE I 45 25.20 -16.20 30.07
C ILE I 45 24.80 -15.82 28.64
N GLU I 46 24.25 -16.78 27.91
CA GLU I 46 23.85 -16.63 26.51
C GLU I 46 22.36 -16.28 26.41
N HIS I 47 22.08 -15.06 25.95
CA HIS I 47 20.74 -14.56 25.59
C HIS I 47 19.74 -14.66 26.73
N PRO I 48 19.77 -13.73 27.70
CA PRO I 48 18.97 -13.89 28.92
C PRO I 48 17.49 -13.64 28.77
N ILE I 49 16.82 -14.25 27.79
CA ILE I 49 15.38 -14.43 27.86
C ILE I 49 15.05 -15.91 27.67
N THR I 50 15.70 -16.56 26.70
CA THR I 50 15.46 -17.98 26.46
C THR I 50 16.15 -18.86 27.51
N MET I 51 17.29 -18.44 28.03
CA MET I 51 17.93 -19.15 29.13
C MET I 51 18.66 -18.14 30.00
N ALA I 52 18.37 -18.19 31.28
CA ALA I 52 19.08 -17.35 32.23
C ALA I 52 19.33 -18.10 33.52
N ARG I 53 19.38 -19.42 33.45
CA ARG I 53 19.65 -20.23 34.62
C ARG I 53 20.79 -21.21 34.41
N LYS I 54 21.43 -21.22 33.24
CA LYS I 54 22.56 -22.12 32.99
C LYS I 54 23.75 -21.39 32.36
N PRO I 55 24.48 -20.59 33.15
CA PRO I 55 25.83 -20.16 32.78
C PRO I 55 26.74 -21.27 32.27
N ARG I 56 27.59 -20.92 31.32
CA ARG I 56 28.58 -21.82 30.74
C ARG I 56 29.96 -21.54 31.34
N PHE I 57 30.49 -22.48 32.13
CA PHE I 57 31.77 -22.27 32.81
C PHE I 57 32.89 -22.90 32.01
N LYS I 58 34.08 -22.32 32.12
CA LYS I 58 35.27 -22.87 31.46
C LYS I 58 36.47 -22.75 32.40
N VAL I 59 37.14 -23.87 32.68
CA VAL I 59 38.29 -23.92 33.57
C VAL I 59 39.45 -24.60 32.86
N VAL I 60 40.60 -23.93 32.76
CA VAL I 60 41.78 -24.45 32.09
C VAL I 60 42.95 -24.41 33.05
N THR I 61 43.71 -25.51 33.14
CA THR I 61 44.88 -25.60 34.01
C THR I 61 46.14 -25.79 33.18
N ASP I 62 47.29 -25.78 33.86
CA ASP I 62 48.59 -25.93 33.23
C ASP I 62 49.10 -27.36 33.18
N GLY I 63 48.26 -28.35 33.51
CA GLY I 63 48.66 -29.74 33.45
C GLY I 63 49.16 -30.33 34.75
N LYS I 64 49.61 -29.51 35.70
CA LYS I 64 50.05 -30.01 37.00
C LYS I 64 48.90 -30.38 37.92
N ILE I 65 47.66 -30.10 37.52
CA ILE I 65 46.48 -30.41 38.32
C ILE I 65 45.30 -30.46 37.36
N THR I 66 44.30 -31.29 37.67
CA THR I 66 43.16 -31.45 36.79
C THR I 66 42.17 -30.29 37.01
N PRO I 67 41.36 -29.96 35.98
CA PRO I 67 40.37 -28.88 36.16
C PRO I 67 39.32 -29.15 37.22
N GLU I 68 38.92 -30.40 37.43
CA GLU I 68 37.94 -30.71 38.46
C GLU I 68 38.50 -30.52 39.86
N LYS I 69 39.76 -30.90 40.06
CA LYS I 69 40.42 -30.76 41.36
C LYS I 69 40.55 -29.29 41.76
N ALA I 70 40.97 -28.44 40.81
CA ALA I 70 41.06 -26.99 41.05
C ALA I 70 39.72 -26.40 41.47
N LEU I 71 38.66 -26.67 40.71
CA LEU I 71 37.30 -26.21 41.04
C LEU I 71 36.87 -26.67 42.42
N GLU I 72 37.07 -27.96 42.73
CA GLU I 72 36.67 -28.56 44.00
C GLU I 72 37.22 -27.81 45.21
N GLU I 73 38.54 -27.65 45.29
CA GLU I 73 39.13 -27.01 46.46
C GLU I 73 38.86 -25.51 46.52
N ALA I 74 38.53 -24.88 45.38
CA ALA I 74 38.28 -23.45 45.39
C ALA I 74 36.88 -23.06 45.81
N ALA I 75 35.94 -24.00 45.81
CA ALA I 75 34.62 -23.72 46.35
C ALA I 75 34.53 -24.16 47.81
N GLN I 76 35.62 -24.72 48.34
CA GLN I 76 35.73 -24.93 49.78
C GLN I 76 35.88 -23.60 50.49
N LYS I 77 36.91 -22.83 50.09
CA LYS I 77 37.21 -21.48 50.58
C LYS I 77 36.01 -20.56 50.80
N ILE I 78 35.10 -20.49 49.81
CA ILE I 78 33.90 -19.63 49.91
C ILE I 78 33.03 -20.07 51.07
N PHE I 79 32.86 -21.38 51.25
CA PHE I 79 32.14 -21.90 52.40
C PHE I 79 32.81 -21.51 53.71
N ASP I 80 34.14 -21.64 53.76
CA ASP I 80 34.88 -21.23 54.95
C ASP I 80 34.89 -19.72 55.13
N ARG I 81 34.99 -18.95 54.04
CA ARG I 81 35.04 -17.49 54.16
C ARG I 81 33.70 -16.91 54.64
N ALA I 82 32.59 -17.48 54.18
CA ALA I 82 31.29 -17.06 54.65
C ALA I 82 31.11 -17.42 56.12
N ARG I 83 31.56 -18.63 56.51
CA ARG I 83 31.56 -19.06 57.90
C ARG I 83 32.30 -18.11 58.84
N GLU I 84 33.30 -17.38 58.35
CA GLU I 84 34.01 -16.39 59.15
C GLU I 84 33.16 -15.17 59.45
N VAL I 85 32.88 -14.38 58.41
CA VAL I 85 32.04 -13.17 58.38
C VAL I 85 30.77 -13.33 59.22
N LEU I 86 30.09 -14.46 59.06
CA LEU I 86 28.88 -14.78 59.83
C LEU I 86 29.13 -14.76 61.34
N GLU I 87 30.19 -15.43 61.79
CA GLU I 87 30.59 -15.39 63.20
C GLU I 87 30.86 -13.97 63.67
N ALA I 88 31.61 -13.21 62.87
CA ALA I 88 31.87 -11.79 63.13
C ALA I 88 30.58 -10.97 63.30
N TRP I 89 29.69 -11.06 62.31
CA TRP I 89 28.39 -10.36 62.32
C TRP I 89 27.58 -10.59 63.59
N LYS I 90 27.31 -11.86 63.92
CA LYS I 90 26.55 -12.23 65.11
C LYS I 90 27.15 -11.63 66.38
N ALA I 91 28.42 -11.91 66.64
CA ALA I 91 29.11 -11.43 67.84
C ALA I 91 29.50 -9.95 67.81
N ALA I 92 28.87 -9.15 66.95
CA ALA I 92 29.16 -7.72 66.85
C ALA I 92 27.96 -6.84 67.20
N ILE I 93 26.74 -7.33 67.04
CA ILE I 93 25.55 -6.53 67.36
C ILE I 93 25.27 -6.81 68.83
N GLU I 94 26.03 -6.14 69.68
CA GLU I 94 26.01 -6.28 71.14
C GLU I 94 26.57 -4.99 71.75
N MET J 1 -8.68 7.51 41.77
CA MET J 1 -7.64 6.50 41.68
C MET J 1 -6.69 6.62 42.87
N ILE J 2 -7.07 5.94 43.95
CA ILE J 2 -6.41 6.03 45.25
C ILE J 2 -4.91 5.70 45.13
N VAL J 3 -4.09 6.38 45.95
CA VAL J 3 -2.64 6.32 46.04
C VAL J 3 -2.03 4.92 46.00
N PRO J 4 -0.93 4.74 45.26
CA PRO J 4 -0.38 3.38 45.09
C PRO J 4 0.34 2.91 46.35
N VAL J 5 -0.03 1.72 46.83
CA VAL J 5 0.61 1.29 48.07
C VAL J 5 1.86 0.50 47.71
N ARG J 6 2.89 1.24 47.29
CA ARG J 6 4.31 0.95 47.25
C ARG J 6 4.78 2.19 46.52
N CYS J 7 6.08 2.39 46.35
CA CYS J 7 6.46 3.31 45.30
C CYS J 7 6.56 2.53 44.01
N PHE J 8 7.13 3.12 42.97
CA PHE J 8 7.24 2.42 41.71
C PHE J 8 8.67 1.97 41.44
N THR J 9 9.64 2.53 42.17
CA THR J 9 11.02 2.11 42.11
C THR J 9 11.52 1.58 43.45
N CYS J 10 11.39 2.38 44.51
CA CYS J 10 11.85 1.98 45.84
C CYS J 10 10.71 1.33 46.63
N GLY J 11 10.86 0.05 46.94
CA GLY J 11 9.83 -0.63 47.69
C GLY J 11 9.69 -0.13 49.11
N LYS J 12 8.65 0.65 49.33
CA LYS J 12 8.41 1.33 50.59
C LYS J 12 6.96 1.76 50.60
N VAL J 13 6.30 1.54 51.74
CA VAL J 13 4.88 1.88 51.80
C VAL J 13 4.72 3.40 51.88
N LEU J 14 3.62 3.88 51.30
CA LEU J 14 3.34 5.31 51.23
C LEU J 14 1.92 5.70 51.58
N ALA J 15 0.94 4.79 51.53
CA ALA J 15 -0.44 5.21 51.61
C ALA J 15 -0.86 5.60 53.02
N ASP J 16 -0.07 5.26 54.02
CA ASP J 16 -0.31 5.76 55.37
C ASP J 16 0.15 7.19 55.55
N LYS J 17 1.03 7.68 54.68
CA LYS J 17 1.63 9.01 54.82
C LYS J 17 1.25 9.95 53.69
N TYR J 18 0.06 9.78 53.12
CA TYR J 18 -0.48 10.71 52.15
C TYR J 18 -1.61 11.54 52.71
N TYR J 19 -2.56 10.93 53.42
CA TYR J 19 -3.68 11.66 53.97
C TYR J 19 -3.31 12.43 55.22
N GLU J 20 -2.19 12.10 55.84
CA GLU J 20 -1.63 12.95 56.88
C GLU J 20 -0.84 14.11 56.27
N PHE J 21 -0.32 13.92 55.06
CA PHE J 21 0.46 14.93 54.36
C PHE J 21 -0.39 16.05 53.80
N LYS J 22 -1.54 15.71 53.23
CA LYS J 22 -2.29 16.72 52.49
C LYS J 22 -3.12 17.58 53.43
N LYS J 23 -3.52 17.03 54.58
CA LYS J 23 -4.27 17.80 55.56
C LYS J 23 -3.39 18.79 56.31
N ARG J 24 -2.07 18.71 56.15
CA ARG J 24 -1.15 19.70 56.68
C ARG J 24 -0.56 20.60 55.61
N VAL J 25 -1.03 20.50 54.37
CA VAL J 25 -0.68 21.47 53.34
C VAL J 25 -1.85 22.39 53.02
N GLU J 26 -3.07 22.06 53.47
CA GLU J 26 -4.21 22.95 53.34
C GLU J 26 -4.35 23.87 54.55
N ALA J 27 -3.29 24.01 55.35
CA ALA J 27 -3.18 25.06 56.33
C ALA J 27 -2.22 26.17 55.88
N GLY J 28 -1.50 25.97 54.79
CA GLY J 28 -0.54 26.93 54.28
C GLY J 28 0.91 26.54 54.51
N GLU J 29 1.17 25.44 55.20
CA GLU J 29 2.52 25.03 55.51
C GLU J 29 3.23 24.53 54.24
N ASP J 30 4.52 24.83 54.14
CA ASP J 30 5.28 24.48 52.95
C ASP J 30 5.52 22.97 52.90
N PRO J 31 5.37 22.34 51.72
CA PRO J 31 5.57 20.89 51.64
C PRO J 31 7.02 20.45 51.75
N GLY J 32 7.98 21.35 51.59
CA GLY J 32 9.37 20.99 51.68
C GLY J 32 9.80 20.56 53.07
N LYS J 33 9.10 21.05 54.10
CA LYS J 33 9.38 20.68 55.47
C LYS J 33 8.42 19.64 56.00
N VAL J 34 7.24 19.49 55.39
CA VAL J 34 6.29 18.46 55.81
C VAL J 34 6.79 17.09 55.39
N LEU J 35 7.25 16.96 54.14
CA LEU J 35 7.77 15.68 53.67
C LEU J 35 9.09 15.34 54.34
N ASP J 36 9.84 16.34 54.77
CA ASP J 36 11.07 16.08 55.50
C ASP J 36 10.75 15.63 56.92
N ASP J 37 9.65 16.13 57.48
CA ASP J 37 9.28 15.78 58.85
C ASP J 37 8.83 14.32 58.96
N LEU J 38 8.27 13.77 57.88
CA LEU J 38 7.92 12.36 57.86
C LEU J 38 9.15 11.55 57.47
N GLY J 39 8.95 10.27 57.17
CA GLY J 39 10.07 9.42 56.80
C GLY J 39 10.32 9.31 55.30
N VAL J 40 10.58 10.42 54.63
CA VAL J 40 10.86 10.43 53.20
C VAL J 40 12.26 10.97 53.00
N GLU J 41 13.16 10.12 52.49
CA GLU J 41 14.58 10.47 52.40
C GLU J 41 15.04 10.80 50.98
N ARG J 42 14.84 9.90 50.02
CA ARG J 42 15.30 10.11 48.66
C ARG J 42 14.35 11.03 47.91
N TYR J 43 14.48 11.08 46.59
CA TYR J 43 13.47 11.76 45.79
C TYR J 43 12.79 10.80 44.82
N CYS J 44 13.01 9.50 44.97
CA CYS J 44 12.20 8.54 44.25
C CYS J 44 10.97 8.16 45.05
N CYS J 45 11.06 8.15 46.38
CA CYS J 45 9.85 8.11 47.21
C CYS J 45 9.01 9.34 47.01
N ARG J 46 9.64 10.48 46.76
CA ARG J 46 8.98 11.76 46.95
C ARG J 46 8.29 12.28 45.70
N ARG J 47 8.63 11.77 44.50
CA ARG J 47 7.94 12.23 43.30
C ARG J 47 6.53 11.66 43.18
N THR J 48 6.14 10.70 44.00
CA THR J 48 4.83 10.09 43.90
C THR J 48 3.92 10.39 45.08
N LEU J 49 4.35 11.22 46.02
CA LEU J 49 3.40 11.89 46.89
C LEU J 49 3.04 13.25 46.33
N LEU J 50 4.03 13.92 45.80
CA LEU J 50 3.92 15.31 45.38
C LEU J 50 3.15 15.48 44.08
N SER J 51 2.80 14.40 43.40
CA SER J 51 2.06 14.49 42.14
C SER J 51 1.05 13.36 42.08
N HIS J 52 -0.20 13.68 42.38
CA HIS J 52 -1.26 12.68 42.43
C HIS J 52 -2.59 13.39 42.22
N VAL J 53 -3.65 12.61 41.99
CA VAL J 53 -4.91 13.16 41.49
C VAL J 53 -6.09 12.94 42.43
N GLU J 54 -6.03 11.88 43.26
CA GLU J 54 -7.07 11.45 44.21
C GLU J 54 -8.50 11.39 43.62
N LEU J 55 -8.61 11.04 42.34
CA LEU J 55 -9.86 11.03 41.54
C LEU J 55 -10.90 10.02 41.99
N ILE J 56 -10.80 9.27 43.10
CA ILE J 56 -11.82 8.28 43.45
C ILE J 56 -13.17 8.91 43.79
N ASP J 57 -13.20 10.19 44.20
CA ASP J 57 -14.45 10.82 44.61
C ASP J 57 -15.44 10.99 43.45
N GLN J 58 -14.98 11.50 42.32
CA GLN J 58 -15.89 11.78 41.20
C GLN J 58 -16.54 10.52 40.64
N VAL J 59 -15.73 9.48 40.40
CA VAL J 59 -16.22 8.26 39.75
C VAL J 59 -17.17 7.46 40.64
N MET J 60 -16.92 7.48 41.94
CA MET J 60 -17.68 6.69 42.90
C MET J 60 -19.19 6.98 42.90
N VAL J 61 -19.56 8.26 42.95
CA VAL J 61 -20.97 8.68 42.97
C VAL J 61 -21.77 8.29 41.71
N TYR J 62 -21.11 8.15 40.55
CA TYR J 62 -21.81 7.82 39.30
C TYR J 62 -22.57 6.49 39.30
N LYS J 63 -22.13 5.49 40.08
CA LYS J 63 -22.84 4.21 40.26
C LYS J 63 -23.05 3.27 39.06
N VAL J 64 -22.77 1.98 39.29
CA VAL J 64 -23.18 0.88 38.42
C VAL J 64 -23.33 -0.34 39.31
N TYR J 65 -24.52 -0.94 39.20
CA TYR J 65 -24.94 -2.09 39.98
C TYR J 65 -24.38 -3.39 39.44
N TYR K 6 -38.79 -14.90 32.65
CA TYR K 6 -38.36 -14.47 33.97
C TYR K 6 -36.86 -14.27 34.10
N ARG K 7 -36.50 -13.34 34.98
CA ARG K 7 -35.17 -12.83 35.26
C ARG K 7 -35.31 -11.97 36.50
N CYS K 8 -34.25 -11.23 36.82
CA CYS K 8 -34.29 -10.28 37.92
C CYS K 8 -33.34 -9.16 37.49
N ALA K 9 -33.87 -8.23 36.71
CA ALA K 9 -33.06 -7.13 36.22
C ALA K 9 -33.19 -5.96 37.19
N LYS K 10 -32.09 -5.24 37.36
CA LYS K 10 -32.04 -4.05 38.21
C LYS K 10 -31.76 -2.86 37.32
N CYS K 11 -32.61 -1.84 37.41
CA CYS K 11 -32.55 -0.71 36.50
C CYS K 11 -31.66 0.41 37.04
N GLY K 12 -31.66 1.51 36.30
CA GLY K 12 -31.07 2.72 36.80
C GLY K 12 -31.98 3.29 37.88
N LYS K 13 -31.39 4.08 38.77
CA LYS K 13 -32.03 4.60 39.99
C LYS K 13 -32.68 3.47 40.81
N GLU K 14 -31.82 2.50 41.13
CA GLU K 14 -31.87 1.31 41.99
C GLU K 14 -32.71 0.08 41.64
N VAL K 15 -33.95 0.20 41.19
CA VAL K 15 -34.94 -0.70 41.81
C VAL K 15 -34.96 -2.06 41.11
N GLU K 16 -35.58 -3.05 41.78
CA GLU K 16 -35.79 -4.39 41.21
C GLU K 16 -37.02 -4.44 40.32
N LEU K 17 -36.95 -5.26 39.26
CA LEU K 17 -38.12 -5.46 38.40
C LEU K 17 -38.08 -6.81 37.68
N ASP K 18 -38.55 -7.86 38.34
CA ASP K 18 -38.51 -9.21 37.77
C ASP K 18 -39.76 -9.43 36.91
N LEU K 19 -39.61 -9.46 35.60
CA LEU K 19 -40.83 -9.65 34.83
C LEU K 19 -40.89 -10.88 33.91
N ALA K 20 -40.26 -10.81 32.72
CA ALA K 20 -40.23 -11.83 31.68
C ALA K 20 -39.45 -11.27 30.50
N THR K 21 -39.78 -11.74 29.30
CA THR K 21 -39.32 -11.18 28.03
C THR K 21 -40.24 -11.75 26.94
N ALA K 22 -41.28 -10.99 26.61
CA ALA K 22 -42.18 -11.29 25.49
C ALA K 22 -42.94 -10.05 25.00
N ARG K 23 -43.31 -9.15 25.92
CA ARG K 23 -44.20 -8.05 25.60
C ARG K 23 -43.56 -6.66 25.63
N GLU K 24 -43.27 -6.14 26.83
CA GLU K 24 -42.80 -4.78 27.02
C GLU K 24 -41.77 -4.73 28.14
N VAL K 25 -40.84 -3.78 28.04
CA VAL K 25 -39.74 -3.65 28.98
C VAL K 25 -39.79 -2.25 29.60
N ARG K 26 -40.48 -2.12 30.73
CA ARG K 26 -40.51 -0.87 31.47
C ARG K 26 -40.32 -1.12 32.96
N CYS K 27 -39.99 -0.05 33.66
CA CYS K 27 -40.01 -0.05 35.11
C CYS K 27 -41.32 0.57 35.58
N PRO K 28 -42.12 -0.12 36.39
CA PRO K 28 -43.35 0.51 36.90
C PRO K 28 -43.11 1.66 37.84
N TYR K 29 -42.18 1.54 38.79
CA TYR K 29 -41.96 2.60 39.76
C TYR K 29 -41.26 3.82 39.13
N CYS K 30 -40.12 3.62 38.48
CA CYS K 30 -39.39 4.76 37.91
C CYS K 30 -40.10 5.36 36.71
N GLY K 31 -40.65 4.52 35.84
CA GLY K 31 -41.19 4.98 34.59
C GLY K 31 -40.20 4.98 33.44
N SER K 32 -38.96 4.54 33.68
CA SER K 32 -37.93 4.48 32.66
C SER K 32 -37.96 3.16 31.92
N LYS K 33 -37.08 3.02 30.92
CA LYS K 33 -36.92 1.75 30.24
C LYS K 33 -35.45 1.62 29.81
N ILE K 34 -34.65 1.09 30.72
CA ILE K 34 -33.23 0.77 30.51
C ILE K 34 -32.84 -0.13 31.67
N LEU K 35 -32.06 -1.18 31.41
CA LEU K 35 -31.85 -2.19 32.44
C LEU K 35 -30.42 -2.72 32.40
N TYR K 36 -29.83 -2.87 33.58
CA TYR K 36 -28.57 -3.58 33.70
C TYR K 36 -28.84 -4.96 34.27
N LYS K 37 -28.08 -5.94 33.82
CA LYS K 37 -28.26 -7.23 34.45
C LYS K 37 -27.31 -7.35 35.62
N PRO K 38 -27.78 -7.69 36.82
CA PRO K 38 -26.92 -7.64 37.99
C PRO K 38 -25.93 -8.81 38.02
N ARG K 39 -24.86 -8.59 38.78
CA ARG K 39 -23.81 -9.59 38.90
C ARG K 39 -24.32 -10.75 39.75
N PRO K 40 -23.86 -11.97 39.47
CA PRO K 40 -24.30 -13.11 40.29
C PRO K 40 -23.58 -13.15 41.64
N ARG K 41 -23.81 -14.23 42.38
CA ARG K 41 -23.20 -14.38 43.70
C ARG K 41 -22.48 -15.73 43.78
N VAL K 42 -21.65 -15.98 42.78
CA VAL K 42 -20.87 -17.20 42.68
C VAL K 42 -19.42 -16.83 42.95
N ALA K 43 -18.53 -17.81 42.98
CA ALA K 43 -17.15 -17.60 43.37
C ALA K 43 -16.21 -17.82 42.20
N ARG K 44 -15.54 -16.77 41.77
CA ARG K 44 -14.54 -16.85 40.72
C ARG K 44 -13.15 -16.57 41.30
N ARG K 45 -12.13 -16.77 40.46
CA ARG K 45 -10.75 -16.93 40.92
C ARG K 45 -9.83 -16.09 40.04
N VAL K 46 -9.39 -14.94 40.55
CA VAL K 46 -8.46 -14.07 39.84
C VAL K 46 -7.12 -14.07 40.58
N LYS K 47 -6.04 -14.31 39.84
CA LYS K 47 -4.70 -14.25 40.38
C LYS K 47 -4.20 -12.82 40.41
N ALA K 48 -3.25 -12.55 41.31
CA ALA K 48 -2.73 -11.22 41.54
C ALA K 48 -1.37 -11.12 40.88
N ILE K 49 -1.34 -10.65 39.64
CA ILE K 49 -0.09 -10.36 38.96
C ILE K 49 -0.15 -8.97 38.32
N ARG L 4 -44.34 -8.96 -65.53
CA ARG L 4 -43.36 -9.90 -65.06
C ARG L 4 -42.52 -9.25 -63.95
N LYS L 5 -42.11 -10.07 -62.97
CA LYS L 5 -41.31 -9.75 -61.77
C LYS L 5 -42.07 -8.96 -60.71
N ASN L 6 -43.12 -8.25 -61.10
CA ASN L 6 -44.01 -7.58 -60.14
C ASN L 6 -44.69 -8.59 -59.22
N LYS L 7 -45.16 -9.70 -59.80
CA LYS L 7 -45.87 -10.74 -59.06
C LYS L 7 -45.04 -11.33 -57.93
N GLU L 8 -43.80 -11.73 -58.23
CA GLU L 8 -42.91 -12.34 -57.24
C GLU L 8 -42.65 -11.41 -56.06
N LEU L 9 -42.54 -10.11 -56.31
CA LEU L 9 -42.39 -9.14 -55.22
C LEU L 9 -43.61 -9.14 -54.33
N LEU L 10 -44.81 -9.21 -54.93
CA LEU L 10 -46.03 -9.35 -54.16
C LEU L 10 -46.10 -10.67 -53.39
N GLU L 11 -45.56 -11.74 -53.99
CA GLU L 11 -45.51 -13.05 -53.33
C GLU L 11 -44.73 -12.99 -52.03
N ILE L 12 -43.56 -12.34 -52.06
CA ILE L 12 -42.75 -12.14 -50.86
C ILE L 12 -43.52 -11.31 -49.84
N ALA L 13 -44.16 -10.23 -50.30
CA ALA L 13 -44.98 -9.39 -49.43
C ALA L 13 -46.15 -10.17 -48.85
N GLN L 14 -46.75 -11.06 -49.65
CA GLN L 14 -47.81 -11.94 -49.14
C GLN L 14 -47.29 -12.87 -48.06
N GLU L 15 -46.09 -13.42 -48.24
CA GLU L 15 -45.45 -14.21 -47.19
C GLU L 15 -45.18 -13.38 -45.93
N ILE L 16 -44.78 -12.13 -46.11
CA ILE L 16 -44.41 -11.31 -44.94
C ILE L 16 -45.64 -10.66 -44.32
N GLY L 17 -46.51 -10.08 -45.14
CA GLY L 17 -47.68 -9.42 -44.60
C GLY L 17 -49.01 -10.08 -44.94
N GLY L 18 -49.22 -10.34 -46.23
CA GLY L 18 -50.44 -10.94 -46.74
C GLY L 18 -51.03 -10.09 -47.84
N GLU L 19 -52.29 -10.39 -48.13
CA GLU L 19 -53.09 -9.66 -49.13
C GLU L 19 -53.09 -8.15 -48.90
N GLU L 20 -53.22 -7.74 -47.64
CA GLU L 20 -53.25 -6.32 -47.28
C GLU L 20 -51.96 -5.61 -47.68
N ALA L 21 -50.81 -6.23 -47.42
CA ALA L 21 -49.52 -5.64 -47.78
C ALA L 21 -49.38 -5.45 -49.28
N VAL L 22 -49.93 -6.38 -50.08
CA VAL L 22 -49.94 -6.27 -51.53
C VAL L 22 -50.66 -5.02 -51.98
N GLU L 23 -51.81 -4.73 -51.35
CA GLU L 23 -52.55 -3.50 -51.62
C GLU L 23 -51.74 -2.25 -51.29
N VAL L 24 -51.00 -2.28 -50.17
CA VAL L 24 -50.15 -1.16 -49.75
C VAL L 24 -49.11 -0.81 -50.81
N VAL L 25 -48.42 -1.84 -51.34
CA VAL L 25 -47.34 -1.65 -52.30
C VAL L 25 -47.82 -0.97 -53.58
N LYS L 26 -48.91 -1.48 -54.17
CA LYS L 26 -49.44 -0.92 -55.40
C LYS L 26 -49.92 0.52 -55.24
N ALA L 27 -50.56 0.82 -54.11
CA ALA L 27 -50.95 2.19 -53.80
C ALA L 27 -49.73 3.09 -53.65
N LEU L 28 -48.70 2.58 -52.97
CA LEU L 28 -47.47 3.35 -52.75
C LEU L 28 -46.75 3.66 -54.06
N GLU L 29 -46.78 2.72 -55.01
CA GLU L 29 -46.19 2.93 -56.34
C GLU L 29 -46.77 4.14 -57.05
N LYS L 30 -48.08 4.36 -56.92
CA LYS L 30 -48.77 5.43 -57.67
C LYS L 30 -48.24 6.82 -57.32
N MET L 31 -48.07 7.11 -56.02
CA MET L 31 -47.58 8.43 -55.62
C MET L 31 -46.06 8.49 -55.47
N LYS L 32 -45.40 7.35 -55.25
CA LYS L 32 -43.96 7.11 -55.05
C LYS L 32 -43.43 7.62 -53.72
N GLU L 33 -44.10 8.59 -53.10
CA GLU L 33 -43.78 9.06 -51.75
C GLU L 33 -45.07 9.19 -50.99
N ALA L 34 -45.08 8.75 -49.73
CA ALA L 34 -46.25 8.92 -48.89
C ALA L 34 -45.88 8.87 -47.41
N THR L 35 -46.67 9.56 -46.61
CA THR L 35 -46.65 9.39 -45.17
C THR L 35 -47.56 8.22 -44.79
N ASP L 36 -47.43 7.77 -43.54
CA ASP L 36 -48.32 6.74 -43.02
C ASP L 36 -49.78 7.16 -43.05
N GLU L 37 -50.06 8.42 -42.69
CA GLU L 37 -51.42 8.95 -42.70
C GLU L 37 -52.01 9.00 -44.11
N GLU L 38 -51.23 9.50 -45.07
CA GLU L 38 -51.68 9.58 -46.46
C GLU L 38 -52.04 8.22 -47.04
N LEU L 39 -51.28 7.19 -46.68
CA LEU L 39 -51.60 5.82 -47.11
C LEU L 39 -52.95 5.34 -46.59
N ALA L 40 -53.28 5.68 -45.33
CA ALA L 40 -54.56 5.29 -44.73
C ALA L 40 -55.75 5.79 -45.53
N GLU L 41 -55.69 7.04 -46.01
CA GLU L 41 -56.74 7.56 -46.88
C GLU L 41 -56.80 6.81 -48.22
N ALA L 42 -55.64 6.53 -48.80
CA ALA L 42 -55.60 5.82 -50.08
C ALA L 42 -56.13 4.40 -49.99
N THR L 43 -55.79 3.67 -48.93
CA THR L 43 -56.25 2.29 -48.82
C THR L 43 -57.68 2.18 -48.33
N GLY L 44 -57.99 2.86 -47.23
CA GLY L 44 -59.28 2.71 -46.59
C GLY L 44 -59.23 1.73 -45.45
N ILE L 45 -58.06 1.58 -44.82
CA ILE L 45 -57.82 0.63 -43.75
C ILE L 45 -56.87 1.32 -42.79
N ARG L 46 -57.25 1.35 -41.50
CA ARG L 46 -56.60 2.01 -40.35
C ARG L 46 -55.10 2.27 -40.45
N VAL L 47 -54.69 3.49 -40.11
CA VAL L 47 -53.29 3.92 -40.18
C VAL L 47 -52.41 3.05 -39.28
N ASN L 48 -52.94 2.56 -38.16
CA ASN L 48 -52.20 1.65 -37.28
C ASN L 48 -51.79 0.36 -37.99
N THR L 49 -52.71 -0.23 -38.77
CA THR L 49 -52.39 -1.44 -39.51
C THR L 49 -51.39 -1.17 -40.63
N VAL L 50 -51.62 -0.08 -41.38
CA VAL L 50 -50.74 0.33 -42.48
C VAL L 50 -49.32 0.56 -42.00
N ARG L 51 -49.15 1.33 -40.92
CA ARG L 51 -47.83 1.65 -40.39
C ARG L 51 -47.06 0.41 -39.94
N ARG L 52 -47.74 -0.56 -39.31
CA ARG L 52 -47.10 -1.82 -38.91
C ARG L 52 -46.53 -2.58 -40.11
N ILE L 53 -47.24 -2.57 -41.24
CA ILE L 53 -46.76 -3.21 -42.47
C ILE L 53 -45.43 -2.61 -42.91
N LEU L 54 -45.29 -1.28 -42.83
CA LEU L 54 -44.04 -0.62 -43.22
C LEU L 54 -42.87 -1.01 -42.32
N TYR L 55 -43.13 -1.21 -41.02
CA TYR L 55 -42.10 -1.68 -40.09
C TYR L 55 -41.53 -3.03 -40.47
N MET L 56 -42.40 -3.98 -40.84
CA MET L 56 -41.93 -5.31 -41.26
C MET L 56 -41.11 -5.26 -42.55
N LEU L 57 -41.56 -4.48 -43.54
CA LEU L 57 -40.81 -4.30 -44.78
C LEU L 57 -39.46 -3.64 -44.56
N ASN L 58 -39.38 -2.73 -43.57
CA ASN L 58 -38.12 -2.07 -43.21
C ASN L 58 -37.03 -3.07 -42.82
N ASP L 59 -37.38 -4.07 -42.00
CA ASP L 59 -36.41 -5.08 -41.58
C ASP L 59 -35.91 -5.94 -42.74
N GLU L 60 -36.73 -6.13 -43.76
CA GLU L 60 -36.32 -6.87 -44.95
C GLU L 60 -35.60 -6.00 -45.97
N GLY L 61 -35.39 -4.71 -45.67
CA GLY L 61 -34.69 -3.81 -46.56
C GLY L 61 -35.39 -3.52 -47.88
N LEU L 62 -36.59 -2.94 -47.80
CA LEU L 62 -37.40 -2.71 -48.99
C LEU L 62 -38.04 -1.32 -49.00
N ALA L 63 -37.82 -0.50 -47.98
CA ALA L 63 -38.33 0.86 -47.96
C ALA L 63 -37.39 1.71 -47.13
N ASP L 64 -37.25 2.98 -47.53
CA ASP L 64 -36.41 3.94 -46.82
C ASP L 64 -37.26 5.16 -46.51
N PHE L 65 -36.73 6.06 -45.70
CA PHE L 65 -37.45 7.29 -45.38
C PHE L 65 -36.48 8.43 -45.17
N LYS L 66 -36.92 9.64 -45.53
CA LYS L 66 -36.22 10.88 -45.26
C LYS L 66 -37.05 11.79 -44.37
N ARG L 67 -36.36 12.60 -43.56
CA ARG L 67 -36.99 13.42 -42.54
C ARG L 67 -36.89 14.90 -42.92
N ILE L 68 -38.01 15.61 -42.85
CA ILE L 68 -38.12 17.01 -43.24
C ILE L 68 -38.46 17.83 -42.01
N ARG L 69 -37.85 19.00 -41.87
CA ARG L 69 -38.11 19.91 -40.77
C ARG L 69 -39.25 20.86 -41.11
N ASP L 70 -40.35 20.73 -40.37
CA ASP L 70 -41.52 21.61 -40.55
C ASP L 70 -41.15 22.97 -39.99
N PRO L 71 -41.10 24.03 -40.82
CA PRO L 71 -40.74 25.36 -40.31
C PRO L 71 -41.64 25.91 -39.21
N GLU L 72 -42.95 25.68 -39.29
CA GLU L 72 -43.86 26.25 -38.30
C GLU L 72 -43.80 25.55 -36.94
N THR L 73 -44.54 24.45 -36.79
CA THR L 73 -44.64 23.76 -35.51
C THR L 73 -43.40 22.97 -35.12
N GLY L 74 -42.44 22.78 -36.02
CA GLY L 74 -41.25 22.01 -35.71
C GLY L 74 -41.52 20.53 -35.49
N TRP L 75 -42.46 19.96 -36.24
CA TRP L 75 -42.82 18.56 -36.13
C TRP L 75 -42.09 17.76 -37.22
N TYR L 76 -41.42 16.68 -36.82
CA TYR L 76 -40.68 15.86 -37.77
C TYR L 76 -41.56 14.74 -38.29
N TYR L 77 -41.96 14.87 -39.56
CA TYR L 77 -42.81 13.90 -40.24
C TYR L 77 -41.98 13.21 -41.32
N TYR L 78 -42.21 11.91 -41.49
CA TYR L 78 -41.36 11.10 -42.35
C TYR L 78 -42.02 10.86 -43.71
N TYR L 79 -41.20 10.90 -44.77
CA TYR L 79 -41.62 10.59 -46.13
C TYR L 79 -41.05 9.24 -46.52
N TRP L 80 -41.91 8.24 -46.72
CA TRP L 80 -41.49 6.92 -47.13
C TRP L 80 -41.36 6.85 -48.65
N ARG L 81 -40.49 5.96 -49.14
CA ARG L 81 -40.38 5.72 -50.57
C ARG L 81 -39.92 4.28 -50.81
N LEU L 82 -40.27 3.76 -51.99
CA LEU L 82 -39.79 2.46 -52.43
C LEU L 82 -38.40 2.56 -53.05
N GLU L 83 -37.58 1.55 -52.78
CA GLU L 83 -36.26 1.41 -53.36
C GLU L 83 -36.21 0.10 -54.14
N THR L 84 -35.65 0.14 -55.37
CA THR L 84 -35.64 -1.07 -56.18
C THR L 84 -34.32 -1.31 -56.90
N LYS L 85 -33.20 -0.79 -56.41
CA LYS L 85 -31.91 -1.21 -56.94
C LYS L 85 -31.29 -2.27 -56.05
N LYS L 86 -32.10 -3.30 -55.73
CA LYS L 86 -31.69 -4.42 -54.89
C LYS L 86 -32.47 -5.68 -55.22
N LEU L 87 -33.15 -5.72 -56.38
CA LEU L 87 -34.04 -6.83 -56.67
C LEU L 87 -33.29 -8.14 -56.99
N PRO L 88 -32.44 -8.21 -58.04
CA PRO L 88 -31.92 -9.54 -58.40
C PRO L 88 -30.83 -10.06 -57.49
N GLU L 89 -30.33 -9.25 -56.56
CA GLU L 89 -29.35 -9.76 -55.60
C GLU L 89 -30.01 -10.44 -54.41
N ILE L 90 -31.10 -9.87 -53.90
CA ILE L 90 -31.78 -10.45 -52.74
C ILE L 90 -32.54 -11.72 -53.13
N ILE L 91 -33.05 -11.76 -54.37
CA ILE L 91 -33.73 -12.96 -54.87
C ILE L 91 -32.77 -14.15 -54.96
N ARG L 92 -31.53 -13.89 -55.40
CA ARG L 92 -30.54 -14.97 -55.45
C ARG L 92 -30.02 -15.32 -54.07
N SER L 93 -29.73 -14.31 -53.24
CA SER L 93 -29.03 -14.54 -51.98
C SER L 93 -29.91 -15.22 -50.95
N ARG L 94 -31.23 -15.17 -51.11
CA ARG L 94 -32.09 -16.00 -50.27
C ARG L 94 -32.08 -17.44 -50.76
N LYS L 95 -32.12 -17.64 -52.07
CA LYS L 95 -32.13 -18.99 -52.63
C LYS L 95 -30.76 -19.65 -52.60
N MET L 96 -29.68 -18.88 -52.38
CA MET L 96 -28.39 -19.48 -52.13
C MET L 96 -28.38 -20.22 -50.80
N ALA L 97 -28.94 -19.60 -49.76
CA ALA L 97 -28.98 -20.21 -48.43
C ALA L 97 -29.91 -21.41 -48.42
N GLU L 98 -30.98 -21.36 -49.21
CA GLU L 98 -31.93 -22.47 -49.27
C GLU L 98 -31.30 -23.69 -49.92
N LEU L 99 -30.46 -23.46 -50.94
CA LEU L 99 -29.77 -24.57 -51.59
C LEU L 99 -28.64 -25.12 -50.72
N LYS L 100 -28.10 -24.32 -49.80
CA LYS L 100 -27.22 -24.85 -48.77
C LYS L 100 -27.96 -25.81 -47.86
N LYS L 101 -29.21 -25.48 -47.52
CA LYS L 101 -30.03 -26.36 -46.70
C LYS L 101 -30.43 -27.62 -47.44
N LEU L 102 -30.63 -27.53 -48.76
CA LEU L 102 -31.02 -28.69 -49.53
C LEU L 102 -29.85 -29.59 -49.93
N LYS L 103 -28.62 -29.07 -49.88
CA LYS L 103 -27.46 -29.95 -49.97
C LYS L 103 -27.38 -30.87 -48.76
N GLU L 104 -27.73 -30.35 -47.59
CA GLU L 104 -27.43 -31.02 -46.33
C GLU L 104 -28.38 -32.17 -46.05
N MET L 105 -29.64 -32.04 -46.47
CA MET L 105 -30.66 -33.05 -46.19
C MET L 105 -30.30 -34.41 -46.80
N LEU L 106 -29.89 -34.41 -48.08
CA LEU L 106 -29.57 -35.66 -48.74
C LEU L 106 -28.27 -36.26 -48.22
N GLU L 107 -27.35 -35.39 -47.77
CA GLU L 107 -26.11 -35.85 -47.17
C GLU L 107 -26.39 -36.59 -45.87
N GLU L 108 -27.22 -35.99 -45.01
CA GLU L 108 -27.61 -36.61 -43.75
C GLU L 108 -28.26 -37.97 -43.95
N GLU L 109 -29.31 -38.02 -44.80
CA GLU L 109 -30.11 -39.23 -45.07
C GLU L 109 -29.29 -40.47 -45.43
N THR L 110 -28.29 -40.32 -46.31
CA THR L 110 -27.36 -41.41 -46.61
C THR L 110 -26.69 -41.93 -45.34
N SER L 111 -26.00 -41.04 -44.61
CA SER L 111 -25.39 -41.29 -43.30
C SER L 111 -26.40 -41.52 -42.17
N GLU L 112 -27.70 -41.48 -42.43
CA GLU L 112 -28.74 -41.60 -41.42
C GLU L 112 -29.88 -42.44 -41.96
N ILE L 113 -31.10 -42.07 -41.60
CA ILE L 113 -32.23 -42.90 -41.22
C ILE L 113 -32.39 -44.20 -41.99
N TYR L 114 -32.37 -45.31 -41.27
CA TYR L 114 -32.53 -46.63 -41.85
C TYR L 114 -33.80 -47.31 -41.41
N TYR L 115 -34.31 -46.95 -40.22
CA TYR L 115 -35.48 -47.57 -39.63
C TYR L 115 -36.67 -46.61 -39.72
N TRP L 116 -37.88 -47.17 -39.63
CA TRP L 116 -39.10 -46.37 -39.72
C TRP L 116 -40.24 -47.15 -39.08
N CYS L 117 -41.16 -46.42 -38.45
CA CYS L 117 -42.38 -47.04 -37.93
C CYS L 117 -43.42 -47.08 -39.02
N GLY L 118 -44.19 -48.17 -39.05
CA GLY L 118 -45.16 -48.38 -40.11
C GLY L 118 -46.54 -47.83 -39.81
N THR L 119 -46.62 -46.64 -39.24
CA THR L 119 -47.90 -46.03 -38.90
C THR L 119 -48.08 -44.75 -39.71
N GLU L 120 -49.22 -44.09 -39.49
CA GLU L 120 -49.49 -42.79 -40.10
C GLU L 120 -49.05 -41.68 -39.15
N GLY L 121 -47.77 -41.71 -38.83
CA GLY L 121 -47.17 -40.83 -37.86
C GLY L 121 -46.02 -41.51 -37.16
N HIS L 122 -45.17 -40.68 -36.53
CA HIS L 122 -43.82 -40.94 -36.03
C HIS L 122 -43.03 -41.97 -36.86
N PRO L 123 -42.75 -41.70 -38.16
CA PRO L 123 -41.88 -42.63 -38.89
C PRO L 123 -40.41 -42.26 -38.75
N LYS L 124 -39.58 -42.97 -39.53
CA LYS L 124 -38.19 -42.62 -39.87
C LYS L 124 -37.32 -42.36 -38.63
N LEU L 125 -37.15 -43.40 -37.83
CA LEU L 125 -36.29 -43.32 -36.66
C LEU L 125 -34.85 -43.69 -37.03
N THR L 126 -33.92 -43.43 -36.13
CA THR L 126 -32.52 -43.72 -36.35
C THR L 126 -32.06 -44.86 -35.46
N PHE L 127 -30.96 -45.50 -35.89
CA PHE L 127 -30.34 -46.59 -35.14
C PHE L 127 -29.92 -46.18 -33.73
N ASP L 128 -29.59 -44.90 -33.53
CA ASP L 128 -29.23 -44.40 -32.21
C ASP L 128 -30.41 -44.53 -31.24
N GLU L 129 -31.54 -43.94 -31.62
CA GLU L 129 -32.85 -44.15 -30.98
C GLU L 129 -33.16 -45.62 -30.78
N ALA L 130 -33.34 -46.35 -31.90
CA ALA L 130 -33.66 -47.77 -31.96
C ALA L 130 -32.89 -48.65 -30.98
N MET L 131 -31.56 -48.50 -30.94
CA MET L 131 -30.71 -49.24 -30.01
C MET L 131 -31.12 -48.98 -28.56
N GLU L 132 -31.23 -47.70 -28.19
CA GLU L 132 -31.72 -47.32 -26.88
C GLU L 132 -33.14 -47.82 -26.65
N TYR L 133 -34.03 -47.57 -27.61
CA TYR L 133 -35.44 -47.95 -27.53
C TYR L 133 -35.71 -49.45 -27.60
N GLU L 134 -34.67 -50.29 -27.69
CA GLU L 134 -34.77 -51.76 -27.75
C GLU L 134 -35.56 -52.24 -28.97
N PHE L 135 -35.48 -51.47 -30.06
CA PHE L 135 -36.07 -51.76 -31.37
C PHE L 135 -37.59 -51.85 -31.32
N GLN L 136 -38.23 -51.15 -30.38
CA GLN L 136 -39.68 -50.99 -30.40
C GLN L 136 -40.04 -49.53 -30.21
N CYS L 137 -41.23 -49.19 -30.66
CA CYS L 137 -41.69 -47.81 -30.55
C CYS L 137 -42.21 -47.56 -29.14
N PRO L 138 -41.94 -46.39 -28.56
CA PRO L 138 -42.56 -46.03 -27.28
C PRO L 138 -43.87 -45.27 -27.44
N ILE L 139 -44.17 -44.77 -28.63
CA ILE L 139 -45.38 -44.00 -28.87
C ILE L 139 -46.55 -44.90 -29.22
N CYS L 140 -46.38 -45.81 -30.16
CA CYS L 140 -47.43 -46.73 -30.57
C CYS L 140 -47.13 -48.19 -30.30
N GLY L 141 -45.86 -48.56 -30.16
CA GLY L 141 -45.48 -49.93 -29.87
C GLY L 141 -45.30 -50.82 -31.06
N LYS L 142 -45.33 -50.28 -32.28
CA LYS L 142 -45.20 -51.11 -33.47
C LYS L 142 -43.74 -51.47 -33.69
N MET L 143 -43.51 -52.67 -34.25
CA MET L 143 -42.17 -53.14 -34.55
C MET L 143 -41.53 -52.32 -35.66
N LEU L 144 -40.27 -51.95 -35.47
CA LEU L 144 -39.54 -51.15 -36.45
C LEU L 144 -39.24 -51.97 -37.69
N MET L 145 -39.12 -51.26 -38.81
CA MET L 145 -38.92 -51.85 -40.13
C MET L 145 -37.59 -51.33 -40.67
N GLN L 146 -37.33 -51.59 -41.94
CA GLN L 146 -35.99 -51.42 -42.50
C GLN L 146 -36.08 -50.66 -43.82
N TYR L 147 -34.98 -50.73 -44.58
CA TYR L 147 -34.40 -49.71 -45.46
C TYR L 147 -35.42 -48.84 -46.17
N ASP L 148 -35.32 -47.53 -45.95
CA ASP L 148 -36.46 -46.63 -45.96
C ASP L 148 -36.24 -45.48 -46.92
N ASN L 149 -37.33 -45.08 -47.59
CA ASN L 149 -37.41 -43.83 -48.37
C ASN L 149 -36.42 -43.84 -49.54
N THR L 150 -36.35 -44.98 -50.22
CA THR L 150 -35.36 -45.16 -51.27
C THR L 150 -35.69 -44.35 -52.52
N HIS L 151 -36.97 -44.06 -52.75
CA HIS L 151 -37.37 -43.31 -53.92
C HIS L 151 -37.03 -41.83 -53.80
N ILE L 152 -37.22 -41.25 -52.62
CA ILE L 152 -37.13 -39.80 -52.50
C ILE L 152 -35.68 -39.32 -52.40
N ILE L 153 -34.77 -40.18 -51.93
CA ILE L 153 -33.37 -39.75 -51.79
C ILE L 153 -32.65 -39.66 -53.13
N GLU L 154 -33.13 -40.36 -54.16
CA GLU L 154 -32.61 -40.15 -55.50
C GLU L 154 -33.25 -38.95 -56.19
N GLU L 155 -34.56 -38.76 -56.00
CA GLU L 155 -35.31 -37.76 -56.75
C GLU L 155 -34.94 -36.33 -56.35
N LEU L 156 -34.70 -36.12 -55.04
CA LEU L 156 -34.32 -34.80 -54.55
C LEU L 156 -32.97 -34.34 -55.10
N LYS L 157 -32.04 -35.27 -55.34
CA LYS L 157 -30.74 -34.93 -55.90
C LYS L 157 -30.86 -34.33 -57.30
N ARG L 158 -31.85 -34.79 -58.07
CA ARG L 158 -32.08 -34.24 -59.40
C ARG L 158 -32.67 -32.84 -59.35
N ARG L 159 -33.35 -32.49 -58.26
CA ARG L 159 -33.99 -31.19 -58.14
C ARG L 159 -32.98 -30.05 -58.00
N ILE L 160 -31.78 -30.34 -57.49
CA ILE L 160 -30.85 -29.29 -57.10
C ILE L 160 -30.20 -28.63 -58.32
N GLU L 161 -29.84 -29.43 -59.34
CA GLU L 161 -28.99 -28.97 -60.44
C GLU L 161 -29.62 -27.86 -61.28
N GLU L 162 -30.94 -27.93 -61.53
CA GLU L 162 -31.62 -26.88 -62.30
C GLU L 162 -31.51 -25.52 -61.63
N LEU L 163 -31.85 -25.44 -60.34
CA LEU L 163 -31.86 -24.18 -59.58
C LEU L 163 -30.52 -23.43 -59.64
N GLU L 164 -29.41 -24.14 -59.45
CA GLU L 164 -28.08 -23.57 -59.69
C GLU L 164 -27.94 -22.94 -61.08
N ILE L 165 -28.41 -23.65 -62.12
CA ILE L 165 -28.35 -23.14 -63.49
C ILE L 165 -29.24 -21.91 -63.64
N GLU L 166 -30.46 -21.97 -63.09
CA GLU L 166 -31.40 -20.84 -63.13
C GLU L 166 -30.82 -19.61 -62.46
N LEU L 167 -30.40 -19.75 -61.19
CA LEU L 167 -29.79 -18.64 -60.46
C LEU L 167 -28.48 -18.20 -61.08
N GLY L 168 -27.76 -19.13 -61.73
CA GLY L 168 -26.51 -18.77 -62.40
C GLY L 168 -26.69 -17.76 -63.52
N LEU L 169 -27.80 -17.87 -64.26
CA LEU L 169 -28.16 -16.91 -65.31
C LEU L 169 -28.29 -15.48 -64.80
MG MG O . 9.55 2.59 11.51
ZN ZN P . -24.04 -25.70 -13.84
ZN ZN Q . -16.97 1.11 -55.83
ZN ZN R . -14.60 -27.72 -29.66
ZN ZN S . 10.98 5.97 44.39
ZN ZN T . -36.78 1.60 38.57
ZN ZN U . -44.05 -47.27 -34.51
#